data_7JSV
#
_entry.id   7JSV
#
loop_
_entity.id
_entity.type
_entity.pdbx_description
1 polymer Pilin
2 non-polymer 1,2-DIPALMITOYL-PHOSPHATIDYL-GLYCEROLE
#
_entity_poly.entity_id   1
_entity_poly.type   'polypeptide(L)'
_entity_poly.pdbx_seq_one_letter_code
;TTTATDLMKSGDATVKGTFGKQSSVVKWVVLAEVVAGGIMYMMTKNVKFLFGFAIISTFITIGMSVAGY
;
_entity_poly.pdbx_strand_id   A,B,C,D,E,F,G,H,I,J,K,L,M,N,O,P,Q,R,S,T,U,V,W,X,Y,Z,a,b,c,d,e,f,g,h,i,j,k,l,m,n,o
#
# COMPACT_ATOMS: atom_id res chain seq x y z
N ALA A 4 -43.43 -12.26 20.56
CA ALA A 4 -42.01 -11.91 20.66
C ALA A 4 -41.85 -10.42 20.88
N THR A 5 -40.72 -10.04 21.41
CA THR A 5 -40.43 -8.64 21.65
C THR A 5 -39.43 -8.10 20.65
N ASP A 6 -39.00 -8.94 19.70
CA ASP A 6 -38.07 -8.46 18.71
C ASP A 6 -38.83 -7.71 17.65
N LEU A 7 -38.77 -6.42 17.76
CA LEU A 7 -39.50 -5.49 16.95
C LEU A 7 -39.14 -5.61 15.47
N MET A 8 -37.95 -6.12 15.18
CA MET A 8 -37.47 -6.23 13.81
C MET A 8 -37.56 -7.64 13.23
N LYS A 9 -38.20 -8.55 13.96
CA LYS A 9 -38.24 -9.97 13.57
C LYS A 9 -38.65 -10.26 12.14
N SER A 10 -39.60 -9.53 11.59
CA SER A 10 -40.10 -9.82 10.26
C SER A 10 -39.06 -9.69 9.15
N GLY A 11 -37.97 -9.00 9.41
CA GLY A 11 -36.95 -8.79 8.40
C GLY A 11 -36.29 -10.07 7.89
N ASP A 12 -36.34 -11.18 8.65
CA ASP A 12 -35.73 -12.39 8.13
C ASP A 12 -36.29 -12.89 6.82
N ALA A 13 -37.53 -12.59 6.49
CA ALA A 13 -38.02 -13.12 5.23
C ALA A 13 -37.17 -12.64 4.05
N THR A 14 -36.81 -11.36 4.03
CA THR A 14 -36.06 -10.90 2.88
C THR A 14 -34.59 -10.97 3.13
N VAL A 15 -34.17 -10.96 4.37
CA VAL A 15 -32.74 -11.06 4.54
C VAL A 15 -32.33 -12.45 4.15
N LYS A 16 -33.06 -13.46 4.59
CA LYS A 16 -32.68 -14.80 4.21
C LYS A 16 -32.83 -14.95 2.71
N GLY A 17 -33.92 -14.46 2.15
CA GLY A 17 -34.11 -14.55 0.72
C GLY A 17 -32.93 -14.00 -0.06
N THR A 18 -32.55 -12.75 0.20
CA THR A 18 -31.47 -12.14 -0.53
C THR A 18 -30.06 -12.48 -0.12
N PHE A 19 -29.78 -12.63 1.16
CA PHE A 19 -28.41 -12.88 1.56
C PHE A 19 -28.06 -14.27 2.13
N GLY A 20 -29.00 -15.20 2.20
CA GLY A 20 -28.65 -16.51 2.74
C GLY A 20 -27.96 -17.39 1.72
N LYS A 21 -27.67 -18.62 2.09
CA LYS A 21 -26.93 -19.54 1.24
C LYS A 21 -27.47 -19.71 -0.17
N GLN A 22 -28.77 -19.79 -0.31
CA GLN A 22 -29.38 -20.05 -1.61
C GLN A 22 -29.71 -18.82 -2.43
N SER A 23 -29.37 -17.65 -1.94
CA SER A 23 -29.75 -16.44 -2.66
C SER A 23 -28.96 -16.20 -3.90
N SER A 24 -29.48 -15.34 -4.76
CA SER A 24 -28.76 -14.98 -5.95
C SER A 24 -27.45 -14.27 -5.63
N VAL A 25 -27.42 -13.50 -4.56
CA VAL A 25 -26.17 -12.82 -4.26
C VAL A 25 -25.10 -13.82 -3.90
N VAL A 26 -25.42 -14.78 -3.06
CA VAL A 26 -24.41 -15.71 -2.67
C VAL A 26 -23.96 -16.55 -3.85
N LYS A 27 -24.89 -16.98 -4.68
CA LYS A 27 -24.50 -17.76 -5.82
C LYS A 27 -23.56 -16.97 -6.72
N TRP A 28 -23.82 -15.69 -6.88
CA TRP A 28 -22.96 -14.88 -7.72
C TRP A 28 -21.56 -14.81 -7.17
N VAL A 29 -21.40 -14.71 -5.85
CA VAL A 29 -20.06 -14.66 -5.31
C VAL A 29 -19.32 -15.96 -5.62
N VAL A 30 -19.99 -17.10 -5.47
CA VAL A 30 -19.32 -18.35 -5.80
C VAL A 30 -18.95 -18.39 -7.28
N LEU A 31 -19.86 -17.99 -8.14
CA LEU A 31 -19.56 -17.97 -9.55
C LEU A 31 -18.33 -17.15 -9.81
N ALA A 32 -18.24 -16.00 -9.17
CA ALA A 32 -17.10 -15.13 -9.37
C ALA A 32 -15.82 -15.87 -9.09
N GLU A 33 -15.78 -16.74 -8.10
CA GLU A 33 -14.54 -17.46 -7.90
C GLU A 33 -14.23 -18.39 -9.05
N VAL A 34 -15.23 -19.01 -9.66
CA VAL A 34 -14.87 -19.92 -10.72
C VAL A 34 -14.18 -19.13 -11.80
N VAL A 35 -14.73 -17.98 -12.11
CA VAL A 35 -14.15 -17.19 -13.14
C VAL A 35 -12.78 -16.69 -12.71
N ALA A 36 -12.66 -16.20 -11.48
CA ALA A 36 -11.40 -15.68 -10.99
C ALA A 36 -10.32 -16.74 -10.99
N GLY A 37 -10.68 -17.93 -10.60
CA GLY A 37 -9.75 -19.03 -10.58
C GLY A 37 -9.24 -19.25 -11.97
N GLY A 38 -10.15 -19.37 -12.92
CA GLY A 38 -9.77 -19.60 -14.29
C GLY A 38 -8.82 -18.53 -14.78
N ILE A 39 -9.23 -17.27 -14.72
CA ILE A 39 -8.31 -16.28 -15.25
C ILE A 39 -7.02 -16.11 -14.49
N MET A 40 -7.02 -16.24 -13.18
CA MET A 40 -5.74 -16.05 -12.57
C MET A 40 -4.81 -17.21 -12.78
N TYR A 41 -5.35 -18.41 -12.86
CA TYR A 41 -4.50 -19.54 -13.14
C TYR A 41 -3.97 -19.38 -14.54
N MET A 42 -4.82 -19.00 -15.49
CA MET A 42 -4.35 -18.83 -16.85
C MET A 42 -3.16 -17.88 -16.85
N MET A 43 -3.32 -16.75 -16.18
CA MET A 43 -2.26 -15.77 -16.12
C MET A 43 -0.98 -16.20 -15.42
N THR A 44 -1.09 -16.83 -14.27
CA THR A 44 0.07 -17.12 -13.45
C THR A 44 0.52 -18.56 -13.31
N LYS A 45 -0.37 -19.50 -13.56
CA LYS A 45 -0.18 -20.92 -13.32
C LYS A 45 0.07 -21.26 -11.86
N ASN A 46 -0.36 -20.38 -10.97
CA ASN A 46 -0.20 -20.65 -9.55
C ASN A 46 -1.39 -21.43 -9.06
N VAL A 47 -1.17 -22.66 -8.67
CA VAL A 47 -2.22 -23.58 -8.28
C VAL A 47 -3.14 -23.07 -7.17
N LYS A 48 -2.71 -22.09 -6.37
CA LYS A 48 -3.55 -21.58 -5.30
C LYS A 48 -4.85 -21.03 -5.83
N PHE A 49 -4.85 -20.63 -7.10
CA PHE A 49 -6.03 -20.03 -7.66
C PHE A 49 -7.09 -21.06 -7.91
N LEU A 50 -6.71 -22.31 -8.01
CA LEU A 50 -7.66 -23.34 -8.30
C LEU A 50 -8.24 -23.83 -6.99
N PHE A 51 -7.39 -23.88 -5.97
CA PHE A 51 -7.84 -24.36 -4.67
C PHE A 51 -8.82 -23.42 -4.03
N GLY A 52 -8.69 -22.15 -4.36
CA GLY A 52 -9.60 -21.16 -3.82
C GLY A 52 -11.05 -21.53 -4.06
N PHE A 53 -11.39 -22.18 -5.17
CA PHE A 53 -12.79 -22.51 -5.36
C PHE A 53 -13.29 -23.45 -4.29
N ALA A 54 -12.58 -24.54 -4.06
CA ALA A 54 -13.02 -25.48 -3.04
C ALA A 54 -13.05 -24.80 -1.68
N ILE A 55 -12.11 -23.90 -1.43
CA ILE A 55 -12.06 -23.21 -0.15
C ILE A 55 -13.26 -22.32 0.06
N ILE A 56 -13.62 -21.52 -0.92
CA ILE A 56 -14.75 -20.65 -0.76
C ILE A 56 -16.04 -21.42 -0.61
N SER A 57 -16.24 -22.44 -1.43
CA SER A 57 -17.46 -23.20 -1.31
C SER A 57 -17.54 -23.79 0.10
N THR A 58 -16.43 -24.34 0.59
CA THR A 58 -16.45 -24.91 1.91
C THR A 58 -16.73 -23.85 2.96
N PHE A 59 -16.07 -22.70 2.87
CA PHE A 59 -16.25 -21.63 3.82
C PHE A 59 -17.67 -21.16 3.89
N ILE A 60 -18.27 -20.87 2.75
CA ILE A 60 -19.63 -20.39 2.76
C ILE A 60 -20.54 -21.43 3.33
N THR A 61 -20.36 -22.68 2.95
CA THR A 61 -21.23 -23.71 3.47
C THR A 61 -21.20 -23.73 5.00
N ILE A 62 -20.01 -23.68 5.58
CA ILE A 62 -19.94 -23.70 7.03
C ILE A 62 -20.49 -22.42 7.63
N GLY A 63 -20.09 -21.29 7.09
CA GLY A 63 -20.51 -20.00 7.59
C GLY A 63 -22.01 -19.88 7.60
N MET A 64 -22.66 -20.18 6.49
CA MET A 64 -24.09 -20.04 6.44
C MET A 64 -24.79 -20.97 7.40
N SER A 65 -24.27 -22.18 7.59
CA SER A 65 -24.88 -23.09 8.53
C SER A 65 -24.83 -22.50 9.92
N VAL A 66 -23.68 -21.98 10.29
CA VAL A 66 -23.53 -21.37 11.60
C VAL A 66 -24.39 -20.12 11.74
N ALA A 67 -24.39 -19.25 10.73
CA ALA A 67 -25.20 -18.04 10.76
C ALA A 67 -26.68 -18.39 10.87
N GLY A 68 -27.08 -19.49 10.22
CA GLY A 68 -28.45 -19.94 10.23
C GLY A 68 -29.26 -19.46 9.03
N TYR A 69 -28.59 -19.11 7.94
CA TYR A 69 -29.29 -18.60 6.77
C TYR A 69 -29.01 -19.34 5.48
N ALA B 4 -3.61 8.53 50.62
CA ALA B 4 -3.13 8.89 49.29
C ALA B 4 -4.00 9.96 48.70
N THR B 5 -3.44 10.68 47.75
CA THR B 5 -4.17 11.74 47.06
C THR B 5 -4.57 11.32 45.66
N ASP B 6 -4.24 10.08 45.28
CA ASP B 6 -4.61 9.63 43.95
C ASP B 6 -6.04 9.18 43.99
N LEU B 7 -6.88 10.06 43.50
CA LEU B 7 -8.32 9.91 43.53
C LEU B 7 -8.78 8.68 42.76
N MET B 8 -7.98 8.22 41.81
CA MET B 8 -8.35 7.08 40.97
C MET B 8 -7.67 5.77 41.37
N LYS B 9 -6.97 5.77 42.50
CA LYS B 9 -6.18 4.62 42.94
C LYS B 9 -6.88 3.26 42.90
N SER B 10 -8.14 3.21 43.28
CA SER B 10 -8.86 1.94 43.38
C SER B 10 -8.99 1.19 42.05
N GLY B 11 -8.81 1.88 40.92
CA GLY B 11 -8.95 1.25 39.63
C GLY B 11 -7.96 0.12 39.36
N ASP B 12 -6.83 0.06 40.06
CA ASP B 12 -5.91 -1.04 39.80
C ASP B 12 -6.49 -2.42 40.03
N ALA B 13 -7.49 -2.58 40.89
CA ALA B 13 -7.96 -3.93 41.08
C ALA B 13 -8.48 -4.53 39.77
N THR B 14 -9.21 -3.77 38.98
CA THR B 14 -9.75 -4.37 37.77
C THR B 14 -8.86 -4.13 36.61
N VAL B 15 -8.02 -3.10 36.66
CA VAL B 15 -7.17 -2.95 35.51
C VAL B 15 -6.17 -4.06 35.53
N LYS B 16 -5.59 -4.35 36.67
CA LYS B 16 -4.64 -5.43 36.71
C LYS B 16 -5.34 -6.73 36.39
N GLY B 17 -6.52 -6.96 36.97
CA GLY B 17 -7.26 -8.17 36.69
C GLY B 17 -7.46 -8.39 35.19
N THR B 18 -8.03 -7.42 34.50
CA THR B 18 -8.30 -7.56 33.09
C THR B 18 -7.15 -7.35 32.13
N PHE B 19 -6.27 -6.40 32.38
CA PHE B 19 -5.22 -6.15 31.42
C PHE B 19 -3.78 -6.50 31.81
N GLY B 20 -3.53 -7.07 32.99
CA GLY B 20 -2.17 -7.39 33.35
C GLY B 20 -1.71 -8.70 32.72
N LYS B 21 -0.49 -9.12 33.05
CA LYS B 21 0.10 -10.31 32.45
C LYS B 21 -0.74 -11.57 32.50
N GLN B 22 -1.40 -11.80 33.62
CA GLN B 22 -2.16 -13.03 33.82
C GLN B 22 -3.60 -12.98 33.36
N SER B 23 -4.04 -11.85 32.81
CA SER B 23 -5.45 -11.74 32.46
C SER B 23 -5.84 -12.53 31.26
N SER B 24 -7.14 -12.74 31.12
CA SER B 24 -7.62 -13.43 29.95
C SER B 24 -7.33 -12.68 28.68
N VAL B 25 -7.33 -11.36 28.71
CA VAL B 25 -7.05 -10.65 27.48
C VAL B 25 -5.63 -10.88 27.04
N VAL B 26 -4.69 -10.81 27.96
CA VAL B 26 -3.32 -11.00 27.55
C VAL B 26 -3.10 -12.41 27.07
N LYS B 27 -3.66 -13.39 27.76
CA LYS B 27 -3.48 -14.76 27.31
C LYS B 27 -4.03 -14.94 25.92
N TRP B 28 -5.16 -14.32 25.60
CA TRP B 28 -5.73 -14.45 24.29
C TRP B 28 -4.80 -13.88 23.22
N VAL B 29 -4.14 -12.76 23.50
CA VAL B 29 -3.24 -12.22 22.50
C VAL B 29 -2.11 -13.21 22.23
N VAL B 30 -1.56 -13.81 23.28
CA VAL B 30 -0.49 -14.78 23.05
C VAL B 30 -1.02 -15.96 22.24
N LEU B 31 -2.19 -16.47 22.60
CA LEU B 31 -2.74 -17.56 21.84
C LEU B 31 -2.86 -17.21 20.39
N ALA B 32 -3.31 -16.00 20.11
CA ALA B 32 -3.47 -15.58 18.74
C ALA B 32 -2.18 -15.72 17.99
N GLU B 33 -1.03 -15.45 18.61
CA GLU B 33 0.19 -15.64 17.86
C GLU B 33 0.43 -17.10 17.54
N VAL B 34 0.08 -18.01 18.43
CA VAL B 34 0.39 -19.39 18.09
C VAL B 34 -0.38 -19.73 16.84
N VAL B 35 -1.63 -19.33 16.80
CA VAL B 35 -2.42 -19.64 15.65
C VAL B 35 -1.89 -18.92 14.42
N ALA B 36 -1.57 -17.64 14.55
CA ALA B 36 -1.06 -16.86 13.44
C ALA B 36 0.21 -17.43 12.89
N GLY B 37 1.08 -17.86 13.77
CA GLY B 37 2.33 -18.44 13.38
C GLY B 37 2.05 -19.65 12.54
N GLY B 38 1.23 -20.54 13.06
CA GLY B 38 0.89 -21.75 12.36
C GLY B 38 0.34 -21.45 10.97
N ILE B 39 -0.72 -20.66 10.88
CA ILE B 39 -1.25 -20.45 9.55
C ILE B 39 -0.34 -19.66 8.62
N MET B 40 0.40 -18.71 9.11
CA MET B 40 1.20 -18.01 8.14
C MET B 40 2.38 -18.83 7.69
N TYR B 41 2.93 -19.64 8.56
CA TYR B 41 4.02 -20.47 8.15
C TYR B 41 3.46 -21.47 7.15
N MET B 42 2.31 -22.05 7.44
CA MET B 42 1.73 -23.02 6.51
C MET B 42 1.64 -22.38 5.13
N MET B 43 1.10 -21.18 5.07
CA MET B 43 0.96 -20.49 3.82
C MET B 43 2.23 -20.10 3.10
N THR B 44 3.20 -19.56 3.82
CA THR B 44 4.39 -19.01 3.19
C THR B 44 5.71 -19.74 3.38
N LYS B 45 5.82 -20.55 4.41
CA LYS B 45 7.04 -21.21 4.84
C LYS B 45 8.13 -20.22 5.24
N ASN B 46 7.75 -19.02 5.58
CA ASN B 46 8.71 -18.04 6.02
C ASN B 46 8.93 -18.17 7.52
N VAL B 47 10.12 -18.58 7.90
CA VAL B 47 10.45 -18.88 9.28
C VAL B 47 10.16 -17.75 10.27
N LYS B 48 10.09 -16.50 9.80
CA LYS B 48 9.85 -15.39 10.70
C LYS B 48 8.55 -15.55 11.45
N PHE B 49 7.63 -16.32 10.89
CA PHE B 49 6.35 -16.49 11.49
C PHE B 49 6.42 -17.37 12.71
N LEU B 50 7.46 -18.17 12.80
CA LEU B 50 7.57 -19.07 13.91
C LEU B 50 8.30 -18.35 15.02
N PHE B 51 9.26 -17.51 14.65
CA PHE B 51 10.02 -16.79 15.66
C PHE B 51 9.19 -15.78 16.37
N GLY B 52 8.17 -15.27 15.70
CA GLY B 52 7.30 -14.31 16.29
C GLY B 52 6.71 -14.81 17.61
N PHE B 53 6.47 -16.10 17.77
CA PHE B 53 5.92 -16.53 19.04
C PHE B 53 6.87 -16.26 20.18
N ALA B 54 8.11 -16.69 20.05
CA ALA B 54 9.08 -16.46 21.11
C ALA B 54 9.25 -14.97 21.35
N ILE B 55 9.20 -14.18 20.28
CA ILE B 55 9.37 -12.74 20.42
C ILE B 55 8.25 -12.11 21.21
N ILE B 56 7.00 -12.44 20.89
CA ILE B 56 5.91 -11.85 21.63
C ILE B 56 5.90 -12.28 23.06
N SER B 57 6.11 -13.54 23.33
CA SER B 57 6.12 -13.98 24.71
C SER B 57 7.21 -13.21 25.47
N THR B 58 8.37 -13.08 24.88
CA THR B 58 9.44 -12.36 25.55
C THR B 58 9.07 -10.90 25.77
N PHE B 59 8.53 -10.26 24.74
CA PHE B 59 8.14 -8.86 24.82
C PHE B 59 7.15 -8.61 25.91
N ILE B 60 6.08 -9.38 25.93
CA ILE B 60 5.07 -9.17 26.94
C ILE B 60 5.65 -9.40 28.31
N THR B 61 6.44 -10.44 28.48
CA THR B 61 7.00 -10.68 29.78
C THR B 61 7.79 -9.47 30.28
N ILE B 62 8.63 -8.91 29.42
CA ILE B 62 9.40 -7.75 29.86
C ILE B 62 8.52 -6.54 30.07
N GLY B 63 7.64 -6.28 29.13
CA GLY B 63 6.76 -5.13 29.19
C GLY B 63 5.93 -5.14 30.46
N MET B 64 5.29 -6.25 30.75
CA MET B 64 4.45 -6.29 31.93
C MET B 64 5.24 -6.12 33.19
N SER B 65 6.45 -6.66 33.25
CA SER B 65 7.27 -6.49 34.43
C SER B 65 7.57 -5.01 34.64
N VAL B 66 7.95 -4.34 33.57
CA VAL B 66 8.24 -2.93 33.66
C VAL B 66 7.00 -2.12 33.99
N ALA B 67 5.87 -2.40 33.34
CA ALA B 67 4.62 -1.70 33.61
C ALA B 67 4.20 -1.90 35.06
N GLY B 68 4.46 -3.10 35.59
CA GLY B 68 4.11 -3.45 36.95
C GLY B 68 2.77 -4.17 37.07
N TYR B 69 2.31 -4.79 35.99
CA TYR B 69 1.02 -5.46 36.01
C TYR B 69 1.05 -6.93 35.61
N ALA C 4 -38.21 14.69 -25.98
CA ALA C 4 -37.56 13.87 -24.96
C ALA C 4 -37.60 14.56 -23.62
N THR C 5 -37.48 13.78 -22.57
CA THR C 5 -37.46 14.31 -21.22
C THR C 5 -36.06 14.29 -20.63
N ASP C 6 -35.09 13.83 -21.41
CA ASP C 6 -33.73 13.82 -20.90
C ASP C 6 -33.15 15.20 -21.04
N LEU C 7 -33.14 15.89 -19.94
CA LEU C 7 -32.74 17.27 -19.84
C LEU C 7 -31.28 17.47 -20.24
N MET C 8 -30.46 16.42 -20.16
CA MET C 8 -29.04 16.51 -20.48
C MET C 8 -28.68 15.96 -21.84
N LYS C 9 -29.68 15.59 -22.64
CA LYS C 9 -29.45 14.93 -23.92
C LYS C 9 -28.42 15.55 -24.85
N SER C 10 -28.37 16.88 -24.91
CA SER C 10 -27.48 17.55 -25.84
C SER C 10 -25.99 17.29 -25.60
N GLY C 11 -25.64 16.83 -24.41
CA GLY C 11 -24.25 16.59 -24.08
C GLY C 11 -23.56 15.54 -24.95
N ASP C 12 -24.30 14.64 -25.60
CA ASP C 12 -23.63 13.66 -26.45
C ASP C 12 -22.79 14.24 -27.56
N ALA C 13 -23.10 15.44 -28.05
CA ALA C 13 -22.28 15.91 -29.14
C ALA C 13 -20.82 16.03 -28.73
N THR C 14 -20.54 16.55 -27.54
CA THR C 14 -19.15 16.70 -27.19
C THR C 14 -18.64 15.53 -26.43
N VAL C 15 -19.51 14.77 -25.79
CA VAL C 15 -18.96 13.64 -25.11
C VAL C 15 -18.49 12.66 -26.15
N LYS C 16 -19.29 12.41 -27.16
CA LYS C 16 -18.87 11.49 -28.17
C LYS C 16 -17.64 12.04 -28.88
N GLY C 17 -17.67 13.32 -29.21
CA GLY C 17 -16.52 13.92 -29.87
C GLY C 17 -15.22 13.69 -29.09
N THR C 18 -15.20 14.07 -27.83
CA THR C 18 -13.99 13.95 -27.04
C THR C 18 -13.68 12.58 -26.46
N PHE C 19 -14.66 11.82 -26.03
CA PHE C 19 -14.35 10.55 -25.41
C PHE C 19 -14.75 9.27 -26.15
N GLY C 20 -15.32 9.35 -27.35
CA GLY C 20 -15.71 8.12 -28.03
C GLY C 20 -14.52 7.48 -28.73
N LYS C 21 -14.77 6.40 -29.45
CA LYS C 21 -13.72 5.63 -30.10
C LYS C 21 -12.78 6.42 -30.98
N GLN C 22 -13.30 7.36 -31.75
CA GLN C 22 -12.50 8.11 -32.69
C GLN C 22 -11.87 9.38 -32.14
N SER C 23 -12.06 9.67 -30.88
CA SER C 23 -11.55 10.92 -30.35
C SER C 23 -10.06 10.95 -30.17
N SER C 24 -9.54 12.15 -30.04
CA SER C 24 -8.12 12.27 -29.79
C SER C 24 -7.72 11.66 -28.48
N VAL C 25 -8.57 11.70 -27.47
CA VAL C 25 -8.17 11.11 -26.21
C VAL C 25 -8.03 9.62 -26.35
N VAL C 26 -8.97 8.97 -26.99
CA VAL C 26 -8.87 7.54 -27.11
C VAL C 26 -7.67 7.16 -27.94
N LYS C 27 -7.43 7.86 -29.04
CA LYS C 27 -6.29 7.54 -29.86
C LYS C 27 -5.00 7.67 -29.07
N TRP C 28 -4.92 8.68 -28.21
CA TRP C 28 -3.71 8.86 -27.43
C TRP C 28 -3.50 7.68 -26.48
N VAL C 29 -4.56 7.16 -25.89
CA VAL C 29 -4.37 6.03 -24.99
C VAL C 29 -3.81 4.84 -25.78
N VAL C 30 -4.33 4.59 -26.96
CA VAL C 30 -3.79 3.48 -27.73
C VAL C 30 -2.33 3.73 -28.09
N LEU C 31 -2.01 4.94 -28.51
CA LEU C 31 -0.63 5.24 -28.82
C LEU C 31 0.26 4.95 -27.64
N ALA C 32 -0.20 5.34 -26.46
CA ALA C 32 0.59 5.13 -25.26
C ALA C 32 0.95 3.67 -25.12
N GLU C 33 0.05 2.75 -25.47
CA GLU C 33 0.44 1.36 -25.35
C GLU C 33 1.54 1.02 -26.33
N VAL C 34 1.54 1.58 -27.53
CA VAL C 34 2.59 1.16 -28.44
C VAL C 34 3.90 1.53 -27.82
N VAL C 35 3.97 2.73 -27.29
CA VAL C 35 5.20 3.16 -26.70
C VAL C 35 5.54 2.33 -25.48
N ALA C 36 4.56 2.09 -24.61
CA ALA C 36 4.78 1.31 -23.40
C ALA C 36 5.25 -0.08 -23.72
N GLY C 37 4.67 -0.69 -24.72
CA GLY C 37 5.03 -2.02 -25.13
C GLY C 37 6.49 -1.99 -25.52
N GLY C 38 6.84 -1.07 -26.40
CA GLY C 38 8.21 -0.98 -26.85
C GLY C 38 9.17 -0.83 -25.69
N ILE C 39 9.00 0.18 -24.86
CA ILE C 39 9.97 0.32 -23.78
C ILE C 39 9.95 -0.79 -22.76
N MET C 40 8.81 -1.34 -22.43
CA MET C 40 8.92 -2.36 -21.42
C MET C 40 9.49 -3.64 -21.97
N TYR C 41 9.22 -3.94 -23.22
CA TYR C 41 9.81 -5.12 -23.78
C TYR C 41 11.30 -4.90 -23.87
N MET C 42 11.73 -3.72 -24.31
CA MET C 42 13.15 -3.44 -24.40
C MET C 42 13.80 -3.73 -23.05
N MET C 43 13.21 -3.19 -21.99
CA MET C 43 13.74 -3.39 -20.66
C MET C 43 13.74 -4.80 -20.14
N THR C 44 12.64 -5.51 -20.31
CA THR C 44 12.50 -6.83 -19.69
C THR C 44 12.50 -8.05 -20.57
N LYS C 45 12.22 -7.89 -21.85
CA LYS C 45 12.04 -8.97 -22.82
C LYS C 45 10.87 -9.88 -22.47
N ASN C 46 9.93 -9.38 -21.67
CA ASN C 46 8.77 -10.17 -21.33
C ASN C 46 7.70 -9.96 -22.38
N VAL C 47 7.40 -11.00 -23.12
CA VAL C 47 6.49 -10.95 -24.26
C VAL C 47 5.10 -10.37 -23.93
N LYS C 48 4.69 -10.40 -22.67
CA LYS C 48 3.37 -9.89 -22.31
C LYS C 48 3.22 -8.44 -22.69
N PHE C 49 4.33 -7.73 -22.79
CA PHE C 49 4.28 -6.33 -23.09
C PHE C 49 3.92 -6.08 -24.53
N LEU C 50 4.12 -7.07 -25.38
CA LEU C 50 3.84 -6.91 -26.77
C LEU C 50 2.40 -7.27 -27.00
N PHE C 51 1.92 -8.28 -26.27
CA PHE C 51 0.53 -8.72 -26.46
C PHE C 51 -0.44 -7.69 -25.98
N GLY C 52 -0.03 -6.90 -25.01
CA GLY C 52 -0.87 -5.86 -24.49
C GLY C 52 -1.40 -4.95 -25.58
N PHE C 53 -0.65 -4.71 -26.65
CA PHE C 53 -1.19 -3.83 -27.67
C PHE C 53 -2.43 -4.42 -28.31
N ALA C 54 -2.34 -5.66 -28.75
CA ALA C 54 -3.49 -6.28 -29.38
C ALA C 54 -4.66 -6.35 -28.39
N ILE C 55 -4.35 -6.57 -27.12
CA ILE C 55 -5.39 -6.67 -26.11
C ILE C 55 -6.12 -5.36 -25.93
N ILE C 56 -5.39 -4.27 -25.79
CA ILE C 56 -6.05 -2.99 -25.61
C ILE C 56 -6.85 -2.60 -26.81
N SER C 57 -6.30 -2.76 -28.00
CA SER C 57 -7.06 -2.39 -29.17
C SER C 57 -8.35 -3.20 -29.22
N THR C 58 -8.26 -4.49 -28.93
CA THR C 58 -9.46 -5.31 -28.96
C THR C 58 -10.45 -4.86 -27.89
N PHE C 59 -9.96 -4.61 -26.69
CA PHE C 59 -10.82 -4.17 -25.59
C PHE C 59 -11.56 -2.92 -25.90
N ILE C 60 -10.85 -1.90 -26.35
CA ILE C 60 -11.49 -0.65 -26.64
C ILE C 60 -12.50 -0.82 -27.74
N THR C 61 -12.15 -1.56 -28.77
CA THR C 61 -13.09 -1.75 -29.86
C THR C 61 -14.40 -2.34 -29.33
N ILE C 62 -14.32 -3.37 -28.51
CA ILE C 62 -15.55 -3.96 -28.00
C ILE C 62 -16.26 -3.03 -27.05
N GLY C 63 -15.53 -2.44 -26.13
CA GLY C 63 -16.09 -1.55 -25.14
C GLY C 63 -16.84 -0.40 -25.79
N MET C 64 -16.21 0.27 -26.73
CA MET C 64 -16.86 1.40 -27.35
C MET C 64 -18.10 1.00 -28.11
N SER C 65 -18.07 -0.17 -28.76
CA SER C 65 -19.25 -0.62 -29.46
C SER C 65 -20.40 -0.81 -28.51
N VAL C 66 -20.11 -1.46 -27.38
CA VAL C 66 -21.14 -1.68 -26.38
C VAL C 66 -21.61 -0.37 -25.77
N ALA C 67 -20.69 0.52 -25.41
CA ALA C 67 -21.05 1.81 -24.84
C ALA C 67 -21.89 2.62 -25.81
N GLY C 68 -21.59 2.49 -27.11
CA GLY C 68 -22.29 3.19 -28.16
C GLY C 68 -21.63 4.50 -28.58
N TYR C 69 -20.33 4.62 -28.32
CA TYR C 69 -19.63 5.85 -28.66
C TYR C 69 -18.42 5.68 -29.56
N ALA D 4 16.14 47.31 18.61
CA ALA D 4 15.47 46.51 17.61
C ALA D 4 13.97 46.62 17.77
N THR D 5 13.25 46.32 16.70
CA THR D 5 11.80 46.37 16.72
C THR D 5 11.22 44.97 16.75
N ASP D 6 12.07 43.94 16.78
CA ASP D 6 11.55 42.58 16.83
C ASP D 6 11.17 42.27 18.25
N LEU D 7 9.90 42.34 18.49
CA LEU D 7 9.30 42.20 19.79
C LEU D 7 9.57 40.82 20.39
N MET D 8 9.83 39.82 19.54
CA MET D 8 10.04 38.46 19.99
C MET D 8 11.51 38.04 20.02
N LYS D 9 12.42 38.99 19.79
CA LYS D 9 13.85 38.68 19.67
C LYS D 9 14.45 37.81 20.76
N SER D 10 14.05 38.01 22.01
CA SER D 10 14.64 37.28 23.12
C SER D 10 14.47 35.77 23.06
N GLY D 11 13.50 35.30 22.28
CA GLY D 11 13.23 33.87 22.19
C GLY D 11 14.39 33.03 21.66
N ASP D 12 15.34 33.63 20.93
CA ASP D 12 16.45 32.82 20.45
C ASP D 12 17.26 32.13 21.54
N ALA D 13 17.32 32.68 22.75
CA ALA D 13 18.14 31.99 23.71
C ALA D 13 17.67 30.55 23.94
N THR D 14 16.36 30.34 24.04
CA THR D 14 15.93 28.98 24.31
C THR D 14 15.62 28.24 23.06
N VAL D 15 15.33 28.94 21.98
CA VAL D 15 15.06 28.18 20.79
C VAL D 15 16.35 27.57 20.35
N LYS D 16 17.42 28.35 20.33
CA LYS D 16 18.67 27.79 19.92
C LYS D 16 19.10 26.71 20.89
N GLY D 17 18.97 26.98 22.19
CA GLY D 17 19.32 25.98 23.17
C GLY D 17 18.64 24.64 22.93
N THR D 18 17.32 24.64 22.83
CA THR D 18 16.59 23.40 22.65
C THR D 18 16.52 22.83 21.25
N PHE D 19 16.42 23.66 20.22
CA PHE D 19 16.27 23.10 18.89
C PHE D 19 17.43 23.28 17.91
N GLY D 20 18.54 23.91 18.30
CA GLY D 20 19.63 24.08 17.34
C GLY D 20 20.47 22.83 17.22
N LYS D 21 21.54 22.90 16.42
CA LYS D 21 22.38 21.75 16.14
C LYS D 21 22.89 20.99 17.36
N GLN D 22 23.29 21.71 18.39
CA GLN D 22 23.88 21.07 19.55
C GLN D 22 22.90 20.67 20.64
N SER D 23 21.61 20.86 20.42
CA SER D 23 20.67 20.58 21.48
C SER D 23 20.44 19.12 21.71
N SER D 24 19.88 18.81 22.87
CA SER D 24 19.55 17.43 23.14
C SER D 24 18.53 16.88 22.18
N VAL D 25 17.60 17.70 21.72
CA VAL D 25 16.61 17.16 20.80
C VAL D 25 17.27 16.74 19.49
N VAL D 26 18.14 17.57 18.97
CA VAL D 26 18.75 17.22 17.71
C VAL D 26 19.63 16.00 17.87
N LYS D 27 20.38 15.94 18.96
CA LYS D 27 21.23 14.78 19.14
C LYS D 27 20.40 13.51 19.21
N TRP D 28 19.24 13.58 19.87
CA TRP D 28 18.39 12.41 19.96
C TRP D 28 17.91 11.95 18.59
N VAL D 29 17.58 12.89 17.70
CA VAL D 29 17.14 12.46 16.38
C VAL D 29 18.27 11.72 15.68
N VAL D 30 19.49 12.23 15.77
CA VAL D 30 20.59 11.52 15.13
C VAL D 30 20.78 10.14 15.74
N LEU D 31 20.73 10.05 17.06
CA LEU D 31 20.87 8.76 17.68
C LEU D 31 19.85 7.81 17.17
N ALA D 32 18.62 8.28 17.02
CA ALA D 32 17.56 7.43 16.54
C ALA D 32 17.92 6.82 15.22
N GLU D 33 18.61 7.55 14.34
CA GLU D 33 18.97 6.91 13.10
C GLU D 33 19.97 5.79 13.31
N VAL D 34 20.89 5.94 14.25
CA VAL D 34 21.86 4.86 14.37
C VAL D 34 21.10 3.61 14.75
N VAL D 35 20.18 3.75 15.67
CA VAL D 35 19.44 2.59 16.08
C VAL D 35 18.58 2.08 14.94
N ALA D 36 17.88 2.97 14.25
CA ALA D 36 17.02 2.57 13.14
C ALA D 36 17.79 1.86 12.06
N GLY D 37 18.96 2.37 11.75
CA GLY D 37 19.79 1.78 10.74
C GLY D 37 20.11 0.36 11.14
N GLY D 38 20.58 0.21 12.37
CA GLY D 38 20.94 -1.10 12.87
C GLY D 38 19.76 -2.07 12.76
N ILE D 39 18.63 -1.74 13.37
CA ILE D 39 17.55 -2.70 13.30
C ILE D 39 16.99 -2.92 11.91
N MET D 40 16.90 -1.92 11.08
CA MET D 40 16.33 -2.23 9.81
C MET D 40 17.26 -3.01 8.93
N TYR D 41 18.55 -2.76 9.05
CA TYR D 41 19.47 -3.53 8.27
C TYR D 41 19.43 -4.95 8.77
N MET D 42 19.41 -5.14 10.08
CA MET D 42 19.34 -6.49 10.62
C MET D 42 18.17 -7.21 10.00
N MET D 43 17.01 -6.58 10.02
CA MET D 43 15.81 -7.17 9.47
C MET D 43 15.82 -7.44 7.98
N THR D 44 16.26 -6.49 7.19
CA THR D 44 16.15 -6.60 5.74
C THR D 44 17.41 -6.80 4.92
N LYS D 45 18.56 -6.46 5.48
CA LYS D 45 19.85 -6.43 4.79
C LYS D 45 19.88 -5.46 3.63
N ASN D 46 19.00 -4.49 3.63
CA ASN D 46 19.00 -3.49 2.59
C ASN D 46 19.94 -2.36 2.95
N VAL D 47 21.01 -2.23 2.21
CA VAL D 47 22.08 -1.29 2.49
C VAL D 47 21.62 0.16 2.65
N LYS D 48 20.46 0.53 2.10
CA LYS D 48 20.00 1.90 2.21
C LYS D 48 19.84 2.33 3.65
N PHE D 49 19.66 1.36 4.53
CA PHE D 49 19.44 1.67 5.92
C PHE D 49 20.70 2.12 6.59
N LEU D 50 21.85 1.77 6.02
CA LEU D 50 23.10 2.13 6.62
C LEU D 50 23.49 3.48 6.10
N PHE D 51 23.18 3.76 4.82
CA PHE D 51 23.56 5.03 4.24
C PHE D 51 22.77 6.17 4.85
N GLY D 52 21.57 5.86 5.30
CA GLY D 52 20.75 6.87 5.92
C GLY D 52 21.47 7.58 7.04
N PHE D 53 22.35 6.93 7.78
CA PHE D 53 23.02 7.65 8.84
C PHE D 53 23.86 8.78 8.31
N ALA D 54 24.72 8.50 7.34
CA ALA D 54 25.55 9.53 6.78
C ALA D 54 24.69 10.63 6.16
N ILE D 55 23.58 10.25 5.56
CA ILE D 55 22.71 11.22 4.94
C ILE D 55 22.10 12.17 5.94
N ILE D 56 21.56 11.65 7.03
CA ILE D 56 20.96 12.51 8.02
C ILE D 56 21.97 13.41 8.67
N SER D 57 23.12 12.88 9.03
CA SER D 57 24.11 13.73 9.64
C SER D 57 24.48 14.85 8.69
N THR D 58 24.67 14.53 7.42
CA THR D 58 25.02 15.56 6.46
C THR D 58 23.90 16.57 6.32
N PHE D 59 22.66 16.11 6.20
CA PHE D 59 21.52 16.99 6.06
C PHE D 59 21.38 17.95 7.20
N ILE D 60 21.43 17.44 8.42
CA ILE D 60 21.27 18.31 9.56
C ILE D 60 22.40 19.31 9.60
N THR D 61 23.62 18.87 9.36
CA THR D 61 24.73 19.80 9.39
C THR D 61 24.50 20.96 8.44
N ILE D 62 24.08 20.67 7.21
CA ILE D 62 23.85 21.76 6.26
C ILE D 62 22.66 22.60 6.66
N GLY D 63 21.57 21.95 7.01
CA GLY D 63 20.35 22.63 7.38
C GLY D 63 20.57 23.59 8.52
N MET D 64 21.19 23.12 9.58
CA MET D 64 21.40 23.99 10.72
C MET D 64 22.30 25.15 10.40
N SER D 65 23.30 24.94 9.57
CA SER D 65 24.17 26.04 9.19
C SER D 65 23.37 27.10 8.47
N VAL D 66 22.55 26.67 7.53
CA VAL D 66 21.73 27.60 6.79
C VAL D 66 20.71 28.30 7.69
N ALA D 67 20.02 27.53 8.54
CA ALA D 67 19.04 28.10 9.46
C ALA D 67 19.69 29.10 10.40
N GLY D 68 20.94 28.82 10.79
CA GLY D 68 21.71 29.68 11.68
C GLY D 68 21.61 29.27 13.14
N TYR D 69 21.30 28.01 13.40
CA TYR D 69 21.15 27.55 14.78
C TYR D 69 22.01 26.36 15.15
N ALA E 4 6.34 44.08 -17.52
CA ALA E 4 5.73 42.76 -17.52
C ALA E 4 4.59 42.71 -16.54
N THR E 5 3.69 41.77 -16.74
CA THR E 5 2.56 41.59 -15.85
C THR E 5 2.74 40.36 -14.97
N ASP E 6 3.87 39.67 -15.11
CA ASP E 6 4.09 38.51 -14.28
C ASP E 6 4.58 38.97 -12.93
N LEU E 7 3.66 38.97 -12.01
CA LEU E 7 3.86 39.47 -10.68
C LEU E 7 4.95 38.70 -9.92
N MET E 8 5.22 37.47 -10.33
CA MET E 8 6.19 36.62 -9.65
C MET E 8 7.53 36.52 -10.38
N LYS E 9 7.71 37.32 -11.44
CA LYS E 9 8.89 37.22 -12.29
C LYS E 9 10.24 37.20 -11.58
N SER E 10 10.40 37.98 -10.53
CA SER E 10 11.68 38.09 -9.86
C SER E 10 12.19 36.78 -9.24
N GLY E 11 11.31 35.82 -9.03
CA GLY E 11 11.69 34.56 -8.42
C GLY E 11 12.73 33.76 -9.21
N ASP E 12 12.87 34.00 -10.51
CA ASP E 12 13.88 33.24 -11.25
C ASP E 12 15.29 33.39 -10.74
N ALA E 13 15.64 34.51 -10.10
CA ALA E 13 17.01 34.61 -9.69
C ALA E 13 17.39 33.48 -8.73
N THR E 14 16.53 33.15 -7.78
CA THR E 14 16.92 32.12 -6.84
C THR E 14 16.44 30.79 -7.27
N VAL E 15 15.41 30.72 -8.09
CA VAL E 15 15.03 29.41 -8.49
C VAL E 15 16.10 28.86 -9.40
N LYS E 16 16.56 29.66 -10.34
CA LYS E 16 17.60 29.17 -11.20
C LYS E 16 18.85 28.88 -10.39
N GLY E 17 19.21 29.78 -9.49
CA GLY E 17 20.37 29.57 -8.66
C GLY E 17 20.33 28.23 -7.94
N THR E 18 19.26 27.97 -7.19
CA THR E 18 19.17 26.74 -6.43
C THR E 18 18.74 25.49 -7.17
N PHE E 19 17.83 25.58 -8.13
CA PHE E 19 17.38 24.38 -8.77
C PHE E 19 17.75 24.17 -10.24
N GLY E 20 18.50 25.06 -10.87
CA GLY E 20 18.84 24.84 -12.27
C GLY E 20 20.00 23.88 -12.44
N LYS E 21 20.43 23.67 -13.67
CA LYS E 21 21.48 22.70 -13.97
C LYS E 21 22.75 22.82 -13.17
N GLN E 22 23.20 24.04 -12.94
CA GLN E 22 24.47 24.26 -12.25
C GLN E 22 24.38 24.37 -10.75
N SER E 23 23.19 24.21 -10.18
CA SER E 23 23.07 24.40 -8.75
C SER E 23 23.65 23.30 -7.93
N SER E 24 23.87 23.59 -6.66
CA SER E 24 24.35 22.57 -5.77
C SER E 24 23.37 21.42 -5.62
N VAL E 25 22.08 21.70 -5.66
CA VAL E 25 21.15 20.60 -5.53
C VAL E 25 21.26 19.65 -6.70
N VAL E 26 21.32 20.18 -7.90
CA VAL E 26 21.38 19.29 -9.03
C VAL E 26 22.68 18.51 -9.02
N LYS E 27 23.78 19.16 -8.70
CA LYS E 27 25.03 18.45 -8.67
C LYS E 27 24.99 17.32 -7.65
N TRP E 28 24.36 17.55 -6.52
CA TRP E 28 24.28 16.50 -5.51
C TRP E 28 23.49 15.31 -6.02
N VAL E 29 22.41 15.54 -6.77
CA VAL E 29 21.68 14.39 -7.28
C VAL E 29 22.55 13.57 -8.21
N VAL E 30 23.31 14.23 -9.08
CA VAL E 30 24.19 13.47 -9.95
C VAL E 30 25.23 12.70 -9.14
N LEU E 31 25.83 13.35 -8.16
CA LEU E 31 26.80 12.65 -7.34
C LEU E 31 26.19 11.42 -6.73
N ALA E 32 24.96 11.55 -6.25
CA ALA E 32 24.31 10.42 -5.63
C ALA E 32 24.26 9.24 -6.57
N GLU E 33 24.08 9.46 -7.86
CA GLU E 33 24.09 8.30 -8.74
C GLU E 33 25.46 7.67 -8.81
N VAL E 34 26.53 8.45 -8.76
CA VAL E 34 27.81 7.78 -8.88
C VAL E 34 27.95 6.85 -7.71
N VAL E 35 27.59 7.32 -6.55
CA VAL E 35 27.71 6.48 -5.38
C VAL E 35 26.77 5.30 -5.48
N ALA E 36 25.52 5.54 -5.87
CA ALA E 36 24.54 4.47 -5.96
C ALA E 36 24.96 3.41 -6.95
N GLY E 37 25.51 3.84 -8.06
CA GLY E 37 25.96 2.93 -9.08
C GLY E 37 27.02 2.05 -8.48
N GLY E 38 28.00 2.66 -7.86
CA GLY E 38 29.08 1.92 -7.25
C GLY E 38 28.56 0.89 -6.26
N ILE E 39 27.81 1.31 -5.27
CA ILE E 39 27.37 0.32 -4.31
C ILE E 39 26.40 -0.71 -4.86
N MET E 40 25.51 -0.35 -5.75
CA MET E 40 24.64 -1.40 -6.18
C MET E 40 25.32 -2.38 -7.10
N TYR E 41 26.27 -1.91 -7.89
CA TYR E 41 26.97 -2.83 -8.74
C TYR E 41 27.79 -3.73 -7.84
N MET E 42 28.45 -3.16 -6.84
CA MET E 42 29.25 -3.98 -5.95
C MET E 42 28.38 -5.10 -5.39
N MET E 43 27.21 -4.75 -4.89
CA MET E 43 26.31 -5.73 -4.34
C MET E 43 25.76 -6.77 -5.29
N THR E 44 25.33 -6.34 -6.47
CA THR E 44 24.64 -7.26 -7.38
C THR E 44 25.33 -7.67 -8.67
N LYS E 45 26.31 -6.91 -9.10
CA LYS E 45 27.00 -7.06 -10.38
C LYS E 45 26.07 -6.91 -11.56
N ASN E 46 24.95 -6.24 -11.37
CA ASN E 46 24.04 -6.00 -12.47
C ASN E 46 24.42 -4.73 -13.18
N VAL E 47 24.87 -4.86 -14.42
CA VAL E 47 25.40 -3.77 -15.20
C VAL E 47 24.46 -2.56 -15.33
N LYS E 48 23.16 -2.73 -15.13
CA LYS E 48 22.24 -1.62 -15.26
C LYS E 48 22.58 -0.50 -14.29
N PHE E 49 23.25 -0.85 -13.21
CA PHE E 49 23.58 0.14 -12.22
C PHE E 49 24.65 1.07 -12.69
N LEU E 50 25.43 0.64 -13.67
CA LEU E 50 26.51 1.47 -14.13
C LEU E 50 25.98 2.36 -15.23
N PHE E 51 25.05 1.83 -16.03
CA PHE E 51 24.50 2.62 -17.12
C PHE E 51 23.66 3.75 -16.62
N GLY E 52 23.07 3.57 -15.45
CA GLY E 52 22.26 4.61 -14.87
C GLY E 52 23.01 5.93 -14.78
N PHE E 53 24.32 5.93 -14.57
CA PHE E 53 24.99 7.21 -14.48
C PHE E 53 24.90 7.98 -15.79
N ALA E 54 25.25 7.34 -16.88
CA ALA E 54 25.19 8.02 -18.16
C ALA E 54 23.76 8.44 -18.47
N ILE E 55 22.79 7.62 -18.06
CA ILE E 55 21.40 7.94 -18.32
C ILE E 55 20.95 9.18 -17.57
N ILE E 56 21.26 9.26 -16.29
CA ILE E 56 20.86 10.43 -15.53
C ILE E 56 21.52 11.68 -16.02
N SER E 57 22.82 11.63 -16.28
CA SER E 57 23.48 12.81 -16.76
C SER E 57 22.83 13.27 -18.06
N THR E 58 22.56 12.33 -18.96
CA THR E 58 21.94 12.70 -20.21
C THR E 58 20.55 13.29 -19.98
N PHE E 59 19.76 12.65 -19.15
CA PHE E 59 18.41 13.11 -18.85
C PHE E 59 18.39 14.51 -18.31
N ILE E 60 19.19 14.78 -17.30
CA ILE E 60 19.19 16.09 -16.71
C ILE E 60 19.64 17.10 -17.72
N THR E 61 20.67 16.79 -18.49
CA THR E 61 21.14 17.75 -19.48
C THR E 61 20.01 18.14 -20.43
N ILE E 62 19.27 17.17 -20.93
CA ILE E 62 18.18 17.49 -21.84
C ILE E 62 17.06 18.23 -21.13
N GLY E 63 16.66 17.71 -19.99
CA GLY E 63 15.58 18.29 -19.22
C GLY E 63 15.83 19.73 -18.90
N MET E 64 16.99 20.04 -18.36
CA MET E 64 17.28 21.41 -17.99
C MET E 64 17.32 22.32 -19.19
N SER E 65 17.81 21.85 -20.32
CA SER E 65 17.83 22.68 -21.51
C SER E 65 16.41 23.03 -21.90
N VAL E 66 15.54 22.04 -21.90
CA VAL E 66 14.16 22.26 -22.25
C VAL E 66 13.46 23.17 -21.24
N ALA E 67 13.66 22.91 -19.95
CA ALA E 67 13.05 23.72 -18.89
C ALA E 67 13.54 25.16 -19.00
N GLY E 68 14.80 25.33 -19.39
CA GLY E 68 15.40 26.65 -19.53
C GLY E 68 16.17 27.11 -18.31
N TYR E 69 16.61 26.16 -17.47
CA TYR E 69 17.31 26.52 -16.25
C TYR E 69 18.69 25.88 -16.09
N ALA F 4 -17.70 46.08 -23.50
CA ALA F 4 -17.96 44.75 -22.94
C ALA F 4 -18.70 44.87 -21.63
N THR F 5 -19.37 43.79 -21.26
CA THR F 5 -20.11 43.76 -20.02
C THR F 5 -19.38 42.90 -18.98
N ASP F 6 -18.22 42.36 -19.34
CA ASP F 6 -17.49 41.56 -18.37
C ASP F 6 -16.74 42.48 -17.46
N LEU F 7 -17.31 42.65 -16.30
CA LEU F 7 -16.83 43.57 -15.30
C LEU F 7 -15.44 43.23 -14.81
N MET F 8 -15.01 41.98 -14.97
CA MET F 8 -13.71 41.54 -14.50
C MET F 8 -12.67 41.40 -15.61
N LYS F 9 -13.01 41.83 -16.82
CA LYS F 9 -12.15 41.64 -17.99
C LYS F 9 -10.68 42.03 -17.83
N SER F 10 -10.41 43.11 -17.13
CA SER F 10 -9.04 43.60 -17.01
C SER F 10 -8.08 42.63 -16.32
N GLY F 11 -8.61 41.67 -15.57
CA GLY F 11 -7.77 40.74 -14.85
C GLY F 11 -6.86 39.87 -15.72
N ASP F 12 -7.18 39.70 -17.02
CA ASP F 12 -6.29 38.90 -17.84
C ASP F 12 -4.87 39.41 -17.93
N ALA F 13 -4.62 40.70 -17.77
CA ALA F 13 -3.25 41.11 -17.90
C ALA F 13 -2.34 40.42 -16.90
N THR F 14 -2.78 40.28 -15.64
CA THR F 14 -1.89 39.66 -14.69
C THR F 14 -2.14 38.20 -14.57
N VAL F 15 -3.33 37.75 -14.93
CA VAL F 15 -3.50 36.33 -14.82
C VAL F 15 -2.65 35.68 -15.88
N LYS F 16 -2.69 36.20 -17.09
CA LYS F 16 -1.88 35.60 -18.12
C LYS F 16 -0.41 35.76 -17.76
N GLY F 17 -0.03 36.94 -17.30
CA GLY F 17 1.35 37.16 -16.92
C GLY F 17 1.85 36.12 -15.92
N THR F 18 1.15 35.97 -14.81
CA THR F 18 1.59 35.04 -13.78
C THR F 18 1.26 33.58 -13.99
N PHE F 19 0.12 33.24 -14.54
CA PHE F 19 -0.23 31.84 -14.66
C PHE F 19 -0.27 31.23 -16.07
N GLY F 20 0.03 31.98 -17.13
CA GLY F 20 -0.03 31.38 -18.45
C GLY F 20 1.22 30.58 -18.77
N LYS F 21 1.29 30.06 -19.99
CA LYS F 21 2.39 29.19 -20.39
C LYS F 21 3.78 29.74 -20.16
N GLN F 22 3.98 31.01 -20.42
CA GLN F 22 5.30 31.61 -20.31
C GLN F 22 5.65 32.17 -18.94
N SER F 23 4.77 32.04 -17.97
CA SER F 23 5.03 32.65 -16.68
C SER F 23 6.08 31.95 -15.88
N SER F 24 6.60 32.66 -14.89
CA SER F 24 7.56 32.04 -14.01
C SER F 24 6.96 30.88 -13.24
N VAL F 25 5.70 30.95 -12.89
CA VAL F 25 5.13 29.82 -12.15
C VAL F 25 5.10 28.58 -13.00
N VAL F 26 4.68 28.71 -14.24
CA VAL F 26 4.60 27.52 -15.06
C VAL F 26 5.99 26.98 -15.31
N LYS F 27 6.94 27.84 -15.59
CA LYS F 27 8.28 27.35 -15.84
C LYS F 27 8.81 26.60 -14.62
N TRP F 28 8.52 27.09 -13.43
CA TRP F 28 8.99 26.42 -12.25
C TRP F 28 8.40 25.03 -12.12
N VAL F 29 7.13 24.85 -12.46
CA VAL F 29 6.55 23.52 -12.38
C VAL F 29 7.28 22.58 -13.33
N VAL F 30 7.57 23.02 -14.54
CA VAL F 30 8.29 22.15 -15.45
C VAL F 30 9.67 21.84 -14.90
N LEU F 31 10.38 22.83 -14.40
CA LEU F 31 11.68 22.57 -13.83
C LEU F 31 11.59 21.53 -12.75
N ALA F 32 10.58 21.62 -11.91
CA ALA F 32 10.42 20.66 -10.84
C ALA F 32 10.38 19.25 -11.38
N GLU F 33 9.76 19.03 -12.54
CA GLU F 33 9.78 17.68 -13.04
C GLU F 33 11.17 17.24 -13.43
N VAL F 34 11.99 18.13 -13.96
CA VAL F 34 13.30 17.65 -14.36
C VAL F 34 14.00 17.15 -13.14
N VAL F 35 13.90 17.91 -12.07
CA VAL F 35 14.57 17.51 -10.87
C VAL F 35 13.95 16.25 -10.31
N ALA F 36 12.62 16.17 -10.27
CA ALA F 36 11.94 15.01 -9.75
C ALA F 36 12.27 13.76 -10.53
N GLY F 37 12.35 13.88 -11.83
CA GLY F 37 12.68 12.77 -12.68
C GLY F 37 14.04 12.28 -12.29
N GLY F 38 15.00 13.19 -12.25
CA GLY F 38 16.35 12.82 -11.90
C GLY F 38 16.41 12.10 -10.56
N ILE F 39 15.92 12.71 -9.50
CA ILE F 39 16.03 12.01 -8.23
C ILE F 39 15.22 10.74 -8.13
N MET F 40 14.04 10.67 -8.71
CA MET F 40 13.35 9.44 -8.51
C MET F 40 13.93 8.32 -9.34
N TYR F 41 14.45 8.63 -10.51
CA TYR F 41 15.07 7.61 -11.30
C TYR F 41 16.32 7.16 -10.56
N MET F 42 17.09 8.10 -10.03
CA MET F 42 18.29 7.71 -9.31
C MET F 42 17.92 6.71 -8.22
N MET F 43 16.90 7.04 -7.45
CA MET F 43 16.46 6.17 -6.38
C MET F 43 15.92 4.83 -6.79
N THR F 44 15.06 4.79 -7.80
CA THR F 44 14.37 3.55 -8.14
C THR F 44 14.72 2.86 -9.44
N LYS F 45 15.32 3.58 -10.37
CA LYS F 45 15.60 3.12 -11.73
C LYS F 45 14.34 2.76 -12.51
N ASN F 46 13.21 3.30 -12.10
CA ASN F 46 11.98 3.07 -12.82
C ASN F 46 11.83 4.08 -13.91
N VAL F 47 11.89 3.63 -15.15
CA VAL F 47 11.89 4.48 -16.33
C VAL F 47 10.70 5.45 -16.40
N LYS F 48 9.60 5.16 -15.71
CA LYS F 48 8.44 6.05 -15.77
C LYS F 48 8.78 7.45 -15.31
N PHE F 49 9.82 7.56 -14.49
CA PHE F 49 10.17 8.84 -13.96
C PHE F 49 10.82 9.72 -15.00
N LEU F 50 11.34 9.11 -16.05
CA LEU F 50 12.00 9.87 -17.06
C LEU F 50 10.97 10.30 -18.08
N PHE F 51 10.00 9.43 -18.33
CA PHE F 51 8.97 9.75 -19.32
C PHE F 51 8.08 10.87 -18.85
N GLY F 52 7.93 10.98 -17.54
CA GLY F 52 7.12 12.02 -16.99
C GLY F 52 7.52 13.40 -17.50
N PHE F 53 8.79 13.64 -17.77
CA PHE F 53 9.13 14.96 -18.26
C PHE F 53 8.46 15.27 -19.59
N ALA F 54 8.62 14.37 -20.54
CA ALA F 54 8.01 14.60 -21.85
C ALA F 54 6.51 14.70 -21.71
N ILE F 55 5.92 13.92 -20.80
CA ILE F 55 4.49 13.95 -20.61
C ILE F 55 4.01 15.29 -20.08
N ILE F 56 4.66 15.81 -19.06
CA ILE F 56 4.23 17.09 -18.53
C ILE F 56 4.41 18.21 -19.52
N SER F 57 5.54 18.25 -20.20
CA SER F 57 5.74 19.30 -21.16
C SER F 57 4.64 19.24 -22.21
N THR F 58 4.33 18.04 -22.69
CA THR F 58 3.29 17.90 -23.69
C THR F 58 1.94 18.34 -23.14
N PHE F 59 1.61 17.89 -21.93
CA PHE F 59 0.34 18.23 -21.31
C PHE F 59 0.16 19.72 -21.15
N ILE F 60 1.15 20.39 -20.60
CA ILE F 60 1.02 21.80 -20.40
C ILE F 60 0.89 22.50 -21.73
N THR F 61 1.67 22.11 -22.71
CA THR F 61 1.59 22.76 -23.99
C THR F 61 0.16 22.68 -24.54
N ILE F 62 -0.45 21.50 -24.49
CA ILE F 62 -1.80 21.38 -25.00
C ILE F 62 -2.80 22.14 -24.14
N GLY F 63 -2.70 21.97 -22.85
CA GLY F 63 -3.60 22.59 -21.91
C GLY F 63 -3.61 24.09 -22.07
N MET F 64 -2.44 24.70 -22.07
CA MET F 64 -2.39 26.14 -22.18
C MET F 64 -2.95 26.63 -23.50
N SER F 65 -2.71 25.90 -24.57
CA SER F 65 -3.25 26.30 -25.86
C SER F 65 -4.76 26.31 -25.80
N VAL F 66 -5.33 25.26 -25.25
CA VAL F 66 -6.76 25.18 -25.12
C VAL F 66 -7.31 26.25 -24.18
N ALA F 67 -6.68 26.44 -23.02
CA ALA F 67 -7.11 27.44 -22.06
C ALA F 67 -7.04 28.83 -22.69
N GLY F 68 -6.03 29.06 -23.54
CA GLY F 68 -5.83 30.33 -24.21
C GLY F 68 -4.85 31.24 -23.49
N TYR F 69 -3.97 30.68 -22.66
CA TYR F 69 -3.04 31.50 -21.90
C TYR F 69 -1.58 31.13 -22.08
N ALA G 4 22.72 26.78 30.98
CA ALA G 4 22.33 26.43 29.62
C ALA G 4 20.91 26.85 29.35
N THR G 5 20.59 27.00 28.07
CA THR G 5 19.25 27.38 27.67
C THR G 5 18.50 26.20 27.08
N ASP G 6 19.15 25.03 27.04
CA ASP G 6 18.46 23.87 26.50
C ASP G 6 17.56 23.30 27.56
N LEU G 7 16.31 23.62 27.42
CA LEU G 7 15.28 23.30 28.37
C LEU G 7 15.11 21.79 28.56
N MET G 8 15.53 21.00 27.56
CA MET G 8 15.37 19.56 27.60
C MET G 8 16.65 18.81 27.94
N LYS G 9 17.71 19.54 28.30
CA LYS G 9 19.02 18.95 28.54
C LYS G 9 19.08 17.71 29.42
N SER G 10 18.29 17.68 30.48
CA SER G 10 18.34 16.59 31.44
C SER G 10 17.98 15.22 30.85
N GLY G 11 17.31 15.20 29.70
CA GLY G 11 16.90 13.95 29.11
C GLY G 11 18.04 13.02 28.71
N ASP G 12 19.26 13.54 28.53
CA ASP G 12 20.35 12.62 28.18
C ASP G 12 20.62 11.53 29.18
N ALA G 13 20.31 11.72 30.45
CA ALA G 13 20.62 10.64 31.37
C ALA G 13 19.91 9.34 30.97
N THR G 14 18.64 9.43 30.59
CA THR G 14 17.96 8.19 30.29
C THR G 14 18.02 7.88 28.83
N VAL G 15 18.22 8.87 28.00
CA VAL G 15 18.29 8.51 26.61
C VAL G 15 19.58 7.75 26.41
N LYS G 16 20.67 8.24 26.96
CA LYS G 16 21.90 7.52 26.79
C LYS G 16 21.81 6.16 27.46
N GLY G 17 21.24 6.12 28.66
CA GLY G 17 21.08 4.85 29.34
C GLY G 17 20.36 3.82 28.50
N THR G 18 19.18 4.16 28.01
CA THR G 18 18.40 3.20 27.24
C THR G 18 18.76 3.04 25.78
N PHE G 19 19.14 4.09 25.08
CA PHE G 19 19.41 3.93 23.67
C PHE G 19 20.85 4.07 23.19
N GLY G 20 21.82 4.30 24.07
CA GLY G 20 23.19 4.44 23.60
C GLY G 20 23.85 3.10 23.34
N LYS G 21 25.12 3.12 22.97
CA LYS G 21 25.85 1.91 22.61
C LYS G 21 25.77 0.77 23.62
N GLN G 22 25.87 1.10 24.89
CA GLN G 22 25.92 0.06 25.92
C GLN G 22 24.57 -0.35 26.48
N SER G 23 23.49 0.19 25.95
CA SER G 23 22.20 -0.13 26.53
C SER G 23 21.71 -1.49 26.21
N SER G 24 20.72 -1.94 26.97
CA SER G 24 20.14 -3.22 26.70
C SER G 24 19.45 -3.26 25.35
N VAL G 25 18.88 -2.16 24.91
CA VAL G 25 18.23 -2.20 23.62
C VAL G 25 19.24 -2.43 22.52
N VAL G 26 20.34 -1.72 22.57
CA VAL G 26 21.30 -1.88 21.51
C VAL G 26 21.89 -3.28 21.53
N LYS G 27 22.20 -3.78 22.71
CA LYS G 27 22.75 -5.11 22.77
C LYS G 27 21.78 -6.13 22.19
N TRP G 28 20.50 -5.95 22.44
CA TRP G 28 19.52 -6.88 21.91
C TRP G 28 19.51 -6.86 20.39
N VAL G 29 19.64 -5.68 19.79
CA VAL G 29 19.64 -5.65 18.33
C VAL G 29 20.85 -6.43 17.80
N VAL G 30 22.01 -6.26 18.41
CA VAL G 30 23.15 -7.02 17.93
C VAL G 30 22.93 -8.52 18.12
N LEU G 31 22.40 -8.93 19.26
CA LEU G 31 22.12 -10.32 19.46
C LEU G 31 21.22 -10.85 18.38
N ALA G 32 20.20 -10.07 18.03
CA ALA G 32 19.28 -10.51 17.01
C ALA G 32 20.00 -10.84 15.74
N GLU G 33 21.05 -10.10 15.39
CA GLU G 33 21.75 -10.48 14.17
C GLU G 33 22.44 -11.82 14.32
N VAL G 34 22.97 -12.13 15.49
CA VAL G 34 23.67 -13.40 15.56
C VAL G 34 22.68 -14.48 15.27
N VAL G 35 21.52 -14.37 15.86
CA VAL G 35 20.53 -15.38 15.65
C VAL G 35 20.06 -15.38 14.20
N ALA G 36 19.79 -14.21 13.64
CA ALA G 36 19.33 -14.10 12.27
C ALA G 36 20.34 -14.67 11.29
N GLY G 37 21.60 -14.41 11.53
CA GLY G 37 22.65 -14.90 10.69
C GLY G 37 22.60 -16.41 10.71
N GLY G 38 22.58 -16.98 11.91
CA GLY G 38 22.55 -18.41 12.05
C GLY G 38 21.37 -19.01 11.30
N ILE G 39 20.15 -18.58 11.61
CA ILE G 39 19.05 -19.22 10.91
C ILE G 39 18.99 -18.94 9.42
N MET G 40 19.35 -17.77 8.96
CA MET G 40 19.22 -17.62 7.55
C MET G 40 20.30 -18.35 6.80
N TYR G 41 21.48 -18.45 7.37
CA TYR G 41 22.51 -19.20 6.71
C TYR G 41 22.09 -20.65 6.69
N MET G 42 21.57 -21.14 7.81
CA MET G 42 21.14 -22.54 7.86
C MET G 42 20.18 -22.78 6.71
N MET G 43 19.19 -21.92 6.58
CA MET G 43 18.20 -22.05 5.54
C MET G 43 18.70 -21.94 4.11
N THR G 44 19.53 -20.95 3.84
CA THR G 44 19.93 -20.67 2.46
C THR G 44 21.36 -20.95 2.04
N LYS G 45 22.26 -21.03 3.00
CA LYS G 45 23.70 -21.15 2.78
C LYS G 45 24.28 -19.95 2.04
N ASN G 46 23.60 -18.82 2.09
CA ASN G 46 24.11 -17.64 1.45
C ASN G 46 25.01 -16.89 2.43
N VAL G 47 26.27 -16.84 2.12
CA VAL G 47 27.29 -16.27 2.99
C VAL G 47 27.00 -14.84 3.45
N LYS G 48 26.19 -14.09 2.73
CA LYS G 48 25.90 -12.71 3.12
C LYS G 48 25.31 -12.64 4.50
N PHE G 49 24.68 -13.72 4.94
CA PHE G 49 24.03 -13.72 6.22
C PHE G 49 25.03 -13.77 7.34
N LEU G 50 26.23 -14.22 7.05
CA LEU G 50 27.23 -14.34 8.08
C LEU G 50 27.96 -13.01 8.18
N PHE G 51 28.17 -12.38 7.02
CA PHE G 51 28.90 -11.11 7.00
C PHE G 51 28.11 -10.02 7.66
N GLY G 52 26.79 -10.13 7.63
CA GLY G 52 25.95 -9.15 8.24
C GLY G 52 26.32 -8.91 9.70
N PHE G 53 26.78 -9.93 10.43
CA PHE G 53 27.11 -9.68 11.81
C PHE G 53 28.23 -8.67 11.93
N ALA G 54 29.33 -8.91 11.22
CA ALA G 54 30.45 -7.99 11.31
C ALA G 54 30.03 -6.61 10.83
N ILE G 55 29.16 -6.56 9.84
CA ILE G 55 28.71 -5.28 9.32
C ILE G 55 27.92 -4.50 10.33
N ILE G 56 26.96 -5.13 10.99
CA ILE G 56 26.17 -4.41 11.97
C ILE G 56 27.00 -3.98 13.14
N SER G 57 27.85 -4.83 13.65
CA SER G 57 28.68 -4.43 14.77
C SER G 57 29.51 -3.21 14.37
N THR G 58 30.09 -3.26 13.18
CA THR G 58 30.90 -2.13 12.75
C THR G 58 30.05 -0.87 12.60
N PHE G 59 28.89 -1.00 11.98
CA PHE G 59 28.01 0.14 11.78
C PHE G 59 27.60 0.79 13.08
N ILE G 60 27.14 0.01 14.02
CA ILE G 60 26.71 0.58 15.27
C ILE G 60 27.87 1.23 15.96
N THR G 61 29.02 0.59 15.97
CA THR G 61 30.16 1.20 16.63
C THR G 61 30.45 2.59 16.06
N ILE G 62 30.47 2.71 14.75
CA ILE G 62 30.74 4.02 14.16
C ILE G 62 29.61 4.99 14.43
N GLY G 63 28.39 4.55 14.21
CA GLY G 63 27.24 5.39 14.38
C GLY G 63 27.16 5.95 15.78
N MET G 64 27.28 5.11 16.78
CA MET G 64 27.18 5.59 18.14
C MET G 64 28.29 6.56 18.48
N SER G 65 29.49 6.32 17.97
CA SER G 65 30.58 7.24 18.24
C SER G 65 30.24 8.60 17.69
N VAL G 66 29.76 8.63 16.46
CA VAL G 66 29.39 9.88 15.84
C VAL G 66 28.22 10.55 16.55
N ALA G 67 27.18 9.79 16.87
CA ALA G 67 26.03 10.32 17.58
C ALA G 67 26.43 10.87 18.94
N GLY G 68 27.41 10.22 19.58
CA GLY G 68 27.90 10.62 20.88
C GLY G 68 27.25 9.90 22.03
N TYR G 69 26.68 8.72 21.78
CA TYR G 69 25.99 7.98 22.84
C TYR G 69 26.49 6.57 23.05
N ALA H 4 -54.47 9.70 -7.85
CA ALA H 4 -53.38 9.33 -6.97
C ALA H 4 -53.17 10.40 -5.93
N THR H 5 -52.55 10.01 -4.82
CA THR H 5 -52.26 10.95 -3.75
C THR H 5 -50.78 11.31 -3.72
N ASP H 6 -50.00 10.77 -4.65
CA ASP H 6 -48.59 11.10 -4.67
C ASP H 6 -48.42 12.43 -5.34
N LEU H 7 -48.25 13.42 -4.52
CA LEU H 7 -48.17 14.80 -4.92
C LEU H 7 -47.00 15.07 -5.86
N MET H 8 -45.98 14.22 -5.81
CA MET H 8 -44.78 14.41 -6.63
C MET H 8 -44.72 13.50 -7.85
N LYS H 9 -45.80 12.77 -8.13
CA LYS H 9 -45.82 11.77 -9.19
C LYS H 9 -45.30 12.22 -10.56
N SER H 10 -45.58 13.44 -10.96
CA SER H 10 -45.20 13.91 -12.28
C SER H 10 -43.69 13.94 -12.53
N GLY H 11 -42.89 13.93 -11.47
CA GLY H 11 -41.45 14.00 -11.61
C GLY H 11 -40.83 12.83 -12.39
N ASP H 12 -41.51 11.69 -12.48
CA ASP H 12 -40.91 10.60 -13.23
C ASP H 12 -40.61 10.91 -14.68
N ALA H 13 -41.33 11.83 -15.31
CA ALA H 13 -41.01 12.05 -16.70
C ALA H 13 -39.56 12.50 -16.89
N THR H 14 -39.06 13.38 -16.05
CA THR H 14 -37.71 13.83 -16.26
C THR H 14 -36.73 13.03 -15.48
N VAL H 15 -37.16 12.41 -14.40
CA VAL H 15 -36.18 11.63 -13.70
C VAL H 15 -35.83 10.45 -14.55
N LYS H 16 -36.82 9.78 -15.11
CA LYS H 16 -36.51 8.66 -15.94
C LYS H 16 -35.72 9.13 -17.16
N GLY H 17 -36.15 10.22 -17.78
CA GLY H 17 -35.43 10.74 -18.92
C GLY H 17 -33.95 10.95 -18.63
N THR H 18 -33.63 11.71 -17.60
CA THR H 18 -32.24 11.99 -17.30
C THR H 18 -31.47 10.93 -16.53
N PHE H 19 -32.06 10.22 -15.61
CA PHE H 19 -31.29 9.27 -14.85
C PHE H 19 -31.58 7.77 -15.05
N GLY H 20 -32.49 7.40 -15.94
CA GLY H 20 -32.76 5.98 -16.11
C GLY H 20 -31.72 5.31 -17.02
N LYS H 21 -31.92 4.03 -17.29
CA LYS H 21 -30.96 3.25 -18.07
C LYS H 21 -30.55 3.86 -19.40
N GLN H 22 -31.48 4.43 -20.13
CA GLN H 22 -31.20 4.95 -21.46
C GLN H 22 -30.76 6.39 -21.51
N SER H 23 -30.61 7.04 -20.37
CA SER H 23 -30.28 8.44 -20.39
C SER H 23 -28.87 8.74 -20.77
N SER H 24 -28.62 9.98 -21.13
CA SER H 24 -27.27 10.36 -21.45
C SER H 24 -26.35 10.26 -20.25
N VAL H 25 -26.85 10.50 -19.06
CA VAL H 25 -25.96 10.39 -17.92
C VAL H 25 -25.51 8.96 -17.72
N VAL H 26 -26.43 8.03 -17.81
CA VAL H 26 -26.02 6.66 -17.59
C VAL H 26 -25.09 6.20 -18.68
N LYS H 27 -25.36 6.56 -19.93
CA LYS H 27 -24.48 6.15 -20.98
C LYS H 27 -23.08 6.70 -20.76
N TRP H 28 -22.97 7.93 -20.29
CA TRP H 28 -21.67 8.50 -20.04
C TRP H 28 -20.91 7.73 -18.98
N VAL H 29 -21.59 7.28 -17.93
CA VAL H 29 -20.88 6.52 -16.91
C VAL H 29 -20.31 5.24 -17.52
N VAL H 30 -21.10 4.55 -18.35
CA VAL H 30 -20.57 3.34 -18.97
C VAL H 30 -19.38 3.68 -19.86
N LEU H 31 -19.49 4.72 -20.66
CA LEU H 31 -18.38 5.09 -21.50
C LEU H 31 -17.15 5.32 -20.69
N ALA H 32 -17.30 5.99 -19.56
CA ALA H 32 -16.17 6.27 -18.71
C ALA H 32 -15.45 5.00 -18.34
N GLU H 33 -16.17 3.90 -18.12
CA GLU H 33 -15.44 2.69 -17.81
C GLU H 33 -14.63 2.20 -18.99
N VAL H 34 -15.14 2.35 -20.21
CA VAL H 34 -14.34 1.82 -21.30
C VAL H 34 -13.02 2.55 -21.31
N VAL H 35 -13.09 3.84 -21.15
CA VAL H 35 -11.88 4.61 -21.17
C VAL H 35 -11.00 4.25 -19.98
N ALA H 36 -11.59 4.16 -18.80
CA ALA H 36 -10.83 3.84 -17.60
C ALA H 36 -10.17 2.51 -17.70
N GLY H 37 -10.86 1.54 -18.25
CA GLY H 37 -10.33 0.21 -18.40
C GLY H 37 -9.11 0.30 -19.29
N GLY H 38 -9.27 0.95 -20.43
CA GLY H 38 -8.17 1.08 -21.35
C GLY H 38 -6.96 1.72 -20.69
N ILE H 39 -7.11 2.91 -20.12
CA ILE H 39 -5.93 3.51 -19.54
C ILE H 39 -5.36 2.79 -18.34
N MET H 40 -6.19 2.21 -17.49
CA MET H 40 -5.54 1.58 -16.37
C MET H 40 -4.88 0.29 -16.75
N TYR H 41 -5.43 -0.42 -17.71
CA TYR H 41 -4.79 -1.63 -18.13
C TYR H 41 -3.48 -1.23 -18.80
N MET H 42 -3.50 -0.20 -19.64
CA MET H 42 -2.27 0.21 -20.30
C MET H 42 -1.21 0.45 -19.24
N MET H 43 -1.56 1.22 -18.22
CA MET H 43 -0.63 1.53 -17.17
C MET H 43 -0.13 0.36 -16.33
N THR H 44 -1.03 -0.52 -15.93
CA THR H 44 -0.66 -1.57 -14.98
C THR H 44 -0.64 -3.01 -15.47
N LYS H 45 -1.33 -3.29 -16.56
CA LYS H 45 -1.53 -4.63 -17.10
C LYS H 45 -2.28 -5.54 -16.14
N ASN H 46 -3.02 -4.95 -15.21
CA ASN H 46 -3.82 -5.74 -14.30
C ASN H 46 -5.17 -6.02 -14.91
N VAL H 47 -5.42 -7.27 -15.22
CA VAL H 47 -6.62 -7.70 -15.92
C VAL H 47 -7.93 -7.26 -15.27
N LYS H 48 -7.93 -6.94 -13.98
CA LYS H 48 -9.16 -6.53 -13.32
C LYS H 48 -9.76 -5.30 -13.97
N PHE H 49 -8.93 -4.52 -14.63
CA PHE H 49 -9.40 -3.31 -15.23
C PHE H 49 -10.22 -3.58 -16.46
N LEU H 50 -10.06 -4.75 -17.05
CA LEU H 50 -10.78 -5.07 -18.25
C LEU H 50 -12.10 -5.68 -17.83
N PHE H 51 -12.08 -6.46 -16.77
CA PHE H 51 -13.30 -7.12 -16.33
C PHE H 51 -14.30 -6.13 -15.80
N GLY H 52 -13.82 -5.02 -15.27
CA GLY H 52 -14.69 -4.01 -14.76
C GLY H 52 -15.73 -3.57 -15.78
N PHE H 53 -15.41 -3.57 -17.07
CA PHE H 53 -16.42 -3.14 -18.02
C PHE H 53 -17.62 -4.07 -18.00
N ALA H 54 -17.39 -5.36 -18.11
CA ALA H 54 -18.49 -6.31 -18.11
C ALA H 54 -19.25 -6.22 -16.79
N ILE H 55 -18.52 -5.99 -15.70
CA ILE H 55 -19.16 -5.90 -14.41
C ILE H 55 -20.09 -4.71 -14.30
N ILE H 56 -19.63 -3.54 -14.71
CA ILE H 56 -20.49 -2.38 -14.64
C ILE H 56 -21.69 -2.49 -15.53
N SER H 57 -21.50 -2.93 -16.75
CA SER H 57 -22.63 -3.07 -17.63
C SER H 57 -23.65 -4.01 -17.00
N THR H 58 -23.18 -5.13 -16.47
CA THR H 58 -24.10 -6.07 -15.85
C THR H 58 -24.80 -5.45 -14.65
N PHE H 59 -24.05 -4.77 -13.79
CA PHE H 59 -24.60 -4.14 -12.61
C PHE H 59 -25.68 -3.15 -12.94
N ILE H 60 -25.39 -2.25 -13.85
CA ILE H 60 -26.37 -1.24 -14.19
C ILE H 60 -27.59 -1.90 -14.78
N THR H 61 -27.41 -2.87 -15.65
CA THR H 61 -28.56 -3.51 -16.24
C THR H 61 -29.48 -4.08 -15.16
N ILE H 62 -28.92 -4.78 -14.19
CA ILE H 62 -29.75 -5.34 -13.14
C ILE H 62 -30.35 -4.26 -12.26
N GLY H 63 -29.54 -3.32 -11.84
CA GLY H 63 -29.97 -2.25 -10.97
C GLY H 63 -31.12 -1.49 -11.57
N MET H 64 -30.98 -1.05 -12.81
CA MET H 64 -32.04 -0.28 -13.42
C MET H 64 -33.31 -1.07 -13.56
N SER H 65 -33.21 -2.36 -13.86
CA SER H 65 -34.40 -3.17 -13.97
C SER H 65 -35.13 -3.20 -12.64
N VAL H 66 -34.37 -3.42 -11.58
CA VAL H 66 -34.96 -3.46 -10.26
C VAL H 66 -35.53 -2.10 -9.85
N ALA H 67 -34.78 -1.03 -10.09
CA ALA H 67 -35.24 0.32 -9.76
C ALA H 67 -36.50 0.66 -10.54
N GLY H 68 -36.58 0.17 -11.78
CA GLY H 68 -37.72 0.40 -12.64
C GLY H 68 -37.54 1.58 -13.58
N TYR H 69 -36.30 1.96 -13.86
CA TYR H 69 -36.04 3.10 -14.72
C TYR H 69 -35.15 2.83 -15.91
N ALA I 4 -12.32 -12.97 41.64
CA ALA I 4 -11.34 -12.40 40.71
C ALA I 4 -11.79 -11.04 40.24
N THR I 5 -10.83 -10.24 39.78
CA THR I 5 -11.12 -8.92 39.28
C THR I 5 -11.04 -8.88 37.76
N ASP I 6 -10.76 -10.02 37.13
CA ASP I 6 -10.69 -10.03 35.68
C ASP I 6 -12.10 -10.12 35.15
N LEU I 7 -12.57 -8.98 34.73
CA LEU I 7 -13.93 -8.79 34.28
C LEU I 7 -14.25 -9.64 33.05
N MET I 8 -13.24 -10.03 32.29
CA MET I 8 -13.43 -10.80 31.08
C MET I 8 -13.13 -12.29 31.23
N LYS I 9 -12.89 -12.74 32.46
CA LYS I 9 -12.47 -14.12 32.71
C LYS I 9 -13.29 -15.22 32.06
N SER I 10 -14.60 -15.05 32.00
CA SER I 10 -15.46 -16.10 31.47
C SER I 10 -15.22 -16.45 30.00
N GLY I 11 -14.55 -15.56 29.26
CA GLY I 11 -14.31 -15.80 27.85
C GLY I 11 -13.46 -17.03 27.55
N ASP I 12 -12.67 -17.52 28.51
CA ASP I 12 -11.88 -18.71 28.20
C ASP I 12 -12.68 -19.93 27.80
N ALA I 13 -13.93 -20.05 28.22
CA ALA I 13 -14.62 -21.26 27.82
C ALA I 13 -14.72 -21.38 26.31
N THR I 14 -15.02 -20.29 25.61
CA THR I 14 -15.15 -20.44 24.18
C THR I 14 -13.88 -20.13 23.47
N VAL I 15 -12.99 -19.37 24.09
CA VAL I 15 -11.77 -19.14 23.37
C VAL I 15 -11.01 -20.43 23.33
N LYS I 16 -10.92 -21.12 24.45
CA LYS I 16 -10.21 -22.37 24.42
C LYS I 16 -10.92 -23.35 23.52
N GLY I 17 -12.24 -23.42 23.62
CA GLY I 17 -12.98 -24.32 22.76
C GLY I 17 -12.67 -24.10 21.27
N THR I 18 -12.82 -22.88 20.79
CA THR I 18 -12.59 -22.61 19.38
C THR I 18 -11.15 -22.43 18.94
N PHE I 19 -10.28 -21.82 19.73
CA PHE I 19 -8.94 -21.59 19.26
C PHE I 19 -7.80 -22.36 19.93
N GLY I 20 -8.08 -23.24 20.90
CA GLY I 20 -6.98 -23.96 21.54
C GLY I 20 -6.51 -25.14 20.69
N LYS I 21 -5.57 -25.90 21.22
CA LYS I 21 -4.97 -27.01 20.50
C LYS I 21 -5.93 -28.01 19.89
N GLN I 22 -6.98 -28.35 20.62
CA GLN I 22 -7.91 -29.37 20.19
C GLN I 22 -9.08 -28.86 19.35
N SER I 23 -9.14 -27.57 19.08
CA SER I 23 -10.29 -27.05 18.38
C SER I 23 -10.33 -27.40 16.92
N SER I 24 -11.51 -27.26 16.34
CA SER I 24 -11.64 -27.51 14.93
C SER I 24 -10.80 -26.55 14.11
N VAL I 25 -10.65 -25.32 14.55
CA VAL I 25 -9.85 -24.40 13.76
C VAL I 25 -8.41 -24.86 13.71
N VAL I 26 -7.86 -25.23 14.84
CA VAL I 26 -6.47 -25.63 14.83
C VAL I 26 -6.29 -26.89 14.02
N LYS I 27 -7.19 -27.85 14.16
CA LYS I 27 -7.05 -29.06 13.39
C LYS I 27 -7.08 -28.76 11.91
N TRP I 28 -7.92 -27.83 11.48
CA TRP I 28 -7.99 -27.50 10.08
C TRP I 28 -6.69 -26.91 9.59
N VAL I 29 -6.03 -26.08 10.39
CA VAL I 29 -4.75 -25.54 9.93
C VAL I 29 -3.75 -26.67 9.72
N VAL I 30 -3.69 -27.62 10.64
CA VAL I 30 -2.77 -28.72 10.44
C VAL I 30 -3.13 -29.51 9.19
N LEU I 31 -4.40 -29.81 8.99
CA LEU I 31 -4.79 -30.52 7.80
C LEU I 31 -4.33 -29.79 6.58
N ALA I 32 -4.49 -28.48 6.56
CA ALA I 32 -4.09 -27.70 5.42
C ALA I 32 -2.63 -27.96 5.09
N GLU I 33 -1.77 -28.13 6.08
CA GLU I 33 -0.39 -28.41 5.71
C GLU I 33 -0.26 -29.76 5.04
N VAL I 34 -1.03 -30.75 5.45
CA VAL I 34 -0.82 -32.03 4.80
C VAL I 34 -1.12 -31.86 3.34
N VAL I 35 -2.21 -31.18 3.06
CA VAL I 35 -2.57 -31.01 1.68
C VAL I 35 -1.54 -30.15 0.97
N ALA I 36 -1.11 -29.05 1.58
CA ALA I 36 -0.14 -28.16 0.96
C ALA I 36 1.16 -28.86 0.68
N GLY I 37 1.59 -29.69 1.60
CA GLY I 37 2.81 -30.43 1.45
C GLY I 37 2.68 -31.30 0.23
N GLY I 38 1.60 -32.06 0.17
CA GLY I 38 1.38 -32.94 -0.95
C GLY I 38 1.41 -32.18 -2.26
N ILE I 39 0.57 -31.18 -2.43
CA ILE I 39 0.59 -30.52 -3.72
C ILE I 39 1.86 -29.76 -4.02
N MET I 40 2.51 -29.16 -3.06
CA MET I 40 3.69 -28.45 -3.48
C MET I 40 4.83 -29.39 -3.79
N TYR I 41 4.91 -30.50 -3.09
CA TYR I 41 5.95 -31.44 -3.40
C TYR I 41 5.67 -32.00 -4.77
N MET I 42 4.41 -32.34 -5.05
CA MET I 42 4.08 -32.88 -6.36
C MET I 42 4.58 -31.92 -7.42
N MET I 43 4.26 -30.65 -7.27
CA MET I 43 4.67 -29.65 -8.22
C MET I 43 6.15 -29.41 -8.36
N THR I 44 6.86 -29.32 -7.25
CA THR I 44 8.27 -28.93 -7.29
C THR I 44 9.32 -29.96 -6.94
N LYS I 45 8.93 -31.00 -6.24
CA LYS I 45 9.82 -32.02 -5.69
C LYS I 45 10.82 -31.45 -4.69
N ASN I 46 10.52 -30.30 -4.11
CA ASN I 46 11.38 -29.73 -3.11
C ASN I 46 11.03 -30.27 -1.76
N VAL I 47 11.93 -31.04 -1.18
CA VAL I 47 11.70 -31.74 0.07
C VAL I 47 11.25 -30.86 1.23
N LYS I 48 11.51 -29.55 1.17
CA LYS I 48 11.12 -28.67 2.27
C LYS I 48 9.62 -28.71 2.50
N PHE I 49 8.88 -29.07 1.46
CA PHE I 49 7.44 -29.07 1.57
C PHE I 49 6.96 -30.22 2.41
N LEU I 50 7.77 -31.24 2.55
CA LEU I 50 7.37 -32.40 3.30
C LEU I 50 7.73 -32.17 4.75
N PHE I 51 8.87 -31.50 4.98
CA PHE I 51 9.31 -31.27 6.34
C PHE I 51 8.42 -30.30 7.05
N GLY I 52 7.81 -29.41 6.29
CA GLY I 52 6.90 -28.44 6.86
C GLY I 52 5.83 -29.10 7.72
N PHE I 53 5.37 -30.30 7.38
CA PHE I 53 4.35 -30.89 8.22
C PHE I 53 4.86 -31.14 9.62
N ALA I 54 5.99 -31.81 9.75
CA ALA I 54 6.53 -32.08 11.06
C ALA I 54 6.82 -30.79 11.80
N ILE I 55 7.25 -29.76 11.07
CA ILE I 55 7.56 -28.49 11.70
C ILE I 55 6.33 -27.83 12.27
N ILE I 56 5.26 -27.76 11.51
CA ILE I 56 4.06 -27.14 12.02
C ILE I 56 3.48 -27.88 13.17
N SER I 57 3.40 -29.20 13.08
CA SER I 57 2.86 -29.95 14.19
C SER I 57 3.69 -29.68 15.45
N THR I 58 5.01 -29.68 15.30
CA THR I 58 5.85 -29.43 16.46
C THR I 58 5.63 -28.02 16.99
N PHE I 59 5.59 -27.03 16.10
CA PHE I 59 5.39 -25.66 16.50
C PHE I 59 4.11 -25.45 17.27
N ILE I 60 3.02 -25.93 16.72
CA ILE I 60 1.75 -25.74 17.39
C ILE I 60 1.76 -26.43 18.72
N THR I 61 2.29 -27.64 18.79
CA THR I 61 2.31 -28.33 20.05
C THR I 61 3.03 -27.50 21.12
N ILE I 62 4.19 -26.95 20.79
CA ILE I 62 4.90 -26.15 21.77
C ILE I 62 4.17 -24.86 22.07
N GLY I 63 3.74 -24.17 21.04
CA GLY I 63 3.06 -22.91 21.19
C GLY I 63 1.84 -23.03 22.08
N MET I 64 0.99 -23.99 21.80
CA MET I 64 -0.21 -24.13 22.60
C MET I 64 0.09 -24.47 24.03
N SER I 65 1.12 -25.28 24.27
CA SER I 65 1.47 -25.60 25.64
C SER I 65 1.87 -24.34 26.38
N VAL I 66 2.70 -23.54 25.74
CA VAL I 66 3.14 -22.30 26.34
C VAL I 66 1.97 -21.32 26.54
N ALA I 67 1.13 -21.17 25.51
CA ALA I 67 -0.03 -20.27 25.60
C ALA I 67 -0.96 -20.73 26.71
N GLY I 68 -1.08 -22.05 26.90
CA GLY I 68 -1.94 -22.63 27.90
C GLY I 68 -3.31 -23.02 27.38
N TYR I 69 -3.44 -23.22 26.08
CA TYR I 69 -4.73 -23.56 25.50
C TYR I 69 -4.76 -24.84 24.69
N ALA J 4 -38.88 -1.72 42.61
CA ALA J 4 -37.63 -1.16 42.10
C ALA J 4 -37.77 0.33 41.87
N THR J 5 -36.64 1.02 41.85
CA THR J 5 -36.63 2.44 41.62
C THR J 5 -36.15 2.78 40.22
N ASP J 6 -35.84 1.75 39.43
CA ASP J 6 -35.38 2.01 38.08
C ASP J 6 -36.59 2.28 37.21
N LEU J 7 -36.80 3.54 36.97
CA LEU J 7 -37.95 4.05 36.27
C LEU J 7 -38.03 3.54 34.83
N MET J 8 -36.89 3.12 34.27
CA MET J 8 -36.84 2.65 32.90
C MET J 8 -36.77 1.14 32.76
N LYS J 9 -36.92 0.41 33.87
CA LYS J 9 -36.75 -1.04 33.90
C LYS J 9 -37.48 -1.83 32.82
N SER J 10 -38.70 -1.43 32.49
CA SER J 10 -39.50 -2.19 31.54
C SER J 10 -38.90 -2.29 30.14
N GLY J 11 -37.98 -1.39 29.81
CA GLY J 11 -37.39 -1.38 28.48
C GLY J 11 -36.64 -2.66 28.10
N ASP J 12 -36.19 -3.46 29.08
CA ASP J 12 -35.50 -4.69 28.70
C ASP J 12 -36.29 -5.64 27.83
N ALA J 13 -37.61 -5.63 27.91
CA ALA J 13 -38.31 -6.59 27.08
C ALA J 13 -38.00 -6.39 25.60
N THR J 14 -37.97 -5.16 25.13
CA THR J 14 -37.74 -4.98 23.72
C THR J 14 -36.29 -4.77 23.43
N VAL J 15 -35.52 -4.31 24.40
CA VAL J 15 -34.14 -4.15 24.07
C VAL J 15 -33.55 -5.53 23.91
N LYS J 16 -33.84 -6.43 24.82
CA LYS J 16 -33.29 -7.75 24.67
C LYS J 16 -33.84 -8.40 23.42
N GLY J 17 -35.14 -8.25 23.17
CA GLY J 17 -35.72 -8.82 21.98
C GLY J 17 -35.00 -8.38 20.72
N THR J 18 -34.87 -7.08 20.51
CA THR J 18 -34.23 -6.58 19.30
C THR J 18 -32.72 -6.57 19.27
N PHE J 19 -32.05 -6.27 20.36
CA PHE J 19 -30.61 -6.20 20.29
C PHE J 19 -29.78 -7.27 21.01
N GLY J 20 -30.41 -8.26 21.65
CA GLY J 20 -29.61 -9.27 22.34
C GLY J 20 -29.08 -10.33 21.39
N LYS J 21 -28.40 -11.33 21.93
CA LYS J 21 -27.76 -12.35 21.12
C LYS J 21 -28.64 -13.03 20.09
N GLN J 22 -29.88 -13.33 20.45
CA GLN J 22 -30.76 -14.06 19.57
C GLN J 22 -31.60 -13.21 18.63
N SER J 23 -31.43 -11.91 18.66
CA SER J 23 -32.28 -11.06 17.85
C SER J 23 -31.97 -11.11 16.39
N SER J 24 -32.93 -10.65 15.59
CA SER J 24 -32.69 -10.59 14.17
C SER J 24 -31.56 -9.63 13.82
N VAL J 25 -31.38 -8.57 14.57
CA VAL J 25 -30.30 -7.66 14.23
C VAL J 25 -28.97 -8.34 14.43
N VAL J 26 -28.79 -9.03 15.53
CA VAL J 26 -27.50 -9.64 15.76
C VAL J 26 -27.26 -10.74 14.73
N LYS J 27 -28.27 -11.53 14.43
CA LYS J 27 -28.07 -12.57 13.45
C LYS J 27 -27.66 -11.98 12.12
N TRP J 28 -28.25 -10.86 11.74
CA TRP J 28 -27.90 -10.25 10.47
C TRP J 28 -26.45 -9.81 10.46
N VAL J 29 -25.94 -9.28 11.56
CA VAL J 29 -24.54 -8.88 11.56
C VAL J 29 -23.64 -10.11 11.34
N VAL J 30 -23.95 -11.21 12.00
CA VAL J 30 -23.15 -12.40 11.77
C VAL J 30 -23.24 -12.85 10.32
N LEU J 31 -24.44 -12.87 9.76
CA LEU J 31 -24.57 -13.26 8.38
C LEU J 31 -23.72 -12.40 7.50
N ALA J 32 -23.71 -11.10 7.76
CA ALA J 32 -22.93 -10.20 6.96
C ALA J 32 -21.48 -10.62 6.94
N GLU J 33 -20.94 -11.13 8.04
CA GLU J 33 -19.56 -11.57 7.95
C GLU J 33 -19.41 -12.76 7.03
N VAL J 34 -20.36 -13.66 7.00
CA VAL J 34 -20.13 -14.82 6.13
C VAL J 34 -20.01 -14.31 4.73
N VAL J 35 -20.90 -13.41 4.36
CA VAL J 35 -20.84 -12.90 3.02
C VAL J 35 -19.57 -12.11 2.79
N ALA J 36 -19.21 -11.25 3.73
CA ALA J 36 -18.01 -10.43 3.60
C ALA J 36 -16.77 -11.28 3.47
N GLY J 37 -16.70 -12.33 4.25
CA GLY J 37 -15.57 -13.23 4.21
C GLY J 37 -15.48 -13.81 2.83
N GLY J 38 -16.58 -14.34 2.34
CA GLY J 38 -16.59 -14.94 1.03
C GLY J 38 -16.12 -13.95 -0.03
N ILE J 39 -16.77 -12.80 -0.14
CA ILE J 39 -16.32 -11.91 -1.19
C ILE J 39 -14.93 -11.34 -1.01
N MET J 40 -14.50 -11.06 0.19
CA MET J 40 -13.18 -10.50 0.25
C MET J 40 -12.12 -11.54 0.01
N TYR J 41 -12.36 -12.76 0.43
CA TYR J 41 -11.38 -13.79 0.16
C TYR J 41 -11.36 -14.01 -1.34
N MET J 42 -12.52 -14.06 -1.97
CA MET J 42 -12.54 -14.26 -3.41
C MET J 42 -11.66 -13.22 -4.07
N MET J 43 -11.87 -11.96 -3.70
CA MET J 43 -11.10 -10.88 -4.27
C MET J 43 -9.61 -10.88 -4.00
N THR J 44 -9.22 -11.13 -2.75
CA THR J 44 -7.82 -10.98 -2.37
C THR J 44 -7.04 -12.23 -2.03
N LYS J 45 -7.71 -13.32 -1.70
CA LYS J 45 -7.13 -14.56 -1.22
C LYS J 45 -6.37 -14.38 0.10
N ASN J 46 -6.71 -13.34 0.84
CA ASN J 46 -6.07 -13.12 2.12
C ASN J 46 -6.84 -13.86 3.19
N VAL J 47 -6.22 -14.87 3.76
CA VAL J 47 -6.86 -15.75 4.72
C VAL J 47 -7.51 -15.05 5.92
N LYS J 48 -7.09 -13.82 6.23
CA LYS J 48 -7.66 -13.13 7.38
C LYS J 48 -9.15 -12.94 7.23
N PHE J 49 -9.62 -12.96 5.99
CA PHE J 49 -11.02 -12.74 5.76
C PHE J 49 -11.84 -13.93 6.17
N LEU J 50 -11.22 -15.09 6.25
CA LEU J 50 -11.95 -16.27 6.58
C LEU J 50 -11.97 -16.40 8.09
N PHE J 51 -10.86 -16.01 8.72
CA PHE J 51 -10.78 -16.12 10.17
C PHE J 51 -11.71 -15.17 10.86
N GLY J 52 -12.00 -14.06 10.20
CA GLY J 52 -12.89 -13.09 10.76
C GLY J 52 -14.23 -13.70 11.16
N PHE J 53 -14.72 -14.71 10.45
CA PHE J 53 -15.99 -15.27 10.86
C PHE J 53 -15.91 -15.88 12.24
N ALA J 54 -14.94 -16.75 12.47
CA ALA J 54 -14.81 -17.37 13.77
C ALA J 54 -14.58 -16.31 14.85
N ILE J 55 -13.85 -15.26 14.49
CA ILE J 55 -13.58 -14.20 15.46
C ILE J 55 -14.83 -13.47 15.86
N ILE J 56 -15.64 -13.06 14.91
CA ILE J 56 -16.87 -12.36 15.25
C ILE J 56 -17.82 -13.21 16.03
N SER J 57 -18.01 -14.45 15.61
CA SER J 57 -18.91 -15.30 16.35
C SER J 57 -18.43 -15.42 17.79
N THR J 58 -17.13 -15.62 17.97
CA THR J 58 -16.61 -15.75 19.32
C THR J 58 -16.81 -14.46 20.10
N PHE J 59 -16.48 -13.33 19.49
CA PHE J 59 -16.63 -12.04 20.15
C PHE J 59 -18.03 -11.77 20.61
N ILE J 60 -18.99 -11.94 19.72
CA ILE J 60 -20.36 -11.67 20.09
C ILE J 60 -20.78 -12.60 21.19
N THR J 61 -20.44 -13.87 21.09
CA THR J 61 -20.84 -14.79 22.13
C THR J 61 -20.34 -14.32 23.49
N ILE J 62 -19.08 -13.93 23.58
CA ILE J 62 -18.57 -13.47 24.86
C ILE J 62 -19.20 -12.16 25.29
N GLY J 63 -19.26 -11.22 24.38
CA GLY J 63 -19.81 -9.92 24.66
C GLY J 63 -21.21 -10.00 25.17
N MET J 64 -22.08 -10.73 24.48
CA MET J 64 -23.45 -10.81 24.91
C MET J 64 -23.59 -11.47 26.26
N SER J 65 -22.77 -12.48 26.54
CA SER J 65 -22.83 -13.12 27.84
C SER J 65 -22.51 -12.12 28.91
N VAL J 66 -21.45 -11.35 28.71
CA VAL J 66 -21.06 -10.36 29.68
C VAL J 66 -22.10 -9.25 29.80
N ALA J 67 -22.62 -8.76 28.69
CA ALA J 67 -23.63 -7.72 28.71
C ALA J 67 -24.89 -8.21 29.41
N GLY J 68 -25.20 -9.50 29.24
CA GLY J 68 -26.36 -10.11 29.85
C GLY J 68 -27.58 -10.15 28.95
N TYR J 69 -27.37 -10.07 27.64
CA TYR J 69 -28.49 -10.06 26.71
C TYR J 69 -28.45 -11.13 25.63
N ALA K 4 -41.19 -15.62 -3.96
CA ALA K 4 -39.86 -15.64 -3.35
C ALA K 4 -39.60 -14.34 -2.63
N THR K 5 -38.68 -14.38 -1.68
CA THR K 5 -38.32 -13.20 -0.94
C THR K 5 -36.95 -12.67 -1.37
N ASP K 6 -36.34 -13.33 -2.36
CA ASP K 6 -35.05 -12.85 -2.83
C ASP K 6 -35.28 -11.70 -3.77
N LEU K 7 -35.08 -10.53 -3.24
CA LEU K 7 -35.34 -9.28 -3.91
C LEU K 7 -34.48 -9.11 -5.16
N MET K 8 -33.36 -9.80 -5.23
CA MET K 8 -32.44 -9.68 -6.36
C MET K 8 -32.52 -10.83 -7.34
N LYS K 9 -33.49 -11.73 -7.17
CA LYS K 9 -33.59 -12.94 -7.97
C LYS K 9 -33.49 -12.78 -9.48
N SER K 10 -34.07 -11.72 -10.03
CA SER K 10 -34.09 -11.53 -11.46
C SER K 10 -32.72 -11.39 -12.12
N GLY K 11 -31.71 -11.06 -11.33
CA GLY K 11 -30.38 -10.86 -11.86
C GLY K 11 -29.76 -12.09 -12.54
N ASP K 12 -30.23 -13.30 -12.21
CA ASP K 12 -29.65 -14.46 -12.87
C ASP K 12 -29.76 -14.46 -14.37
N ALA K 13 -30.76 -13.81 -14.96
CA ALA K 13 -30.82 -13.89 -16.39
C ALA K 13 -29.56 -13.34 -17.06
N THR K 14 -29.04 -12.22 -16.56
CA THR K 14 -27.87 -11.69 -17.23
C THR K 14 -26.61 -12.16 -16.59
N VAL K 15 -26.67 -12.56 -15.33
CA VAL K 15 -25.42 -13.02 -14.79
C VAL K 15 -25.09 -14.33 -15.45
N LYS K 16 -26.06 -15.21 -15.59
CA LYS K 16 -25.76 -16.46 -16.23
C LYS K 16 -25.38 -16.21 -17.68
N GLY K 17 -26.12 -15.34 -18.36
CA GLY K 17 -25.79 -15.03 -19.73
C GLY K 17 -24.34 -14.59 -19.91
N THR K 18 -23.92 -13.59 -19.17
CA THR K 18 -22.57 -13.07 -19.31
C THR K 18 -21.47 -13.83 -18.60
N PHE K 19 -21.69 -14.36 -17.42
CA PHE K 19 -20.61 -15.02 -16.72
C PHE K 19 -20.67 -16.54 -16.55
N GLY K 20 -21.70 -17.22 -17.06
CA GLY K 20 -21.75 -18.66 -16.87
C GLY K 20 -20.86 -19.39 -17.87
N LYS K 21 -20.90 -20.71 -17.82
CA LYS K 21 -20.04 -21.53 -18.66
C LYS K 21 -20.05 -21.22 -20.14
N GLN K 22 -21.22 -20.96 -20.69
CA GLN K 22 -21.36 -20.73 -22.12
C GLN K 22 -21.19 -19.30 -22.58
N SER K 23 -20.89 -18.39 -21.66
CA SER K 23 -20.82 -17.00 -22.05
C SER K 23 -19.61 -16.64 -22.85
N SER K 24 -19.67 -15.50 -23.51
CA SER K 24 -18.53 -15.05 -24.25
C SER K 24 -17.34 -14.76 -23.35
N VAL K 25 -17.58 -14.31 -22.13
CA VAL K 25 -16.44 -14.04 -21.28
C VAL K 25 -15.72 -15.33 -20.93
N VAL K 26 -16.45 -16.36 -20.58
CA VAL K 26 -15.78 -17.58 -20.22
C VAL K 26 -15.06 -18.17 -21.40
N LYS K 27 -15.69 -18.14 -22.57
CA LYS K 27 -15.02 -18.69 -23.73
C LYS K 27 -13.73 -17.95 -24.01
N TRP K 28 -13.72 -16.63 -23.83
CA TRP K 28 -12.52 -15.87 -24.07
C TRP K 28 -11.41 -16.28 -23.11
N VAL K 29 -11.74 -16.54 -21.86
CA VAL K 29 -10.68 -16.95 -20.94
C VAL K 29 -10.06 -18.27 -21.41
N VAL K 30 -10.88 -19.21 -21.84
CA VAL K 30 -10.32 -20.46 -22.33
C VAL K 30 -9.46 -20.22 -23.56
N LEU K 31 -9.94 -19.41 -24.49
CA LEU K 31 -9.14 -19.13 -25.66
C LEU K 31 -7.80 -18.58 -25.26
N ALA K 32 -7.80 -17.68 -24.29
CA ALA K 32 -6.56 -17.08 -23.86
C ALA K 32 -5.57 -18.14 -23.45
N GLU K 33 -6.01 -19.23 -22.83
CA GLU K 33 -5.02 -20.24 -22.49
C GLU K 33 -4.47 -20.90 -23.72
N VAL K 34 -5.25 -21.09 -24.77
CA VAL K 34 -4.66 -21.78 -25.91
C VAL K 34 -3.54 -20.92 -26.42
N VAL K 35 -3.78 -19.64 -26.50
CA VAL K 35 -2.75 -18.77 -27.01
C VAL K 35 -1.58 -18.73 -26.05
N ALA K 36 -1.83 -18.60 -24.75
CA ALA K 36 -0.78 -18.54 -23.77
C ALA K 36 0.07 -19.79 -23.77
N GLY K 37 -0.57 -20.92 -23.90
CA GLY K 37 0.13 -22.18 -23.94
C GLY K 37 1.08 -22.16 -25.12
N GLY K 38 0.55 -21.82 -26.28
CA GLY K 38 1.35 -21.79 -27.48
C GLY K 38 2.56 -20.88 -27.30
N ILE K 39 2.34 -19.61 -26.97
CA ILE K 39 3.51 -18.76 -26.86
C ILE K 39 4.45 -19.11 -25.73
N MET K 40 3.97 -19.56 -24.60
CA MET K 40 4.96 -19.82 -23.59
C MET K 40 5.73 -21.09 -23.87
N TYR K 41 5.09 -22.07 -24.49
CA TYR K 41 5.82 -23.26 -24.83
C TYR K 41 6.85 -22.88 -25.88
N MET K 42 6.44 -22.09 -26.86
CA MET K 42 7.39 -21.70 -27.90
C MET K 42 8.61 -21.09 -27.25
N MET K 43 8.39 -20.16 -26.34
CA MET K 43 9.49 -19.51 -25.65
C MET K 43 10.35 -20.38 -24.78
N THR K 44 9.74 -21.23 -23.96
CA THR K 44 10.50 -21.98 -22.97
C THR K 44 10.65 -23.48 -23.16
N LYS K 45 9.78 -24.09 -23.95
CA LYS K 45 9.69 -25.53 -24.13
C LYS K 45 9.35 -26.27 -22.85
N ASN K 46 8.77 -25.57 -21.88
CA ASN K 46 8.36 -26.21 -20.66
C ASN K 46 6.98 -26.78 -20.81
N VAL K 47 6.88 -28.09 -20.79
CA VAL K 47 5.63 -28.81 -21.03
C VAL K 47 4.46 -28.37 -20.16
N LYS K 48 4.72 -27.76 -19.00
CA LYS K 48 3.63 -27.35 -18.13
C LYS K 48 2.69 -26.40 -18.83
N PHE K 49 3.19 -25.70 -19.84
CA PHE K 49 2.39 -24.72 -20.52
C PHE K 49 1.35 -25.37 -21.39
N LEU K 50 1.58 -26.61 -21.76
CA LEU K 50 0.65 -27.28 -22.62
C LEU K 50 -0.41 -27.93 -21.78
N PHE K 51 0.00 -28.43 -20.61
CA PHE K 51 -0.96 -29.11 -19.74
C PHE K 51 -1.96 -28.15 -19.16
N GLY K 52 -1.54 -26.90 -19.02
CA GLY K 52 -2.43 -25.89 -18.49
C GLY K 52 -3.74 -25.84 -19.26
N PHE K 53 -3.75 -26.10 -20.57
CA PHE K 53 -5.01 -26.03 -21.27
C PHE K 53 -6.00 -27.05 -20.74
N ALA K 54 -5.58 -28.31 -20.67
CA ALA K 54 -6.47 -29.34 -20.18
C ALA K 54 -6.90 -29.04 -18.75
N ILE K 55 -5.98 -28.47 -17.96
CA ILE K 55 -6.30 -28.15 -16.58
C ILE K 55 -7.37 -27.09 -16.47
N ILE K 56 -7.24 -26.00 -17.21
CA ILE K 56 -8.23 -24.96 -17.14
C ILE K 56 -9.56 -25.42 -17.64
N SER K 57 -9.60 -26.12 -18.75
CA SER K 57 -10.88 -26.58 -19.25
C SER K 57 -11.54 -27.47 -18.19
N THR K 58 -10.77 -28.36 -17.59
CA THR K 58 -11.34 -29.23 -16.58
C THR K 58 -11.83 -28.42 -15.38
N PHE K 59 -11.02 -27.48 -14.91
CA PHE K 59 -11.38 -26.66 -13.78
C PHE K 59 -12.66 -25.90 -13.99
N ILE K 60 -12.76 -25.21 -15.11
CA ILE K 60 -13.95 -24.44 -15.36
C ILE K 60 -15.14 -25.35 -15.45
N THR K 61 -15.01 -26.47 -16.13
CA THR K 61 -16.14 -27.37 -16.25
C THR K 61 -16.66 -27.76 -14.87
N ILE K 62 -15.76 -28.15 -13.96
CA ILE K 62 -16.22 -28.54 -12.64
C ILE K 62 -16.77 -27.36 -11.87
N GLY K 63 -16.05 -26.26 -11.88
CA GLY K 63 -16.44 -25.07 -11.16
C GLY K 63 -17.81 -24.61 -11.56
N MET K 64 -18.05 -24.46 -12.85
CA MET K 64 -19.35 -23.98 -13.29
C MET K 64 -20.46 -24.92 -12.92
N SER K 65 -20.20 -26.22 -12.98
CA SER K 65 -21.24 -27.17 -12.60
C SER K 65 -21.61 -26.97 -11.14
N VAL K 66 -20.60 -26.85 -10.30
CA VAL K 66 -20.85 -26.64 -8.89
C VAL K 66 -21.52 -25.31 -8.63
N ALA K 67 -21.04 -24.23 -9.26
CA ALA K 67 -21.64 -22.91 -9.10
C ALA K 67 -23.09 -22.91 -9.56
N GLY K 68 -23.37 -23.68 -10.61
CA GLY K 68 -24.72 -23.79 -11.16
C GLY K 68 -24.97 -22.86 -12.33
N TYR K 69 -23.90 -22.41 -12.99
CA TYR K 69 -24.06 -21.48 -14.10
C TYR K 69 -23.44 -21.93 -15.42
N ALA L 4 2.06 32.71 50.25
CA ALA L 4 2.03 32.71 48.79
C ALA L 4 0.79 33.42 48.29
N THR L 5 0.84 33.87 47.06
CA THR L 5 -0.29 34.55 46.45
C THR L 5 -0.98 33.66 45.43
N ASP L 6 -0.49 32.42 45.27
CA ASP L 6 -1.13 31.53 44.33
C ASP L 6 -2.34 30.93 44.99
N LEU L 7 -3.47 31.48 44.63
CA LEU L 7 -4.74 31.15 45.21
C LEU L 7 -5.12 29.70 44.98
N MET L 8 -4.55 29.06 43.96
CA MET L 8 -4.88 27.68 43.62
C MET L 8 -3.83 26.68 44.06
N LYS L 9 -2.83 27.12 44.83
CA LYS L 9 -1.70 26.28 45.22
C LYS L 9 -2.03 24.90 45.78
N SER L 10 -3.09 24.80 46.59
CA SER L 10 -3.41 23.54 47.24
C SER L 10 -3.75 22.40 46.28
N GLY L 11 -4.09 22.73 45.04
CA GLY L 11 -4.47 21.71 44.07
C GLY L 11 -3.38 20.69 43.75
N ASP L 12 -2.10 21.01 44.00
CA ASP L 12 -1.06 20.02 43.72
C ASP L 12 -1.21 18.71 44.46
N ALA L 13 -1.83 18.71 45.64
CA ALA L 13 -1.89 17.43 46.31
C ALA L 13 -2.62 16.38 45.48
N THR L 14 -3.73 16.75 44.83
CA THR L 14 -4.43 15.73 44.08
C THR L 14 -4.02 15.72 42.66
N VAL L 15 -3.48 16.81 42.15
CA VAL L 15 -3.08 16.71 40.78
C VAL L 15 -1.89 15.80 40.72
N LYS L 16 -0.93 15.97 41.60
CA LYS L 16 0.20 15.10 41.57
C LYS L 16 -0.23 13.67 41.85
N GLY L 17 -1.09 13.49 42.85
CA GLY L 17 -1.57 12.17 43.16
C GLY L 17 -2.15 11.46 41.95
N THR L 18 -3.12 12.08 41.29
CA THR L 18 -3.76 11.45 40.15
C THR L 18 -3.04 11.52 38.81
N PHE L 19 -2.37 12.60 38.50
CA PHE L 19 -1.76 12.68 37.19
C PHE L 19 -0.22 12.67 37.12
N GLY L 20 0.49 12.54 38.23
CA GLY L 20 1.95 12.54 38.13
C GLY L 20 2.49 11.18 37.74
N LYS L 21 3.80 11.06 37.70
CA LYS L 21 4.45 9.84 37.25
C LYS L 21 3.99 8.55 37.92
N GLN L 22 3.77 8.59 39.21
CA GLN L 22 3.43 7.39 39.96
C GLN L 22 1.94 7.11 40.06
N SER L 23 1.10 7.92 39.44
CA SER L 23 -0.32 7.72 39.60
C SER L 23 -0.87 6.55 38.86
N SER L 24 -2.07 6.13 39.25
CA SER L 24 -2.70 5.05 38.53
C SER L 24 -2.99 5.40 37.09
N VAL L 25 -3.30 6.65 36.80
CA VAL L 25 -3.57 6.97 35.41
C VAL L 25 -2.34 6.80 34.57
N VAL L 26 -1.21 7.29 35.05
CA VAL L 26 -0.02 7.18 34.24
C VAL L 26 0.37 5.72 34.07
N LYS L 27 0.29 4.95 35.14
CA LYS L 27 0.64 3.56 35.01
C LYS L 27 -0.24 2.86 33.99
N TRP L 28 -1.52 3.20 33.97
CA TRP L 28 -2.42 2.58 33.01
C TRP L 28 -2.01 2.91 31.59
N VAL L 29 -1.59 4.14 31.32
CA VAL L 29 -1.19 4.46 29.96
C VAL L 29 0.01 3.60 29.56
N VAL L 30 0.98 3.43 30.46
CA VAL L 30 2.11 2.60 30.10
C VAL L 30 1.66 1.16 29.86
N LEU L 31 0.81 0.64 30.73
CA LEU L 31 0.34 -0.70 30.52
C LEU L 31 -0.29 -0.85 29.17
N ALA L 32 -1.09 0.14 28.78
CA ALA L 32 -1.74 0.08 27.49
C ALA L 32 -0.74 -0.11 26.38
N GLU L 33 0.44 0.50 26.47
CA GLU L 33 1.38 0.25 25.41
C GLU L 33 1.85 -1.19 25.40
N VAL L 34 2.01 -1.81 26.55
CA VAL L 34 2.52 -3.17 26.48
C VAL L 34 1.51 -3.99 25.72
N VAL L 35 0.26 -3.79 26.03
CA VAL L 35 -0.75 -4.56 25.36
C VAL L 35 -0.79 -4.19 23.88
N ALA L 36 -0.77 -2.90 23.56
CA ALA L 36 -0.82 -2.46 22.18
C ALA L 36 0.34 -2.98 21.38
N GLY L 37 1.51 -2.99 21.96
CA GLY L 37 2.68 -3.48 21.30
C GLY L 37 2.45 -4.93 20.95
N GLY L 38 2.05 -5.71 21.94
CA GLY L 38 1.81 -7.12 21.73
C GLY L 38 0.82 -7.34 20.60
N ILE L 39 -0.38 -6.79 20.70
CA ILE L 39 -1.32 -7.06 19.63
C ILE L 39 -0.95 -6.50 18.29
N MET L 40 -0.33 -5.34 18.22
CA MET L 40 -0.05 -4.89 16.89
C MET L 40 1.10 -5.64 16.26
N TYR L 41 2.06 -6.04 17.06
CA TYR L 41 3.13 -6.82 16.50
C TYR L 41 2.56 -8.14 16.05
N MET L 42 1.71 -8.75 16.86
CA MET L 42 1.13 -10.03 16.47
C MET L 42 0.48 -9.88 15.10
N MET L 43 -0.32 -8.85 14.95
CA MET L 43 -1.01 -8.60 13.70
C MET L 43 -0.13 -8.30 12.51
N THR L 44 0.85 -7.43 12.67
CA THR L 44 1.63 -6.96 11.54
C THR L 44 3.09 -7.39 11.42
N LYS L 45 3.68 -7.81 12.51
CA LYS L 45 5.10 -8.12 12.62
C LYS L 45 6.00 -6.93 12.35
N ASN L 46 5.46 -5.73 12.50
CA ASN L 46 6.26 -4.55 12.30
C ASN L 46 6.94 -4.17 13.60
N VAL L 47 8.24 -4.28 13.63
CA VAL L 47 9.04 -4.08 14.83
C VAL L 47 8.81 -2.73 15.53
N LYS L 48 8.30 -1.73 14.83
CA LYS L 48 8.09 -0.43 15.45
C LYS L 48 7.15 -0.54 16.63
N PHE L 49 6.31 -1.55 16.64
CA PHE L 49 5.35 -1.70 17.70
C PHE L 49 6.00 -2.13 18.98
N LEU L 50 7.17 -2.72 18.89
CA LEU L 50 7.82 -3.21 20.07
C LEU L 50 8.66 -2.07 20.63
N PHE L 51 9.24 -1.27 19.75
CA PHE L 51 10.08 -0.17 20.20
C PHE L 51 9.28 0.89 20.89
N GLY L 52 8.02 1.01 20.51
CA GLY L 52 7.16 1.99 21.13
C GLY L 52 7.14 1.85 22.64
N PHE L 53 7.27 0.66 23.19
CA PHE L 53 7.25 0.57 24.64
C PHE L 53 8.40 1.32 25.27
N ALA L 54 9.61 1.04 24.81
CA ALA L 54 10.77 1.72 25.37
C ALA L 54 10.66 3.22 25.14
N ILE L 55 10.10 3.62 24.01
CA ILE L 55 9.95 5.04 23.71
C ILE L 55 9.01 5.73 24.66
N ILE L 56 7.85 5.15 24.90
CA ILE L 56 6.91 5.79 25.81
C ILE L 56 7.43 5.83 27.21
N SER L 57 8.02 4.75 27.70
CA SER L 57 8.55 4.78 29.04
C SER L 57 9.59 5.89 29.15
N THR L 58 10.46 5.99 28.16
CA THR L 58 11.48 7.02 28.21
C THR L 58 10.85 8.41 28.17
N PHE L 59 9.90 8.61 27.27
CA PHE L 59 9.24 9.90 27.15
C PHE L 59 8.58 10.34 28.41
N ILE L 60 7.79 9.48 29.02
CA ILE L 60 7.10 9.86 30.22
C ILE L 60 8.10 10.15 31.30
N THR L 61 9.14 9.33 31.44
CA THR L 61 10.11 9.58 32.47
C THR L 61 10.70 10.99 32.34
N ILE L 62 11.09 11.37 31.13
CA ILE L 62 11.65 12.70 30.95
C ILE L 62 10.61 13.78 31.16
N GLY L 63 9.46 13.61 30.56
CA GLY L 63 8.40 14.58 30.64
C GLY L 63 8.02 14.86 32.07
N MET L 64 7.77 13.83 32.85
CA MET L 64 7.36 14.04 34.22
C MET L 64 8.44 14.71 35.03
N SER L 65 9.70 14.38 34.79
CA SER L 65 10.77 15.03 35.50
C SER L 65 10.76 16.52 35.23
N VAL L 66 10.63 16.87 33.96
CA VAL L 66 10.59 18.26 33.58
C VAL L 66 9.35 18.96 34.13
N ALA L 67 8.19 18.34 34.02
CA ALA L 67 6.95 18.91 34.53
C ALA L 67 7.04 19.10 36.04
N GLY L 68 7.72 18.18 36.72
CA GLY L 68 7.90 18.23 38.16
C GLY L 68 6.87 17.42 38.93
N TYR L 69 6.27 16.43 38.27
CA TYR L 69 5.24 15.63 38.92
C TYR L 69 5.49 14.14 38.92
N ALA M 4 -16.01 20.05 -35.81
CA ALA M 4 -15.90 18.86 -34.97
C ALA M 4 -16.31 19.20 -33.55
N THR M 5 -16.68 18.17 -32.81
CA THR M 5 -17.08 18.33 -31.42
C THR M 5 -15.99 17.84 -30.48
N ASP M 6 -14.88 17.36 -31.03
CA ASP M 6 -13.81 16.90 -30.16
C ASP M 6 -13.04 18.10 -29.68
N LEU M 7 -13.33 18.47 -28.47
CA LEU M 7 -12.80 19.64 -27.83
C LEU M 7 -11.29 19.60 -27.69
N MET M 8 -10.72 18.40 -27.70
CA MET M 8 -9.28 18.23 -27.51
C MET M 8 -8.52 17.95 -28.82
N LYS M 9 -9.21 18.05 -29.95
CA LYS M 9 -8.63 17.69 -31.24
C LYS M 9 -7.26 18.26 -31.57
N SER M 10 -7.01 19.51 -31.21
CA SER M 10 -5.76 20.16 -31.55
C SER M 10 -4.52 19.51 -30.97
N GLY M 11 -4.67 18.70 -29.93
CA GLY M 11 -3.54 18.06 -29.29
C GLY M 11 -2.74 17.13 -30.20
N ASP M 12 -3.31 16.62 -31.30
CA ASP M 12 -2.53 15.75 -32.16
C ASP M 12 -1.27 16.39 -32.72
N ALA M 13 -1.22 17.70 -32.88
CA ALA M 13 0.00 18.23 -33.47
C ALA M 13 1.22 17.89 -32.61
N THR M 14 1.12 18.01 -31.30
CA THR M 14 2.30 17.74 -30.51
C THR M 14 2.34 16.33 -30.05
N VAL M 15 1.20 15.67 -29.97
CA VAL M 15 1.31 14.30 -29.55
C VAL M 15 1.98 13.53 -30.65
N LYS M 16 1.56 13.73 -31.89
CA LYS M 16 2.20 13.01 -32.95
C LYS M 16 3.65 13.41 -33.05
N GLY M 17 3.93 14.72 -32.96
CA GLY M 17 5.30 15.17 -33.00
C GLY M 17 6.19 14.46 -31.99
N THR M 18 5.81 14.50 -30.73
CA THR M 18 6.63 13.90 -29.69
C THR M 18 6.53 12.39 -29.51
N PHE M 19 5.36 11.81 -29.65
CA PHE M 19 5.25 10.39 -29.39
C PHE M 19 4.97 9.46 -30.59
N GLY M 20 4.88 9.97 -31.81
CA GLY M 20 4.61 9.08 -32.93
C GLY M 20 5.86 8.37 -33.41
N LYS M 21 5.73 7.58 -34.47
CA LYS M 21 6.83 6.78 -34.98
C LYS M 21 8.13 7.53 -35.23
N GLN M 22 8.04 8.72 -35.79
CA GLN M 22 9.23 9.46 -36.16
C GLN M 22 9.80 10.37 -35.08
N SER M 23 9.20 10.37 -33.90
CA SER M 23 9.66 11.30 -32.88
C SER M 23 10.96 10.93 -32.26
N SER M 24 11.58 11.91 -31.61
CA SER M 24 12.81 11.62 -30.92
C SER M 24 12.62 10.63 -29.80
N VAL M 25 11.48 10.62 -29.14
CA VAL M 25 11.31 9.65 -28.07
C VAL M 25 11.30 8.24 -28.63
N VAL M 26 10.58 8.03 -29.70
CA VAL M 26 10.51 6.68 -30.22
C VAL M 26 11.87 6.25 -30.73
N LYS M 27 12.57 7.14 -31.42
CA LYS M 27 13.87 6.76 -31.91
C LYS M 27 14.80 6.38 -30.77
N TRP M 28 14.72 7.10 -29.66
CA TRP M 28 15.56 6.78 -28.53
C TRP M 28 15.26 5.41 -27.98
N VAL M 29 14.00 5.01 -27.93
CA VAL M 29 13.70 3.68 -27.42
C VAL M 29 14.33 2.63 -28.34
N VAL M 30 14.24 2.80 -29.64
CA VAL M 30 14.87 1.84 -30.53
C VAL M 30 16.38 1.81 -30.32
N LEU M 31 16.99 2.98 -30.22
CA LEU M 31 18.42 3.01 -29.99
C LEU M 31 18.77 2.24 -28.75
N ALA M 32 17.98 2.41 -27.70
CA ALA M 32 18.25 1.72 -26.46
C ALA M 32 18.33 0.24 -26.68
N GLU M 33 17.50 -0.32 -27.55
CA GLU M 33 17.63 -1.75 -27.77
C GLU M 33 18.95 -2.10 -28.42
N VAL M 34 19.45 -1.27 -29.32
CA VAL M 34 20.69 -1.68 -29.96
C VAL M 34 21.74 -1.79 -28.89
N VAL M 35 21.77 -0.81 -28.02
CA VAL M 35 22.76 -0.85 -26.98
C VAL M 35 22.52 -2.01 -26.04
N ALA M 36 21.26 -2.22 -25.64
CA ALA M 36 20.94 -3.30 -24.72
C ALA M 36 21.29 -4.65 -25.30
N GLY M 37 21.03 -4.83 -26.57
CA GLY M 37 21.34 -6.06 -27.24
C GLY M 37 22.82 -6.30 -27.15
N GLY M 38 23.58 -5.29 -27.53
CA GLY M 38 25.01 -5.41 -27.51
C GLY M 38 25.52 -5.79 -26.12
N ILE M 39 25.19 -5.00 -25.11
CA ILE M 39 25.73 -5.36 -23.81
C ILE M 39 25.19 -6.66 -23.23
N MET M 40 23.95 -6.99 -23.46
CA MET M 40 23.54 -8.22 -22.84
C MET M 40 24.09 -9.42 -23.56
N TYR M 41 24.26 -9.34 -24.86
CA TYR M 41 24.83 -10.44 -25.56
C TYR M 41 26.28 -10.56 -25.11
N MET M 42 26.98 -9.44 -25.01
CA MET M 42 28.38 -9.50 -24.58
C MET M 42 28.44 -10.26 -23.27
N MET M 43 27.60 -9.87 -22.32
CA MET M 43 27.58 -10.52 -21.03
C MET M 43 27.20 -11.97 -21.00
N THR M 44 26.15 -12.35 -21.71
CA THR M 44 25.61 -13.69 -21.59
C THR M 44 25.76 -14.63 -22.78
N LYS M 45 25.98 -14.09 -23.96
CA LYS M 45 26.01 -14.82 -25.22
C LYS M 45 24.68 -15.49 -25.55
N ASN M 46 23.61 -15.00 -24.96
CA ASN M 46 22.31 -15.55 -25.26
C ASN M 46 21.72 -14.84 -26.46
N VAL M 47 21.57 -15.56 -27.55
CA VAL M 47 21.13 -15.02 -28.81
C VAL M 47 19.82 -14.23 -28.76
N LYS M 48 18.98 -14.47 -27.76
CA LYS M 48 17.71 -13.77 -27.68
C LYS M 48 17.90 -12.28 -27.61
N PHE M 49 19.06 -11.84 -27.15
CA PHE M 49 19.31 -10.45 -27.00
C PHE M 49 19.53 -9.78 -28.32
N LEU M 50 19.88 -10.54 -29.33
CA LEU M 50 20.14 -9.96 -30.62
C LEU M 50 18.84 -9.91 -31.38
N PHE M 51 18.00 -10.93 -31.18
CA PHE M 51 16.73 -10.97 -31.90
C PHE M 51 15.80 -9.89 -31.44
N GLY M 52 15.95 -9.49 -30.19
CA GLY M 52 15.11 -8.44 -29.65
C GLY M 52 15.14 -7.19 -30.51
N PHE M 53 16.25 -6.87 -31.17
CA PHE M 53 16.24 -5.67 -31.97
C PHE M 53 15.24 -5.77 -33.11
N ALA M 54 15.31 -6.84 -33.87
CA ALA M 54 14.38 -7.00 -34.98
C ALA M 54 12.95 -7.05 -34.47
N ILE M 55 12.75 -7.63 -33.29
CA ILE M 55 11.41 -7.73 -32.73
C ILE M 55 10.85 -6.38 -32.37
N ILE M 56 11.62 -5.55 -31.70
CA ILE M 56 11.13 -4.24 -31.33
C ILE M 56 10.87 -3.38 -32.52
N SER M 57 11.78 -3.37 -33.47
CA SER M 57 11.56 -2.56 -34.66
C SER M 57 10.26 -3.00 -35.34
N THR M 58 10.07 -4.31 -35.46
CA THR M 58 8.86 -4.78 -36.09
C THR M 58 7.63 -4.39 -35.30
N PHE M 59 7.67 -4.57 -33.98
CA PHE M 59 6.56 -4.25 -33.13
C PHE M 59 6.16 -2.80 -33.23
N ILE M 60 7.12 -1.90 -33.10
CA ILE M 60 6.79 -0.50 -33.16
C ILE M 60 6.24 -0.16 -34.51
N THR M 61 6.82 -0.67 -35.57
CA THR M 61 6.31 -0.36 -36.89
C THR M 61 4.84 -0.74 -36.99
N ILE M 62 4.47 -1.93 -36.55
CA ILE M 62 3.08 -2.32 -36.64
C ILE M 62 2.20 -1.51 -35.72
N GLY M 63 2.63 -1.36 -34.48
CA GLY M 63 1.88 -0.64 -33.48
C GLY M 63 1.59 0.77 -33.94
N MET M 64 2.59 1.50 -34.37
CA MET M 64 2.36 2.86 -34.78
C MET M 64 1.44 2.97 -35.96
N SER M 65 1.54 2.02 -36.90
CA SER M 65 0.65 2.06 -38.04
C SER M 65 -0.79 1.91 -37.57
N VAL M 66 -1.02 0.96 -36.69
CA VAL M 66 -2.35 0.74 -36.17
C VAL M 66 -2.83 1.93 -35.34
N ALA M 67 -1.99 2.46 -34.47
CA ALA M 67 -2.34 3.60 -33.65
C ALA M 67 -2.65 4.81 -34.52
N GLY M 68 -1.94 4.94 -35.65
CA GLY M 68 -2.11 6.03 -36.58
C GLY M 68 -1.17 7.20 -36.35
N TYR M 69 -0.05 6.95 -35.69
CA TYR M 69 0.89 8.02 -35.40
C TYR M 69 2.31 7.80 -35.90
N ALA N 4 1.50 61.82 4.72
CA ALA N 4 0.76 60.65 4.26
C ALA N 4 -0.60 60.60 4.91
N THR N 5 -1.52 59.89 4.28
CA THR N 5 -2.85 59.74 4.81
C THR N 5 -3.07 58.35 5.40
N ASP N 6 -2.02 57.51 5.36
CA ASP N 6 -2.17 56.19 5.93
C ASP N 6 -2.01 56.28 7.42
N LEU N 7 -3.14 56.26 8.08
CA LEU N 7 -3.25 56.45 9.50
C LEU N 7 -2.51 55.38 10.29
N MET N 8 -2.28 54.22 9.68
CA MET N 8 -1.63 53.10 10.34
C MET N 8 -0.17 52.91 9.95
N LYS N 9 0.37 53.86 9.19
CA LYS N 9 1.72 53.72 8.65
C LYS N 9 2.83 53.33 9.62
N SER N 10 2.79 53.85 10.84
CA SER N 10 3.84 53.61 11.81
C SER N 10 4.01 52.13 12.20
N GLY N 11 3.00 51.32 11.95
CA GLY N 11 3.06 49.92 12.33
C GLY N 11 4.17 49.12 11.64
N ASP N 12 4.68 49.59 10.50
CA ASP N 12 5.76 48.83 9.87
C ASP N 12 6.99 48.63 10.72
N ALA N 13 7.28 49.52 11.67
CA ALA N 13 8.49 49.29 12.42
C ALA N 13 8.46 47.96 13.14
N THR N 14 7.34 47.60 13.75
CA THR N 14 7.35 46.35 14.49
C THR N 14 6.86 45.22 13.65
N VAL N 15 6.09 45.50 12.62
CA VAL N 15 5.67 44.38 11.84
C VAL N 15 6.87 43.85 11.12
N LYS N 16 7.67 44.72 10.53
CA LYS N 16 8.83 44.23 9.84
C LYS N 16 9.78 43.60 10.84
N GLY N 17 9.99 44.22 11.99
CA GLY N 17 10.84 43.65 12.99
C GLY N 17 10.46 42.22 13.35
N THR N 18 9.21 42.01 13.74
CA THR N 18 8.77 40.69 14.14
C THR N 18 8.42 39.70 13.04
N PHE N 19 7.82 40.13 11.96
CA PHE N 19 7.42 39.18 10.95
C PHE N 19 8.14 39.20 9.60
N GLY N 20 9.14 40.06 9.40
CA GLY N 20 9.81 40.07 8.12
C GLY N 20 10.86 38.97 8.00
N LYS N 21 11.57 38.94 6.90
CA LYS N 21 12.54 37.89 6.62
C LYS N 21 13.56 37.63 7.72
N GLN N 22 14.07 38.67 8.33
CA GLN N 22 15.12 38.53 9.32
C GLN N 22 14.64 38.36 10.75
N SER N 23 13.34 38.30 10.97
CA SER N 23 12.86 38.22 12.33
C SER N 23 13.06 36.89 12.98
N SER N 24 12.96 36.89 14.30
CA SER N 24 13.07 35.64 15.01
C SER N 24 11.95 34.67 14.65
N VAL N 25 10.77 35.18 14.36
CA VAL N 25 9.71 34.25 14.02
C VAL N 25 10.02 33.53 12.72
N VAL N 26 10.46 34.27 11.73
CA VAL N 26 10.73 33.62 10.46
C VAL N 26 11.87 32.65 10.60
N LYS N 27 12.92 33.03 11.32
CA LYS N 27 14.02 32.12 11.47
C LYS N 27 13.58 30.84 12.15
N TRP N 28 12.69 30.94 13.12
CA TRP N 28 12.23 29.75 13.81
C TRP N 28 11.47 28.84 12.87
N VAL N 29 10.68 29.38 11.96
CA VAL N 29 9.97 28.51 11.03
C VAL N 29 10.97 27.75 10.17
N VAL N 30 12.00 28.42 9.68
CA VAL N 30 12.99 27.71 8.90
C VAL N 30 13.68 26.63 9.72
N LEU N 31 14.07 26.96 10.94
CA LEU N 31 14.68 25.96 11.78
C LEU N 31 13.80 24.76 11.93
N ALA N 32 12.51 24.99 12.11
CA ALA N 32 11.59 23.90 12.28
C ALA N 32 11.67 22.95 11.10
N GLU N 33 11.87 23.45 9.89
CA GLU N 33 11.97 22.51 8.79
C GLU N 33 13.22 21.67 8.91
N VAL N 34 14.32 22.23 9.40
CA VAL N 34 15.51 21.39 9.43
C VAL N 34 15.22 20.23 10.34
N VAL N 35 14.62 20.52 11.46
CA VAL N 35 14.33 19.47 12.39
C VAL N 35 13.31 18.50 11.80
N ALA N 36 12.25 19.02 11.20
CA ALA N 36 11.21 18.18 10.62
C ALA N 36 11.76 17.29 9.54
N GLY N 37 12.63 17.82 8.72
CA GLY N 37 13.23 17.06 7.65
C GLY N 37 13.99 15.91 8.27
N GLY N 38 14.83 16.22 9.23
CA GLY N 38 15.61 15.18 9.88
C GLY N 38 14.73 14.09 10.44
N ILE N 39 13.78 14.43 11.31
CA ILE N 39 12.99 13.36 11.88
C ILE N 39 12.10 12.64 10.88
N MET N 40 11.54 13.32 9.91
CA MET N 40 10.69 12.54 9.05
C MET N 40 11.48 11.66 8.12
N TYR N 41 12.65 12.11 7.70
CA TYR N 41 13.45 11.27 6.86
C TYR N 41 13.88 10.08 7.69
N MET N 42 14.31 10.31 8.93
CA MET N 42 14.74 9.20 9.76
C MET N 42 13.63 8.17 9.81
N MET N 43 12.41 8.61 10.08
CA MET N 43 11.29 7.72 10.16
C MET N 43 10.91 7.00 8.89
N THR N 44 10.86 7.71 7.77
CA THR N 44 10.33 7.13 6.54
C THR N 44 11.31 6.86 5.40
N LYS N 45 12.44 7.52 5.40
CA LYS N 45 13.43 7.49 4.33
C LYS N 45 12.87 8.05 3.02
N ASN N 46 11.83 8.85 3.10
CA ASN N 46 11.28 9.45 1.91
C ASN N 46 12.00 10.76 1.62
N VAL N 47 12.73 10.79 0.53
CA VAL N 47 13.58 11.91 0.17
C VAL N 47 12.85 13.26 0.12
N LYS N 48 11.54 13.27 -0.05
CA LYS N 48 10.81 14.54 -0.12
C LYS N 48 11.02 15.36 1.12
N PHE N 49 11.34 14.71 2.23
CA PHE N 49 11.48 15.41 3.47
C PHE N 49 12.75 16.21 3.51
N LEU N 50 13.70 15.86 2.67
CA LEU N 50 14.96 16.55 2.67
C LEU N 50 14.84 17.72 1.73
N PHE N 51 14.12 17.53 0.63
CA PHE N 51 13.97 18.61 -0.35
C PHE N 51 13.17 19.75 0.19
N GLY N 52 12.27 19.44 1.11
CA GLY N 52 11.46 20.47 1.71
C GLY N 52 12.29 21.60 2.28
N PHE N 53 13.49 21.32 2.80
CA PHE N 53 14.26 22.43 3.33
C PHE N 53 14.60 23.45 2.27
N ALA N 54 15.17 22.99 1.16
CA ALA N 54 15.53 23.91 0.10
C ALA N 54 14.30 24.62 -0.42
N ILE N 55 13.17 23.91 -0.46
CA ILE N 55 11.95 24.52 -0.96
C ILE N 55 11.45 25.64 -0.07
N ILE N 56 11.41 25.41 1.23
CA ILE N 56 10.96 26.46 2.12
C ILE N 56 11.87 27.64 2.12
N SER N 57 13.17 27.42 2.17
CA SER N 57 14.08 28.54 2.15
C SER N 57 13.86 29.35 0.88
N THR N 58 13.73 28.68 -0.25
CA THR N 58 13.53 29.38 -1.49
C THR N 58 12.20 30.14 -1.47
N PHE N 59 11.13 29.50 -1.01
CA PHE N 59 9.83 30.12 -0.96
C PHE N 59 9.82 31.37 -0.12
N ILE N 60 10.35 31.28 1.09
CA ILE N 60 10.35 32.43 1.95
C ILE N 60 11.16 33.54 1.34
N THR N 61 12.32 33.22 0.79
CA THR N 61 13.14 34.24 0.20
C THR N 61 12.35 35.01 -0.87
N ILE N 62 11.67 34.30 -1.76
CA ILE N 62 10.91 34.98 -2.79
C ILE N 62 9.74 35.74 -2.22
N GLY N 63 8.99 35.08 -1.35
CA GLY N 63 7.81 35.68 -0.76
C GLY N 63 8.14 36.96 -0.05
N MET N 64 9.14 36.95 0.81
CA MET N 64 9.47 38.15 1.55
C MET N 64 9.92 39.27 0.64
N SER N 65 10.65 38.94 -0.42
CA SER N 65 11.08 39.97 -1.34
C SER N 65 9.88 40.64 -1.97
N VAL N 66 8.93 39.83 -2.41
CA VAL N 66 7.73 40.36 -3.01
C VAL N 66 6.90 41.14 -2.01
N ALA N 67 6.70 40.60 -0.81
CA ALA N 67 5.95 41.29 0.23
C ALA N 67 6.60 42.61 0.59
N GLY N 68 7.93 42.65 0.56
CA GLY N 68 8.70 43.84 0.87
C GLY N 68 9.15 43.90 2.32
N TYR N 69 9.23 42.75 2.99
CA TYR N 69 9.63 42.74 4.39
C TYR N 69 10.81 41.85 4.71
N ALA O 4 26.14 35.04 -5.51
CA ALA O 4 25.40 33.94 -6.12
C ALA O 4 23.99 33.91 -5.58
N THR O 5 23.10 33.30 -6.34
CA THR O 5 21.71 33.18 -5.94
C THR O 5 21.39 31.76 -5.47
N ASP O 6 22.40 30.88 -5.48
CA ASP O 6 22.15 29.53 -5.03
C ASP O 6 22.17 29.51 -3.52
N LEU O 7 20.99 29.50 -2.97
CA LEU O 7 20.77 29.59 -1.55
C LEU O 7 21.39 28.43 -0.79
N MET O 8 21.62 27.30 -1.46
CA MET O 8 22.17 26.12 -0.82
C MET O 8 23.65 25.89 -1.11
N LYS O 9 24.30 26.85 -1.75
CA LYS O 9 25.68 26.69 -2.19
C LYS O 9 26.67 26.18 -1.15
N SER O 10 26.55 26.61 0.09
CA SER O 10 27.51 26.24 1.12
C SER O 10 27.58 24.75 1.41
N GLY O 11 26.56 23.99 1.02
CA GLY O 11 26.52 22.58 1.30
C GLY O 11 27.65 21.77 0.65
N ASP O 12 28.28 22.28 -0.41
CA ASP O 12 29.37 21.52 -1.00
C ASP O 12 30.52 21.21 -0.06
N ALA O 13 30.77 22.01 0.96
CA ALA O 13 31.90 21.68 1.78
C ALA O 13 31.75 20.29 2.41
N THR O 14 30.56 19.95 2.90
CA THR O 14 30.45 18.66 3.54
C THR O 14 29.98 17.62 2.58
N VAL O 15 29.31 18.01 1.51
CA VAL O 15 28.92 16.96 0.61
C VAL O 15 30.15 16.42 -0.04
N LYS O 16 31.04 17.30 -0.49
CA LYS O 16 32.23 16.80 -1.11
C LYS O 16 33.06 16.04 -0.10
N GLY O 17 33.18 16.58 1.11
CA GLY O 17 33.94 15.89 2.14
C GLY O 17 33.46 14.46 2.35
N THR O 18 32.17 14.29 2.63
CA THR O 18 31.65 12.96 2.90
C THR O 18 31.34 12.08 1.70
N PHE O 19 30.86 12.61 0.60
CA PHE O 19 30.50 11.75 -0.50
C PHE O 19 31.34 11.83 -1.78
N GLY O 20 32.39 12.65 -1.83
CA GLY O 20 33.17 12.72 -3.06
C GLY O 20 34.17 11.58 -3.16
N LYS O 21 34.97 11.58 -4.21
CA LYS O 21 35.91 10.50 -4.47
C LYS O 21 36.82 10.12 -3.32
N GLN O 22 37.33 11.09 -2.59
CA GLN O 22 38.27 10.83 -1.53
C GLN O 22 37.68 10.58 -0.16
N SER O 23 36.35 10.57 -0.06
CA SER O 23 35.75 10.42 1.24
C SER O 23 35.84 9.05 1.82
N SER O 24 35.63 8.95 3.12
CA SER O 24 35.62 7.65 3.74
C SER O 24 34.50 6.78 3.22
N VAL O 25 33.37 7.35 2.87
CA VAL O 25 32.30 6.50 2.38
C VAL O 25 32.69 5.87 1.06
N VAL O 26 33.25 6.66 0.16
CA VAL O 26 33.59 6.08 -1.12
C VAL O 26 34.68 5.05 -0.97
N LYS O 27 35.67 5.33 -0.13
CA LYS O 27 36.73 4.35 0.04
C LYS O 27 36.17 3.04 0.58
N TRP O 28 35.21 3.13 1.49
CA TRP O 28 34.62 1.92 2.04
C TRP O 28 33.92 1.11 0.97
N VAL O 29 33.23 1.76 0.05
CA VAL O 29 32.57 0.99 -0.99
C VAL O 29 33.60 0.24 -1.83
N VAL O 30 34.70 0.89 -2.17
CA VAL O 30 35.71 0.19 -2.93
C VAL O 30 36.28 -0.98 -2.13
N LEU O 31 36.58 -0.76 -0.86
CA LEU O 31 37.07 -1.84 -0.05
C LEU O 31 36.13 -3.00 -0.06
N ALA O 32 34.84 -2.72 0.04
CA ALA O 32 33.86 -3.78 0.05
C ALA O 32 33.99 -4.64 -1.19
N GLU O 33 34.32 -4.07 -2.34
CA GLU O 33 34.48 -4.94 -3.48
C GLU O 33 35.68 -5.84 -3.33
N VAL O 34 36.76 -5.38 -2.73
CA VAL O 34 37.90 -6.27 -2.65
C VAL O 34 37.48 -7.48 -1.86
N VAL O 35 36.79 -7.23 -0.77
CA VAL O 35 36.38 -8.34 0.04
C VAL O 35 35.38 -9.21 -0.69
N ALA O 36 34.39 -8.59 -1.34
CA ALA O 36 33.38 -9.34 -2.06
C ALA O 36 33.97 -10.18 -3.15
N GLY O 37 34.94 -9.63 -3.86
CA GLY O 37 35.60 -10.35 -4.91
C GLY O 37 36.23 -11.58 -4.34
N GLY O 38 37.02 -11.39 -3.28
CA GLY O 38 37.68 -12.49 -2.66
C GLY O 38 36.71 -13.58 -2.25
N ILE O 39 35.71 -13.25 -1.44
CA ILE O 39 34.83 -14.32 -1.02
C ILE O 39 33.99 -14.92 -2.12
N MET O 40 33.54 -14.15 -3.09
CA MET O 40 32.74 -14.83 -4.07
C MET O 40 33.57 -15.67 -5.00
N TYR O 41 34.78 -15.26 -5.28
CA TYR O 41 35.61 -16.07 -6.12
C TYR O 41 35.93 -17.34 -5.34
N MET O 42 36.26 -17.21 -4.06
CA MET O 42 36.56 -18.39 -3.28
C MET O 42 35.41 -19.38 -3.40
N MET O 43 34.20 -18.90 -3.19
CA MET O 43 33.03 -19.74 -3.27
C MET O 43 32.73 -20.35 -4.62
N THR O 44 32.80 -19.56 -5.68
CA THR O 44 32.37 -20.02 -6.99
C THR O 44 33.41 -20.26 -8.06
N LYS O 45 34.58 -19.66 -7.92
CA LYS O 45 35.64 -19.66 -8.92
C LYS O 45 35.24 -18.99 -10.22
N ASN O 46 34.22 -18.14 -10.17
CA ASN O 46 33.80 -17.44 -11.35
C ASN O 46 34.59 -16.15 -11.48
N VAL O 47 35.42 -16.09 -12.50
CA VAL O 47 36.34 -14.98 -12.70
C VAL O 47 35.69 -13.59 -12.72
N LYS O 48 34.39 -13.51 -13.00
CA LYS O 48 33.73 -12.20 -13.03
C LYS O 48 33.87 -11.48 -11.72
N PHE O 49 34.06 -12.23 -10.64
CA PHE O 49 34.13 -11.62 -9.34
C PHE O 49 35.43 -10.89 -9.16
N LEU O 50 36.43 -11.23 -9.92
CA LEU O 50 37.72 -10.60 -9.77
C LEU O 50 37.73 -9.36 -10.63
N PHE O 51 37.09 -9.44 -11.80
CA PHE O 51 37.08 -8.29 -12.70
C PHE O 51 36.28 -7.16 -12.15
N GLY O 52 35.30 -7.48 -11.33
CA GLY O 52 34.48 -6.45 -10.73
C GLY O 52 35.31 -5.41 -10.00
N PHE O 53 36.45 -5.78 -9.42
CA PHE O 53 37.21 -4.75 -8.73
C PHE O 53 37.70 -3.68 -9.69
N ALA O 54 38.33 -4.10 -10.78
CA ALA O 54 38.83 -3.12 -11.73
C ALA O 54 37.67 -2.31 -12.31
N ILE O 55 36.52 -2.96 -12.49
CA ILE O 55 35.38 -2.26 -13.04
C ILE O 55 34.87 -1.18 -12.11
N ILE O 56 34.71 -1.49 -10.84
CA ILE O 56 34.22 -0.49 -9.92
C ILE O 56 35.18 0.65 -9.76
N SER O 57 36.46 0.35 -9.62
CA SER O 57 37.41 1.43 -9.47
C SER O 57 37.34 2.34 -10.70
N THR O 58 37.27 1.74 -11.89
CA THR O 58 37.21 2.55 -13.08
C THR O 58 35.92 3.38 -13.12
N PHE O 59 34.80 2.75 -12.80
CA PHE O 59 33.51 3.43 -12.80
C PHE O 59 33.50 4.62 -11.88
N ILE O 60 33.92 4.42 -10.64
CA ILE O 60 33.88 5.51 -9.70
C ILE O 60 34.80 6.60 -10.16
N THR O 61 35.98 6.26 -10.64
CA THR O 61 36.89 7.30 -11.09
C THR O 61 36.24 8.17 -12.15
N ILE O 62 35.60 7.56 -13.14
CA ILE O 62 34.97 8.35 -14.18
C ILE O 62 33.78 9.12 -13.65
N GLY O 63 32.94 8.45 -12.90
CA GLY O 63 31.74 9.05 -12.36
C GLY O 63 32.06 10.28 -11.54
N MET O 64 32.99 10.15 -10.60
CA MET O 64 33.30 11.27 -9.75
C MET O 64 33.88 12.42 -10.54
N SER O 65 34.69 12.14 -11.55
CA SER O 65 35.24 13.22 -12.36
C SER O 65 34.12 13.98 -13.03
N VAL O 66 33.18 13.25 -13.61
CA VAL O 66 32.06 13.88 -14.26
C VAL O 66 31.18 14.63 -13.28
N ALA O 67 30.86 14.02 -12.15
CA ALA O 67 30.04 14.67 -11.12
C ALA O 67 30.72 15.93 -10.62
N GLY O 68 32.05 15.90 -10.54
CA GLY O 68 32.85 17.03 -10.06
C GLY O 68 33.17 16.96 -8.59
N TYR O 69 33.15 15.77 -8.00
CA TYR O 69 33.42 15.64 -6.58
C TYR O 69 34.53 14.67 -6.22
N ALA P 4 -42.19 42.79 -20.76
CA ALA P 4 -41.94 41.68 -19.84
C ALA P 4 -42.26 42.09 -18.42
N THR P 5 -42.52 41.11 -17.59
CA THR P 5 -42.81 41.36 -16.19
C THR P 5 -41.63 40.99 -15.31
N ASP P 6 -40.54 40.52 -15.91
CA ASP P 6 -39.38 40.18 -15.11
C ASP P 6 -38.63 41.44 -14.78
N LEU P 7 -38.83 41.88 -13.57
CA LEU P 7 -38.32 43.12 -13.07
C LEU P 7 -36.80 43.15 -13.06
N MET P 8 -36.16 41.98 -13.03
CA MET P 8 -34.72 41.89 -12.96
C MET P 8 -34.06 41.55 -14.29
N LYS P 9 -34.83 41.54 -15.37
CA LYS P 9 -34.35 41.11 -16.69
C LYS P 9 -33.04 41.72 -17.16
N SER P 10 -32.82 43.00 -16.90
CA SER P 10 -31.65 43.68 -17.40
C SER P 10 -30.32 43.12 -16.89
N GLY P 11 -30.36 42.38 -15.78
CA GLY P 11 -29.14 41.85 -15.20
C GLY P 11 -28.36 40.88 -16.10
N ASP P 12 -29.01 40.28 -17.11
CA ASP P 12 -28.25 39.38 -17.97
C ASP P 12 -27.08 40.02 -18.68
N ALA P 13 -27.11 41.33 -18.94
CA ALA P 13 -25.97 41.87 -19.66
C ALA P 13 -24.67 41.64 -18.91
N THR P 14 -24.67 41.85 -17.59
CA THR P 14 -23.41 41.69 -16.89
C THR P 14 -23.26 40.33 -16.34
N VAL P 15 -24.35 39.62 -16.12
CA VAL P 15 -24.15 38.30 -15.61
C VAL P 15 -23.53 37.48 -16.71
N LYS P 16 -24.06 37.57 -17.92
CA LYS P 16 -23.47 36.80 -18.98
C LYS P 16 -22.05 37.27 -19.22
N GLY P 17 -21.84 38.58 -19.24
CA GLY P 17 -20.50 39.09 -19.45
C GLY P 17 -19.50 38.50 -18.47
N THR P 18 -19.77 38.60 -17.18
CA THR P 18 -18.83 38.11 -16.18
C THR P 18 -18.85 36.63 -15.88
N PHE P 19 -20.01 35.98 -15.89
CA PHE P 19 -20.02 34.58 -15.53
C PHE P 19 -20.35 33.56 -16.62
N GLY P 20 -20.56 33.97 -17.86
CA GLY P 20 -20.88 32.99 -18.89
C GLY P 20 -19.64 32.31 -19.42
N LYS P 21 -19.81 31.45 -20.41
CA LYS P 21 -18.72 30.65 -20.96
C LYS P 21 -17.49 31.42 -21.38
N GLN P 22 -17.67 32.57 -22.00
CA GLN P 22 -16.56 33.35 -22.52
C GLN P 22 -15.96 34.36 -21.56
N SER P 23 -16.45 34.41 -20.33
CA SER P 23 -15.97 35.43 -19.43
C SER P 23 -14.59 35.17 -18.90
N SER P 24 -13.98 36.22 -18.36
CA SER P 24 -12.68 36.04 -17.77
C SER P 24 -12.72 35.11 -16.57
N VAL P 25 -13.80 35.11 -15.82
CA VAL P 25 -13.84 34.22 -14.67
C VAL P 25 -13.82 32.77 -15.12
N VAL P 26 -14.63 32.44 -16.11
CA VAL P 26 -14.66 31.07 -16.54
C VAL P 26 -13.33 30.66 -17.13
N LYS P 27 -12.73 31.52 -17.93
CA LYS P 27 -11.46 31.17 -18.51
C LYS P 27 -10.43 30.91 -17.43
N TRP P 28 -10.45 31.71 -16.37
CA TRP P 28 -9.50 31.51 -15.29
C TRP P 28 -9.69 30.16 -14.62
N VAL P 29 -10.92 29.72 -14.44
CA VAL P 29 -11.10 28.41 -13.82
C VAL P 29 -10.49 27.33 -14.71
N VAL P 30 -10.71 27.40 -16.01
CA VAL P 30 -10.11 26.41 -16.87
C VAL P 30 -8.58 26.46 -16.80
N LEU P 31 -8.02 27.66 -16.83
CA LEU P 31 -6.59 27.77 -16.72
C LEU P 31 -6.09 27.10 -15.47
N ALA P 32 -6.80 27.32 -14.37
CA ALA P 32 -6.39 26.74 -13.12
C ALA P 32 -6.27 25.25 -13.24
N GLU P 33 -7.13 24.59 -14.00
CA GLU P 33 -6.95 23.16 -14.12
C GLU P 33 -5.67 22.82 -14.86
N VAL P 34 -5.29 23.61 -15.86
CA VAL P 34 -4.09 23.20 -16.57
C VAL P 34 -2.95 23.22 -15.58
N VAL P 35 -2.90 24.26 -14.79
CA VAL P 35 -1.83 24.35 -13.84
C VAL P 35 -1.93 23.25 -12.80
N ALA P 36 -3.13 23.01 -12.27
CA ALA P 36 -3.33 21.98 -11.26
C ALA P 36 -2.96 20.61 -11.78
N GLY P 37 -3.31 20.33 -13.00
CA GLY P 37 -3.00 19.06 -13.61
C GLY P 37 -1.51 18.91 -13.63
N GLY P 38 -0.82 19.91 -14.15
CA GLY P 38 0.61 19.86 -14.23
C GLY P 38 1.24 19.61 -12.88
N ILE P 39 0.96 20.45 -11.89
CA ILE P 39 1.61 20.20 -10.63
C ILE P 39 1.20 18.94 -9.92
N MET P 40 -0.05 18.53 -10.01
CA MET P 40 -0.34 17.33 -9.28
C MET P 40 0.21 16.10 -9.96
N TYR P 41 0.27 16.11 -11.27
CA TYR P 41 0.84 14.97 -11.94
C TYR P 41 2.32 14.95 -11.61
N MET P 42 2.97 16.11 -11.64
CA MET P 42 4.39 16.15 -11.33
C MET P 42 4.61 15.49 -9.98
N MET P 43 3.83 15.91 -9.00
CA MET P 43 3.96 15.36 -7.65
C MET P 43 3.64 13.89 -7.49
N THR P 44 2.56 13.43 -8.09
CA THR P 44 2.10 12.06 -7.84
C THR P 44 2.20 11.05 -8.97
N LYS P 45 2.30 11.51 -10.20
CA LYS P 45 2.26 10.70 -11.40
C LYS P 45 0.95 9.95 -11.57
N ASN P 46 -0.11 10.43 -10.92
CA ASN P 46 -1.40 9.80 -11.07
C ASN P 46 -2.12 10.40 -12.26
N VAL P 47 -2.32 9.59 -13.28
CA VAL P 47 -2.88 10.02 -14.54
C VAL P 47 -4.23 10.75 -14.44
N LYS P 48 -4.97 10.54 -13.34
CA LYS P 48 -6.27 11.19 -13.21
C LYS P 48 -6.14 12.70 -13.26
N PHE P 49 -4.96 13.21 -12.92
CA PHE P 49 -4.77 14.62 -12.90
C PHE P 49 -4.70 15.21 -14.27
N LEU P 50 -4.39 14.38 -15.25
CA LEU P 50 -4.27 14.87 -16.60
C LEU P 50 -5.63 14.82 -17.25
N PHE P 51 -6.40 13.78 -16.91
CA PHE P 51 -7.72 13.63 -17.51
C PHE P 51 -8.66 14.69 -17.04
N GLY P 52 -8.43 15.20 -15.85
CA GLY P 52 -9.27 16.24 -15.31
C GLY P 52 -9.38 17.43 -16.26
N PHE P 53 -8.34 17.75 -17.02
CA PHE P 53 -8.48 18.88 -17.91
C PHE P 53 -9.56 18.65 -18.95
N ALA P 54 -9.51 17.53 -19.63
CA ALA P 54 -10.51 17.26 -20.64
C ALA P 54 -11.89 17.19 -20.01
N ILE P 55 -11.97 16.67 -18.79
CA ILE P 55 -13.25 16.56 -18.11
C ILE P 55 -13.84 17.91 -17.81
N ILE P 56 -13.05 18.82 -17.24
CA ILE P 56 -13.59 20.12 -16.93
C ILE P 56 -13.98 20.89 -18.16
N SER P 57 -13.15 20.87 -19.18
CA SER P 57 -13.51 21.58 -20.39
C SER P 57 -14.84 21.03 -20.92
N THR P 58 -14.97 19.71 -20.94
CA THR P 58 -16.21 19.14 -21.44
C THR P 58 -17.39 19.54 -20.56
N PHE P 59 -17.22 19.45 -19.25
CA PHE P 59 -18.29 19.79 -18.32
C PHE P 59 -18.76 21.20 -18.49
N ILE P 60 -17.84 22.15 -18.51
CA ILE P 60 -18.24 23.52 -18.64
C ILE P 60 -18.92 23.74 -19.96
N THR P 61 -18.40 23.18 -21.02
CA THR P 61 -19.02 23.37 -22.31
C THR P 61 -20.49 22.93 -22.27
N ILE P 62 -20.76 21.76 -21.72
CA ILE P 62 -22.13 21.29 -21.66
C ILE P 62 -22.97 22.13 -20.72
N GLY P 63 -22.45 22.40 -19.55
CA GLY P 63 -23.15 23.16 -18.54
C GLY P 63 -23.55 24.51 -19.06
N MET P 64 -22.63 25.24 -19.63
CA MET P 64 -22.95 26.56 -20.10
C MET P 64 -23.97 26.54 -21.21
N SER P 65 -23.90 25.54 -22.09
CA SER P 65 -24.89 25.45 -23.14
C SER P 65 -26.27 25.27 -22.55
N VAL P 66 -26.37 24.38 -21.58
CA VAL P 66 -27.65 24.14 -20.94
C VAL P 66 -28.12 25.36 -20.16
N ALA P 67 -27.23 25.99 -19.39
CA ALA P 67 -27.58 27.18 -18.63
C ALA P 67 -28.02 28.30 -19.56
N GLY P 68 -27.41 28.38 -20.74
CA GLY P 68 -27.71 29.40 -21.73
C GLY P 68 -26.82 30.61 -21.66
N TYR P 69 -25.63 30.47 -21.09
CA TYR P 69 -24.72 31.60 -20.95
C TYR P 69 -23.35 31.40 -21.54
N ALA Q 4 21.53 2.86 37.65
CA ALA Q 4 21.63 2.96 36.20
C ALA Q 4 20.46 3.76 35.66
N THR Q 5 20.64 4.29 34.46
CA THR Q 5 19.60 5.06 33.81
C THR Q 5 18.96 4.28 32.68
N ASP Q 6 19.41 3.03 32.47
CA ASP Q 6 18.81 2.24 31.42
C ASP Q 6 17.52 1.66 31.93
N LEU Q 7 16.46 2.29 31.52
CA LEU Q 7 15.11 1.99 31.96
C LEU Q 7 14.70 0.57 31.60
N MET Q 8 15.33 -0.02 30.58
CA MET Q 8 14.97 -1.35 30.12
C MET Q 8 15.93 -2.44 30.57
N LYS Q 9 16.88 -2.09 31.46
CA LYS Q 9 17.93 -3.02 31.87
C LYS Q 9 17.49 -4.41 32.30
N SER Q 10 16.38 -4.51 33.01
CA SER Q 10 15.93 -5.80 33.53
C SER Q 10 15.63 -6.84 32.47
N GLY Q 11 15.41 -6.43 31.24
CA GLY Q 11 15.07 -7.35 30.17
C GLY Q 11 16.14 -8.40 29.87
N ASP Q 12 17.40 -8.16 30.24
CA ASP Q 12 18.41 -9.18 29.97
C ASP Q 12 18.15 -10.53 30.60
N ALA Q 13 17.43 -10.59 31.72
CA ALA Q 13 17.25 -11.90 32.29
C ALA Q 13 16.56 -12.85 31.32
N THR Q 14 15.53 -12.39 30.62
CA THR Q 14 14.84 -13.31 29.75
C THR Q 14 15.37 -13.25 28.37
N VAL Q 15 16.00 -12.15 27.98
CA VAL Q 15 16.51 -12.17 26.64
C VAL Q 15 17.67 -13.13 26.61
N LYS Q 16 18.55 -13.08 27.58
CA LYS Q 16 19.65 -14.00 27.58
C LYS Q 16 19.13 -15.42 27.72
N GLY Q 17 18.18 -15.62 28.63
CA GLY Q 17 17.61 -16.94 28.80
C GLY Q 17 17.10 -17.53 27.50
N THR Q 18 16.22 -16.82 26.80
CA THR Q 18 15.66 -17.34 25.57
C THR Q 18 16.49 -17.22 24.31
N PHE Q 19 17.23 -16.14 24.13
CA PHE Q 19 17.97 -16.00 22.89
C PHE Q 19 19.49 -16.08 22.94
N GLY Q 20 20.11 -16.33 24.09
CA GLY Q 20 21.56 -16.39 24.13
C GLY Q 20 22.07 -17.76 23.67
N LYS Q 21 23.38 -17.94 23.73
CA LYS Q 21 24.01 -19.16 23.25
C LYS Q 21 23.44 -20.46 23.78
N GLN Q 22 23.11 -20.50 25.05
CA GLN Q 22 22.64 -21.73 25.67
C GLN Q 22 21.15 -21.94 25.63
N SER Q 23 20.40 -21.05 25.01
CA SER Q 23 18.96 -21.19 25.03
C SER Q 23 18.43 -22.27 24.17
N SER Q 24 17.19 -22.65 24.42
CA SER Q 24 16.57 -23.66 23.59
C SER Q 24 16.42 -23.19 22.16
N VAL Q 25 16.19 -21.92 21.94
CA VAL Q 25 16.05 -21.48 20.56
C VAL Q 25 17.34 -21.64 19.80
N VAL Q 26 18.45 -21.25 20.41
CA VAL Q 26 19.69 -21.37 19.68
C VAL Q 26 20.03 -22.83 19.46
N LYS Q 27 19.82 -23.67 20.45
CA LYS Q 27 20.13 -25.07 20.26
C LYS Q 27 19.31 -25.65 19.12
N TRP Q 28 18.05 -25.25 19.00
CA TRP Q 28 17.21 -25.75 17.94
C TRP Q 28 17.74 -25.34 16.58
N VAL Q 29 18.24 -24.12 16.44
CA VAL Q 29 18.78 -23.73 15.15
C VAL Q 29 19.97 -24.61 14.78
N VAL Q 30 20.85 -24.88 15.74
CA VAL Q 30 21.97 -25.76 15.42
C VAL Q 30 21.48 -27.15 15.04
N LEU Q 31 20.54 -27.69 15.80
CA LEU Q 31 20.02 -28.98 15.45
C LEU Q 31 19.50 -29.00 14.04
N ALA Q 32 18.79 -27.95 13.66
CA ALA Q 32 18.24 -27.88 12.33
C ALA Q 32 19.32 -28.05 11.30
N GLU Q 33 20.52 -27.51 11.53
CA GLU Q 33 21.54 -27.73 10.53
C GLU Q 33 21.94 -29.19 10.45
N VAL Q 34 21.98 -29.89 11.57
CA VAL Q 34 22.43 -31.27 11.43
C VAL Q 34 21.46 -31.98 10.53
N VAL Q 35 20.19 -31.74 10.76
CA VAL Q 35 19.21 -32.41 9.95
C VAL Q 35 19.30 -31.95 8.50
N ALA Q 36 19.42 -30.64 8.28
CA ALA Q 36 19.50 -30.10 6.94
C ALA Q 36 20.70 -30.63 6.19
N GLY Q 37 21.81 -30.73 6.86
CA GLY Q 37 23.01 -31.24 6.27
C GLY Q 37 22.76 -32.64 5.80
N GLY Q 38 22.24 -33.46 6.69
CA GLY Q 38 21.95 -34.84 6.35
C GLY Q 38 21.05 -34.95 5.14
N ILE Q 39 19.87 -34.32 5.18
CA ILE Q 39 19.02 -34.49 4.03
C ILE Q 39 19.53 -33.85 2.76
N MET Q 40 20.19 -32.72 2.83
CA MET Q 40 20.60 -32.19 1.56
C MET Q 40 21.77 -32.95 0.98
N TYR Q 41 22.63 -33.46 1.82
CA TYR Q 41 23.72 -34.25 1.30
C TYR Q 41 23.13 -35.50 0.70
N MET Q 42 22.19 -36.13 1.40
CA MET Q 42 21.60 -37.34 0.87
C MET Q 42 21.08 -37.06 -0.53
N MET Q 43 20.32 -35.99 -0.67
CA MET Q 43 19.77 -35.62 -1.97
C MET Q 43 20.75 -35.28 -3.05
N THR Q 44 21.76 -34.47 -2.74
CA THR Q 44 22.65 -33.96 -3.77
C THR Q 44 24.08 -34.46 -3.80
N LYS Q 45 24.57 -34.99 -2.69
CA LYS Q 45 25.96 -35.38 -2.49
C LYS Q 45 26.93 -34.22 -2.60
N ASN Q 46 26.43 -33.00 -2.42
CA ASN Q 46 27.29 -31.85 -2.46
C ASN Q 46 27.87 -31.60 -1.08
N VAL Q 47 29.17 -31.77 -0.95
CA VAL Q 47 29.87 -31.70 0.31
C VAL Q 47 29.63 -30.40 1.09
N LYS Q 48 29.24 -29.33 0.42
CA LYS Q 48 29.03 -28.05 1.12
C LYS Q 48 27.99 -28.20 2.21
N PHE Q 49 27.12 -29.18 2.08
CA PHE Q 49 26.06 -29.34 3.03
C PHE Q 49 26.57 -29.89 4.33
N LEU Q 50 27.72 -30.53 4.30
CA LEU Q 50 28.25 -31.13 5.48
C LEU Q 50 29.08 -30.08 6.20
N PHE Q 51 29.78 -29.25 5.42
CA PHE Q 51 30.62 -28.24 6.03
C PHE Q 51 29.81 -27.18 6.73
N GLY Q 52 28.60 -26.97 6.26
CA GLY Q 52 27.73 -25.99 6.87
C GLY Q 52 27.58 -26.23 8.37
N PHE Q 53 27.60 -27.47 8.84
CA PHE Q 53 27.45 -27.66 10.27
C PHE Q 53 28.59 -27.02 11.03
N ALA Q 54 29.82 -27.32 10.66
CA ALA Q 54 30.96 -26.74 11.36
C ALA Q 54 30.92 -25.21 11.23
N ILE Q 55 30.48 -24.71 10.09
CA ILE Q 55 30.43 -23.28 9.89
C ILE Q 55 29.43 -22.61 10.81
N ILE Q 56 28.24 -23.15 10.91
CA ILE Q 56 27.26 -22.53 11.78
C ILE Q 56 27.66 -22.60 13.22
N SER Q 57 28.15 -23.74 13.66
CA SER Q 57 28.56 -23.83 15.05
C SER Q 57 29.64 -22.79 15.32
N THR Q 58 30.60 -22.67 14.42
CA THR Q 58 31.65 -21.69 14.63
C THR Q 58 31.09 -20.28 14.64
N PHE Q 59 30.23 -19.96 13.69
CA PHE Q 59 29.63 -18.64 13.60
C PHE Q 59 28.90 -18.25 14.84
N ILE Q 60 28.02 -19.12 15.31
CA ILE Q 60 27.25 -18.79 16.49
C ILE Q 60 28.17 -18.62 17.66
N THR Q 61 29.14 -19.49 17.81
CA THR Q 61 30.04 -19.36 18.94
C THR Q 61 30.70 -17.99 18.95
N ILE Q 62 31.21 -17.54 17.81
CA ILE Q 62 31.84 -16.23 17.78
C ILE Q 62 30.84 -15.12 17.98
N GLY Q 63 29.73 -15.19 17.28
CA GLY Q 63 28.71 -14.17 17.35
C GLY Q 63 28.22 -13.96 18.76
N MET Q 64 27.86 -15.05 19.44
CA MET Q 64 27.35 -14.91 20.78
C MET Q 64 28.38 -14.34 21.73
N SER Q 65 29.64 -14.72 21.56
CA SER Q 65 30.68 -14.18 22.42
C SER Q 65 30.75 -12.67 22.24
N VAL Q 66 30.75 -12.23 21.00
CA VAL Q 66 30.81 -10.82 20.72
C VAL Q 66 29.55 -10.10 21.22
N ALA Q 67 28.38 -10.65 20.96
CA ALA Q 67 27.13 -10.06 21.41
C ALA Q 67 27.09 -9.96 22.93
N GLY Q 68 27.67 -10.97 23.60
CA GLY Q 68 27.73 -11.03 25.05
C GLY Q 68 26.60 -11.84 25.66
N TYR Q 69 26.01 -12.75 24.89
CA TYR Q 69 24.90 -13.54 25.40
C TYR Q 69 25.09 -15.04 25.30
N ALA R 4 -62.85 8.48 15.52
CA ALA R 4 -61.48 8.56 16.01
C ALA R 4 -61.22 9.92 16.62
N THR R 5 -60.23 9.99 17.48
CA THR R 5 -59.86 11.24 18.11
C THR R 5 -58.57 11.79 17.52
N ASP R 6 -58.00 11.10 16.55
CA ASP R 6 -56.78 11.59 15.94
C ASP R 6 -57.15 12.66 14.93
N LEU R 7 -56.97 13.87 15.36
CA LEU R 7 -57.34 15.05 14.64
C LEU R 7 -56.61 15.17 13.31
N MET R 8 -55.45 14.53 13.19
CA MET R 8 -54.63 14.61 11.99
C MET R 8 -54.73 13.39 11.09
N LYS R 9 -55.65 12.46 11.41
CA LYS R 9 -55.74 11.20 10.70
C LYS R 9 -55.78 11.25 9.18
N SER R 10 -56.45 12.23 8.62
CA SER R 10 -56.61 12.31 7.17
C SER R 10 -55.31 12.47 6.40
N GLY R 11 -54.24 12.90 7.07
CA GLY R 11 -52.97 13.12 6.41
C GLY R 11 -52.35 11.87 5.78
N ASP R 12 -52.74 10.67 6.23
CA ASP R 12 -52.15 9.49 5.60
C ASP R 12 -52.38 9.37 4.11
N ALA R 13 -53.46 9.94 3.57
CA ALA R 13 -53.63 9.75 2.16
C ALA R 13 -52.46 10.31 1.36
N THR R 14 -51.95 11.48 1.72
CA THR R 14 -50.88 12.02 0.93
C THR R 14 -49.55 11.66 1.49
N VAL R 15 -49.48 11.33 2.76
CA VAL R 15 -48.18 10.97 3.23
C VAL R 15 -47.83 9.64 2.63
N LYS R 16 -48.76 8.70 2.65
CA LYS R 16 -48.45 7.42 2.06
C LYS R 16 -48.20 7.59 0.58
N GLY R 17 -49.04 8.36 -0.10
CA GLY R 17 -48.84 8.59 -1.51
C GLY R 17 -47.44 9.08 -1.84
N THR R 18 -47.02 10.16 -1.20
CA THR R 18 -45.70 10.72 -1.50
C THR R 18 -44.50 10.06 -0.84
N PHE R 19 -44.62 9.61 0.40
CA PHE R 19 -43.44 9.06 1.03
C PHE R 19 -43.42 7.56 1.32
N GLY R 20 -44.44 6.79 0.95
CA GLY R 20 -44.41 5.36 1.24
C GLY R 20 -43.56 4.60 0.22
N LYS R 21 -43.53 3.29 0.36
CA LYS R 21 -42.70 2.44 -0.49
C LYS R 21 -42.85 2.64 -1.98
N GLN R 22 -44.08 2.83 -2.44
CA GLN R 22 -44.34 2.93 -3.87
C GLN R 22 -44.28 4.34 -4.43
N SER R 23 -43.96 5.32 -3.62
CA SER R 23 -43.99 6.68 -4.11
C SER R 23 -42.86 7.03 -5.02
N SER R 24 -43.04 8.12 -5.76
CA SER R 24 -41.98 8.56 -6.62
C SER R 24 -40.75 8.97 -5.84
N VAL R 25 -40.91 9.50 -4.65
CA VAL R 25 -39.71 9.88 -3.90
C VAL R 25 -38.90 8.65 -3.54
N VAL R 26 -39.56 7.63 -3.06
CA VAL R 26 -38.80 6.46 -2.66
C VAL R 26 -38.14 5.82 -3.88
N LYS R 27 -38.87 5.73 -4.97
CA LYS R 27 -38.27 5.13 -6.14
C LYS R 27 -37.03 5.91 -6.59
N TRP R 28 -37.09 7.22 -6.49
CA TRP R 28 -35.95 8.03 -6.89
C TRP R 28 -34.75 7.74 -6.01
N VAL R 29 -34.95 7.55 -4.71
CA VAL R 29 -33.81 7.26 -3.87
C VAL R 29 -33.16 5.93 -4.30
N VAL R 30 -33.97 4.93 -4.58
CA VAL R 30 -33.39 3.67 -5.03
C VAL R 30 -32.64 3.86 -6.34
N LEU R 31 -33.23 4.58 -7.28
CA LEU R 31 -32.55 4.81 -8.54
C LEU R 31 -31.21 5.45 -8.30
N ALA R 32 -31.17 6.41 -7.39
CA ALA R 32 -29.93 7.10 -7.11
C ALA R 32 -28.86 6.12 -6.72
N GLU R 33 -29.19 5.06 -5.98
CA GLU R 33 -28.15 4.12 -5.66
C GLU R 33 -27.64 3.41 -6.89
N VAL R 34 -28.50 3.09 -7.85
CA VAL R 34 -27.98 2.35 -8.98
C VAL R 34 -26.94 3.22 -9.64
N VAL R 35 -27.26 4.48 -9.80
CA VAL R 35 -26.32 5.35 -10.45
C VAL R 35 -25.08 5.51 -9.60
N ALA R 36 -25.23 5.73 -8.30
CA ALA R 36 -24.10 5.91 -7.41
C ALA R 36 -23.19 4.70 -7.40
N GLY R 37 -23.78 3.54 -7.40
CA GLY R 37 -23.03 2.31 -7.41
C GLY R 37 -22.19 2.29 -8.66
N GLY R 38 -22.82 2.51 -9.80
CA GLY R 38 -22.12 2.50 -11.05
C GLY R 38 -20.95 3.47 -11.04
N ILE R 39 -21.21 4.75 -10.78
CA ILE R 39 -20.07 5.65 -10.83
C ILE R 39 -19.03 5.43 -9.77
N MET R 40 -19.39 5.04 -8.57
CA MET R 40 -18.32 4.89 -7.64
C MET R 40 -17.50 3.66 -7.89
N TYR R 41 -18.14 2.60 -8.38
CA TYR R 41 -17.38 1.42 -8.69
C TYR R 41 -16.47 1.76 -9.85
N MET R 42 -16.99 2.46 -10.86
CA MET R 42 -16.15 2.82 -12.00
C MET R 42 -14.91 3.52 -11.49
N MET R 43 -15.09 4.51 -10.64
CA MET R 43 -13.99 5.26 -10.09
C MET R 43 -13.00 4.50 -9.23
N THR R 44 -13.51 3.68 -8.32
CA THR R 44 -12.64 3.03 -7.35
C THR R 44 -12.42 1.53 -7.44
N LYS R 45 -13.32 0.83 -8.10
CA LYS R 45 -13.36 -0.62 -8.18
C LYS R 45 -13.56 -1.27 -6.82
N ASN R 46 -14.09 -0.54 -5.87
CA ASN R 46 -14.36 -1.10 -4.57
C ASN R 46 -15.73 -1.74 -4.56
N VAL R 47 -15.76 -3.05 -4.43
CA VAL R 47 -16.97 -3.83 -4.53
C VAL R 47 -18.10 -3.39 -3.59
N LYS R 48 -17.78 -2.69 -2.51
CA LYS R 48 -18.82 -2.26 -1.57
C LYS R 48 -19.86 -1.40 -2.25
N PHE R 49 -19.47 -0.76 -3.34
CA PHE R 49 -20.37 0.12 -4.02
C PHE R 49 -21.44 -0.63 -4.75
N LEU R 50 -21.19 -1.89 -5.05
CA LEU R 50 -22.15 -2.65 -5.80
C LEU R 50 -23.09 -3.29 -4.81
N PHE R 51 -22.57 -3.69 -3.65
CA PHE R 51 -23.41 -4.34 -2.65
C PHE R 51 -24.40 -3.38 -2.06
N GLY R 52 -24.06 -2.11 -2.04
CA GLY R 52 -24.94 -1.11 -1.52
C GLY R 52 -26.32 -1.16 -2.17
N PHE R 53 -26.41 -1.52 -3.46
CA PHE R 53 -27.73 -1.56 -4.05
C PHE R 53 -28.62 -2.58 -3.37
N ALA R 54 -28.14 -3.80 -3.24
CA ALA R 54 -28.94 -4.84 -2.60
C ALA R 54 -29.25 -4.45 -1.18
N ILE R 55 -28.31 -3.79 -0.50
CA ILE R 55 -28.53 -3.39 0.87
C ILE R 55 -29.63 -2.36 1.00
N ILE R 56 -29.61 -1.33 0.17
CA ILE R 56 -30.66 -0.33 0.27
C ILE R 56 -32.00 -0.88 -0.08
N SER R 57 -32.09 -1.66 -1.14
CA SER R 57 -33.38 -2.22 -1.49
C SER R 57 -33.90 -3.05 -0.33
N THR R 58 -33.04 -3.87 0.27
CA THR R 58 -33.48 -4.68 1.38
C THR R 58 -33.92 -3.81 2.55
N PHE R 59 -33.11 -2.81 2.89
CA PHE R 59 -33.43 -1.92 3.99
C PHE R 59 -34.75 -1.24 3.84
N ILE R 60 -34.98 -0.64 2.69
CA ILE R 60 -36.22 0.06 2.48
C ILE R 60 -37.37 -0.90 2.55
N THR R 61 -37.24 -2.06 1.95
CA THR R 61 -38.33 -3.01 1.99
C THR R 61 -38.72 -3.33 3.43
N ILE R 62 -37.73 -3.61 4.28
CA ILE R 62 -38.05 -3.92 5.66
C ILE R 62 -38.60 -2.72 6.40
N GLY R 63 -37.94 -1.59 6.24
CA GLY R 63 -38.33 -0.37 6.92
C GLY R 63 -39.75 0.01 6.60
N MET R 64 -40.10 0.04 5.33
CA MET R 64 -41.45 0.44 4.97
C MET R 64 -42.48 -0.53 5.49
N SER R 65 -42.17 -1.82 5.51
CA SER R 65 -43.12 -2.78 6.04
C SER R 65 -43.38 -2.49 7.50
N VAL R 66 -42.31 -2.26 8.24
CA VAL R 66 -42.45 -1.96 9.65
C VAL R 66 -43.17 -0.63 9.88
N ALA R 67 -42.79 0.41 9.13
CA ALA R 67 -43.44 1.70 9.25
C ALA R 67 -44.92 1.61 8.92
N GLY R 68 -45.26 0.74 7.96
CA GLY R 68 -46.62 0.53 7.52
C GLY R 68 -47.02 1.38 6.32
N TYR R 69 -46.04 1.81 5.53
CA TYR R 69 -46.33 2.66 4.39
C TYR R 69 -45.81 2.14 3.06
N ALA S 4 -20.09 -28.85 24.18
CA ALA S 4 -18.78 -28.33 23.81
C ALA S 4 -18.83 -26.83 23.69
N THR S 5 -17.68 -26.20 23.81
CA THR S 5 -17.58 -24.76 23.69
C THR S 5 -16.96 -24.36 22.36
N ASP S 6 -16.64 -25.34 21.52
CA ASP S 6 -16.06 -25.00 20.23
C ASP S 6 -17.18 -24.62 19.30
N LEU S 7 -17.31 -23.34 19.13
CA LEU S 7 -18.37 -22.72 18.38
C LEU S 7 -18.35 -23.14 16.90
N MET S 8 -17.19 -23.56 16.41
CA MET S 8 -17.04 -23.94 15.01
C MET S 8 -17.03 -25.44 14.78
N LYS S 9 -17.30 -26.23 15.81
CA LYS S 9 -17.20 -27.69 15.74
C LYS S 9 -17.87 -28.37 14.55
N SER S 10 -19.04 -27.89 14.16
CA SER S 10 -19.79 -28.53 13.09
C SER S 10 -19.08 -28.55 11.74
N GLY S 11 -18.09 -27.70 11.55
CA GLY S 11 -17.39 -27.62 10.28
C GLY S 11 -16.66 -28.90 9.87
N ASP S 12 -16.34 -29.80 10.82
CA ASP S 12 -15.67 -31.02 10.41
C ASP S 12 -16.42 -31.87 9.42
N ALA S 13 -17.75 -31.81 9.39
CA ALA S 13 -18.41 -32.67 8.44
C ALA S 13 -17.97 -32.39 7.01
N THR S 14 -17.86 -31.11 6.63
CA THR S 14 -17.48 -30.86 5.26
C THR S 14 -16.02 -30.71 5.10
N VAL S 15 -15.31 -30.35 6.16
CA VAL S 15 -13.90 -30.24 5.96
C VAL S 15 -13.35 -31.63 5.74
N LYS S 16 -13.77 -32.57 6.56
CA LYS S 16 -13.27 -33.91 6.37
C LYS S 16 -13.74 -34.44 5.03
N GLY S 17 -15.00 -34.22 4.69
CA GLY S 17 -15.51 -34.66 3.41
C GLY S 17 -14.67 -34.18 2.25
N THR S 18 -14.45 -32.88 2.15
CA THR S 18 -13.70 -32.32 1.04
C THR S 18 -12.18 -32.39 1.13
N PHE S 19 -11.60 -32.21 2.29
CA PHE S 19 -10.15 -32.20 2.34
C PHE S 19 -9.45 -33.35 3.06
N GLY S 20 -10.16 -34.36 3.56
CA GLY S 20 -9.48 -35.44 4.24
C GLY S 20 -8.91 -36.46 3.25
N LYS S 21 -8.33 -37.52 3.78
CA LYS S 21 -7.67 -38.52 2.95
C LYS S 21 -8.48 -39.09 1.81
N GLN S 22 -9.75 -39.34 2.04
CA GLN S 22 -10.60 -39.97 1.04
C GLN S 22 -11.32 -39.02 0.10
N SER S 23 -11.09 -37.72 0.24
CA SER S 23 -11.82 -36.79 -0.57
C SER S 23 -11.40 -36.74 -2.00
N SER S 24 -12.26 -36.18 -2.84
CA SER S 24 -11.90 -36.04 -4.23
C SER S 24 -10.70 -35.12 -4.41
N VAL S 25 -10.55 -34.12 -3.58
CA VAL S 25 -9.40 -33.25 -3.77
C VAL S 25 -8.11 -34.00 -3.51
N VAL S 26 -8.06 -34.77 -2.44
CA VAL S 26 -6.84 -35.48 -2.17
C VAL S 26 -6.55 -36.49 -3.24
N LYS S 27 -7.56 -37.21 -3.68
CA LYS S 27 -7.32 -38.20 -4.71
C LYS S 27 -6.78 -37.54 -5.96
N TRP S 28 -7.28 -36.36 -6.30
CA TRP S 28 -6.80 -35.68 -7.49
C TRP S 28 -5.34 -35.32 -7.35
N VAL S 29 -4.89 -34.90 -6.17
CA VAL S 29 -3.48 -34.57 -6.04
C VAL S 29 -2.63 -35.82 -6.27
N VAL S 30 -3.04 -36.96 -5.73
CA VAL S 30 -2.27 -38.16 -5.97
C VAL S 30 -2.26 -38.50 -7.45
N LEU S 31 -3.41 -38.43 -8.10
CA LEU S 31 -3.44 -38.71 -9.52
C LEU S 31 -2.48 -37.83 -10.26
N ALA S 32 -2.44 -36.56 -9.90
CA ALA S 32 -1.55 -35.64 -10.58
C ALA S 32 -0.13 -36.14 -10.51
N GLU S 33 0.30 -36.75 -9.41
CA GLU S 33 1.65 -37.24 -9.42
C GLU S 33 1.84 -38.37 -10.40
N VAL S 34 0.84 -39.23 -10.58
CA VAL S 34 1.10 -40.33 -11.50
C VAL S 34 1.36 -39.74 -12.86
N VAL S 35 0.55 -38.76 -13.22
CA VAL S 35 0.74 -38.17 -14.51
C VAL S 35 2.06 -37.43 -14.57
N ALA S 36 2.38 -36.65 -13.55
CA ALA S 36 3.62 -35.89 -13.53
C ALA S 36 4.83 -36.79 -13.61
N GLY S 37 4.78 -37.90 -12.91
CA GLY S 37 5.87 -38.84 -12.92
C GLY S 37 6.06 -39.32 -14.33
N GLY S 38 4.98 -39.77 -14.94
CA GLY S 38 5.06 -40.27 -16.29
C GLY S 38 5.66 -39.24 -17.24
N ILE S 39 5.08 -38.05 -17.31
CA ILE S 39 5.65 -37.11 -18.26
C ILE S 39 7.04 -36.63 -17.92
N MET S 40 7.38 -36.45 -16.66
CA MET S 40 8.71 -35.97 -16.46
C MET S 40 9.75 -37.04 -16.69
N TYR S 41 9.41 -38.28 -16.38
CA TYR S 41 10.36 -39.33 -16.64
C TYR S 41 10.51 -39.45 -18.14
N MET S 42 9.40 -39.40 -18.88
CA MET S 42 9.50 -39.50 -20.32
C MET S 42 10.47 -38.45 -20.83
N MET S 43 10.29 -37.22 -20.39
CA MET S 43 11.15 -36.14 -20.81
C MET S 43 12.60 -36.24 -20.41
N THR S 44 12.87 -36.59 -19.17
CA THR S 44 14.24 -36.54 -18.66
C THR S 44 14.94 -37.85 -18.36
N LYS S 45 14.20 -38.92 -18.16
CA LYS S 45 14.68 -40.22 -17.72
C LYS S 45 15.33 -40.16 -16.34
N ASN S 46 14.98 -39.16 -15.55
CA ASN S 46 15.52 -39.07 -14.22
C ASN S 46 14.62 -39.84 -13.26
N VAL S 47 15.15 -40.91 -12.72
CA VAL S 47 14.39 -41.83 -11.88
C VAL S 47 13.68 -41.18 -10.69
N LYS S 48 14.12 -40.00 -10.26
CA LYS S 48 13.49 -39.35 -9.11
C LYS S 48 12.02 -39.09 -9.37
N PHE S 49 11.65 -38.99 -10.64
CA PHE S 49 10.29 -38.69 -10.97
C PHE S 49 9.39 -39.86 -10.73
N LEU S 50 9.94 -41.05 -10.68
CA LEU S 50 9.14 -42.22 -10.49
C LEU S 50 8.99 -42.45 -9.01
N PHE S 51 10.05 -42.16 -8.25
CA PHE S 51 10.01 -42.38 -6.81
C PHE S 51 9.06 -41.43 -6.14
N GLY S 52 8.88 -40.27 -6.74
CA GLY S 52 7.98 -39.29 -6.18
C GLY S 52 6.60 -39.87 -5.94
N PHE S 53 6.13 -40.80 -6.76
CA PHE S 53 4.81 -41.32 -6.50
C PHE S 53 4.73 -42.03 -5.16
N ALA S 54 5.65 -42.95 -4.92
CA ALA S 54 5.63 -43.66 -3.66
C ALA S 54 5.81 -42.69 -2.50
N ILE S 55 6.62 -41.66 -2.71
CA ILE S 55 6.85 -40.69 -1.65
C ILE S 55 5.60 -39.92 -1.30
N ILE S 56 4.89 -39.41 -2.29
CA ILE S 56 3.69 -38.68 -1.99
C ILE S 56 2.63 -39.53 -1.36
N SER S 57 2.42 -40.72 -1.87
CA SER S 57 1.41 -41.57 -1.28
C SER S 57 1.78 -41.82 0.18
N THR S 58 3.03 -42.10 0.46
CA THR S 58 3.44 -42.35 1.83
C THR S 58 3.24 -41.11 2.68
N PHE S 59 3.65 -39.95 2.18
CA PHE S 59 3.52 -38.70 2.91
C PHE S 59 2.10 -38.40 3.28
N ILE S 60 1.21 -38.46 2.31
CA ILE S 60 -0.17 -38.15 2.58
C ILE S 60 -0.74 -39.13 3.57
N THR S 61 -0.44 -40.40 3.41
CA THR S 61 -0.97 -41.38 4.34
C THR S 61 -0.57 -41.03 5.78
N ILE S 62 0.70 -40.71 6.00
CA ILE S 62 1.12 -40.36 7.35
C ILE S 62 0.51 -39.06 7.81
N GLY S 63 0.57 -38.06 6.96
CA GLY S 63 0.06 -36.75 7.30
C GLY S 63 -1.39 -36.80 7.69
N MET S 64 -2.22 -37.42 6.88
CA MET S 64 -3.63 -37.47 7.19
C MET S 64 -3.91 -38.21 8.46
N SER S 65 -3.16 -39.27 8.74
CA SER S 65 -3.36 -40.00 9.98
C SER S 65 -3.09 -39.10 11.15
N VAL S 66 -1.98 -38.38 11.08
CA VAL S 66 -1.64 -37.47 12.15
C VAL S 66 -2.64 -36.33 12.28
N ALA S 67 -3.03 -35.73 11.16
CA ALA S 67 -4.00 -34.64 11.16
C ALA S 67 -5.33 -35.11 11.73
N GLY S 68 -5.68 -36.38 11.45
CA GLY S 68 -6.91 -36.98 11.91
C GLY S 68 -8.05 -36.88 10.91
N TYR S 69 -7.73 -36.72 9.63
CA TYR S 69 -8.76 -36.59 8.61
C TYR S 69 -8.67 -37.58 7.48
N ALA T 4 -30.51 15.75 58.20
CA ALA T 4 -29.64 16.28 57.15
C ALA T 4 -30.19 17.59 56.64
N THR T 5 -29.32 18.38 56.03
CA THR T 5 -29.71 19.65 55.48
C THR T 5 -29.76 19.59 53.95
N ASP T 6 -29.48 18.42 53.39
CA ASP T 6 -29.54 18.30 51.94
C ASP T 6 -30.97 18.11 51.53
N LEU T 7 -31.54 19.20 51.08
CA LEU T 7 -32.93 19.30 50.73
C LEU T 7 -33.31 18.34 49.59
N MET T 8 -32.33 17.94 48.79
CA MET T 8 -32.59 17.07 47.64
C MET T 8 -32.21 15.62 47.88
N LYS T 9 -31.85 15.28 49.10
CA LYS T 9 -31.33 13.93 49.42
C LYS T 9 -32.15 12.76 48.92
N SER T 10 -33.47 12.85 48.95
CA SER T 10 -34.32 11.73 48.57
C SER T 10 -34.18 11.29 47.13
N GLY T 11 -33.62 12.15 46.27
CA GLY T 11 -33.49 11.83 44.86
C GLY T 11 -32.59 10.61 44.57
N ASP T 12 -31.70 10.22 45.50
CA ASP T 12 -30.88 9.05 45.21
C ASP T 12 -31.66 7.78 44.95
N ALA T 13 -32.86 7.63 45.50
CA ALA T 13 -33.52 6.38 45.24
C ALA T 13 -33.73 6.13 43.74
N THR T 14 -34.14 7.15 43.00
CA THR T 14 -34.39 6.91 41.60
C THR T 14 -33.19 7.20 40.77
N VAL T 15 -32.30 8.04 41.25
CA VAL T 15 -31.16 8.28 40.42
C VAL T 15 -30.33 7.03 40.41
N LYS T 16 -30.12 6.42 41.56
CA LYS T 16 -29.35 5.21 41.56
C LYS T 16 -30.08 4.13 40.78
N GLY T 17 -31.38 4.01 41.00
CA GLY T 17 -32.16 3.03 40.27
C GLY T 17 -31.97 3.14 38.76
N THR T 18 -32.21 4.31 38.22
CA THR T 18 -32.11 4.49 36.77
C THR T 18 -30.73 4.70 36.20
N PHE T 19 -29.85 5.41 36.87
CA PHE T 19 -28.55 5.66 36.27
C PHE T 19 -27.33 4.99 36.89
N GLY T 20 -27.47 4.17 37.93
CA GLY T 20 -26.29 3.55 38.52
C GLY T 20 -25.83 2.33 37.73
N LYS T 21 -24.81 1.66 38.23
CA LYS T 21 -24.22 0.53 37.53
C LYS T 21 -25.19 -0.55 37.09
N GLN T 22 -26.14 -0.89 37.92
CA GLN T 22 -27.07 -1.98 37.63
C GLN T 22 -28.31 -1.59 36.88
N SER T 23 -28.46 -0.32 36.52
CA SER T 23 -29.69 0.10 35.88
C SER T 23 -29.83 -0.36 34.47
N SER T 24 -31.06 -0.31 33.97
CA SER T 24 -31.28 -0.67 32.60
C SER T 24 -30.57 0.27 31.64
N VAL T 25 -30.45 1.53 31.99
CA VAL T 25 -29.76 2.42 31.07
C VAL T 25 -28.30 2.03 30.93
N VAL T 26 -27.65 1.76 32.04
CA VAL T 26 -26.25 1.42 31.94
C VAL T 26 -26.07 0.11 31.20
N LYS T 27 -26.91 -0.87 31.48
CA LYS T 27 -26.77 -2.12 30.79
C LYS T 27 -26.94 -1.94 29.29
N TRP T 28 -27.86 -1.08 28.88
CA TRP T 28 -28.06 -0.85 27.47
C TRP T 28 -26.83 -0.25 26.83
N VAL T 29 -26.14 0.66 27.51
CA VAL T 29 -24.95 1.23 26.91
C VAL T 29 -23.91 0.13 26.69
N VAL T 30 -23.72 -0.75 27.66
CA VAL T 30 -22.77 -1.81 27.47
C VAL T 30 -23.19 -2.72 26.31
N LEU T 31 -24.46 -3.07 26.24
CA LEU T 31 -24.91 -3.89 25.14
C LEU T 31 -24.59 -3.23 23.84
N ALA T 32 -24.80 -1.94 23.74
CA ALA T 32 -24.54 -1.23 22.52
C ALA T 32 -23.12 -1.44 22.08
N GLU T 33 -22.15 -1.50 23.00
CA GLU T 33 -20.81 -1.75 22.54
C GLU T 33 -20.66 -3.13 21.96
N VAL T 34 -21.35 -4.13 22.50
CA VAL T 34 -21.12 -5.44 21.93
C VAL T 34 -21.55 -5.40 20.48
N VAL T 35 -22.69 -4.79 20.25
CA VAL T 35 -23.17 -4.73 18.90
C VAL T 35 -22.25 -3.88 18.04
N ALA T 36 -21.84 -2.71 18.54
CA ALA T 36 -20.96 -1.84 17.79
C ALA T 36 -19.65 -2.50 17.45
N GLY T 37 -19.11 -3.24 18.38
CA GLY T 37 -17.86 -3.92 18.17
C GLY T 37 -18.05 -4.89 17.02
N GLY T 38 -19.09 -5.70 17.12
CA GLY T 38 -19.35 -6.67 16.08
C GLY T 38 -19.47 -6.02 14.72
N ILE T 39 -20.37 -5.06 14.56
CA ILE T 39 -20.49 -4.49 13.23
C ILE T 39 -19.29 -3.71 12.77
N MET T 40 -18.59 -3.01 13.62
CA MET T 40 -17.50 -2.29 13.06
C MET T 40 -16.34 -3.19 12.73
N TYR T 41 -16.14 -4.24 13.49
CA TYR T 41 -15.09 -5.15 13.16
C TYR T 41 -15.46 -5.82 11.86
N MET T 42 -16.71 -6.24 11.71
CA MET T 42 -17.12 -6.89 10.48
C MET T 42 -16.76 -5.99 9.31
N MET T 43 -17.12 -4.72 9.40
CA MET T 43 -16.85 -3.78 8.35
C MET T 43 -15.39 -3.49 8.07
N THR T 44 -14.60 -3.28 9.11
CA THR T 44 -13.22 -2.83 8.91
C THR T 44 -12.10 -3.79 9.24
N LYS T 45 -12.37 -4.80 10.05
CA LYS T 45 -11.39 -5.73 10.59
C LYS T 45 -10.34 -5.05 11.46
N ASN T 46 -10.66 -3.87 11.98
CA ASN T 46 -9.74 -3.19 12.85
C ASN T 46 -9.95 -3.65 14.28
N VAL T 47 -8.97 -4.33 14.82
CA VAL T 47 -9.06 -4.95 16.14
C VAL T 47 -9.46 -3.99 17.26
N LYS T 48 -9.27 -2.69 17.10
CA LYS T 48 -9.61 -1.75 18.16
C LYS T 48 -11.08 -1.84 18.51
N PHE T 49 -11.89 -2.30 17.57
CA PHE T 49 -13.31 -2.37 17.81
C PHE T 49 -13.67 -3.47 18.77
N LEU T 50 -12.79 -4.45 18.90
CA LEU T 50 -13.08 -5.55 19.76
C LEU T 50 -12.61 -5.20 21.15
N PHE T 51 -11.49 -4.48 21.23
CA PHE T 51 -10.95 -4.12 22.53
C PHE T 51 -11.83 -3.14 23.25
N GLY T 52 -12.55 -2.34 22.48
CA GLY T 52 -13.45 -1.37 23.08
C GLY T 52 -14.41 -2.01 24.05
N PHE T 53 -14.84 -3.26 23.85
CA PHE T 53 -15.75 -3.83 24.80
C PHE T 53 -15.13 -3.95 26.17
N ALA T 54 -13.95 -4.55 26.25
CA ALA T 54 -13.29 -4.72 27.52
C ALA T 54 -13.01 -3.35 28.15
N ILE T 55 -12.69 -2.36 27.31
CA ILE T 55 -12.39 -1.04 27.82
C ILE T 55 -13.60 -0.38 28.45
N ILE T 56 -14.74 -0.43 27.77
CA ILE T 56 -15.93 0.18 28.34
C ILE T 56 -16.37 -0.51 29.59
N SER T 57 -16.38 -1.83 29.60
CA SER T 57 -16.79 -2.52 30.80
C SER T 57 -15.88 -2.12 31.96
N THR T 58 -14.59 -2.08 31.70
CA THR T 58 -13.67 -1.70 32.76
C THR T 58 -13.91 -0.27 33.22
N PHE T 59 -14.07 0.65 32.27
CA PHE T 59 -14.30 2.05 32.59
C PHE T 59 -15.53 2.25 33.44
N ILE T 60 -16.64 1.68 33.03
CA ILE T 60 -17.85 1.86 33.78
C ILE T 60 -17.69 1.28 35.15
N THR T 61 -17.10 0.10 35.26
CA THR T 61 -16.94 -0.50 36.56
C THR T 61 -16.19 0.44 37.50
N ILE T 62 -15.09 1.01 37.04
CA ILE T 62 -14.34 1.91 37.89
C ILE T 62 -15.10 3.18 38.17
N GLY T 63 -15.65 3.77 37.14
CA GLY T 63 -16.38 5.02 37.25
C GLY T 63 -17.51 4.91 38.25
N MET T 64 -18.33 3.89 38.11
CA MET T 64 -19.46 3.76 39.01
C MET T 64 -19.02 3.55 40.44
N SER T 65 -17.95 2.80 40.64
CA SER T 65 -17.46 2.59 42.00
C SER T 65 -17.06 3.92 42.60
N VAL T 66 -16.33 4.72 41.86
CA VAL T 66 -15.91 6.01 42.34
C VAL T 66 -17.10 6.94 42.55
N ALA T 67 -18.03 6.99 41.60
CA ALA T 67 -19.22 7.83 41.73
C ALA T 67 -20.04 7.42 42.94
N GLY T 68 -20.07 6.11 43.21
CA GLY T 68 -20.81 5.56 44.33
C GLY T 68 -22.21 5.08 43.96
N TYR T 69 -22.43 4.77 42.68
CA TYR T 69 -23.74 4.34 42.24
C TYR T 69 -23.78 3.00 41.53
N ALA U 4 -30.80 -13.20 -26.41
CA ALA U 4 -29.80 -13.69 -25.47
C ALA U 4 -29.63 -12.70 -24.34
N THR U 5 -29.13 -13.20 -23.23
CA THR U 5 -28.90 -12.36 -22.07
C THR U 5 -27.41 -12.08 -21.88
N ASP U 6 -26.59 -12.59 -22.78
CA ASP U 6 -25.16 -12.33 -22.67
C ASP U 6 -24.88 -10.97 -23.23
N LEU U 7 -24.73 -10.04 -22.32
CA LEU U 7 -24.56 -8.65 -22.62
C LEU U 7 -23.30 -8.37 -23.44
N MET U 8 -22.32 -9.27 -23.37
CA MET U 8 -21.05 -9.09 -24.06
C MET U 8 -20.93 -9.92 -25.34
N LYS U 9 -22.01 -10.56 -25.75
CA LYS U 9 -21.98 -11.48 -26.89
C LYS U 9 -21.32 -10.97 -28.16
N SER U 10 -21.53 -9.71 -28.50
CA SER U 10 -21.01 -9.17 -29.75
C SER U 10 -19.49 -9.20 -29.87
N GLY U 11 -18.79 -9.32 -28.75
CA GLY U 11 -17.34 -9.31 -28.77
C GLY U 11 -16.70 -10.46 -29.57
N ASP U 12 -17.41 -11.56 -29.80
CA ASP U 12 -16.81 -12.63 -30.59
C ASP U 12 -16.37 -12.22 -31.98
N ALA U 13 -16.99 -11.23 -32.59
CA ALA U 13 -16.55 -10.92 -33.94
C ALA U 13 -15.06 -10.55 -33.98
N THR U 14 -14.61 -9.74 -33.02
CA THR U 14 -13.21 -9.35 -33.10
C THR U 14 -12.34 -10.24 -32.30
N VAL U 15 -12.90 -10.92 -31.31
CA VAL U 15 -12.01 -11.79 -30.58
C VAL U 15 -11.65 -12.93 -31.50
N LYS U 16 -12.61 -13.50 -32.18
CA LYS U 16 -12.28 -14.58 -33.07
C LYS U 16 -11.38 -14.08 -34.18
N GLY U 17 -11.70 -12.92 -34.74
CA GLY U 17 -10.86 -12.36 -35.78
C GLY U 17 -9.40 -12.25 -35.36
N THR U 18 -9.13 -11.58 -34.25
CA THR U 18 -7.77 -11.38 -33.81
C THR U 18 -7.11 -12.54 -33.08
N PHE U 19 -7.82 -13.27 -32.25
CA PHE U 19 -7.15 -14.32 -31.50
C PHE U 19 -7.49 -15.77 -31.84
N GLY U 20 -8.34 -16.04 -32.83
CA GLY U 20 -8.65 -17.44 -33.12
C GLY U 20 -7.57 -18.08 -33.98
N LYS U 21 -7.80 -19.32 -34.37
CA LYS U 21 -6.83 -20.10 -35.12
C LYS U 21 -6.27 -19.43 -36.36
N GLN U 22 -7.11 -18.76 -37.12
CA GLN U 22 -6.69 -18.17 -38.38
C GLN U 22 -6.17 -16.75 -38.29
N SER U 23 -6.11 -16.19 -37.10
CA SER U 23 -5.71 -14.80 -36.99
C SER U 23 -4.25 -14.56 -37.23
N SER U 24 -3.92 -13.31 -37.48
CA SER U 24 -2.53 -12.96 -37.66
C SER U 24 -1.73 -13.20 -36.39
N VAL U 25 -2.32 -13.01 -35.23
CA VAL U 25 -1.53 -13.26 -34.04
C VAL U 25 -1.16 -14.71 -33.91
N VAL U 26 -2.11 -15.60 -34.14
CA VAL U 26 -1.79 -16.99 -34.00
C VAL U 26 -0.78 -17.42 -35.03
N LYS U 27 -0.94 -16.96 -36.26
CA LYS U 27 0.02 -17.34 -37.27
C LYS U 27 1.41 -16.88 -36.90
N TRP U 28 1.52 -15.70 -36.32
CA TRP U 28 2.83 -15.19 -35.94
C TRP U 28 3.46 -16.08 -34.87
N VAL U 29 2.68 -16.57 -33.92
CA VAL U 29 3.28 -17.43 -32.91
C VAL U 29 3.83 -18.70 -33.56
N VAL U 30 3.08 -19.28 -34.49
CA VAL U 30 3.61 -20.46 -35.15
C VAL U 30 4.88 -20.14 -35.92
N LEU U 31 4.88 -19.03 -36.65
CA LEU U 31 6.07 -18.66 -37.37
C LEU U 31 7.24 -18.56 -36.44
N ALA U 32 7.03 -17.95 -35.28
CA ALA U 32 8.10 -17.80 -34.33
C ALA U 32 8.72 -19.13 -33.99
N GLU U 33 7.94 -20.20 -33.91
CA GLU U 33 8.59 -21.47 -33.63
C GLU U 33 9.46 -21.90 -34.78
N VAL U 34 9.08 -21.64 -36.01
CA VAL U 34 9.93 -22.14 -37.08
C VAL U 34 11.28 -21.48 -36.93
N VAL U 35 11.25 -20.20 -36.67
CA VAL U 35 12.50 -19.50 -36.55
C VAL U 35 13.26 -19.98 -35.31
N ALA U 36 12.57 -20.11 -34.19
CA ALA U 36 13.20 -20.55 -32.96
C ALA U 36 13.82 -21.92 -33.10
N GLY U 37 13.12 -22.81 -33.77
CA GLY U 37 13.61 -24.15 -33.99
C GLY U 37 14.90 -24.05 -34.75
N GLY U 38 14.88 -23.33 -35.86
CA GLY U 38 16.05 -23.19 -36.68
C GLY U 38 17.23 -22.66 -35.87
N ILE U 39 17.09 -21.50 -35.23
CA ILE U 39 18.24 -21.00 -34.52
C ILE U 39 18.66 -21.84 -33.33
N MET U 40 17.75 -22.42 -32.60
CA MET U 40 18.26 -23.16 -31.47
C MET U 40 18.91 -24.45 -31.90
N TYR U 41 18.41 -25.07 -32.94
CA TYR U 41 19.03 -26.28 -33.40
C TYR U 41 20.40 -25.91 -33.93
N MET U 42 20.49 -24.83 -34.69
CA MET U 42 21.79 -24.42 -35.21
C MET U 42 22.77 -24.30 -34.05
N MET U 43 22.37 -23.60 -33.01
CA MET U 43 23.23 -23.42 -31.86
C MET U 43 23.59 -24.66 -31.09
N THR U 44 22.62 -25.51 -30.81
CA THR U 44 22.86 -26.64 -29.92
C THR U 44 22.86 -28.04 -30.51
N LYS U 45 22.27 -28.21 -31.68
CA LYS U 45 22.05 -29.51 -32.32
C LYS U 45 21.18 -30.43 -31.50
N ASN U 46 20.38 -29.88 -30.60
CA ASN U 46 19.49 -30.70 -29.81
C ASN U 46 18.18 -30.86 -30.54
N VAL U 47 17.90 -32.07 -30.96
CA VAL U 47 16.74 -32.39 -31.79
C VAL U 47 15.40 -31.92 -31.23
N LYS U 48 15.31 -31.70 -29.92
CA LYS U 48 14.04 -31.28 -29.33
C LYS U 48 13.55 -29.98 -29.93
N PHE U 49 14.48 -29.19 -30.47
CA PHE U 49 14.12 -27.92 -31.02
C PHE U 49 13.39 -28.06 -32.33
N LEU U 50 13.55 -29.20 -32.98
CA LEU U 50 12.92 -29.38 -34.25
C LEU U 50 11.54 -29.96 -34.00
N PHE U 51 11.43 -30.82 -32.99
CA PHE U 51 10.15 -31.44 -32.70
C PHE U 51 9.16 -30.45 -32.19
N GLY U 52 9.64 -29.41 -31.54
CA GLY U 52 8.79 -28.38 -31.02
C GLY U 52 7.86 -27.82 -32.10
N PHE U 53 8.28 -27.75 -33.36
CA PHE U 53 7.37 -27.21 -34.34
C PHE U 53 6.14 -28.07 -34.49
N ALA U 54 6.32 -29.36 -34.69
CA ALA U 54 5.17 -30.24 -34.85
C ALA U 54 4.32 -30.21 -33.59
N ILE U 55 4.95 -30.10 -32.43
CA ILE U 55 4.21 -30.07 -31.18
C ILE U 55 3.34 -28.84 -31.07
N ILE U 56 3.87 -27.68 -31.35
CA ILE U 56 3.07 -26.48 -31.26
C ILE U 56 1.94 -26.47 -32.25
N SER U 57 2.22 -26.83 -33.49
CA SER U 57 1.15 -26.85 -34.46
C SER U 57 0.04 -27.79 -33.99
N THR U 58 0.42 -28.96 -33.50
CA THR U 58 -0.59 -29.89 -33.04
C THR U 58 -1.36 -29.32 -31.85
N PHE U 59 -0.65 -28.74 -30.90
CA PHE U 59 -1.28 -28.17 -29.71
C PHE U 59 -2.28 -27.10 -30.06
N ILE U 60 -1.88 -26.15 -30.88
CA ILE U 60 -2.78 -25.08 -31.22
C ILE U 60 -3.97 -25.63 -31.95
N THR U 61 -3.76 -26.54 -32.88
CA THR U 61 -4.88 -27.09 -33.61
C THR U 61 -5.92 -27.68 -32.65
N ILE U 62 -5.47 -28.48 -31.68
CA ILE U 62 -6.41 -29.06 -30.75
C ILE U 62 -7.03 -28.02 -29.84
N GLY U 63 -6.21 -27.16 -29.30
CA GLY U 63 -6.66 -26.13 -28.39
C GLY U 63 -7.73 -25.27 -29.02
N MET U 64 -7.47 -24.76 -30.21
CA MET U 64 -8.44 -23.89 -30.84
C MET U 64 -9.73 -24.60 -31.15
N SER U 65 -9.66 -25.87 -31.53
CA SER U 65 -10.88 -26.62 -31.80
C SER U 65 -11.71 -26.70 -30.54
N VAL U 66 -11.06 -27.03 -29.43
CA VAL U 66 -11.77 -27.13 -28.17
C VAL U 66 -12.30 -25.78 -27.73
N ALA U 67 -11.49 -24.73 -27.82
CA ALA U 67 -11.91 -23.38 -27.42
C ALA U 67 -13.08 -22.93 -28.28
N GLY U 68 -13.09 -23.33 -29.55
CA GLY U 68 -14.13 -22.98 -30.50
C GLY U 68 -13.81 -21.74 -31.32
N TYR U 69 -12.54 -21.41 -31.46
CA TYR U 69 -12.16 -20.22 -32.21
C TYR U 69 -11.19 -20.47 -33.35
N ALA V 4 1.48 56.11 41.87
CA ALA V 4 1.02 55.64 40.57
C ALA V 4 -0.45 55.97 40.39
N THR V 5 -0.88 56.03 39.14
CA THR V 5 -2.26 56.32 38.83
C THR V 5 -2.99 55.06 38.38
N ASP V 6 -2.30 53.93 38.37
CA ASP V 6 -2.97 52.70 37.97
C ASP V 6 -3.75 52.17 39.15
N LEU V 7 -5.03 52.43 39.09
CA LEU V 7 -5.96 52.12 40.15
C LEU V 7 -6.02 50.63 40.45
N MET V 8 -5.65 49.79 39.48
CA MET V 8 -5.74 48.34 39.63
C MET V 8 -4.39 47.69 39.91
N LYS V 9 -3.35 48.49 40.13
CA LYS V 9 -1.99 47.97 40.28
C LYS V 9 -1.80 46.81 41.25
N SER V 10 -2.50 46.82 42.38
CA SER V 10 -2.32 45.80 43.39
C SER V 10 -2.64 44.38 42.94
N GLY V 11 -3.41 44.25 41.86
CA GLY V 11 -3.81 42.93 41.38
C GLY V 11 -2.65 42.03 40.96
N ASP V 12 -1.48 42.59 40.64
CA ASP V 12 -0.38 41.70 40.26
C ASP V 12 0.02 40.70 41.31
N ALA V 13 -0.20 40.97 42.59
CA ALA V 13 0.25 39.96 43.54
C ALA V 13 -0.43 38.63 43.30
N THR V 14 -1.73 38.61 43.03
CA THR V 14 -2.37 37.33 42.87
C THR V 14 -2.41 36.92 41.44
N VAL V 15 -2.33 37.86 40.51
CA VAL V 15 -2.34 37.40 39.16
C VAL V 15 -1.05 36.68 38.90
N LYS V 16 0.06 37.26 39.33
CA LYS V 16 1.31 36.58 39.10
C LYS V 16 1.32 35.28 39.87
N GLY V 17 0.88 35.29 41.11
CA GLY V 17 0.84 34.08 41.89
C GLY V 17 0.10 32.95 41.19
N THR V 18 -1.13 33.19 40.79
CA THR V 18 -1.93 32.16 40.15
C THR V 18 -1.68 31.90 38.67
N PHE V 19 -1.41 32.92 37.88
CA PHE V 19 -1.25 32.66 36.46
C PHE V 19 0.14 32.84 35.84
N GLY V 20 1.16 33.17 36.62
CA GLY V 20 2.48 33.34 36.03
C GLY V 20 3.18 32.01 35.81
N LYS V 21 4.42 32.06 35.34
CA LYS V 21 5.18 30.86 35.00
C LYS V 21 5.25 29.81 36.09
N GLN V 22 5.43 30.22 37.32
CA GLN V 22 5.60 29.27 38.42
C GLN V 22 4.34 28.84 39.11
N SER V 23 3.18 29.30 38.64
CA SER V 23 1.96 28.96 39.35
C SER V 23 1.51 27.55 39.16
N SER V 24 0.63 27.11 40.04
CA SER V 24 0.08 25.78 39.91
C SER V 24 -0.71 25.63 38.63
N VAL V 25 -1.37 26.67 38.17
CA VAL V 25 -2.13 26.50 36.94
C VAL V 25 -1.19 26.24 35.77
N VAL V 26 -0.13 27.00 35.68
CA VAL V 26 0.75 26.80 34.55
C VAL V 26 1.41 25.44 34.62
N LYS V 27 1.83 25.04 35.81
CA LYS V 27 2.45 23.74 35.91
C LYS V 27 1.50 22.64 35.49
N TRP V 28 0.22 22.78 35.83
CA TRP V 28 -0.74 21.76 35.45
C TRP V 28 -0.88 21.69 33.94
N VAL V 29 -0.86 22.81 33.25
CA VAL V 29 -0.97 22.74 31.80
C VAL V 29 0.22 21.98 31.22
N VAL V 30 1.42 22.24 31.71
CA VAL V 30 2.56 21.49 31.21
C VAL V 30 2.41 20.02 31.51
N LEU V 31 2.01 19.67 32.72
CA LEU V 31 1.82 18.28 33.04
C LEU V 31 0.86 17.63 32.08
N ALA V 32 -0.22 18.33 31.76
CA ALA V 32 -1.20 17.78 30.86
C ALA V 32 -0.56 17.40 29.55
N GLU V 33 0.41 18.16 29.05
CA GLU V 33 1.02 17.72 27.82
C GLU V 33 1.79 16.43 28.00
N VAL V 34 2.44 16.22 29.15
CA VAL V 34 3.20 14.99 29.23
C VAL V 34 2.23 13.85 29.11
N VAL V 35 1.12 13.96 29.79
CA VAL V 35 0.17 12.89 29.73
C VAL V 35 -0.40 12.76 28.33
N ALA V 36 -0.78 13.88 27.72
CA ALA V 36 -1.35 13.86 26.38
C ALA V 36 -0.41 13.26 25.37
N GLY V 37 0.85 13.60 25.49
CA GLY V 37 1.85 13.09 24.59
C GLY V 37 1.89 11.59 24.72
N GLY V 38 2.00 11.12 25.95
CA GLY V 38 2.04 9.70 26.19
C GLY V 38 0.84 8.99 25.59
N ILE V 39 -0.37 9.39 25.96
CA ILE V 39 -1.49 8.66 25.41
C ILE V 39 -1.68 8.82 23.93
N MET V 40 -1.42 9.96 23.36
CA MET V 40 -1.67 10.01 21.95
C MET V 40 -0.62 9.27 21.16
N TYR V 41 0.60 9.27 21.64
CA TYR V 41 1.61 8.52 20.94
C TYR V 41 1.26 7.05 21.06
N MET V 42 0.86 6.62 22.25
CA MET V 42 0.52 5.22 22.43
C MET V 42 -0.54 4.85 21.39
N MET V 43 -1.57 5.66 21.29
CA MET V 43 -2.63 5.39 20.34
C MET V 43 -2.26 5.43 18.88
N THR V 44 -1.50 6.43 18.46
CA THR V 44 -1.24 6.63 17.05
C THR V 44 0.17 6.38 16.52
N LYS V 45 1.14 6.40 17.40
CA LYS V 45 2.57 6.34 17.07
C LYS V 45 3.03 7.50 16.21
N ASN V 46 2.30 8.60 16.23
CA ASN V 46 2.70 9.76 15.47
C ASN V 46 3.62 10.62 16.31
N VAL V 47 4.87 10.70 15.90
CA VAL V 47 5.91 11.37 16.63
C VAL V 47 5.60 12.83 17.02
N LYS V 48 4.68 13.48 16.32
CA LYS V 48 4.36 14.87 16.64
C LYS V 48 3.88 15.01 18.06
N PHE V 49 3.35 13.94 18.62
CA PHE V 49 2.81 14.01 19.94
C PHE V 49 3.89 14.09 20.98
N LEU V 50 5.10 13.67 20.62
CA LEU V 50 6.17 13.67 21.57
C LEU V 50 6.85 15.03 21.50
N PHE V 51 6.93 15.59 20.29
CA PHE V 51 7.58 16.88 20.13
C PHE V 51 6.80 17.98 20.78
N GLY V 52 5.50 17.80 20.86
CA GLY V 52 4.66 18.80 21.47
C GLY V 52 5.12 19.15 22.88
N PHE V 53 5.69 18.21 23.63
CA PHE V 53 6.13 18.58 24.95
C PHE V 53 7.21 19.63 24.91
N ALA V 54 8.25 19.40 24.14
CA ALA V 54 9.33 20.37 24.06
C ALA V 54 8.81 21.70 23.52
N ILE V 55 7.85 21.64 22.60
CA ILE V 55 7.29 22.86 22.04
C ILE V 55 6.54 23.67 23.06
N ILE V 56 5.68 23.04 23.84
CA ILE V 56 4.95 23.80 24.84
C ILE V 56 5.84 24.35 25.89
N SER V 57 6.77 23.58 26.39
CA SER V 57 7.66 24.10 27.41
C SER V 57 8.40 25.32 26.86
N THR V 58 8.89 25.22 25.62
CA THR V 58 9.59 26.34 25.05
C THR V 58 8.67 27.55 24.89
N PHE V 59 7.48 27.33 24.38
CA PHE V 59 6.52 28.40 24.18
C PHE V 59 6.20 29.13 25.45
N ILE V 60 5.85 28.40 26.49
CA ILE V 60 5.50 29.03 27.73
C ILE V 60 6.68 29.79 28.27
N THR V 61 7.85 29.20 28.22
CA THR V 61 9.01 29.89 28.73
C THR V 61 9.18 31.25 28.05
N ILE V 62 9.09 31.29 26.73
CA ILE V 62 9.24 32.56 26.04
C ILE V 62 8.09 33.50 26.33
N GLY V 63 6.89 32.99 26.24
CA GLY V 63 5.70 33.79 26.46
C GLY V 63 5.71 34.45 27.82
N MET V 64 5.97 33.68 28.87
CA MET V 64 5.95 34.26 30.19
C MET V 64 7.03 35.30 30.37
N SER V 65 8.19 35.08 29.77
CA SER V 65 9.25 36.07 29.88
C SER V 65 8.81 37.37 29.26
N VAL V 66 8.22 37.28 28.09
CA VAL V 66 7.75 38.47 27.40
C VAL V 66 6.60 39.13 28.18
N ALA V 67 5.64 38.34 28.63
CA ALA V 67 4.51 38.87 29.40
C ALA V 67 5.00 39.54 30.68
N GLY V 68 6.06 38.98 31.28
CA GLY V 68 6.64 39.51 32.50
C GLY V 68 6.11 38.84 33.76
N TYR V 69 5.60 37.63 33.63
CA TYR V 69 5.03 36.94 34.79
C TYR V 69 5.62 35.56 35.06
N ALA W 4 8.74 22.28 -36.28
CA ALA W 4 8.38 20.93 -35.85
C ALA W 4 7.54 20.98 -34.61
N THR W 5 6.79 19.93 -34.37
CA THR W 5 5.95 19.84 -33.20
C THR W 5 6.54 18.89 -32.17
N ASP W 6 7.71 18.31 -32.48
CA ASP W 6 8.32 17.41 -31.52
C ASP W 6 9.03 18.23 -30.47
N LEU W 7 8.37 18.34 -29.35
CA LEU W 7 8.79 19.16 -28.25
C LEU W 7 10.13 18.73 -27.69
N MET W 8 10.51 17.46 -27.90
CA MET W 8 11.75 16.93 -27.35
C MET W 8 12.87 16.81 -28.38
N LYS W 9 12.65 17.35 -29.58
CA LYS W 9 13.60 17.19 -30.68
C LYS W 9 15.06 17.49 -30.38
N SER W 10 15.33 18.51 -29.58
CA SER W 10 16.70 18.92 -29.32
C SER W 10 17.55 17.86 -28.61
N GLY W 11 16.92 16.88 -27.99
CA GLY W 11 17.65 15.85 -27.27
C GLY W 11 18.59 15.02 -28.14
N ASP W 12 18.38 14.95 -29.45
CA ASP W 12 19.30 14.16 -30.26
C ASP W 12 20.75 14.60 -30.19
N ALA W 13 21.04 15.87 -29.92
CA ALA W 13 22.44 16.22 -29.90
C ALA W 13 23.22 15.40 -28.88
N THR W 14 22.67 15.20 -27.69
CA THR W 14 23.44 14.48 -26.70
C THR W 14 23.12 13.04 -26.72
N VAL W 15 21.95 12.66 -27.21
CA VAL W 15 21.71 11.24 -27.22
C VAL W 15 22.61 10.63 -28.25
N LYS W 16 22.70 11.23 -29.42
CA LYS W 16 23.57 10.67 -30.41
C LYS W 16 25.01 10.73 -29.93
N GLY W 17 25.41 11.86 -29.36
CA GLY W 17 26.76 11.98 -28.84
C GLY W 17 27.12 10.86 -27.89
N THR W 18 26.32 10.65 -26.86
CA THR W 18 26.62 9.63 -25.86
C THR W 18 26.25 8.21 -26.20
N PHE W 19 25.14 7.97 -26.87
CA PHE W 19 24.76 6.60 -27.12
C PHE W 19 24.80 6.09 -28.56
N GLY W 20 25.22 6.89 -29.54
CA GLY W 20 25.25 6.39 -30.91
C GLY W 20 26.48 5.55 -31.19
N LYS W 21 26.64 5.11 -32.42
CA LYS W 21 27.72 4.23 -32.79
C LYS W 21 29.11 4.69 -32.41
N GLN W 22 29.39 5.96 -32.55
CA GLN W 22 30.73 6.47 -32.29
C GLN W 22 30.99 6.93 -30.87
N SER W 23 30.02 6.78 -29.99
CA SER W 23 30.20 7.28 -28.64
C SER W 23 31.14 6.47 -27.80
N SER W 24 31.60 7.08 -26.72
CA SER W 24 32.45 6.36 -25.82
C SER W 24 31.74 5.18 -25.18
N VAL W 25 30.46 5.29 -24.94
CA VAL W 25 29.79 4.15 -24.33
C VAL W 25 29.77 2.97 -25.27
N VAL W 26 29.46 3.20 -26.53
CA VAL W 26 29.41 2.09 -27.43
C VAL W 26 30.78 1.49 -27.62
N LYS W 27 31.80 2.32 -27.75
CA LYS W 27 33.12 1.78 -27.92
C LYS W 27 33.52 0.93 -26.73
N TRP W 28 33.14 1.34 -25.53
CA TRP W 28 33.48 0.56 -24.36
C TRP W 28 32.81 -0.80 -24.39
N VAL W 29 31.57 -0.88 -24.86
CA VAL W 29 30.94 -2.19 -24.91
C VAL W 29 31.70 -3.10 -25.86
N VAL W 30 32.11 -2.59 -27.01
CA VAL W 30 32.88 -3.42 -27.92
C VAL W 30 34.18 -3.85 -27.28
N LEU W 31 34.89 -2.93 -26.64
CA LEU W 31 36.12 -3.29 -26.00
C LEU W 31 35.89 -4.41 -25.02
N ALA W 32 34.82 -4.31 -24.25
CA ALA W 32 34.53 -5.33 -23.27
C ALA W 32 34.47 -6.69 -23.92
N GLU W 33 33.94 -6.81 -25.13
CA GLU W 33 33.95 -8.13 -25.73
C GLU W 33 35.35 -8.60 -26.03
N VAL W 34 36.25 -7.72 -26.43
CA VAL W 34 37.56 -8.23 -26.76
C VAL W 34 38.13 -8.86 -25.51
N VAL W 35 37.99 -8.17 -24.41
CA VAL W 35 38.53 -8.68 -23.19
C VAL W 35 37.80 -9.96 -22.78
N ALA W 36 36.47 -9.96 -22.86
CA ALA W 36 35.70 -11.12 -22.48
C ALA W 36 36.04 -12.33 -23.31
N GLY W 37 36.23 -12.12 -24.59
CA GLY W 37 36.58 -13.19 -25.48
C GLY W 37 37.89 -13.78 -25.03
N GLY W 38 38.88 -12.92 -24.84
CA GLY W 38 40.17 -13.38 -24.42
C GLY W 38 40.09 -14.19 -23.13
N ILE W 39 39.53 -13.63 -22.07
CA ILE W 39 39.51 -14.42 -20.85
C ILE W 39 38.63 -15.65 -20.91
N MET W 40 37.51 -15.62 -21.59
CA MET W 40 36.75 -16.83 -21.54
C MET W 40 37.35 -17.91 -22.40
N TYR W 41 37.98 -17.54 -23.50
CA TYR W 41 38.62 -18.54 -24.30
C TYR W 41 39.77 -19.10 -23.50
N MET W 42 40.54 -18.25 -22.84
CA MET W 42 41.66 -18.74 -22.05
C MET W 42 41.15 -19.79 -21.08
N MET W 43 40.09 -19.47 -20.37
CA MET W 43 39.53 -20.39 -19.41
C MET W 43 38.96 -21.67 -19.95
N THR W 44 38.19 -21.60 -21.03
CA THR W 44 37.47 -22.76 -21.51
C THR W 44 37.90 -23.39 -22.83
N LYS W 45 38.60 -22.64 -23.66
CA LYS W 45 38.98 -23.01 -25.01
C LYS W 45 37.78 -23.25 -25.92
N ASN W 46 36.64 -22.68 -25.57
CA ASN W 46 35.47 -22.81 -26.39
C ASN W 46 35.45 -21.72 -27.43
N VAL W 47 35.60 -22.09 -28.68
CA VAL W 47 35.73 -21.16 -29.78
C VAL W 47 34.61 -20.12 -29.88
N LYS W 48 33.44 -20.41 -29.31
CA LYS W 48 32.32 -19.46 -29.41
C LYS W 48 32.70 -18.12 -28.81
N PHE W 49 33.66 -18.11 -27.90
CA PHE W 49 34.03 -16.89 -27.25
C PHE W 49 34.79 -15.97 -28.17
N LEU W 50 35.38 -16.53 -29.21
CA LEU W 50 36.16 -15.73 -30.11
C LEU W 50 35.23 -15.18 -31.18
N PHE W 51 34.25 -15.99 -31.58
CA PHE W 51 33.33 -15.55 -32.62
C PHE W 51 32.45 -14.43 -32.14
N GLY W 52 32.20 -14.40 -30.84
CA GLY W 52 31.38 -13.35 -30.28
C GLY W 52 31.88 -11.97 -30.66
N PHE W 53 33.19 -11.77 -30.81
CA PHE W 53 33.63 -10.43 -31.16
C PHE W 53 33.10 -10.02 -32.52
N ALA W 54 33.28 -10.85 -33.52
CA ALA W 54 32.81 -10.50 -34.85
C ALA W 54 31.29 -10.34 -34.83
N ILE W 55 30.61 -11.14 -34.03
CA ILE W 55 29.16 -11.05 -33.95
C ILE W 55 28.70 -9.73 -33.37
N ILE W 56 29.28 -9.31 -32.27
CA ILE W 56 28.87 -8.05 -31.68
C ILE W 56 29.18 -6.88 -32.56
N SER W 57 30.37 -6.85 -33.14
CA SER W 57 30.69 -5.74 -34.01
C SER W 57 29.67 -5.68 -35.15
N THR W 58 29.36 -6.83 -35.74
CA THR W 58 28.42 -6.84 -36.83
C THR W 58 27.04 -6.38 -36.35
N PHE W 59 26.58 -6.89 -35.22
CA PHE W 59 25.29 -6.53 -34.67
C PHE W 59 25.15 -5.05 -34.44
N ILE W 60 26.12 -4.47 -33.75
CA ILE W 60 26.03 -3.06 -33.46
C ILE W 60 26.05 -2.28 -34.74
N THR W 61 26.89 -2.63 -35.67
CA THR W 61 26.95 -1.89 -36.91
C THR W 61 25.56 -1.86 -37.58
N ILE W 62 24.91 -3.00 -37.67
CA ILE W 62 23.61 -3.03 -38.29
C ILE W 62 22.57 -2.29 -37.47
N GLY W 63 22.55 -2.55 -36.17
CA GLY W 63 21.60 -1.95 -35.28
C GLY W 63 21.67 -0.45 -35.33
N MET W 64 22.86 0.11 -35.19
CA MET W 64 22.98 1.55 -35.19
C MET W 64 22.57 2.15 -36.51
N SER W 65 22.87 1.49 -37.62
CA SER W 65 22.45 2.01 -38.91
C SER W 65 20.95 2.10 -38.96
N VAL W 66 20.28 1.03 -38.53
CA VAL W 66 18.84 1.02 -38.54
C VAL W 66 18.27 2.04 -37.57
N ALA W 67 18.80 2.11 -36.36
CA ALA W 67 18.34 3.08 -35.37
C ALA W 67 18.52 4.51 -35.88
N GLY W 68 19.61 4.73 -36.62
CA GLY W 68 19.92 6.03 -37.18
C GLY W 68 20.87 6.85 -36.32
N TYR W 69 21.65 6.19 -35.46
CA TYR W 69 22.55 6.89 -34.58
C TYR W 69 24.01 6.48 -34.67
N ALA X 4 -19.64 69.07 -6.15
CA ALA X 4 -20.19 67.73 -6.01
C ALA X 4 -21.24 67.70 -4.92
N THR X 5 -22.11 66.71 -4.98
CA THR X 5 -23.15 66.55 -3.99
C THR X 5 -22.84 65.40 -3.05
N ASP X 6 -21.69 64.75 -3.24
CA ASP X 6 -21.34 63.66 -2.35
C ASP X 6 -20.77 64.24 -1.09
N LEU X 7 -21.60 64.27 -0.09
CA LEU X 7 -21.32 64.88 1.19
C LEU X 7 -20.15 64.21 1.90
N MET X 8 -19.85 62.96 1.55
CA MET X 8 -18.78 62.21 2.20
C MET X 8 -17.51 62.12 1.37
N LYS X 9 -17.46 62.84 0.25
CA LYS X 9 -16.34 62.73 -0.68
C LYS X 9 -14.94 62.82 -0.10
N SER X 10 -14.73 63.69 0.88
CA SER X 10 -13.41 63.90 1.43
C SER X 10 -12.78 62.67 2.09
N GLY X 11 -13.60 61.68 2.43
CA GLY X 11 -13.10 60.50 3.10
C GLY X 11 -12.09 59.68 2.28
N ASP X 12 -12.07 59.82 0.95
CA ASP X 12 -11.08 59.06 0.20
C ASP X 12 -9.64 59.32 0.57
N ALA X 13 -9.31 60.49 1.09
CA ALA X 13 -7.90 60.69 1.39
C ALA X 13 -7.40 59.65 2.39
N THR X 14 -8.16 59.35 3.43
CA THR X 14 -7.64 58.42 4.39
C THR X 14 -8.09 57.03 4.10
N VAL X 15 -9.18 56.86 3.37
CA VAL X 15 -9.53 55.50 3.11
C VAL X 15 -8.50 54.94 2.15
N LYS X 16 -8.17 55.68 1.12
CA LYS X 16 -7.17 55.17 0.20
C LYS X 16 -5.85 55.01 0.92
N GLY X 17 -5.46 55.99 1.73
CA GLY X 17 -4.23 55.88 2.47
C GLY X 17 -4.14 54.60 3.29
N THR X 18 -5.13 54.35 4.14
CA THR X 18 -5.10 53.17 4.98
C THR X 18 -5.52 51.86 4.37
N PHE X 19 -6.51 51.85 3.49
CA PHE X 19 -6.95 50.57 2.97
C PHE X 19 -6.70 50.27 1.50
N GLY X 20 -6.05 51.15 0.74
CA GLY X 20 -5.81 50.85 -0.67
C GLY X 20 -4.62 49.92 -0.86
N LYS X 21 -4.29 49.64 -2.10
CA LYS X 21 -3.22 48.70 -2.43
C LYS X 21 -1.89 48.94 -1.75
N GLN X 22 -1.49 50.19 -1.64
CA GLN X 22 -0.18 50.51 -1.08
C GLN X 22 -0.15 50.73 0.41
N SER X 23 -1.28 50.56 1.09
CA SER X 23 -1.29 50.85 2.51
C SER X 23 -0.60 49.84 3.35
N SER X 24 -0.28 50.23 4.57
CA SER X 24 0.32 49.30 5.48
C SER X 24 -0.59 48.13 5.81
N VAL X 25 -1.88 48.34 5.84
CA VAL X 25 -2.75 47.21 6.14
C VAL X 25 -2.68 46.18 5.03
N VAL X 26 -2.75 46.62 3.80
CA VAL X 26 -2.73 45.66 2.74
C VAL X 26 -1.40 44.94 2.69
N LYS X 27 -0.31 45.67 2.86
CA LYS X 27 0.97 45.01 2.83
C LYS X 27 1.07 43.96 3.92
N TRP X 28 0.52 44.24 5.09
CA TRP X 28 0.56 43.28 6.17
C TRP X 28 -0.19 42.02 5.81
N VAL X 29 -1.34 42.13 5.14
CA VAL X 29 -2.06 40.93 4.78
C VAL X 29 -1.21 40.07 3.83
N VAL X 30 -0.56 40.70 2.87
CA VAL X 30 0.27 39.91 1.98
C VAL X 30 1.42 39.26 2.74
N LEU X 31 2.06 40.00 3.63
CA LEU X 31 3.12 39.42 4.40
C LEU X 31 2.63 38.21 5.15
N ALA X 32 1.44 38.30 5.73
CA ALA X 32 0.89 37.20 6.47
C ALA X 32 0.84 35.96 5.62
N GLU X 33 0.54 36.07 4.33
CA GLU X 33 0.54 34.86 3.55
C GLU X 33 1.92 34.28 3.42
N VAL X 34 2.95 35.11 3.31
CA VAL X 34 4.26 34.49 3.13
C VAL X 34 4.54 33.64 4.34
N VAL X 35 4.25 34.20 5.50
CA VAL X 35 4.51 33.44 6.69
C VAL X 35 3.62 32.22 6.77
N ALA X 36 2.33 32.38 6.47
CA ALA X 36 1.40 31.26 6.53
C ALA X 36 1.79 30.16 5.59
N GLY X 37 2.23 30.52 4.41
CA GLY X 37 2.64 29.56 3.42
C GLY X 37 3.78 28.77 3.99
N GLY X 38 4.79 29.48 4.49
CA GLY X 38 5.95 28.82 5.04
C GLY X 38 5.56 27.85 6.14
N ILE X 39 4.87 28.31 7.17
CA ILE X 39 4.57 27.37 8.23
C ILE X 39 3.61 26.27 7.83
N MET X 40 2.63 26.52 6.99
CA MET X 40 1.78 25.40 6.71
C MET X 40 2.43 24.39 5.82
N TYR X 41 3.28 24.84 4.91
CA TYR X 41 3.97 23.89 4.08
C TYR X 41 4.90 23.09 4.96
N MET X 42 5.61 23.77 5.87
CA MET X 42 6.52 23.05 6.74
C MET X 42 5.76 21.93 7.43
N MET X 43 4.62 22.27 8.00
CA MET X 43 3.81 21.29 8.70
C MET X 43 3.23 20.16 7.87
N THR X 44 2.69 20.48 6.71
CA THR X 44 1.97 19.48 5.93
C THR X 44 2.58 19.00 4.63
N LYS X 45 3.49 19.78 4.05
CA LYS X 45 4.07 19.56 2.74
C LYS X 45 3.04 19.59 1.62
N ASN X 46 1.90 20.22 1.87
CA ASN X 46 0.89 20.33 0.84
C ASN X 46 1.16 21.57 0.01
N VAL X 47 1.51 21.36 -1.25
CA VAL X 47 1.91 22.42 -2.15
C VAL X 47 0.91 23.57 -2.28
N LYS X 48 -0.36 23.34 -1.96
CA LYS X 48 -1.36 24.41 -2.08
C LYS X 48 -0.98 25.60 -1.24
N PHE X 49 -0.21 25.38 -0.20
CA PHE X 49 0.15 26.44 0.70
C PHE X 49 1.13 27.39 0.07
N LEU X 50 1.85 26.92 -0.93
CA LEU X 50 2.85 27.75 -1.55
C LEU X 50 2.18 28.53 -2.65
N PHE X 51 1.22 27.91 -3.33
CA PHE X 51 0.55 28.59 -4.43
C PHE X 51 -0.31 29.73 -3.94
N GLY X 52 -0.79 29.61 -2.71
CA GLY X 52 -1.60 30.64 -2.14
C GLY X 52 -0.92 32.01 -2.20
N PHE X 53 0.41 32.08 -2.10
CA PHE X 53 1.01 33.38 -2.16
C PHE X 53 0.78 34.05 -3.50
N ALA X 54 1.06 33.35 -4.58
CA ALA X 54 0.87 33.93 -5.90
C ALA X 54 -0.60 34.26 -6.11
N ILE X 55 -1.48 33.44 -5.56
CA ILE X 55 -2.91 33.67 -5.72
C ILE X 55 -3.35 34.95 -5.03
N ILE X 56 -2.95 35.14 -3.79
CA ILE X 56 -3.35 36.34 -3.08
C ILE X 56 -2.79 37.58 -3.70
N SER X 57 -1.52 37.55 -4.07
CA SER X 57 -0.95 38.73 -4.69
C SER X 57 -1.73 39.06 -5.96
N THR X 58 -2.03 38.05 -6.76
CA THR X 58 -2.77 38.30 -7.98
C THR X 58 -4.16 38.85 -7.67
N PHE X 59 -4.85 38.23 -6.72
CA PHE X 59 -6.19 38.65 -6.35
C PHE X 59 -6.24 40.09 -5.91
N ILE X 60 -5.37 40.46 -4.99
CA ILE X 60 -5.38 41.81 -4.51
C ILE X 60 -5.07 42.76 -5.62
N THR X 61 -4.10 42.44 -6.44
CA THR X 61 -3.76 43.35 -7.53
C THR X 61 -4.99 43.61 -8.40
N ILE X 62 -5.72 42.58 -8.78
CA ILE X 62 -6.89 42.79 -9.61
C ILE X 62 -7.98 43.52 -8.85
N GLY X 63 -8.25 43.08 -7.65
CA GLY X 63 -9.30 43.66 -6.84
C GLY X 63 -9.09 45.13 -6.63
N MET X 64 -7.90 45.53 -6.22
CA MET X 64 -7.66 46.93 -5.98
C MET X 64 -7.77 47.76 -7.23
N SER X 65 -7.35 47.22 -8.37
CA SER X 65 -7.47 47.96 -9.61
C SER X 65 -8.93 48.22 -9.90
N VAL X 66 -9.75 47.19 -9.76
CA VAL X 66 -11.16 47.33 -10.00
C VAL X 66 -11.81 48.27 -9.00
N ALA X 67 -11.50 48.12 -7.71
CA ALA X 67 -12.05 48.98 -6.68
C ALA X 67 -11.66 50.43 -6.92
N GLY X 68 -10.44 50.64 -7.43
CA GLY X 68 -9.91 51.96 -7.72
C GLY X 68 -9.07 52.53 -6.59
N TYR X 69 -8.53 51.68 -5.73
CA TYR X 69 -7.74 52.15 -4.61
C TYR X 69 -6.34 51.59 -4.52
N ALA Y 4 38.90 18.89 8.43
CA ALA Y 4 38.27 18.19 7.31
C ALA Y 4 36.77 18.37 7.36
N THR Y 5 36.13 18.17 6.22
CA THR Y 5 34.70 18.29 6.13
C THR Y 5 34.04 16.93 6.00
N ASP Y 6 34.85 15.86 6.02
CA ASP Y 6 34.27 14.53 5.93
C ASP Y 6 33.76 14.14 7.28
N LEU Y 7 32.47 14.26 7.43
CA LEU Y 7 31.77 14.05 8.67
C LEU Y 7 31.91 12.63 9.17
N MET Y 8 32.21 11.68 8.29
CA MET Y 8 32.31 10.28 8.65
C MET Y 8 33.75 9.79 8.77
N LYS Y 9 34.72 10.70 8.68
CA LYS Y 9 36.13 10.32 8.66
C LYS Y 9 36.62 9.35 9.73
N SER Y 10 36.11 9.48 10.94
CA SER Y 10 36.58 8.65 12.04
C SER Y 10 36.33 7.16 11.87
N GLY Y 11 35.42 6.79 10.97
CA GLY Y 11 35.10 5.40 10.76
C GLY Y 11 36.26 4.53 10.26
N ASP Y 12 37.30 5.13 9.66
CA ASP Y 12 38.41 4.30 9.21
C ASP Y 12 39.09 3.51 10.31
N ALA Y 13 39.06 3.95 11.55
CA ALA Y 13 39.76 3.16 12.54
C ALA Y 13 39.21 1.73 12.62
N THR Y 14 37.89 1.58 12.59
CA THR Y 14 37.38 0.24 12.73
C THR Y 14 37.15 -0.39 11.41
N VAL Y 15 36.97 0.39 10.36
CA VAL Y 15 36.77 -0.28 9.11
C VAL Y 15 38.08 -0.91 8.72
N LYS Y 16 39.18 -0.18 8.85
CA LYS Y 16 40.44 -0.79 8.50
C LYS Y 16 40.73 -1.94 9.42
N GLY Y 17 40.50 -1.77 10.72
CA GLY Y 17 40.72 -2.85 11.65
C GLY Y 17 40.01 -4.13 11.26
N THR Y 18 38.71 -4.06 11.05
CA THR Y 18 37.94 -5.24 10.72
C THR Y 18 37.96 -5.71 9.28
N PHE Y 19 37.98 -4.81 8.32
CA PHE Y 19 37.93 -5.27 6.95
C PHE Y 19 39.17 -5.07 6.07
N GLY Y 20 40.28 -4.54 6.60
CA GLY Y 20 41.43 -4.35 5.75
C GLY Y 20 42.24 -5.63 5.60
N LYS Y 21 43.36 -5.55 4.90
CA LYS Y 21 44.18 -6.72 4.61
C LYS Y 21 44.55 -7.59 5.80
N GLN Y 22 44.89 -6.97 6.92
CA GLN Y 22 45.36 -7.71 8.08
C GLN Y 22 44.27 -8.14 9.04
N SER Y 23 43.01 -7.86 8.74
CA SER Y 23 41.97 -8.18 9.69
C SER Y 23 41.66 -9.64 9.78
N SER Y 24 40.98 -10.00 10.87
CA SER Y 24 40.58 -11.37 11.02
C SER Y 24 39.61 -11.81 9.94
N VAL Y 25 38.76 -10.91 9.46
CA VAL Y 25 37.84 -11.33 8.42
C VAL Y 25 38.58 -11.69 7.17
N VAL Y 26 39.53 -10.86 6.77
CA VAL Y 26 40.23 -11.16 5.54
C VAL Y 26 41.03 -12.43 5.68
N LYS Y 27 41.69 -12.62 6.82
CA LYS Y 27 42.46 -13.83 6.98
C LYS Y 27 41.58 -15.04 6.90
N TRP Y 28 40.38 -14.97 7.45
CA TRP Y 28 39.48 -16.10 7.39
C TRP Y 28 39.10 -16.43 5.95
N VAL Y 29 38.88 -15.43 5.12
CA VAL Y 29 38.54 -15.74 3.74
C VAL Y 29 39.69 -16.48 3.07
N VAL Y 30 40.91 -16.04 3.30
CA VAL Y 30 42.03 -16.76 2.70
C VAL Y 30 42.10 -18.18 3.23
N LEU Y 31 41.95 -18.36 4.52
CA LEU Y 31 41.98 -19.70 5.07
C LEU Y 31 40.95 -20.56 4.39
N ALA Y 32 39.76 -20.02 4.19
CA ALA Y 32 38.71 -20.78 3.57
C ALA Y 32 39.16 -21.32 2.23
N GLU Y 33 39.94 -20.56 1.47
CA GLU Y 33 40.39 -21.13 0.21
C GLU Y 33 41.31 -22.31 0.43
N VAL Y 34 42.16 -22.28 1.45
CA VAL Y 34 43.06 -23.41 1.57
C VAL Y 34 42.23 -24.64 1.78
N VAL Y 35 41.23 -24.52 2.63
CA VAL Y 35 40.41 -25.66 2.90
C VAL Y 35 39.63 -26.05 1.66
N ALA Y 36 39.03 -25.08 0.97
CA ALA Y 36 38.25 -25.36 -0.21
C ALA Y 36 39.08 -26.03 -1.29
N GLY Y 37 40.29 -25.56 -1.46
CA GLY Y 37 41.18 -26.12 -2.43
C GLY Y 37 41.40 -27.58 -2.11
N GLY Y 38 41.76 -27.84 -0.86
CA GLY Y 38 42.01 -29.19 -0.44
C GLY Y 38 40.81 -30.09 -0.71
N ILE Y 39 39.64 -29.75 -0.18
CA ILE Y 39 38.54 -30.64 -0.41
C ILE Y 39 38.07 -30.73 -1.85
N MET Y 40 38.11 -29.67 -2.60
CA MET Y 40 37.63 -29.88 -3.94
C MET Y 40 38.60 -30.64 -4.79
N TYR Y 41 39.89 -30.45 -4.55
CA TYR Y 41 40.85 -31.22 -5.31
C TYR Y 41 40.69 -32.67 -4.92
N MET Y 42 40.55 -32.95 -3.62
CA MET Y 42 40.39 -34.33 -3.20
C MET Y 42 39.23 -34.95 -3.96
N MET Y 43 38.10 -34.26 -3.99
CA MET Y 43 36.93 -34.76 -4.68
C MET Y 43 37.05 -34.91 -6.18
N THR Y 44 37.61 -33.93 -6.86
CA THR Y 44 37.61 -33.94 -8.32
C THR Y 44 38.93 -34.14 -9.05
N LYS Y 45 40.04 -33.90 -8.38
CA LYS Y 45 41.37 -33.89 -8.94
C LYS Y 45 41.56 -32.85 -10.03
N ASN Y 46 40.72 -31.82 -10.03
CA ASN Y 46 40.85 -30.76 -10.99
C ASN Y 46 41.81 -29.71 -10.48
N VAL Y 47 42.94 -29.59 -11.11
CA VAL Y 47 44.02 -28.72 -10.68
C VAL Y 47 43.62 -27.26 -10.45
N LYS Y 48 42.53 -26.80 -11.06
CA LYS Y 48 42.11 -25.42 -10.89
C LYS Y 48 41.86 -25.09 -9.44
N PHE Y 49 41.55 -26.10 -8.65
CA PHE Y 49 41.24 -25.88 -7.27
C PHE Y 49 42.46 -25.54 -6.47
N LEU Y 50 43.62 -25.90 -6.97
CA LEU Y 50 44.83 -25.66 -6.24
C LEU Y 50 45.34 -24.28 -6.62
N PHE Y 51 45.15 -23.91 -7.89
CA PHE Y 51 45.62 -22.61 -8.35
C PHE Y 51 44.84 -21.49 -7.73
N GLY Y 52 43.60 -21.76 -7.39
CA GLY Y 52 42.77 -20.76 -6.78
C GLY Y 52 43.42 -20.15 -5.55
N PHE Y 53 44.21 -20.92 -4.78
CA PHE Y 53 44.81 -20.31 -3.63
C PHE Y 53 45.75 -19.17 -4.01
N ALA Y 54 46.67 -19.44 -4.92
CA ALA Y 54 47.60 -18.41 -5.33
C ALA Y 54 46.85 -17.23 -5.94
N ILE Y 55 45.76 -17.52 -6.65
CA ILE Y 55 44.99 -16.46 -7.28
C ILE Y 55 44.34 -15.55 -6.25
N ILE Y 56 43.69 -16.12 -5.26
CA ILE Y 56 43.05 -15.29 -4.26
C ILE Y 56 44.03 -14.49 -3.47
N SER Y 57 45.13 -15.11 -3.04
CA SER Y 57 46.11 -14.36 -2.30
C SER Y 57 46.60 -13.18 -3.13
N THR Y 58 46.89 -13.44 -4.40
CA THR Y 58 47.36 -12.37 -5.25
C THR Y 58 46.30 -11.28 -5.41
N PHE Y 59 45.06 -11.67 -5.66
CA PHE Y 59 43.97 -10.74 -5.83
C PHE Y 59 43.79 -9.84 -4.64
N ILE Y 60 43.70 -10.43 -3.45
CA ILE Y 60 43.49 -9.64 -2.28
C ILE Y 60 44.65 -8.71 -2.07
N THR Y 61 45.86 -9.19 -2.25
CA THR Y 61 47.01 -8.33 -2.05
C THR Y 61 46.90 -7.09 -2.94
N ILE Y 62 46.59 -7.27 -4.22
CA ILE Y 62 46.48 -6.11 -5.09
C ILE Y 62 45.30 -5.24 -4.74
N GLY Y 63 44.16 -5.85 -4.52
CA GLY Y 63 42.94 -5.14 -4.20
C GLY Y 63 43.11 -4.27 -2.99
N MET Y 64 43.62 -4.84 -1.90
CA MET Y 64 43.76 -4.07 -0.70
C MET Y 64 44.74 -2.93 -0.86
N SER Y 65 45.80 -3.13 -1.62
CA SER Y 65 46.75 -2.06 -1.84
C SER Y 65 46.06 -0.90 -2.54
N VAL Y 66 45.30 -1.23 -3.58
CA VAL Y 66 44.59 -0.21 -4.31
C VAL Y 66 43.52 0.46 -3.45
N ALA Y 67 42.74 -0.32 -2.71
CA ALA Y 67 41.71 0.23 -1.84
C ALA Y 67 42.32 1.13 -0.78
N GLY Y 68 43.52 0.77 -0.31
CA GLY Y 68 44.25 1.52 0.70
C GLY Y 68 44.01 1.02 2.11
N TYR Y 69 43.61 -0.25 2.25
CA TYR Y 69 43.33 -0.79 3.58
C TYR Y 69 44.10 -2.05 3.93
N ALA Z 4 -63.21 37.20 -8.71
CA ALA Z 4 -62.44 36.47 -7.71
C ALA Z 4 -62.40 37.26 -6.43
N THR Z 5 -62.16 36.57 -5.33
CA THR Z 5 -62.06 37.21 -4.03
C THR Z 5 -60.62 37.29 -3.56
N ASP Z 6 -59.68 36.81 -4.38
CA ASP Z 6 -58.29 36.90 -3.99
C ASP Z 6 -57.79 38.29 -4.27
N LEU Z 7 -57.73 39.05 -3.22
CA LEU Z 7 -57.38 40.45 -3.26
C LEU Z 7 -55.98 40.69 -3.80
N MET Z 8 -55.12 39.69 -3.71
CA MET Z 8 -53.73 39.83 -4.15
C MET Z 8 -53.45 39.18 -5.50
N LYS Z 9 -54.49 38.71 -6.19
CA LYS Z 9 -54.34 37.97 -7.44
C LYS Z 9 -53.41 38.58 -8.49
N SER Z 10 -53.44 39.89 -8.66
CA SER Z 10 -52.66 40.53 -9.69
C SER Z 10 -51.15 40.36 -9.57
N GLY Z 11 -50.68 39.99 -8.37
CA GLY Z 11 -49.26 39.84 -8.15
C GLY Z 11 -48.58 38.77 -9.00
N ASP Z 12 -49.34 37.79 -9.53
CA ASP Z 12 -48.68 36.79 -10.36
C ASP Z 12 -47.98 37.33 -11.57
N ALA Z 13 -48.38 38.46 -12.12
CA ALA Z 13 -47.68 38.89 -13.30
C ALA Z 13 -46.19 39.11 -13.04
N THR Z 14 -45.84 39.72 -11.90
CA THR Z 14 -44.44 39.95 -11.69
C THR Z 14 -43.81 38.87 -10.90
N VAL Z 15 -44.59 38.12 -10.13
CA VAL Z 15 -43.92 37.07 -9.42
C VAL Z 15 -43.49 36.03 -10.42
N LYS Z 16 -44.37 35.67 -11.35
CA LYS Z 16 -43.97 34.70 -12.32
C LYS Z 16 -42.84 35.25 -13.17
N GLY Z 17 -42.95 36.50 -13.59
CA GLY Z 17 -41.90 37.11 -14.38
C GLY Z 17 -40.53 36.99 -13.70
N THR Z 18 -40.42 37.47 -12.48
CA THR Z 18 -39.14 37.45 -11.79
C THR Z 18 -38.73 36.14 -11.14
N PHE Z 19 -39.63 35.37 -10.58
CA PHE Z 19 -39.20 34.17 -9.90
C PHE Z 19 -39.59 32.82 -10.51
N GLY Z 20 -40.27 32.79 -11.66
CA GLY Z 20 -40.64 31.50 -12.22
C GLY Z 20 -39.49 30.86 -12.98
N LYS Z 21 -39.75 29.71 -13.59
CA LYS Z 21 -38.72 28.95 -14.28
C LYS Z 21 -37.89 29.72 -15.29
N GLN Z 22 -38.53 30.58 -16.07
CA GLN Z 22 -37.83 31.28 -17.13
C GLN Z 22 -37.23 32.61 -16.73
N SER Z 23 -37.33 32.99 -15.46
CA SER Z 23 -36.84 34.30 -15.08
C SER Z 23 -35.35 34.41 -15.03
N SER Z 24 -34.87 35.64 -15.03
CA SER Z 24 -33.46 35.84 -14.91
C SER Z 24 -32.92 35.34 -13.58
N VAL Z 25 -33.68 35.43 -12.53
CA VAL Z 25 -33.15 34.94 -11.26
C VAL Z 25 -32.95 33.45 -11.31
N VAL Z 26 -33.90 32.72 -11.82
CA VAL Z 26 -33.73 31.29 -11.85
C VAL Z 26 -32.59 30.90 -12.76
N LYS Z 27 -32.49 31.53 -13.91
CA LYS Z 27 -31.40 31.20 -14.80
C LYS Z 27 -30.06 31.45 -14.13
N TRP Z 28 -29.95 32.52 -13.36
CA TRP Z 28 -28.70 32.81 -12.69
C TRP Z 28 -28.35 31.72 -11.69
N VAL Z 29 -29.33 31.19 -10.97
CA VAL Z 29 -29.01 30.14 -10.02
C VAL Z 29 -28.45 28.92 -10.77
N VAL Z 30 -29.06 28.56 -11.88
CA VAL Z 30 -28.52 27.43 -12.62
C VAL Z 30 -27.11 27.72 -13.11
N LEU Z 31 -26.89 28.91 -13.65
CA LEU Z 31 -25.56 29.24 -14.09
C LEU Z 31 -24.56 29.08 -12.97
N ALA Z 32 -24.94 29.53 -11.78
CA ALA Z 32 -24.05 29.44 -10.66
C ALA Z 32 -23.61 28.02 -10.44
N GLU Z 33 -24.50 27.03 -10.65
CA GLU Z 33 -24.02 25.67 -10.47
C GLU Z 33 -22.98 25.30 -11.51
N VAL Z 34 -23.11 25.77 -12.73
CA VAL Z 34 -22.12 25.34 -13.71
C VAL Z 34 -20.78 25.82 -13.24
N VAL Z 35 -20.74 27.05 -12.79
CA VAL Z 35 -19.48 27.58 -12.34
C VAL Z 35 -19.01 26.85 -11.10
N ALA Z 36 -19.90 26.64 -10.13
CA ALA Z 36 -19.53 25.96 -8.90
C ALA Z 36 -19.02 24.57 -9.15
N GLY Z 37 -19.65 23.87 -10.06
CA GLY Z 37 -19.26 22.53 -10.40
C GLY Z 37 -17.84 22.58 -10.92
N GLY Z 38 -17.61 23.45 -11.88
CA GLY Z 38 -16.29 23.58 -12.46
C GLY Z 38 -15.24 23.85 -11.40
N ILE Z 39 -15.40 24.92 -10.62
CA ILE Z 39 -14.35 25.17 -9.66
C ILE Z 39 -14.24 24.15 -8.55
N MET Z 40 -15.31 23.57 -8.09
CA MET Z 40 -15.07 22.63 -7.03
C MET Z 40 -14.48 21.34 -7.53
N TYR Z 41 -14.83 20.94 -8.73
CA TYR Z 41 -14.23 19.74 -9.26
C TYR Z 41 -12.76 20.03 -9.48
N MET Z 42 -12.44 21.19 -10.05
CA MET Z 42 -11.05 21.51 -10.28
C MET Z 42 -10.29 21.36 -8.97
N MET Z 43 -10.80 21.95 -7.91
CA MET Z 43 -10.15 21.88 -6.61
C MET Z 43 -10.05 20.50 -5.99
N THR Z 44 -11.12 19.74 -6.01
CA THR Z 44 -11.14 18.47 -5.30
C THR Z 44 -11.15 17.17 -6.10
N LYS Z 45 -11.55 17.24 -7.35
CA LYS Z 45 -11.75 16.09 -8.22
C LYS Z 45 -12.83 15.15 -7.71
N ASN Z 46 -13.73 15.65 -6.88
CA ASN Z 46 -14.82 14.85 -6.39
C ASN Z 46 -15.98 14.93 -7.35
N VAL Z 47 -16.29 13.83 -7.99
CA VAL Z 47 -17.29 13.75 -9.04
C VAL Z 47 -18.67 14.29 -8.63
N LYS Z 48 -18.98 14.34 -7.35
CA LYS Z 48 -20.29 14.82 -6.91
C LYS Z 48 -20.54 16.23 -7.39
N PHE Z 49 -19.47 16.97 -7.63
CA PHE Z 49 -19.62 18.34 -8.02
C PHE Z 49 -20.11 18.46 -9.43
N LEU Z 50 -19.93 17.43 -10.23
CA LEU Z 50 -20.34 17.49 -11.59
C LEU Z 50 -21.77 17.04 -11.68
N PHE Z 51 -22.14 16.06 -10.84
CA PHE Z 51 -23.51 15.56 -10.88
C PHE Z 51 -24.49 16.58 -10.39
N GLY Z 52 -24.03 17.45 -9.52
CA GLY Z 52 -24.89 18.48 -8.99
C GLY Z 52 -25.56 19.29 -10.10
N PHE Z 53 -24.90 19.49 -11.24
CA PHE Z 53 -25.57 20.26 -12.28
C PHE Z 53 -26.82 19.57 -12.76
N ALA Z 54 -26.72 18.31 -13.12
CA ALA Z 54 -27.89 17.59 -13.60
C ALA Z 54 -28.95 17.54 -12.52
N ILE Z 55 -28.53 17.42 -11.26
CA ILE Z 55 -29.48 17.35 -10.17
C ILE Z 55 -30.26 18.65 -10.01
N ILE Z 56 -29.58 19.78 -10.01
CA ILE Z 56 -30.28 21.03 -9.87
C ILE Z 56 -31.20 21.31 -11.02
N SER Z 57 -30.74 21.09 -12.24
CA SER Z 57 -31.60 21.33 -13.37
C SER Z 57 -32.86 20.46 -13.25
N THR Z 58 -32.68 19.20 -12.89
CA THR Z 58 -33.83 18.33 -12.74
C THR Z 58 -34.75 18.82 -11.63
N PHE Z 59 -34.19 19.16 -10.49
CA PHE Z 59 -34.97 19.63 -9.36
C PHE Z 59 -35.79 20.84 -9.70
N ILE Z 60 -35.17 21.85 -10.27
CA ILE Z 60 -35.90 23.05 -10.59
C ILE Z 60 -36.97 22.75 -11.58
N THR Z 61 -36.69 21.95 -12.59
CA THR Z 61 -37.69 21.64 -13.57
C THR Z 61 -38.93 21.04 -12.90
N ILE Z 62 -38.73 20.07 -12.02
CA ILE Z 62 -39.88 19.47 -11.36
C ILE Z 62 -40.57 20.44 -10.43
N GLY Z 63 -39.78 21.13 -9.61
CA GLY Z 63 -40.31 22.06 -8.65
C GLY Z 63 -41.16 23.11 -9.30
N MET Z 64 -40.65 23.76 -10.34
CA MET Z 64 -41.41 24.80 -10.97
C MET Z 64 -42.68 24.29 -11.60
N SER Z 65 -42.65 23.09 -12.17
CA SER Z 65 -43.85 22.53 -12.75
C SER Z 65 -44.90 22.36 -11.68
N VAL Z 66 -44.50 21.81 -10.53
CA VAL Z 66 -45.42 21.61 -9.44
C VAL Z 66 -45.92 22.94 -8.88
N ALA Z 67 -45.02 23.90 -8.67
CA ALA Z 67 -45.38 25.20 -8.14
C ALA Z 67 -46.34 25.91 -9.11
N GLY Z 68 -46.14 25.69 -10.41
CA GLY Z 68 -46.98 26.28 -11.44
C GLY Z 68 -46.41 27.58 -12.00
N TYR Z 69 -45.10 27.79 -11.87
CA TYR Z 69 -44.49 29.02 -12.35
C TYR Z 69 -43.35 28.83 -13.34
N ALA AA 4 14.78 -20.98 35.78
CA ALA AA 4 15.39 -20.56 34.53
C ALA AA 4 14.62 -19.40 33.95
N THR AA 5 15.29 -18.64 33.09
CA THR AA 5 14.67 -17.51 32.44
C THR AA 5 14.38 -17.81 30.98
N ASP AA 6 14.70 -19.03 30.53
CA ASP AA 6 14.41 -19.38 29.15
C ASP AA 6 12.95 -19.74 29.04
N LEU AA 7 12.20 -18.80 28.55
CA LEU AA 7 10.77 -18.88 28.45
C LEU AA 7 10.31 -20.02 27.55
N MET AA 8 11.18 -20.47 26.64
CA MET AA 8 10.83 -21.52 25.70
C MET AA 8 11.40 -22.89 26.06
N LYS AA 9 12.01 -23.00 27.24
CA LYS AA 9 12.71 -24.23 27.64
C LYS AA 9 11.96 -25.53 27.46
N SER AA 10 10.67 -25.54 27.72
CA SER AA 10 9.89 -26.77 27.66
C SER AA 10 9.84 -27.43 26.29
N GLY AA 11 10.14 -26.67 25.24
CA GLY AA 11 10.09 -27.20 23.89
C GLY AA 11 11.04 -28.36 23.61
N ASP AA 12 12.10 -28.52 24.40
CA ASP AA 12 12.99 -29.65 24.14
C ASP AA 12 12.34 -31.01 24.21
N ALA AA 13 11.26 -31.17 24.97
CA ALA AA 13 10.71 -32.51 25.02
C ALA AA 13 10.29 -33.00 23.64
N THR AA 14 9.65 -32.15 22.85
CA THR AA 14 9.20 -32.64 21.57
C THR AA 14 10.20 -32.36 20.49
N VAL AA 15 11.07 -31.38 20.69
CA VAL AA 15 12.02 -31.18 19.63
C VAL AA 15 12.96 -32.36 19.65
N LYS AA 16 13.43 -32.75 20.81
CA LYS AA 16 14.32 -33.88 20.85
C LYS AA 16 13.59 -35.12 20.38
N GLY AA 17 12.37 -35.31 20.84
CA GLY AA 17 11.60 -36.47 20.41
C GLY AA 17 11.51 -36.57 18.89
N THR AA 18 11.06 -35.53 18.23
CA THR AA 18 10.89 -35.57 16.79
C THR AA 18 12.13 -35.34 15.95
N PHE AA 19 13.03 -34.46 16.34
CA PHE AA 19 14.17 -34.19 15.49
C PHE AA 19 15.56 -34.65 15.97
N GLY AA 20 15.67 -35.31 17.12
CA GLY AA 20 17.00 -35.72 17.56
C GLY AA 20 17.44 -37.00 16.88
N LYS AA 21 18.60 -37.50 17.28
CA LYS AA 21 19.20 -38.68 16.65
C LYS AA 21 18.29 -39.90 16.54
N GLN AA 22 17.53 -40.17 17.58
CA GLN AA 22 16.71 -41.37 17.61
C GLN AA 22 15.31 -41.21 17.05
N SER AA 23 14.98 -40.04 16.54
CA SER AA 23 13.62 -39.83 16.09
C SER AA 23 13.28 -40.52 14.81
N SER AA 24 11.99 -40.64 14.54
CA SER AA 24 11.59 -41.24 13.31
C SER AA 24 12.01 -40.40 12.11
N VAL AA 25 12.07 -39.09 12.24
CA VAL AA 25 12.48 -38.31 11.10
C VAL AA 25 13.92 -38.59 10.76
N VAL AA 26 14.79 -38.62 11.75
CA VAL AA 26 16.18 -38.85 11.44
C VAL AA 26 16.37 -40.24 10.88
N LYS AA 27 15.71 -41.23 11.44
CA LYS AA 27 15.87 -42.57 10.92
C LYS AA 27 15.43 -42.63 9.47
N TRP AA 28 14.37 -41.93 9.12
CA TRP AA 28 13.91 -41.94 7.75
C TRP AA 28 14.95 -41.35 6.81
N VAL AA 29 15.62 -40.28 7.22
CA VAL AA 29 16.63 -39.72 6.34
C VAL AA 29 17.74 -40.74 6.10
N VAL AA 30 18.17 -41.44 7.13
CA VAL AA 30 19.20 -42.45 6.91
C VAL AA 30 18.70 -43.55 5.99
N LEU AA 31 17.48 -44.02 6.21
CA LEU AA 31 16.95 -45.03 5.33
C LEU AA 31 16.97 -44.57 3.91
N ALA AA 32 16.60 -43.32 3.68
CA ALA AA 32 16.57 -42.79 2.34
C ALA AA 32 17.92 -42.95 1.69
N GLU AA 33 19.02 -42.78 2.42
CA GLU AA 33 20.30 -42.98 1.76
C GLU AA 33 20.50 -44.42 1.35
N VAL AA 34 20.03 -45.38 2.14
CA VAL AA 34 20.29 -46.75 1.72
C VAL AA 34 19.63 -46.96 0.40
N VAL AA 35 18.41 -46.49 0.29
CA VAL AA 35 17.70 -46.68 -0.94
C VAL AA 35 18.37 -45.91 -2.07
N ALA AA 36 18.73 -44.65 -1.81
CA ALA AA 36 19.36 -43.83 -2.83
C ALA AA 36 20.66 -44.42 -3.31
N GLY AA 37 21.43 -44.96 -2.39
CA GLY AA 37 22.69 -45.56 -2.73
C GLY AA 37 22.43 -46.71 -3.68
N GLY AA 38 21.51 -47.58 -3.28
CA GLY AA 38 21.18 -48.71 -4.10
C GLY AA 38 20.77 -48.30 -5.50
N ILE AA 39 19.76 -47.46 -5.62
CA ILE AA 39 19.36 -47.12 -6.97
C ILE AA 39 20.37 -46.32 -7.75
N MET AA 40 21.11 -45.44 -7.15
CA MET AA 40 22.01 -44.72 -8.00
C MET AA 40 23.19 -45.56 -8.40
N TYR AA 41 23.63 -46.46 -7.55
CA TYR AA 41 24.72 -47.32 -7.94
C TYR AA 41 24.21 -48.22 -9.05
N MET AA 42 23.00 -48.75 -8.90
CA MET AA 42 22.47 -49.63 -9.94
C MET AA 42 22.53 -48.89 -11.27
N MET AA 43 22.04 -47.66 -11.29
CA MET AA 43 22.03 -46.87 -12.50
C MET AA 43 23.38 -46.51 -13.07
N THR AA 44 24.30 -46.07 -12.23
CA THR AA 44 25.57 -45.55 -12.73
C THR AA 44 26.84 -46.34 -12.48
N LYS AA 45 26.82 -47.22 -11.51
CA LYS AA 45 27.98 -47.97 -11.03
C LYS AA 45 29.07 -47.08 -10.48
N ASN AA 46 28.72 -45.87 -10.07
CA ASN AA 46 29.68 -44.98 -9.48
C ASN AA 46 29.76 -45.22 -7.99
N VAL AA 47 30.89 -45.72 -7.55
CA VAL AA 47 31.09 -46.13 -6.16
C VAL AA 47 30.77 -45.06 -5.13
N LYS AA 48 30.79 -43.79 -5.51
CA LYS AA 48 30.53 -42.71 -4.54
C LYS AA 48 29.16 -42.87 -3.92
N PHE AA 49 28.26 -43.55 -4.62
CA PHE AA 49 26.91 -43.70 -4.13
C PHE AA 49 26.85 -44.66 -2.98
N LEU AA 50 27.84 -45.53 -2.86
CA LEU AA 50 27.82 -46.51 -1.82
C LEU AA 50 28.48 -45.90 -0.60
N PHE AA 51 29.51 -45.08 -0.83
CA PHE AA 51 30.22 -44.48 0.29
C PHE AA 51 29.36 -43.47 1.01
N GLY AA 52 28.44 -42.87 0.28
CA GLY AA 52 27.55 -41.90 0.88
C GLY AA 52 26.84 -42.45 2.11
N PHE AA 53 26.53 -43.76 2.15
CA PHE AA 53 25.85 -44.24 3.33
C PHE AA 53 26.72 -44.10 4.57
N ALA AA 54 27.95 -44.58 4.51
CA ALA AA 54 28.82 -44.48 5.66
C ALA AA 54 29.05 -43.01 6.03
N ILE AA 55 29.11 -42.15 5.01
CA ILE AA 55 29.34 -40.74 5.27
C ILE AA 55 28.18 -40.11 6.01
N ILE AA 56 26.96 -40.34 5.56
CA ILE AA 56 25.83 -39.75 6.25
C ILE AA 56 25.68 -40.27 7.64
N SER AA 57 25.82 -41.57 7.83
CA SER AA 57 25.69 -42.10 9.18
C SER AA 57 26.73 -41.45 10.08
N THR AA 58 27.96 -41.33 9.59
CA THR AA 58 28.99 -40.72 10.40
C THR AA 58 28.66 -39.26 10.68
N PHE AA 59 28.24 -38.52 9.67
CA PHE AA 59 27.92 -37.11 9.82
C PHE AA 59 26.83 -36.88 10.85
N ILE AA 60 25.74 -37.61 10.73
CA ILE AA 60 24.66 -37.41 11.66
C ILE AA 60 25.11 -37.76 13.04
N THR AA 61 25.83 -38.85 13.20
CA THR AA 61 26.28 -39.23 14.53
C THR AA 61 27.07 -38.08 15.18
N ILE AA 62 28.00 -37.50 14.44
CA ILE AA 62 28.78 -36.41 15.01
C ILE AA 62 27.94 -35.18 15.25
N GLY AA 63 27.16 -34.81 14.26
CA GLY AA 63 26.33 -33.63 14.33
C GLY AA 63 25.40 -33.68 15.52
N MET AA 64 24.68 -34.77 15.68
CA MET AA 64 23.74 -34.85 16.78
C MET AA 64 24.43 -34.81 18.11
N SER AA 65 25.61 -35.42 18.23
CA SER AA 65 26.33 -35.37 19.48
C SER AA 65 26.67 -33.93 19.82
N VAL AA 66 27.17 -33.21 18.83
CA VAL AA 66 27.52 -31.82 19.05
C VAL AA 66 26.29 -30.97 19.35
N ALA AA 67 25.21 -31.15 18.58
CA ALA AA 67 23.98 -30.40 18.79
C ALA AA 67 23.42 -30.70 20.18
N GLY AA 68 23.58 -31.93 20.65
CA GLY AA 68 23.10 -32.36 21.94
C GLY AA 68 21.73 -33.01 21.91
N TYR AA 69 21.33 -33.53 20.75
CA TYR AA 69 20.02 -34.14 20.62
C TYR AA 69 20.02 -35.57 20.11
N ALA BA 4 -63.24 13.53 39.85
CA ALA BA 4 -61.84 13.94 39.80
C ALA BA 4 -61.74 15.44 39.90
N THR BA 5 -60.58 15.93 40.32
CA THR BA 5 -60.34 17.34 40.44
C THR BA 5 -59.46 17.86 39.31
N ASP BA 6 -59.07 16.96 38.40
CA ASP BA 6 -58.24 17.42 37.29
C ASP BA 6 -59.13 18.05 36.26
N LEU BA 7 -59.12 19.35 36.27
CA LEU BA 7 -59.97 20.18 35.45
C LEU BA 7 -59.72 19.97 33.97
N MET BA 8 -58.53 19.49 33.61
CA MET BA 8 -58.17 19.30 32.22
C MET BA 8 -58.24 17.85 31.75
N LYS BA 9 -58.76 16.96 32.59
CA LYS BA 9 -58.77 15.53 32.31
C LYS BA 9 -59.27 15.10 30.93
N SER BA 10 -60.30 15.76 30.42
CA SER BA 10 -60.90 15.36 29.16
C SER BA 10 -59.96 15.44 27.96
N GLY BA 11 -58.88 16.21 28.07
CA GLY BA 11 -57.96 16.38 26.98
C GLY BA 11 -57.27 15.09 26.50
N ASP BA 12 -57.22 14.05 27.33
CA ASP BA 12 -56.59 12.82 26.85
C ASP BA 12 -57.23 12.21 25.63
N ALA BA 13 -58.51 12.43 25.39
CA ALA BA 13 -59.06 11.79 24.22
C ALA BA 13 -58.35 12.22 22.94
N THR BA 14 -58.05 13.50 22.79
CA THR BA 14 -57.42 13.90 21.56
C THR BA 14 -55.94 13.92 21.68
N VAL BA 15 -55.41 14.03 22.88
CA VAL BA 15 -53.98 14.02 22.93
C VAL BA 15 -53.53 12.62 22.60
N LYS BA 16 -54.16 11.62 23.18
CA LYS BA 16 -53.75 10.28 22.86
C LYS BA 16 -54.01 10.00 21.40
N GLY BA 17 -55.17 10.40 20.89
CA GLY BA 17 -55.47 10.20 19.50
C GLY BA 17 -54.39 10.75 18.57
N THR BA 18 -54.06 12.02 18.72
CA THR BA 18 -53.07 12.63 17.85
C THR BA 18 -51.61 12.39 18.19
N PHE BA 19 -51.23 12.33 19.44
CA PHE BA 19 -49.82 12.18 19.74
C PHE BA 19 -49.36 10.86 20.37
N GLY BA 20 -50.23 9.89 20.58
CA GLY BA 20 -49.77 8.64 21.18
C GLY BA 20 -49.13 7.72 20.15
N LYS BA 21 -48.74 6.53 20.59
CA LYS BA 21 -48.03 5.59 19.75
C LYS BA 21 -48.68 5.29 18.40
N GLN BA 22 -49.99 5.15 18.38
CA GLN BA 22 -50.69 4.76 17.16
C GLN BA 22 -51.13 5.91 16.29
N SER BA 23 -50.83 7.14 16.67
CA SER BA 23 -51.32 8.26 15.89
C SER BA 23 -50.64 8.45 14.57
N SER BA 24 -51.28 9.21 13.71
CA SER BA 24 -50.66 9.51 12.44
C SER BA 24 -49.38 10.31 12.60
N VAL BA 25 -49.30 11.17 13.60
CA VAL BA 25 -48.07 11.91 13.75
C VAL BA 25 -46.91 11.00 14.09
N VAL BA 26 -47.13 10.08 15.01
CA VAL BA 26 -46.04 9.22 15.38
C VAL BA 26 -45.64 8.33 14.22
N LYS BA 27 -46.62 7.79 13.51
CA LYS BA 27 -46.28 6.95 12.40
C LYS BA 27 -45.47 7.71 11.37
N TRP BA 28 -45.79 8.98 11.14
CA TRP BA 28 -45.05 9.75 10.17
C TRP BA 28 -43.61 9.93 10.60
N VAL BA 29 -43.35 10.13 11.90
CA VAL BA 29 -41.97 10.27 12.32
C VAL BA 29 -41.20 8.99 12.03
N VAL BA 30 -41.80 7.83 12.31
CA VAL BA 30 -41.10 6.60 12.01
C VAL BA 30 -40.85 6.46 10.52
N LEU BA 31 -41.85 6.76 9.71
CA LEU BA 31 -41.65 6.68 8.28
C LEU BA 31 -40.50 7.54 7.85
N ALA BA 32 -40.41 8.74 8.41
CA ALA BA 32 -39.34 9.64 8.06
C ALA BA 32 -38.00 8.98 8.27
N GLU BA 33 -37.84 8.18 9.32
CA GLU BA 33 -36.55 7.54 9.46
C GLU BA 33 -36.29 6.55 8.35
N VAL BA 34 -37.30 5.83 7.88
CA VAL BA 34 -36.98 4.86 6.85
C VAL BA 34 -36.43 5.61 5.67
N VAL BA 35 -37.07 6.70 5.34
CA VAL BA 35 -36.60 7.44 4.20
C VAL BA 35 -35.23 8.03 4.47
N ALA BA 36 -35.04 8.63 5.65
CA ALA BA 36 -33.76 9.22 6.00
C ALA BA 36 -32.64 8.22 5.98
N GLY BA 37 -32.90 7.04 6.48
CA GLY BA 37 -31.93 5.99 6.50
C GLY BA 37 -31.51 5.69 5.09
N GLY BA 38 -32.50 5.46 4.24
CA GLY BA 38 -32.22 5.15 2.86
C GLY BA 38 -31.38 6.23 2.20
N ILE BA 39 -31.83 7.47 2.22
CA ILE BA 39 -31.01 8.46 1.54
C ILE BA 39 -29.68 8.73 2.18
N MET BA 40 -29.56 8.69 3.48
CA MET BA 40 -28.25 8.99 3.98
C MET BA 40 -27.29 7.86 3.77
N TYR BA 41 -27.77 6.64 3.81
CA TYR BA 41 -26.88 5.54 3.55
C TYR BA 41 -26.48 5.61 2.09
N MET BA 42 -27.43 5.88 1.20
CA MET BA 42 -27.08 5.97 -0.20
C MET BA 42 -25.94 6.96 -0.37
N MET BA 43 -26.09 8.14 0.22
CA MET BA 43 -25.08 9.16 0.12
C MET BA 43 -23.73 8.85 0.74
N THR BA 44 -23.73 8.30 1.95
CA THR BA 44 -22.47 8.12 2.67
C THR BA 44 -21.96 6.71 2.89
N LYS BA 45 -22.81 5.72 2.78
CA LYS BA 45 -22.53 4.33 3.08
C LYS BA 45 -22.15 4.10 4.53
N ASN BA 46 -22.54 5.03 5.40
CA ASN BA 46 -22.25 4.87 6.81
C ASN BA 46 -23.36 4.08 7.47
N VAL BA 47 -23.04 2.88 7.92
CA VAL BA 47 -24.02 1.95 8.47
C VAL BA 47 -24.87 2.51 9.60
N LYS BA 48 -24.41 3.55 10.29
CA LYS BA 48 -25.19 4.11 11.40
C LYS BA 48 -26.56 4.56 10.94
N PHE BA 49 -26.68 4.87 9.66
CA PHE BA 49 -27.93 5.37 9.15
C PHE BA 49 -28.96 4.28 9.06
N LEU BA 50 -28.53 3.04 9.02
CA LEU BA 50 -29.45 1.96 8.88
C LEU BA 50 -29.88 1.53 10.27
N PHE BA 51 -28.96 1.61 11.22
CA PHE BA 51 -29.28 1.19 12.58
C PHE BA 51 -30.24 2.14 13.23
N GLY BA 52 -30.21 3.38 12.81
CA GLY BA 52 -31.12 4.37 13.35
C GLY BA 52 -32.56 3.92 13.26
N PHE BA 53 -32.96 3.17 12.23
CA PHE BA 53 -34.35 2.77 12.18
C PHE BA 53 -34.71 1.90 13.36
N ALA BA 54 -33.94 0.85 13.60
CA ALA BA 54 -34.25 -0.03 14.72
C ALA BA 54 -34.19 0.74 16.03
N ILE BA 55 -33.28 1.70 16.13
CA ILE BA 55 -33.16 2.49 17.35
C ILE BA 55 -34.38 3.33 17.60
N ILE BA 56 -34.85 4.04 16.60
CA ILE BA 56 -36.03 4.87 16.81
C ILE BA 56 -37.25 4.06 17.10
N SER BA 57 -37.47 2.99 16.38
CA SER BA 57 -38.63 2.17 16.66
C SER BA 57 -38.57 1.68 18.11
N THR BA 58 -37.40 1.22 18.53
CA THR BA 58 -37.28 0.75 19.89
C THR BA 58 -37.53 1.87 20.90
N PHE BA 59 -36.92 3.03 20.66
CA PHE BA 59 -37.09 4.17 21.55
C PHE BA 59 -38.53 4.58 21.71
N ILE BA 60 -39.23 4.75 20.61
CA ILE BA 60 -40.60 5.17 20.69
C ILE BA 60 -41.41 4.14 21.41
N THR BA 61 -41.20 2.87 21.10
CA THR BA 61 -41.97 1.84 21.76
C THR BA 61 -41.81 1.94 23.28
N ILE BA 62 -40.58 2.09 23.77
CA ILE BA 62 -40.39 2.18 25.20
C ILE BA 62 -40.95 3.47 25.75
N GLY BA 63 -40.66 4.58 25.10
CA GLY BA 63 -41.10 5.87 25.54
C GLY BA 63 -42.60 5.93 25.68
N MET BA 64 -43.31 5.52 24.65
CA MET BA 64 -44.76 5.59 24.71
C MET BA 64 -45.33 4.71 25.79
N SER BA 65 -44.74 3.54 26.01
CA SER BA 65 -45.22 2.67 27.06
C SER BA 65 -45.08 3.37 28.40
N VAL BA 66 -43.93 3.96 28.63
CA VAL BA 66 -43.70 4.67 29.87
C VAL BA 66 -44.61 5.89 30.00
N ALA BA 67 -44.74 6.68 28.95
CA ALA BA 67 -45.60 7.86 28.96
C ALA BA 67 -47.05 7.46 29.21
N GLY BA 68 -47.45 6.29 28.68
CA GLY BA 68 -48.79 5.77 28.84
C GLY BA 68 -49.71 6.13 27.68
N TYR BA 69 -49.15 6.44 26.51
CA TYR BA 69 -49.97 6.82 25.38
C TYR BA 69 -49.76 5.99 24.13
N ALA CA 4 -23.21 -37.61 1.12
CA ALA CA 4 -21.79 -37.34 1.35
C ALA CA 4 -21.59 -35.89 1.70
N THR CA 5 -20.48 -35.59 2.35
CA THR CA 5 -20.16 -34.23 2.73
C THR CA 5 -19.04 -33.67 1.84
N ASP CA 6 -18.58 -34.46 0.88
CA ASP CA 6 -17.54 -33.97 0.00
C ASP CA 6 -18.18 -33.11 -1.07
N LEU CA 7 -18.07 -31.83 -0.85
CA LEU CA 7 -18.69 -30.81 -1.65
C LEU CA 7 -18.21 -30.84 -3.10
N MET CA 8 -17.02 -31.40 -3.33
CA MET CA 8 -16.43 -31.43 -4.66
C MET CA 8 -16.55 -32.79 -5.34
N LYS CA 9 -17.28 -33.73 -4.74
CA LYS CA 9 -17.35 -35.09 -5.23
C LYS CA 9 -17.64 -35.28 -6.72
N SER CA 10 -18.51 -34.46 -7.28
CA SER CA 10 -18.91 -34.62 -8.67
C SER CA 10 -17.77 -34.47 -9.68
N GLY CA 11 -16.67 -33.85 -9.28
CA GLY CA 11 -15.56 -33.63 -10.18
C GLY CA 11 -14.93 -34.91 -10.73
N ASP CA 12 -15.09 -36.05 -10.06
CA ASP CA 12 -14.49 -37.26 -10.61
C ASP CA 12 -14.96 -37.64 -12.00
N ALA CA 13 -16.15 -37.25 -12.41
CA ALA CA 13 -16.55 -37.68 -13.73
C ALA CA 13 -15.59 -37.16 -14.80
N THR CA 14 -15.17 -35.90 -14.70
CA THR CA 14 -14.30 -35.40 -15.75
C THR CA 14 -12.87 -35.56 -15.39
N VAL CA 15 -12.55 -35.66 -14.11
CA VAL CA 15 -11.15 -35.85 -13.85
C VAL CA 15 -10.77 -37.22 -14.30
N LYS CA 16 -11.58 -38.22 -13.99
CA LYS CA 16 -11.22 -39.54 -14.43
C LYS CA 16 -11.25 -39.59 -15.95
N GLY CA 17 -12.27 -39.00 -16.57
CA GLY CA 17 -12.34 -38.99 -18.00
C GLY CA 17 -11.07 -38.44 -18.65
N THR CA 18 -10.67 -37.24 -18.27
CA THR CA 18 -9.50 -36.62 -18.86
C THR CA 18 -8.15 -37.06 -18.35
N PHE CA 19 -7.98 -37.32 -17.07
CA PHE CA 19 -6.67 -37.67 -16.58
C PHE CA 19 -6.43 -39.10 -16.09
N GLY CA 20 -7.41 -40.00 -16.17
CA GLY CA 20 -7.17 -41.35 -15.69
C GLY CA 20 -6.44 -42.18 -16.72
N LYS CA 21 -6.23 -43.45 -16.41
CA LYS CA 21 -5.46 -44.34 -17.27
C LYS CA 21 -5.89 -44.40 -18.72
N GLN CA 22 -7.18 -44.40 -18.98
CA GLN CA 22 -7.68 -44.54 -20.33
C GLN CA 22 -7.88 -43.24 -21.09
N SER CA 23 -7.54 -42.12 -20.49
CA SER CA 23 -7.80 -40.86 -21.15
C SER CA 23 -6.89 -40.56 -22.30
N SER CA 24 -7.30 -39.63 -23.13
CA SER CA 24 -6.46 -39.22 -24.22
C SER CA 24 -5.17 -38.60 -23.74
N VAL CA 25 -5.18 -37.90 -22.63
CA VAL CA 25 -3.93 -37.31 -22.18
C VAL CA 25 -2.94 -38.39 -21.80
N VAL CA 26 -3.39 -39.38 -21.07
CA VAL CA 26 -2.45 -40.40 -20.66
C VAL CA 26 -1.93 -41.17 -21.86
N LYS CA 27 -2.82 -41.49 -22.79
CA LYS CA 27 -2.36 -42.21 -23.95
C LYS CA 27 -1.32 -41.41 -24.72
N TRP CA 28 -1.50 -40.11 -24.80
CA TRP CA 28 -0.54 -39.28 -25.51
C TRP CA 28 0.82 -39.33 -24.84
N VAL CA 29 0.86 -39.32 -23.50
CA VAL CA 29 2.15 -39.38 -22.85
C VAL CA 29 2.86 -40.70 -23.20
N VAL CA 30 2.13 -41.80 -23.19
CA VAL CA 30 2.77 -43.05 -23.56
C VAL CA 30 3.26 -43.01 -25.00
N LEU CA 31 2.44 -42.51 -25.90
CA LEU CA 31 2.87 -42.41 -27.28
C LEU CA 31 4.15 -41.63 -27.38
N ALA CA 32 4.24 -40.54 -26.64
CA ALA CA 32 5.43 -39.72 -26.68
C ALA CA 32 6.65 -40.53 -26.35
N GLU CA 33 6.56 -41.49 -25.43
CA GLU CA 33 7.75 -42.27 -25.19
C GLU CA 33 8.12 -43.13 -26.37
N VAL CA 34 7.15 -43.65 -27.10
CA VAL CA 34 7.55 -44.52 -28.19
C VAL CA 34 8.36 -43.68 -29.15
N VAL CA 35 7.88 -42.48 -29.42
CA VAL CA 35 8.59 -41.65 -30.34
C VAL CA 35 9.95 -41.26 -29.76
N ALA CA 36 9.98 -40.85 -28.50
CA ALA CA 36 11.23 -40.44 -27.87
C ALA CA 36 12.24 -41.54 -27.86
N GLY CA 37 11.80 -42.75 -27.59
CA GLY CA 37 12.68 -43.89 -27.57
C GLY CA 37 13.29 -44.04 -28.93
N GLY CA 38 12.45 -44.05 -29.95
CA GLY CA 38 12.94 -44.20 -31.29
C GLY CA 38 13.97 -43.14 -31.64
N ILE CA 39 13.62 -41.87 -31.51
CA ILE CA 39 14.62 -40.89 -31.90
C ILE CA 39 15.85 -40.85 -31.02
N MET CA 40 15.73 -41.08 -29.73
CA MET CA 40 16.97 -40.98 -29.00
C MET CA 40 17.86 -42.17 -29.22
N TYR CA 41 17.27 -43.33 -29.44
CA TYR CA 41 18.09 -44.48 -29.72
C TYR CA 41 18.75 -44.25 -31.06
N MET CA 42 18.00 -43.76 -32.04
CA MET CA 42 18.59 -43.53 -33.34
C MET CA 42 19.81 -42.65 -33.17
N MET CA 43 19.66 -41.56 -32.45
CA MET CA 43 20.75 -40.63 -32.23
C MET CA 43 21.94 -41.17 -31.46
N THR CA 44 21.69 -41.87 -30.36
CA THR CA 44 22.78 -42.28 -29.48
C THR CA 44 23.14 -43.75 -29.40
N LYS CA 45 22.23 -44.62 -29.79
CA LYS CA 45 22.35 -46.06 -29.65
C LYS CA 45 22.45 -46.52 -28.21
N ASN CA 46 21.99 -45.69 -27.29
CA ASN CA 46 22.02 -46.06 -25.89
C ASN CA 46 20.75 -46.81 -25.55
N VAL CA 47 20.89 -48.07 -25.24
CA VAL CA 47 19.77 -48.97 -25.00
C VAL CA 47 18.78 -48.48 -23.94
N LYS CA 48 19.19 -47.59 -23.04
CA LYS CA 48 18.29 -47.11 -22.00
C LYS CA 48 17.05 -46.46 -22.59
N PHE CA 49 17.18 -45.96 -23.82
CA PHE CA 49 16.09 -45.28 -24.44
C PHE CA 49 14.99 -46.23 -24.85
N LEU CA 50 15.34 -47.49 -25.01
CA LEU CA 50 14.36 -48.44 -25.45
C LEU CA 50 13.66 -49.00 -24.23
N PHE CA 51 14.41 -49.16 -23.14
CA PHE CA 51 13.83 -49.71 -21.93
C PHE CA 51 12.84 -48.76 -21.31
N GLY CA 52 13.06 -47.48 -21.53
CA GLY CA 52 12.16 -46.48 -21.00
C GLY CA 52 10.71 -46.76 -21.39
N PHE CA 53 10.44 -47.33 -22.56
CA PHE CA 53 9.05 -47.56 -22.89
C PHE CA 53 8.42 -48.55 -21.93
N ALA CA 54 9.05 -49.69 -21.72
CA ALA CA 54 8.48 -50.68 -20.82
C ALA CA 54 8.36 -50.09 -19.41
N ILE CA 55 9.32 -49.25 -19.03
CA ILE CA 55 9.31 -48.66 -17.71
C ILE CA 55 8.12 -47.73 -17.52
N ILE CA 56 7.89 -46.84 -18.47
CA ILE CA 56 6.78 -45.94 -18.34
C ILE CA 56 5.46 -46.64 -18.35
N SER CA 57 5.28 -47.59 -19.26
CA SER CA 57 4.03 -48.30 -19.29
C SER CA 57 3.80 -48.98 -17.94
N THR CA 58 4.83 -49.61 -17.40
CA THR CA 58 4.67 -50.28 -16.13
C THR CA 58 4.35 -49.28 -15.03
N PHE CA 59 5.07 -48.16 -14.99
CA PHE CA 59 4.86 -47.14 -13.98
C PHE CA 59 3.45 -46.62 -13.99
N ILE CA 60 2.97 -46.22 -15.15
CA ILE CA 60 1.64 -45.67 -15.22
C ILE CA 60 0.64 -46.70 -14.80
N THR CA 61 0.79 -47.93 -15.26
CA THR CA 61 -0.16 -48.96 -14.90
C THR CA 61 -0.26 -49.08 -13.37
N ILE CA 62 0.88 -49.13 -12.69
CA ILE CA 62 0.83 -49.24 -11.24
C ILE CA 62 0.28 -47.99 -10.59
N GLY CA 63 0.78 -46.85 -11.02
CA GLY CA 63 0.37 -45.58 -10.46
C GLY CA 63 -1.12 -45.37 -10.56
N MET CA 64 -1.68 -45.58 -11.75
CA MET CA 64 -3.10 -45.36 -11.90
C MET CA 64 -3.92 -46.31 -11.08
N SER CA 65 -3.47 -47.55 -10.94
CA SER CA 65 -4.19 -48.50 -10.12
C SER CA 65 -4.24 -48.01 -8.69
N VAL CA 66 -3.10 -47.57 -8.19
CA VAL CA 66 -3.03 -47.07 -6.83
C VAL CA 66 -3.84 -45.79 -6.67
N ALA CA 67 -3.72 -44.84 -7.60
CA ALA CA 67 -4.48 -43.60 -7.54
C ALA CA 67 -5.97 -43.88 -7.59
N GLY CA 68 -6.37 -44.91 -8.34
CA GLY CA 68 -7.76 -45.30 -8.49
C GLY CA 68 -8.43 -44.70 -9.71
N TYR CA 69 -7.66 -44.30 -10.71
CA TYR CA 69 -8.23 -43.68 -11.90
C TYR CA 69 -7.88 -44.36 -13.21
N ALA DA 4 -22.19 38.20 64.89
CA ALA DA 4 -21.83 38.48 63.51
C ALA DA 4 -22.81 39.48 62.92
N THR DA 5 -22.36 40.15 61.86
CA THR DA 5 -23.21 41.12 61.19
C THR DA 5 -23.69 40.57 59.86
N ASP DA 6 -23.32 39.34 59.53
CA ASP DA 6 -23.79 38.77 58.28
C ASP DA 6 -25.18 38.26 58.47
N LEU DA 7 -26.10 39.06 57.99
CA LEU DA 7 -27.52 38.85 58.15
C LEU DA 7 -27.99 37.55 57.50
N MET DA 8 -27.24 37.05 56.53
CA MET DA 8 -27.62 35.84 55.81
C MET DA 8 -26.85 34.59 56.24
N LYS DA 9 -26.06 34.72 57.31
CA LYS DA 9 -25.18 33.63 57.74
C LYS DA 9 -25.80 32.24 57.87
N SER DA 10 -27.04 32.17 58.35
CA SER DA 10 -27.67 30.88 58.59
C SER DA 10 -27.87 30.02 57.35
N GLY DA 11 -27.82 30.64 56.17
CA GLY DA 11 -28.04 29.92 54.93
C GLY DA 11 -27.02 28.81 54.66
N ASP DA 12 -25.83 28.85 55.26
CA ASP DA 12 -24.89 27.77 55.00
C ASP DA 12 -25.38 26.39 55.37
N ALA DA 13 -26.28 26.26 56.32
CA ALA DA 13 -26.67 24.90 56.64
C ALA DA 13 -27.27 24.18 55.43
N THR DA 14 -28.11 24.85 54.65
CA THR DA 14 -28.70 24.14 53.54
C THR DA 14 -27.91 24.33 52.29
N VAL DA 15 -27.14 25.39 52.20
CA VAL DA 15 -26.39 25.50 50.98
C VAL DA 15 -25.35 24.44 50.98
N LYS DA 16 -24.65 24.26 52.10
CA LYS DA 16 -23.66 23.23 52.13
C LYS DA 16 -24.31 21.88 51.95
N GLY DA 17 -25.42 21.64 52.65
CA GLY DA 17 -26.12 20.39 52.51
C GLY DA 17 -26.44 20.04 51.06
N THR DA 18 -27.11 20.94 50.36
CA THR DA 18 -27.49 20.67 48.98
C THR DA 18 -26.43 20.87 47.92
N PHE DA 19 -25.58 21.87 48.03
CA PHE DA 19 -24.63 22.09 46.97
C PHE DA 19 -23.14 21.84 47.25
N GLY DA 20 -22.77 21.37 48.45
CA GLY DA 20 -21.36 21.14 48.71
C GLY DA 20 -20.89 19.81 48.14
N LYS DA 21 -19.64 19.47 48.38
CA LYS DA 21 -19.04 18.27 47.83
C LYS DA 21 -19.80 16.99 48.04
N GLN DA 22 -20.36 16.80 49.22
CA GLN DA 22 -21.03 15.56 49.56
C GLN DA 22 -22.51 15.52 49.23
N SER DA 23 -23.05 16.57 48.63
CA SER DA 23 -24.48 16.59 48.41
C SER DA 23 -24.93 15.70 47.30
N SER DA 24 -26.23 15.43 47.28
CA SER DA 24 -26.77 14.63 46.22
C SER DA 24 -26.62 15.30 44.87
N VAL DA 25 -26.69 16.61 44.81
CA VAL DA 25 -26.54 17.25 43.52
C VAL DA 25 -25.15 17.05 42.97
N VAL DA 26 -24.14 17.23 43.80
CA VAL DA 26 -22.80 17.07 43.29
C VAL DA 26 -22.55 15.64 42.89
N LYS DA 27 -23.01 14.68 43.69
CA LYS DA 27 -22.80 13.31 43.33
C LYS DA 27 -23.45 12.99 42.00
N TRP DA 28 -24.63 13.54 41.74
CA TRP DA 28 -25.29 13.29 40.49
C TRP DA 28 -24.49 13.82 39.32
N VAL DA 29 -23.87 14.98 39.47
CA VAL DA 29 -23.08 15.49 38.35
C VAL DA 29 -21.93 14.53 38.06
N VAL DA 30 -21.26 14.04 39.09
CA VAL DA 30 -20.17 13.10 38.83
C VAL DA 30 -20.70 11.84 38.17
N LEU DA 31 -21.81 11.31 38.65
CA LEU DA 31 -22.37 10.14 38.02
C LEU DA 31 -22.62 10.38 36.56
N ALA DA 32 -23.15 11.54 36.24
CA ALA DA 32 -23.45 11.86 34.86
C ALA DA 32 -22.21 11.72 34.01
N GLU DA 33 -21.04 12.08 34.52
CA GLU DA 33 -19.87 11.89 33.68
C GLU DA 33 -19.59 10.42 33.45
N VAL DA 34 -19.82 9.56 34.42
CA VAL DA 34 -19.48 8.18 34.15
C VAL DA 34 -20.33 7.71 33.01
N VAL DA 35 -21.59 8.05 33.05
CA VAL DA 35 -22.45 7.62 31.99
C VAL DA 35 -22.06 8.28 30.67
N ALA DA 36 -21.80 9.58 30.69
CA ALA DA 36 -21.43 10.30 29.47
C ALA DA 36 -20.17 9.74 28.87
N GLY DA 37 -19.21 9.42 29.70
CA GLY DA 37 -17.96 8.87 29.23
C GLY DA 37 -18.25 7.58 28.51
N GLY DA 38 -19.00 6.71 29.17
CA GLY DA 38 -19.32 5.44 28.58
C GLY DA 38 -19.99 5.61 27.23
N ILE DA 39 -21.10 6.33 27.17
CA ILE DA 39 -21.74 6.43 25.88
C ILE DA 39 -20.96 7.18 24.82
N MET DA 40 -20.23 8.21 25.18
CA MET DA 40 -19.55 8.86 24.09
C MET DA 40 -18.37 8.07 23.61
N TYR DA 41 -17.71 7.35 24.48
CA TYR DA 41 -16.62 6.53 24.04
C TYR DA 41 -17.20 5.44 23.16
N MET DA 42 -18.30 4.83 23.59
CA MET DA 42 -18.89 3.78 22.78
C MET DA 42 -19.12 4.31 21.38
N MET DA 43 -19.74 5.47 21.28
CA MET DA 43 -20.02 6.08 19.99
C MET DA 43 -18.83 6.45 19.15
N THR DA 44 -17.84 7.09 19.74
CA THR DA 44 -16.73 7.64 18.97
C THR DA 44 -15.36 6.99 19.10
N LYS DA 45 -15.13 6.26 20.18
CA LYS DA 45 -13.84 5.69 20.54
C LYS DA 45 -12.77 6.75 20.77
N ASN DA 46 -13.19 7.97 21.07
CA ASN DA 46 -12.24 9.01 21.36
C ASN DA 46 -11.89 9.00 22.83
N VAL DA 47 -10.66 8.67 23.14
CA VAL DA 47 -10.20 8.48 24.51
C VAL DA 47 -10.46 9.68 25.43
N LYS DA 48 -10.64 10.88 24.88
CA LYS DA 48 -10.86 12.05 25.73
C LYS DA 48 -12.09 11.87 26.60
N PHE DA 49 -13.01 11.04 26.16
CA PHE DA 49 -14.23 10.85 26.89
C PHE DA 49 -14.01 10.07 28.15
N LEU DA 50 -12.93 9.32 28.20
CA LEU DA 50 -12.67 8.51 29.36
C LEU DA 50 -11.90 9.34 30.36
N PHE DA 51 -11.02 10.20 29.85
CA PHE DA 51 -10.21 11.02 30.74
C PHE DA 51 -11.04 12.04 31.45
N GLY DA 52 -12.12 12.45 30.82
CA GLY DA 52 -13.00 13.42 31.43
C GLY DA 52 -13.44 13.00 32.82
N PHE DA 53 -13.61 11.70 33.09
CA PHE DA 53 -14.03 11.34 34.42
C PHE DA 53 -13.00 11.75 35.46
N ALA DA 54 -11.76 11.36 35.25
CA ALA DA 54 -10.72 11.71 36.22
C ALA DA 54 -10.59 13.21 36.34
N ILE DA 55 -10.79 13.92 35.23
CA ILE DA 55 -10.67 15.37 35.24
C ILE DA 55 -11.76 16.01 36.09
N ILE DA 56 -12.99 15.61 35.89
CA ILE DA 56 -14.07 16.19 36.68
C ILE DA 56 -13.94 15.88 38.13
N SER DA 57 -13.63 14.64 38.47
CA SER DA 57 -13.49 14.32 39.87
C SER DA 57 -12.39 15.18 40.48
N THR DA 58 -11.28 15.32 39.78
CA THR DA 58 -10.20 16.13 40.31
C THR DA 58 -10.63 17.59 40.45
N PHE DA 59 -11.27 18.12 39.42
CA PHE DA 59 -11.72 19.50 39.45
C PHE DA 59 -12.65 19.79 40.60
N ILE DA 60 -13.67 18.98 40.77
CA ILE DA 60 -14.60 19.22 41.84
C ILE DA 60 -13.90 19.12 43.17
N THR DA 61 -13.05 18.13 43.34
CA THR DA 61 -12.37 18.00 44.61
C THR DA 61 -11.61 19.28 44.95
N ILE DA 62 -10.86 19.82 44.00
CA ILE DA 62 -10.12 21.04 44.27
C ILE DA 62 -11.04 22.22 44.48
N GLY DA 63 -12.00 22.37 43.60
CA GLY DA 63 -12.94 23.48 43.66
C GLY DA 63 -13.65 23.54 44.98
N MET DA 64 -14.22 22.42 45.41
CA MET DA 64 -14.95 22.43 46.66
C MET DA 64 -14.07 22.73 47.83
N SER DA 65 -12.83 22.24 47.82
CA SER DA 65 -11.93 22.54 48.91
C SER DA 65 -11.69 24.04 48.99
N VAL DA 66 -11.44 24.64 47.85
CA VAL DA 66 -11.20 26.07 47.81
C VAL DA 66 -12.46 26.85 48.21
N ALA DA 67 -13.62 26.47 47.67
CA ALA DA 67 -14.88 27.13 47.99
C ALA DA 67 -15.17 27.01 49.48
N GLY DA 68 -14.81 25.87 50.07
CA GLY DA 68 -15.02 25.60 51.48
C GLY DA 68 -16.30 24.85 51.76
N TYR DA 69 -16.82 24.13 50.77
CA TYR DA 69 -18.07 23.39 50.95
C TYR DA 69 -18.00 21.91 50.65
N ALA EA 4 -12.85 -7.79 -42.74
CA ALA EA 4 -12.34 -8.72 -41.74
C ALA EA 4 -12.44 -8.12 -40.36
N THR EA 5 -12.45 -8.98 -39.35
CA THR EA 5 -12.53 -8.53 -37.98
C THR EA 5 -11.19 -8.67 -37.27
N ASP EA 6 -10.17 -9.12 -38.00
CA ASP EA 6 -8.86 -9.24 -37.38
C ASP EA 6 -8.21 -7.89 -37.37
N LEU EA 7 -8.26 -7.28 -36.22
CA LEU EA 7 -7.81 -5.93 -35.99
C LEU EA 7 -6.32 -5.77 -36.26
N MET EA 8 -5.56 -6.86 -36.19
CA MET EA 8 -4.12 -6.82 -36.38
C MET EA 8 -3.66 -7.30 -37.74
N LYS EA 9 -4.61 -7.56 -38.65
CA LYS EA 9 -4.30 -8.14 -39.95
C LYS EA 9 -3.16 -7.51 -40.74
N SER EA 10 -3.05 -6.19 -40.71
CA SER EA 10 -2.05 -5.49 -41.51
C SER EA 10 -0.61 -5.84 -41.17
N GLY EA 11 -0.38 -6.41 -39.99
CA GLY EA 11 0.97 -6.74 -39.56
C GLY EA 11 1.68 -7.75 -40.45
N ASP EA 12 0.96 -8.57 -41.22
CA ASP EA 12 1.66 -9.52 -42.08
C ASP EA 12 2.61 -8.90 -43.07
N ALA EA 13 2.40 -7.67 -43.50
CA ALA EA 13 3.33 -7.15 -44.49
C ALA EA 13 4.76 -7.13 -43.95
N THR EA 14 4.95 -6.73 -42.70
CA THR EA 14 6.32 -6.66 -42.23
C THR EA 14 6.71 -7.91 -41.53
N VAL EA 15 5.75 -8.66 -41.02
CA VAL EA 15 6.20 -9.87 -40.37
C VAL EA 15 6.70 -10.80 -41.44
N LYS EA 16 5.98 -10.93 -42.53
CA LYS EA 16 6.45 -11.80 -43.57
C LYS EA 16 7.75 -11.27 -44.13
N GLY EA 17 7.82 -9.96 -44.37
CA GLY EA 17 9.04 -9.39 -44.88
C GLY EA 17 10.25 -9.72 -44.02
N THR EA 18 10.19 -9.44 -42.74
CA THR EA 18 11.32 -9.68 -41.86
C THR EA 18 11.52 -11.10 -41.36
N PHE EA 19 10.47 -11.84 -41.06
CA PHE EA 19 10.67 -13.16 -40.52
C PHE EA 19 10.27 -14.36 -41.38
N GLY EA 20 9.81 -14.17 -42.61
CA GLY EA 20 9.44 -15.33 -43.41
C GLY EA 20 10.64 -15.98 -44.07
N LYS EA 21 10.41 -16.99 -44.88
CA LYS EA 21 11.47 -17.77 -45.49
C LYS EA 21 12.52 -16.96 -46.23
N GLN EA 22 12.11 -15.94 -46.96
CA GLN EA 22 13.02 -15.17 -47.78
C GLN EA 22 13.66 -13.98 -47.09
N SER EA 23 13.37 -13.77 -45.83
CA SER EA 23 13.90 -12.59 -45.17
C SER EA 23 15.35 -12.64 -44.87
N SER EA 24 15.92 -11.48 -44.61
CA SER EA 24 17.32 -11.45 -44.24
C SER EA 24 17.58 -12.17 -42.94
N VAL EA 25 16.65 -12.16 -42.01
CA VAL EA 25 16.91 -12.86 -40.77
C VAL EA 25 17.00 -14.34 -41.00
N VAL EA 26 16.09 -14.89 -41.77
CA VAL EA 26 16.14 -16.31 -41.98
C VAL EA 26 17.39 -16.70 -42.75
N LYS EA 27 17.74 -15.92 -43.76
CA LYS EA 27 18.94 -16.26 -44.50
C LYS EA 27 20.16 -16.25 -43.60
N TRP EA 28 20.22 -15.30 -42.66
CA TRP EA 28 21.36 -15.24 -41.78
C TRP EA 28 21.43 -16.48 -40.90
N VAL EA 29 20.31 -16.99 -40.43
CA VAL EA 29 20.37 -18.19 -39.61
C VAL EA 29 20.94 -19.35 -40.43
N VAL EA 30 20.51 -19.50 -41.68
CA VAL EA 30 21.06 -20.56 -42.49
C VAL EA 30 22.56 -20.37 -42.70
N LEU EA 31 22.97 -19.15 -43.00
CA LEU EA 31 24.38 -18.90 -43.17
C LEU EA 31 25.15 -19.31 -41.95
N ALA EA 32 24.61 -18.98 -40.79
CA ALA EA 32 25.29 -19.33 -39.55
C ALA EA 32 25.56 -20.81 -39.48
N GLU EA 33 24.66 -21.64 -39.98
CA GLU EA 33 24.98 -23.06 -39.93
C GLU EA 33 26.14 -23.39 -40.83
N VAL EA 34 26.26 -22.75 -41.98
CA VAL EA 34 27.37 -23.16 -42.83
C VAL EA 34 28.65 -22.88 -42.08
N VAL EA 35 28.71 -21.74 -41.47
CA VAL EA 35 29.90 -21.41 -40.75
C VAL EA 35 30.10 -22.34 -39.56
N ALA EA 36 29.04 -22.59 -38.80
CA ALA EA 36 29.14 -23.46 -37.64
C ALA EA 36 29.56 -24.85 -38.02
N GLY EA 37 29.03 -25.36 -39.11
CA GLY EA 37 29.38 -26.67 -39.57
C GLY EA 37 30.86 -26.71 -39.84
N GLY EA 38 31.33 -25.74 -40.62
CA GLY EA 38 32.74 -25.68 -40.95
C GLY EA 38 33.61 -25.66 -39.71
N ILE EA 39 33.40 -24.70 -38.82
CA ILE EA 39 34.28 -24.68 -37.67
C ILE EA 39 34.12 -25.86 -36.73
N MET EA 40 32.95 -26.38 -36.53
CA MET EA 40 32.91 -27.47 -35.59
C MET EA 40 33.48 -28.73 -36.19
N TYR EA 41 33.30 -28.94 -37.48
CA TYR EA 41 33.89 -30.10 -38.08
C TYR EA 41 35.39 -29.94 -38.02
N MET EA 42 35.91 -28.76 -38.34
CA MET EA 42 37.34 -28.56 -38.29
C MET EA 42 37.84 -28.96 -36.93
N MET EA 43 37.20 -28.47 -35.88
CA MET EA 43 37.61 -28.78 -34.53
C MET EA 43 37.49 -30.23 -34.11
N THR EA 44 36.38 -30.87 -34.42
CA THR EA 44 36.13 -32.21 -33.90
C THR EA 44 36.15 -33.38 -34.88
N LYS EA 45 35.99 -33.12 -36.16
CA LYS EA 45 35.84 -34.11 -37.21
C LYS EA 45 34.62 -34.98 -37.02
N ASN EA 46 33.64 -34.50 -36.28
CA ASN EA 46 32.42 -35.25 -36.10
C ASN EA 46 31.45 -34.91 -37.21
N VAL EA 47 31.17 -35.88 -38.05
CA VAL EA 47 30.36 -35.70 -39.24
C VAL EA 47 28.98 -35.09 -38.99
N LYS EA 48 28.46 -35.18 -37.77
CA LYS EA 48 27.13 -34.63 -37.49
C LYS EA 48 27.08 -33.14 -37.78
N PHE EA 49 28.23 -32.49 -37.73
CA PHE EA 49 28.27 -31.08 -37.94
C PHE EA 49 28.04 -30.71 -39.38
N LEU EA 50 28.27 -31.65 -40.27
CA LEU EA 50 28.12 -31.36 -41.67
C LEU EA 50 26.68 -31.64 -42.04
N PHE EA 51 26.10 -32.68 -41.43
CA PHE EA 51 24.72 -33.03 -41.75
C PHE EA 51 23.75 -31.99 -41.28
N GLY EA 52 24.12 -31.29 -40.23
CA GLY EA 52 23.27 -30.25 -39.70
C GLY EA 52 22.88 -29.24 -40.76
N PHE EA 53 23.74 -28.96 -41.74
CA PHE EA 53 23.33 -27.99 -42.75
C PHE EA 53 22.11 -28.47 -43.52
N ALA EA 54 22.18 -29.68 -44.04
CA ALA EA 54 21.06 -30.20 -44.81
C ALA EA 54 19.82 -30.28 -43.93
N ILE EA 55 20.01 -30.61 -42.66
CA ILE EA 55 18.88 -30.72 -41.75
C ILE EA 55 18.20 -29.38 -41.53
N ILE EA 56 18.95 -28.34 -41.25
CA ILE EA 56 18.35 -27.05 -41.04
C ILE EA 56 17.67 -26.53 -42.26
N SER EA 57 18.31 -26.64 -43.41
CA SER EA 57 17.68 -26.16 -44.62
C SER EA 57 16.36 -26.89 -44.82
N THR EA 58 16.36 -28.21 -44.63
CA THR EA 58 15.14 -28.95 -44.81
C THR EA 58 14.08 -28.53 -43.79
N PHE EA 59 14.47 -28.40 -42.54
CA PHE EA 59 13.55 -28.00 -41.49
C PHE EA 59 12.89 -26.67 -41.76
N ILE EA 60 13.69 -25.67 -42.09
CA ILE EA 60 13.13 -24.37 -42.33
C ILE EA 60 12.21 -24.43 -43.51
N THR EA 61 12.61 -25.10 -44.58
CA THR EA 61 11.75 -25.17 -45.74
C THR EA 61 10.38 -25.72 -45.37
N ILE EA 62 10.34 -26.82 -44.62
CA ILE EA 62 9.05 -27.38 -44.25
C ILE EA 62 8.30 -26.47 -43.30
N GLY EA 63 8.98 -25.99 -42.29
CA GLY EA 63 8.37 -25.14 -41.28
C GLY EA 63 7.73 -23.92 -41.90
N MET EA 64 8.47 -23.21 -42.73
CA MET EA 64 7.93 -22.01 -43.32
C MET EA 64 6.75 -22.31 -44.21
N SER EA 65 6.77 -23.42 -44.94
CA SER EA 65 5.65 -23.76 -45.77
C SER EA 65 4.41 -23.95 -44.92
N VAL EA 66 4.57 -24.69 -43.83
CA VAL EA 66 3.46 -24.93 -42.94
C VAL EA 66 2.98 -23.64 -42.28
N ALA EA 67 3.91 -22.83 -41.77
CA ALA EA 67 3.57 -21.57 -41.13
C ALA EA 67 2.85 -20.65 -42.11
N GLY EA 68 3.25 -20.71 -43.39
CA GLY EA 68 2.67 -19.90 -44.44
C GLY EA 68 3.42 -18.61 -44.71
N TYR EA 69 4.70 -18.57 -44.34
CA TYR EA 69 5.49 -17.35 -44.53
C TYR EA 69 6.75 -17.53 -45.33
N ALA FA 4 -7.10 75.38 28.70
CA ALA FA 4 -7.81 74.47 27.82
C ALA FA 4 -9.29 74.52 28.10
N THR FA 5 -10.08 74.13 27.12
CA THR FA 5 -11.52 74.10 27.27
C THR FA 5 -12.03 72.68 27.44
N ASP FA 6 -11.13 71.70 27.46
CA ASP FA 6 -11.58 70.33 27.65
C ASP FA 6 -11.82 70.10 29.12
N LEU FA 7 -13.08 70.14 29.46
CA LEU FA 7 -13.54 70.06 30.81
C LEU FA 7 -13.17 68.74 31.48
N MET FA 8 -12.92 67.71 30.68
CA MET FA 8 -12.61 66.39 31.21
C MET FA 8 -11.12 66.04 31.15
N LYS FA 9 -10.29 67.00 30.78
CA LYS FA 9 -8.86 66.75 30.56
C LYS FA 9 -8.13 65.99 31.65
N SER FA 10 -8.43 66.26 32.90
CA SER FA 10 -7.72 65.64 34.01
C SER FA 10 -7.82 64.12 34.07
N GLY FA 11 -8.82 63.56 33.40
CA GLY FA 11 -9.03 62.12 33.44
C GLY FA 11 -7.87 61.29 32.87
N ASP FA 12 -7.02 61.88 32.03
CA ASP FA 12 -5.91 61.08 31.52
C ASP FA 12 -4.98 60.52 32.56
N ALA FA 13 -4.86 61.14 33.73
CA ALA FA 13 -3.92 60.57 34.67
C ALA FA 13 -4.30 59.13 35.04
N THR FA 14 -5.58 58.86 35.26
CA THR FA 14 -5.93 57.52 35.66
C THR FA 14 -6.30 56.68 34.50
N VAL FA 15 -6.72 57.29 33.40
CA VAL FA 15 -7.03 56.42 32.29
C VAL FA 15 -5.75 55.84 31.78
N LYS FA 16 -4.73 56.67 31.62
CA LYS FA 16 -3.49 56.13 31.14
C LYS FA 16 -2.93 55.15 32.15
N GLY FA 17 -2.97 55.50 33.43
CA GLY FA 17 -2.49 54.59 34.44
C GLY FA 17 -3.12 53.21 34.35
N THR FA 18 -4.44 53.15 34.37
CA THR FA 18 -5.12 51.87 34.34
C THR FA 18 -5.27 51.19 32.99
N PHE FA 19 -5.51 51.93 31.92
CA PHE FA 19 -5.73 51.28 30.66
C PHE FA 19 -4.67 51.44 29.56
N GLY FA 20 -3.56 52.13 29.81
CA GLY FA 20 -2.57 52.28 28.76
C GLY FA 20 -1.67 51.07 28.64
N LYS FA 21 -0.68 51.13 27.76
CA LYS FA 21 0.19 50.01 27.49
C LYS FA 21 0.83 49.36 28.70
N GLN FA 22 1.28 50.16 29.65
CA GLN FA 22 2.00 49.65 30.80
C GLN FA 22 1.14 49.27 31.99
N SER FA 23 -0.18 49.40 31.87
CA SER FA 23 -1.01 49.14 33.02
C SER FA 23 -1.15 47.70 33.37
N SER FA 24 -1.60 47.44 34.59
CA SER FA 24 -1.82 46.08 34.99
C SER FA 24 -2.91 45.42 34.16
N VAL FA 25 -3.90 46.16 33.72
CA VAL FA 25 -4.93 45.51 32.93
C VAL FA 25 -4.37 45.03 31.61
N VAL FA 26 -3.59 45.86 30.96
CA VAL FA 26 -3.07 45.44 29.68
C VAL FA 26 -2.12 44.28 29.85
N LYS FA 27 -1.27 44.32 30.86
CA LYS FA 27 -0.36 43.23 31.05
C LYS FA 27 -1.12 41.93 31.29
N TRP FA 28 -2.21 41.98 32.02
CA TRP FA 28 -2.99 40.79 32.27
C TRP FA 28 -3.56 40.22 30.98
N VAL FA 29 -4.01 41.07 30.07
CA VAL FA 29 -4.53 40.52 28.82
C VAL FA 29 -3.43 39.79 28.07
N VAL FA 30 -2.23 40.35 28.02
CA VAL FA 30 -1.16 39.65 27.34
C VAL FA 30 -0.85 38.34 28.03
N LEU FA 31 -0.78 38.34 29.36
CA LEU FA 31 -0.52 37.11 30.06
C LEU FA 31 -1.55 36.07 29.70
N ALA FA 32 -2.81 36.48 29.62
CA ALA FA 32 -3.86 35.55 29.29
C ALA FA 32 -3.57 34.86 27.98
N GLU FA 33 -3.00 35.55 27.00
CA GLU FA 33 -2.70 34.83 25.78
C GLU FA 33 -1.64 33.79 26.00
N VAL FA 34 -0.66 34.04 26.84
CA VAL FA 34 0.38 33.02 26.95
C VAL FA 34 -0.29 31.77 27.47
N VAL FA 35 -1.13 31.93 28.46
CA VAL FA 35 -1.78 30.77 29.01
C VAL FA 35 -2.70 30.14 27.99
N ALA FA 36 -3.49 30.95 27.29
CA ALA FA 36 -4.42 30.43 26.30
C ALA FA 36 -3.72 29.68 25.20
N GLY FA 37 -2.60 30.21 24.76
CA GLY FA 37 -1.81 29.59 23.72
C GLY FA 37 -1.40 28.22 24.21
N GLY FA 38 -0.82 28.18 25.39
CA GLY FA 38 -0.36 26.93 25.94
C GLY FA 38 -1.50 25.91 26.00
N ILE FA 39 -2.58 26.23 26.68
CA ILE FA 39 -3.62 25.22 26.77
C ILE FA 39 -4.29 24.87 25.45
N MET FA 40 -4.48 25.81 24.57
CA MET FA 40 -5.15 25.38 23.38
C MET FA 40 -4.24 24.59 22.48
N TYR FA 41 -2.97 24.90 22.47
CA TYR FA 41 -2.07 24.11 21.67
C TYR FA 41 -2.01 22.72 22.27
N MET FA 42 -1.91 22.63 23.59
CA MET FA 42 -1.85 21.32 24.22
C MET FA 42 -3.05 20.50 23.75
N MET FA 43 -4.23 21.09 23.83
CA MET FA 43 -5.44 20.40 23.42
C MET FA 43 -5.53 20.02 21.96
N THR FA 44 -5.20 20.95 21.07
CA THR FA 44 -5.44 20.71 19.65
C THR FA 44 -4.23 20.52 18.74
N LYS FA 45 -3.06 20.95 19.16
CA LYS FA 45 -1.84 20.98 18.38
C LYS FA 45 -1.95 21.85 17.15
N ASN FA 46 -2.88 22.80 17.16
CA ASN FA 46 -3.02 23.71 16.05
C ASN FA 46 -2.10 24.90 16.26
N VAL FA 47 -1.10 25.02 15.42
CA VAL FA 47 -0.07 26.03 15.54
C VAL FA 47 -0.59 27.47 15.64
N LYS FA 48 -1.80 27.74 15.17
CA LYS FA 48 -2.32 29.10 15.22
C LYS FA 48 -2.37 29.62 16.64
N PHE FA 49 -2.45 28.71 17.60
CA PHE FA 49 -2.55 29.11 18.97
C PHE FA 49 -1.26 29.67 19.50
N LEU FA 50 -0.16 29.33 18.86
CA LEU FA 50 1.11 29.78 19.32
C LEU FA 50 1.39 31.12 18.68
N PHE FA 51 0.97 31.27 17.43
CA PHE FA 51 1.22 32.53 16.72
C PHE FA 51 0.44 33.66 17.31
N GLY FA 52 -0.70 33.33 17.89
CA GLY FA 52 -1.52 34.35 18.49
C GLY FA 52 -0.75 35.19 19.50
N PHE FA 53 0.23 34.61 20.21
CA PHE FA 53 0.94 35.44 21.16
C PHE FA 53 1.67 36.58 20.48
N ALA FA 54 2.46 36.25 19.46
CA ALA FA 54 3.20 37.28 18.76
C ALA FA 54 2.24 38.29 18.15
N ILE FA 55 1.09 37.82 17.67
CA ILE FA 55 0.13 38.71 17.05
C ILE FA 55 -0.44 39.69 18.04
N ILE FA 56 -0.87 39.23 19.20
CA ILE FA 56 -1.42 40.15 20.18
C ILE FA 56 -0.41 41.12 20.67
N SER FA 57 0.80 40.67 20.98
CA SER FA 57 1.79 41.61 21.44
C SER FA 57 2.03 42.68 20.38
N THR FA 58 2.12 42.27 19.13
CA THR FA 58 2.34 43.24 18.08
C THR FA 58 1.16 44.20 17.97
N PHE FA 59 -0.05 43.66 17.98
CA PHE FA 59 -1.25 44.48 17.87
C PHE FA 59 -1.34 45.52 18.96
N ILE FA 60 -1.17 45.10 20.20
CA ILE FA 60 -1.27 46.04 21.28
C ILE FA 60 -0.20 47.09 21.15
N THR FA 61 1.01 46.69 20.83
CA THR FA 61 2.08 47.66 20.72
C THR FA 61 1.71 48.74 19.70
N ILE FA 62 1.21 48.34 18.54
CA ILE FA 62 0.85 49.34 17.54
C ILE FA 62 -0.35 50.16 17.98
N GLY FA 63 -1.38 49.49 18.47
CA GLY FA 63 -2.59 50.14 18.89
C GLY FA 63 -2.32 51.19 19.94
N MET FA 64 -1.60 50.83 20.98
CA MET FA 64 -1.34 51.80 22.03
C MET FA 64 -0.53 52.97 21.55
N SER FA 65 0.41 52.74 20.65
CA SER FA 65 1.19 53.84 20.13
C SER FA 65 0.28 54.81 19.40
N VAL FA 66 -0.60 54.28 18.58
CA VAL FA 66 -1.51 55.12 17.85
C VAL FA 66 -2.49 55.82 18.78
N ALA FA 67 -3.07 55.10 19.74
CA ALA FA 67 -4.00 55.68 20.69
C ALA FA 67 -3.31 56.78 21.50
N GLY FA 68 -2.03 56.60 21.80
CA GLY FA 68 -1.24 57.55 22.56
C GLY FA 68 -1.19 57.24 24.05
N TYR FA 69 -1.43 55.99 24.42
CA TYR FA 69 -1.44 55.62 25.83
C TYR FA 69 -0.49 54.51 26.22
N ALA GA 4 32.07 18.66 -28.53
CA ALA GA 4 31.41 17.37 -28.68
C ALA GA 4 30.19 17.31 -27.79
N THR GA 5 29.27 16.44 -28.13
CA THR GA 5 28.06 16.26 -27.36
C THR GA 5 28.11 14.96 -26.56
N ASP GA 6 29.21 14.23 -26.66
CA ASP GA 6 29.32 13.00 -25.89
C ASP GA 6 29.70 13.34 -24.49
N LEU GA 7 28.72 13.32 -23.64
CA LEU GA 7 28.81 13.72 -22.26
C LEU GA 7 29.79 12.85 -21.48
N MET GA 8 30.05 11.64 -21.95
CA MET GA 8 30.93 10.70 -21.26
C MET GA 8 32.31 10.58 -21.89
N LYS GA 9 32.61 11.43 -22.86
CA LYS GA 9 33.87 11.33 -23.62
C LYS GA 9 35.14 11.20 -22.81
N SER GA 10 35.25 11.90 -21.69
CA SER GA 10 36.47 11.90 -20.90
C SER GA 10 36.87 10.53 -20.36
N GLY GA 11 35.93 9.59 -20.30
CA GLY GA 11 36.20 8.28 -19.74
C GLY GA 11 37.27 7.48 -20.50
N ASP GA 12 37.53 7.80 -21.77
CA ASP GA 12 38.56 7.05 -22.47
C ASP GA 12 39.94 7.09 -21.84
N ALA GA 13 40.27 8.15 -21.11
CA ALA GA 13 41.61 8.14 -20.56
C ALA GA 13 41.86 6.94 -19.65
N THR GA 14 40.89 6.59 -18.81
CA THR GA 14 41.17 5.49 -17.92
C THR GA 14 40.67 4.20 -18.48
N VAL GA 15 39.71 4.25 -19.39
CA VAL GA 15 39.30 2.98 -19.91
C VAL GA 15 40.42 2.44 -20.77
N LYS GA 16 41.00 3.28 -21.61
CA LYS GA 16 42.08 2.80 -22.41
C LYS GA 16 43.24 2.39 -21.53
N GLY GA 17 43.57 3.22 -20.54
CA GLY GA 17 44.64 2.89 -19.63
C GLY GA 17 44.48 1.50 -19.02
N THR GA 18 43.35 1.24 -18.38
CA THR GA 18 43.14 -0.02 -17.72
C THR GA 18 42.72 -1.20 -18.59
N PHE GA 19 41.90 -0.99 -19.60
CA PHE GA 19 41.44 -2.13 -20.37
C PHE GA 19 41.93 -2.26 -21.82
N GLY GA 20 42.78 -1.36 -22.32
CA GLY GA 20 43.21 -1.50 -23.70
C GLY GA 20 44.34 -2.50 -23.83
N LYS GA 21 44.86 -2.65 -25.04
CA LYS GA 21 45.89 -3.64 -25.33
C LYS GA 21 47.09 -3.64 -24.42
N GLN GA 22 47.58 -2.46 -24.06
CA GLN GA 22 48.79 -2.36 -23.26
C GLN GA 22 48.58 -2.35 -21.76
N SER GA 23 47.35 -2.49 -21.30
CA SER GA 23 47.11 -2.39 -19.88
C SER GA 23 47.56 -3.58 -19.10
N SER GA 24 47.68 -3.39 -17.80
CA SER GA 24 48.06 -4.49 -16.95
C SER GA 24 47.01 -5.59 -16.96
N VAL GA 25 45.75 -5.25 -17.10
CA VAL GA 25 44.75 -6.31 -17.11
C VAL GA 25 44.91 -7.18 -18.33
N VAL GA 26 45.11 -6.58 -19.48
CA VAL GA 26 45.22 -7.39 -20.67
C VAL GA 26 46.48 -8.23 -20.61
N LYS GA 27 47.58 -7.65 -20.15
CA LYS GA 27 48.80 -8.43 -20.08
C LYS GA 27 48.61 -9.62 -19.16
N TRP GA 28 47.90 -9.44 -18.06
CA TRP GA 28 47.68 -10.54 -17.14
C TRP GA 28 46.89 -11.66 -17.80
N VAL GA 29 45.90 -11.33 -18.62
CA VAL GA 29 45.15 -12.39 -19.27
C VAL GA 29 46.07 -13.20 -20.19
N VAL GA 30 46.93 -12.52 -20.93
CA VAL GA 30 47.84 -13.26 -21.79
C VAL GA 30 48.77 -14.13 -20.95
N LEU GA 31 49.32 -13.58 -19.88
CA LEU GA 31 50.17 -14.38 -19.03
C LEU GA 31 49.46 -15.62 -18.57
N ALA GA 32 48.20 -15.47 -18.18
CA ALA GA 32 47.46 -16.60 -17.70
C ALA GA 32 47.44 -17.71 -18.72
N GLU GA 33 47.38 -17.39 -20.01
CA GLU GA 33 47.41 -18.48 -20.96
C GLU GA 33 48.75 -19.18 -20.96
N VAL GA 34 49.84 -18.46 -20.78
CA VAL GA 34 51.10 -19.18 -20.84
C VAL GA 34 51.10 -20.21 -19.73
N VAL GA 35 50.66 -19.79 -18.57
CA VAL GA 35 50.65 -20.71 -17.47
C VAL GA 35 49.66 -21.84 -17.73
N ALA GA 36 48.46 -21.51 -18.19
CA ALA GA 36 47.45 -22.52 -18.46
C ALA GA 36 47.91 -23.52 -19.48
N GLY GA 37 48.57 -23.05 -20.51
CA GLY GA 37 49.07 -23.91 -21.55
C GLY GA 37 50.03 -24.89 -20.93
N GLY GA 38 50.98 -24.36 -20.18
CA GLY GA 38 51.96 -25.20 -19.55
C GLY GA 38 51.32 -26.27 -18.68
N ILE GA 39 50.51 -25.88 -17.71
CA ILE GA 39 49.94 -26.91 -16.88
C ILE GA 39 48.98 -27.84 -17.58
N MET GA 40 48.19 -27.38 -18.51
CA MET GA 40 47.31 -28.36 -19.09
C MET GA 40 48.02 -29.30 -20.02
N TYR GA 41 49.05 -28.83 -20.69
CA TYR GA 41 49.78 -29.72 -21.54
C TYR GA 41 50.49 -30.72 -20.66
N MET GA 42 51.08 -30.26 -19.55
CA MET GA 42 51.76 -31.18 -18.66
C MET GA 42 50.80 -32.29 -18.27
N MET GA 43 49.61 -31.91 -17.85
CA MET GA 43 48.62 -32.88 -17.44
C MET GA 43 48.12 -33.82 -18.51
N THR GA 44 47.80 -33.30 -19.68
CA THR GA 44 47.15 -34.11 -20.71
C THR GA 44 47.93 -34.47 -21.96
N LYS GA 45 48.98 -33.72 -22.26
CA LYS GA 45 49.76 -33.83 -23.48
C LYS GA 45 48.95 -33.54 -24.73
N ASN GA 46 47.85 -32.83 -24.58
CA ASN GA 46 47.04 -32.47 -25.72
C ASN GA 46 47.54 -31.17 -26.31
N VAL GA 47 48.08 -31.25 -27.51
CA VAL GA 47 48.73 -30.13 -28.17
C VAL GA 47 47.86 -28.87 -28.28
N LYS GA 48 46.54 -28.99 -28.21
CA LYS GA 48 45.68 -27.83 -28.33
C LYS GA 48 45.99 -26.80 -27.26
N PHE GA 49 46.56 -27.25 -26.15
CA PHE GA 49 46.83 -26.34 -25.07
C PHE GA 49 47.99 -25.44 -25.38
N LEU GA 50 48.83 -25.83 -26.31
CA LEU GA 50 49.98 -25.05 -26.63
C LEU GA 50 49.58 -24.05 -27.70
N PHE GA 51 48.70 -24.48 -28.61
CA PHE GA 51 48.28 -23.59 -29.68
C PHE GA 51 47.46 -22.45 -29.17
N GLY GA 52 46.76 -22.68 -28.07
CA GLY GA 52 45.95 -21.65 -27.49
C GLY GA 52 46.74 -20.37 -27.24
N PHE GA 53 48.03 -20.46 -26.92
CA PHE GA 53 48.75 -19.22 -26.68
C PHE GA 53 48.80 -18.36 -27.93
N ALA GA 54 49.21 -18.94 -29.04
CA ALA GA 54 49.29 -18.17 -30.27
C ALA GA 54 47.91 -17.65 -30.65
N ILE GA 55 46.87 -18.45 -30.39
CA ILE GA 55 45.52 -18.04 -30.73
C ILE GA 55 45.08 -16.84 -29.94
N ILE GA 56 45.28 -16.86 -28.64
CA ILE GA 56 44.86 -15.73 -27.84
C ILE GA 56 45.63 -14.49 -28.17
N SER GA 57 46.93 -14.59 -28.32
CA SER GA 57 47.69 -13.41 -28.66
C SER GA 57 47.17 -12.83 -29.97
N THR GA 58 46.93 -13.69 -30.95
CA THR GA 58 46.44 -13.20 -32.22
C THR GA 58 45.07 -12.56 -32.07
N PHE GA 59 44.18 -13.22 -31.34
CA PHE GA 59 42.83 -12.70 -31.13
C PHE GA 59 42.83 -11.35 -30.49
N ILE GA 60 43.55 -11.19 -29.40
CA ILE GA 60 43.56 -9.93 -28.72
C ILE GA 60 44.14 -8.87 -29.62
N THR GA 61 45.21 -9.18 -30.32
CA THR GA 61 45.81 -8.19 -31.19
C THR GA 61 44.77 -7.66 -32.20
N ILE GA 62 44.03 -8.57 -32.83
CA ILE GA 62 43.05 -8.13 -33.79
C ILE GA 62 41.90 -7.39 -33.13
N GLY GA 63 41.39 -7.96 -32.06
CA GLY GA 63 40.26 -7.39 -31.35
C GLY GA 63 40.56 -5.97 -30.91
N MET GA 64 41.69 -5.76 -30.25
CA MET GA 64 42.00 -4.44 -29.76
C MET GA 64 42.17 -3.45 -30.88
N SER GA 65 42.75 -3.87 -32.00
CA SER GA 65 42.89 -2.96 -33.12
C SER GA 65 41.53 -2.51 -33.60
N VAL GA 66 40.63 -3.46 -33.75
CA VAL GA 66 39.30 -3.14 -34.19
C VAL GA 66 38.56 -2.28 -33.17
N ALA GA 67 38.63 -2.64 -31.89
CA ALA GA 67 37.97 -1.87 -30.83
C ALA GA 67 38.53 -0.45 -30.79
N GLY GA 68 39.83 -0.31 -31.07
CA GLY GA 68 40.50 0.98 -31.07
C GLY GA 68 41.18 1.31 -29.74
N TYR GA 69 41.50 0.28 -28.95
CA TYR GA 69 42.11 0.53 -27.66
C TYR GA 69 43.43 -0.19 -27.44
N ALA HA 4 -44.18 69.57 -10.17
CA ALA HA 4 -44.32 68.28 -9.51
C ALA HA 4 -44.95 68.44 -8.15
N THR HA 5 -45.54 67.38 -7.65
CA THR HA 5 -46.16 67.39 -6.35
C THR HA 5 -45.32 66.66 -5.32
N ASP HA 6 -44.16 66.13 -5.75
CA ASP HA 6 -43.31 65.44 -4.80
C ASP HA 6 -42.54 66.46 -4.01
N LEU HA 7 -43.02 66.68 -2.82
CA LEU HA 7 -42.52 67.70 -1.93
C LEU HA 7 -41.05 67.46 -1.54
N MET HA 8 -40.59 66.23 -1.64
CA MET HA 8 -39.23 65.87 -1.26
C MET HA 8 -38.29 65.70 -2.44
N LYS HA 9 -38.74 66.03 -3.64
CA LYS HA 9 -37.98 65.78 -4.86
C LYS HA 9 -36.52 66.24 -4.86
N SER HA 10 -36.24 67.40 -4.26
CA SER HA 10 -34.90 67.95 -4.29
C SER HA 10 -33.83 67.08 -3.62
N GLY HA 11 -34.25 66.15 -2.77
CA GLY HA 11 -33.31 65.31 -2.06
C GLY HA 11 -32.44 64.43 -2.95
N ASP HA 12 -32.85 64.16 -4.19
CA ASP HA 12 -31.99 63.34 -5.04
C ASP HA 12 -30.61 63.89 -5.28
N ALA HA 13 -30.41 65.20 -5.22
CA ALA HA 13 -29.08 65.67 -5.50
C ALA HA 13 -28.05 65.08 -4.53
N THR HA 14 -28.39 65.02 -3.24
CA THR HA 14 -27.39 64.52 -2.33
C THR HA 14 -27.56 63.06 -2.09
N VAL HA 15 -28.75 62.52 -2.31
CA VAL HA 15 -28.83 61.11 -2.08
C VAL HA 15 -28.04 60.42 -3.16
N LYS HA 16 -28.21 60.84 -4.41
CA LYS HA 16 -27.46 60.22 -5.46
C LYS HA 16 -25.97 60.46 -5.24
N GLY HA 17 -25.60 61.70 -4.90
CA GLY HA 17 -24.21 62.00 -4.65
C GLY HA 17 -23.59 61.06 -3.63
N THR HA 18 -24.19 60.96 -2.44
CA THR HA 18 -23.63 60.13 -1.40
C THR HA 18 -23.89 58.64 -1.48
N PHE HA 19 -25.07 58.22 -1.91
CA PHE HA 19 -25.34 56.79 -1.90
C PHE HA 19 -25.47 56.08 -3.24
N GLY HA 20 -25.30 56.76 -4.37
CA GLY HA 20 -25.44 56.07 -5.65
C GLY HA 20 -24.18 55.30 -6.02
N LYS HA 21 -24.18 54.69 -7.20
CA LYS HA 21 -23.07 53.85 -7.63
C LYS HA 21 -21.70 54.48 -7.56
N GLN HA 22 -21.58 55.74 -7.91
CA GLN HA 22 -20.28 56.39 -7.96
C GLN HA 22 -19.85 57.07 -6.68
N SER HA 23 -20.64 56.97 -5.62
CA SER HA 23 -20.30 57.69 -4.42
C SER HA 23 -19.17 57.09 -3.65
N SER HA 24 -18.60 57.89 -2.75
CA SER HA 24 -17.54 57.38 -1.93
C SER HA 24 -18.02 56.26 -1.03
N VAL HA 25 -19.26 56.29 -0.58
CA VAL HA 25 -19.69 55.21 0.28
C VAL HA 25 -19.73 53.91 -0.48
N VAL HA 26 -20.27 53.92 -1.68
CA VAL HA 26 -20.35 52.68 -2.40
C VAL HA 26 -18.97 52.18 -2.74
N LYS HA 27 -18.07 53.07 -3.15
CA LYS HA 27 -16.74 52.62 -3.48
C LYS HA 27 -16.07 51.98 -2.27
N TRP HA 28 -16.30 52.54 -1.10
CA TRP HA 28 -15.70 51.98 0.10
C TRP HA 28 -16.21 50.57 0.37
N VAL HA 29 -17.50 50.32 0.14
CA VAL HA 29 -17.99 48.98 0.38
C VAL HA 29 -17.29 47.99 -0.57
N VAL HA 30 -17.12 48.37 -1.83
CA VAL HA 30 -16.43 47.46 -2.73
C VAL HA 30 -15.00 47.25 -2.28
N LEU HA 31 -14.31 48.31 -1.91
CA LEU HA 31 -12.95 48.15 -1.44
C LEU HA 31 -12.90 47.18 -0.30
N ALA HA 32 -13.85 47.29 0.62
CA ALA HA 32 -13.86 46.41 1.77
C ALA HA 32 -13.88 44.98 1.32
N GLU HA 33 -14.58 44.64 0.25
CA GLU HA 33 -14.53 43.24 -0.16
C GLU HA 33 -13.16 42.85 -0.63
N VAL HA 34 -12.43 43.73 -1.29
CA VAL HA 34 -11.14 43.28 -1.77
C VAL HA 34 -10.32 42.90 -0.57
N VAL HA 35 -10.36 43.74 0.43
CA VAL HA 35 -9.58 43.45 1.60
C VAL HA 35 -10.09 42.20 2.30
N ALA HA 36 -11.40 42.08 2.46
CA ALA HA 36 -11.98 40.92 3.12
C ALA HA 36 -11.65 39.64 2.40
N GLY HA 37 -11.69 39.67 1.09
CA GLY HA 37 -11.38 38.52 0.30
C GLY HA 37 -9.96 38.11 0.59
N GLY HA 38 -9.04 39.06 0.50
CA GLY HA 38 -7.65 38.78 0.75
C GLY HA 38 -7.45 38.16 2.13
N ILE HA 39 -7.89 38.83 3.19
CA ILE HA 39 -7.63 38.23 4.48
C ILE HA 39 -8.37 36.94 4.74
N MET HA 40 -9.58 36.78 4.27
CA MET HA 40 -10.19 35.52 4.61
C MET HA 40 -9.63 34.38 3.81
N TYR HA 41 -9.22 34.63 2.59
CA TYR HA 41 -8.62 33.58 1.82
C TYR HA 41 -7.30 33.24 2.48
N MET HA 42 -6.53 34.25 2.87
CA MET HA 42 -5.25 33.97 3.51
C MET HA 42 -5.48 33.04 4.68
N MET HA 43 -6.46 33.38 5.53
CA MET HA 43 -6.76 32.57 6.69
C MET HA 43 -7.27 31.17 6.43
N THR HA 44 -8.19 31.03 5.50
CA THR HA 44 -8.85 29.74 5.30
C THR HA 44 -8.58 28.97 4.03
N LYS HA 45 -8.09 29.64 2.99
CA LYS HA 45 -7.90 29.10 1.66
C LYS HA 45 -9.20 28.63 1.02
N ASN HA 46 -10.32 29.15 1.48
CA ASN HA 46 -11.59 28.80 0.89
C ASN HA 46 -11.89 29.73 -0.26
N VAL HA 47 -11.90 29.18 -1.46
CA VAL HA 47 -12.04 29.95 -2.68
C VAL HA 47 -13.28 30.86 -2.73
N LYS HA 48 -14.30 30.58 -1.92
CA LYS HA 48 -15.51 31.40 -1.95
C LYS HA 48 -15.19 32.84 -1.62
N PHE HA 49 -14.11 33.06 -0.90
CA PHE HA 49 -13.76 34.39 -0.50
C PHE HA 49 -13.26 35.22 -1.64
N LEU HA 50 -12.80 34.57 -2.68
CA LEU HA 50 -12.25 35.28 -3.81
C LEU HA 50 -13.40 35.59 -4.76
N PHE HA 51 -14.34 34.66 -4.87
CA PHE HA 51 -15.45 34.85 -5.79
C PHE HA 51 -16.36 35.96 -5.31
N GLY HA 52 -16.41 36.16 -4.01
CA GLY HA 52 -17.23 37.20 -3.47
C GLY HA 52 -16.94 38.55 -4.09
N PHE HA 53 -15.70 38.84 -4.50
CA PHE HA 53 -15.46 40.13 -5.10
C PHE HA 53 -16.26 40.30 -6.38
N ALA HA 54 -16.14 39.34 -7.29
CA ALA HA 54 -16.86 39.45 -8.54
C ALA HA 54 -18.35 39.49 -8.29
N ILE HA 55 -18.82 38.77 -7.27
CA ILE HA 55 -20.24 38.75 -6.97
C ILE HA 55 -20.73 40.10 -6.50
N ILE HA 56 -20.03 40.72 -5.58
CA ILE HA 56 -20.47 42.02 -5.10
C ILE HA 56 -20.43 43.06 -6.17
N SER HA 57 -19.36 43.11 -6.95
CA SER HA 57 -19.31 44.09 -7.99
C SER HA 57 -20.48 43.89 -8.95
N THR HA 58 -20.76 42.66 -9.30
CA THR HA 58 -21.87 42.40 -10.21
C THR HA 58 -23.19 42.82 -9.56
N PHE HA 59 -23.41 42.44 -8.31
CA PHE HA 59 -24.63 42.78 -7.61
C PHE HA 59 -24.87 44.25 -7.55
N ILE HA 60 -23.88 45.01 -7.12
CA ILE HA 60 -24.07 46.43 -7.01
C ILE HA 60 -24.34 47.02 -8.37
N THR HA 61 -23.62 46.60 -9.38
CA THR HA 61 -23.84 47.15 -10.70
C THR HA 61 -25.30 46.96 -11.11
N ILE HA 62 -25.84 45.76 -10.93
CA ILE HA 62 -27.23 45.55 -11.31
C ILE HA 62 -28.19 46.32 -10.42
N GLY HA 63 -27.97 46.24 -9.14
CA GLY HA 63 -28.83 46.90 -8.17
C GLY HA 63 -28.92 48.38 -8.43
N MET HA 64 -27.79 49.04 -8.58
CA MET HA 64 -27.82 50.47 -8.79
C MET HA 64 -28.50 50.84 -10.09
N SER HA 65 -28.32 50.03 -11.14
CA SER HA 65 -28.99 50.32 -12.39
C SER HA 65 -30.48 50.28 -12.20
N VAL HA 66 -30.96 49.24 -11.53
CA VAL HA 66 -32.36 49.10 -11.27
C VAL HA 66 -32.89 50.21 -10.36
N ALA HA 67 -32.17 50.51 -9.29
CA ALA HA 67 -32.58 51.57 -8.36
C ALA HA 67 -32.63 52.91 -9.09
N GLY HA 68 -31.71 53.11 -10.03
CA GLY HA 68 -31.61 54.34 -10.81
C GLY HA 68 -30.63 55.35 -10.23
N TYR HA 69 -29.67 54.88 -9.45
CA TYR HA 69 -28.71 55.79 -8.84
C TYR HA 69 -27.26 55.48 -9.12
N ALA IA 4 43.46 -2.77 19.76
CA ALA IA 4 43.19 -3.00 18.34
C ALA IA 4 41.82 -2.49 17.99
N THR IA 5 41.62 -2.23 16.70
CA THR IA 5 40.33 -1.76 16.23
C THR IA 5 39.58 -2.86 15.49
N ASP IA 6 40.18 -4.06 15.42
CA ASP IA 6 39.49 -5.14 14.73
C ASP IA 6 38.48 -5.73 15.68
N LEU IA 7 37.26 -5.34 15.46
CA LEU IA 7 36.13 -5.68 16.30
C LEU IA 7 35.89 -7.18 16.35
N MET IA 8 36.35 -7.91 15.34
CA MET IA 8 36.13 -9.35 15.26
C MET IA 8 37.34 -10.18 15.65
N LYS IA 9 38.39 -9.54 16.15
CA LYS IA 9 39.66 -10.21 16.44
C LYS IA 9 39.58 -11.50 17.24
N SER IA 10 38.70 -11.56 18.23
CA SER IA 10 38.63 -12.73 19.09
C SER IA 10 38.26 -14.03 18.39
N GLY IA 11 37.69 -13.93 17.19
CA GLY IA 11 37.27 -15.12 16.47
C GLY IA 11 38.40 -16.08 16.11
N ASP IA 12 39.66 -15.62 16.06
CA ASP IA 12 40.73 -16.55 15.74
C ASP IA 12 40.86 -17.72 16.68
N ALA IA 13 40.45 -17.61 17.93
CA ALA IA 13 40.64 -18.76 18.78
C ALA IA 13 39.90 -19.99 18.24
N THR IA 14 38.68 -19.82 17.77
CA THR IA 14 37.97 -21.00 17.31
C THR IA 14 38.14 -21.20 15.85
N VAL IA 15 38.46 -20.16 15.11
CA VAL IA 15 38.63 -20.44 13.71
C VAL IA 15 39.90 -21.24 13.55
N LYS IA 16 40.97 -20.85 14.23
CA LYS IA 16 42.17 -21.62 14.11
C LYS IA 16 41.95 -23.01 14.67
N GLY IA 17 41.30 -23.11 15.81
CA GLY IA 17 41.02 -24.41 16.38
C GLY IA 17 40.32 -25.35 15.41
N THR IA 18 39.20 -24.91 14.86
CA THR IA 18 38.45 -25.76 13.96
C THR IA 18 38.93 -25.85 12.53
N PHE IA 19 39.41 -24.78 11.93
CA PHE IA 19 39.79 -24.86 10.54
C PHE IA 19 41.28 -24.75 10.19
N GLY IA 20 42.18 -24.63 11.16
CA GLY IA 20 43.59 -24.52 10.81
C GLY IA 20 44.20 -25.88 10.51
N LYS IA 21 45.50 -25.90 10.26
CA LYS IA 21 46.20 -27.12 9.87
C LYS IA 21 45.99 -28.32 10.78
N GLN IA 22 46.00 -28.09 12.08
CA GLN IA 22 45.91 -29.18 13.03
C GLN IA 22 44.51 -29.57 13.44
N SER IA 23 43.49 -28.94 12.87
CA SER IA 23 42.14 -29.23 13.32
C SER IA 23 41.62 -30.55 12.85
N SER IA 24 40.56 -31.00 13.51
CA SER IA 24 39.94 -32.24 13.09
C SER IA 24 39.37 -32.14 11.69
N VAL IA 25 38.89 -30.98 11.29
CA VAL IA 25 38.35 -30.90 9.94
C VAL IA 25 39.44 -31.09 8.92
N VAL IA 26 40.56 -30.45 9.11
CA VAL IA 26 41.61 -30.59 8.12
C VAL IA 26 42.12 -32.01 8.09
N LYS IA 27 42.31 -32.61 9.25
CA LYS IA 27 42.80 -33.97 9.26
C LYS IA 27 41.84 -34.89 8.53
N TRP IA 28 40.54 -34.67 8.69
CA TRP IA 28 39.58 -35.51 8.00
C TRP IA 28 39.69 -35.38 6.50
N VAL IA 29 39.93 -34.17 5.99
CA VAL IA 29 40.06 -34.03 4.55
C VAL IA 29 41.26 -34.84 4.07
N VAL IA 30 42.37 -34.77 4.78
CA VAL IA 30 43.52 -35.56 4.35
C VAL IA 30 43.20 -37.05 4.40
N LEU IA 31 42.57 -37.50 5.46
CA LEU IA 31 42.22 -38.90 5.54
C LEU IA 31 41.39 -39.30 4.36
N ALA IA 32 40.45 -38.46 3.98
CA ALA IA 32 39.59 -38.77 2.87
C ALA IA 32 40.41 -39.04 1.63
N GLU IA 33 41.52 -38.34 1.41
CA GLU IA 33 42.29 -38.67 0.23
C GLU IA 33 42.90 -40.04 0.34
N VAL IA 34 43.33 -40.47 1.53
CA VAL IA 34 43.96 -41.78 1.56
C VAL IA 34 42.94 -42.79 1.11
N VAL IA 35 41.74 -42.64 1.61
CA VAL IA 35 40.73 -43.59 1.24
C VAL IA 35 40.40 -43.46 -0.23
N ALA IA 36 40.23 -42.24 -0.73
CA ALA IA 36 39.90 -42.03 -2.12
C ALA IA 36 40.95 -42.57 -3.05
N GLY IA 37 42.19 -42.40 -2.68
CA GLY IA 37 43.30 -42.88 -3.48
C GLY IA 37 43.17 -44.38 -3.57
N GLY IA 38 43.03 -45.02 -2.42
CA GLY IA 38 42.92 -46.46 -2.39
C GLY IA 38 41.78 -46.94 -3.28
N ILE IA 39 40.56 -46.48 -3.04
CA ILE IA 39 39.50 -47.01 -3.86
C ILE IA 39 39.57 -46.63 -5.32
N MET IA 40 40.03 -45.45 -5.66
CA MET IA 40 40.03 -45.19 -7.08
C MET IA 40 41.13 -45.92 -7.79
N TYR IA 41 42.25 -46.12 -7.13
CA TYR IA 41 43.30 -46.87 -7.76
C TYR IA 41 42.81 -48.30 -7.91
N MET IA 42 42.19 -48.84 -6.88
CA MET IA 42 41.70 -50.21 -6.98
C MET IA 42 40.82 -50.33 -8.20
N MET IA 43 39.88 -49.41 -8.36
CA MET IA 43 38.99 -49.43 -9.49
C MET IA 43 39.61 -49.24 -10.86
N THR IA 44 40.50 -48.27 -10.99
CA THR IA 44 41.02 -47.92 -12.30
C THR IA 44 42.47 -48.24 -12.62
N LYS IA 45 43.28 -48.43 -11.60
CA LYS IA 45 44.73 -48.60 -11.71
C LYS IA 45 45.43 -47.39 -12.30
N ASN IA 46 44.79 -46.24 -12.24
CA ASN IA 46 45.42 -45.03 -12.73
C ASN IA 46 46.25 -44.41 -11.64
N VAL IA 47 47.54 -44.40 -11.84
CA VAL IA 47 48.51 -43.94 -10.85
C VAL IA 47 48.25 -42.53 -10.31
N LYS IA 48 47.52 -41.69 -11.04
CA LYS IA 48 47.27 -40.33 -10.58
C LYS IA 48 46.56 -40.33 -9.24
N PHE IA 49 45.85 -41.40 -8.94
CA PHE IA 49 45.10 -41.46 -7.72
C PHE IA 49 46.00 -41.64 -6.53
N LEU IA 50 47.20 -42.12 -6.74
CA LEU IA 50 48.09 -42.37 -5.65
C LEU IA 50 48.88 -41.09 -5.41
N PHE IA 51 49.21 -40.39 -6.49
CA PHE IA 51 49.98 -39.17 -6.35
C PHE IA 51 49.20 -38.08 -5.68
N GLY IA 52 47.89 -38.12 -5.84
CA GLY IA 52 47.04 -37.14 -5.22
C GLY IA 52 47.29 -37.03 -3.72
N PHE IA 53 47.64 -38.11 -3.04
CA PHE IA 53 47.87 -37.98 -1.61
C PHE IA 53 49.03 -37.04 -1.33
N ALA IA 54 50.17 -37.28 -1.95
CA ALA IA 54 51.31 -36.43 -1.71
C ALA IA 54 51.00 -34.99 -2.12
N ILE IA 55 50.21 -34.84 -3.18
CA ILE IA 55 49.86 -33.49 -3.65
C ILE IA 55 49.03 -32.75 -2.63
N ILE IA 56 47.99 -33.38 -2.11
CA ILE IA 56 47.15 -32.69 -1.15
C ILE IA 56 47.90 -32.38 0.11
N SER IA 57 48.67 -33.32 0.63
CA SER IA 57 49.40 -33.03 1.84
C SER IA 57 50.32 -31.83 1.60
N THR IA 58 51.00 -31.82 0.47
CA THR IA 58 51.90 -30.71 0.18
C THR IA 58 51.11 -29.41 0.06
N PHE IA 59 50.01 -29.43 -0.66
CA PHE IA 59 49.20 -28.24 -0.85
C PHE IA 59 48.72 -27.65 0.45
N ILE IA 60 48.14 -28.48 1.30
CA ILE IA 60 47.63 -27.98 2.55
C ILE IA 60 48.75 -27.43 3.37
N THR IA 61 49.87 -28.12 3.42
CA THR IA 61 50.98 -27.64 4.23
C THR IA 61 51.37 -26.22 3.79
N ILE IA 62 51.51 -26.00 2.48
CA ILE IA 62 51.88 -24.68 2.03
C ILE IA 62 50.78 -23.67 2.26
N GLY IA 63 49.57 -24.03 1.92
CA GLY IA 63 48.43 -23.14 2.06
C GLY IA 63 48.27 -22.67 3.48
N MET IA 64 48.26 -23.60 4.43
CA MET IA 64 48.07 -23.21 5.81
C MET IA 64 49.19 -22.32 6.31
N SER IA 65 50.43 -22.58 5.88
CA SER IA 65 51.52 -21.74 6.30
C SER IA 65 51.29 -20.32 5.83
N VAL IA 66 50.92 -20.19 4.56
CA VAL IA 66 50.66 -18.88 4.00
C VAL IA 66 49.47 -18.21 4.67
N ALA IA 67 48.36 -18.95 4.85
CA ALA IA 67 47.18 -18.40 5.50
C ALA IA 67 47.50 -17.97 6.92
N GLY IA 68 48.38 -18.70 7.59
CA GLY IA 68 48.78 -18.42 8.96
C GLY IA 68 48.00 -19.19 9.99
N TYR IA 69 47.40 -20.31 9.61
CA TYR IA 69 46.60 -21.09 10.55
C TYR IA 69 47.01 -22.53 10.70
N ALA JA 4 -77.66 32.84 11.03
CA ALA JA 4 -76.48 32.58 11.84
C ALA JA 4 -76.24 33.73 12.79
N THR JA 5 -75.52 33.45 13.87
CA THR JA 5 -75.19 34.47 14.84
C THR JA 5 -73.73 34.91 14.72
N ASP JA 6 -73.01 34.33 13.76
CA ASP JA 6 -71.62 34.72 13.60
C ASP JA 6 -71.58 36.01 12.82
N LEU JA 7 -71.38 37.06 13.55
CA LEU JA 7 -71.40 38.40 13.05
C LEU JA 7 -70.33 38.66 12.00
N MET JA 8 -69.27 37.86 12.01
CA MET JA 8 -68.16 38.04 11.09
C MET JA 8 -68.15 37.05 9.93
N LYS JA 9 -69.21 36.26 9.80
CA LYS JA 9 -69.26 35.18 8.82
C LYS JA 9 -68.88 35.55 7.39
N SER JA 10 -69.25 36.72 6.92
CA SER JA 10 -69.01 37.11 5.55
C SER JA 10 -67.53 37.19 5.17
N GLY JA 11 -66.65 37.29 6.16
CA GLY JA 11 -65.23 37.41 5.89
C GLY JA 11 -64.61 36.23 5.15
N ASP JA 12 -65.24 35.05 5.19
CA ASP JA 12 -64.65 33.94 4.46
C ASP JA 12 -64.48 34.15 2.97
N ALA JA 13 -65.29 34.99 2.36
CA ALA JA 13 -65.11 35.12 0.92
C ALA JA 13 -63.70 35.61 0.58
N THR JA 14 -63.18 36.58 1.33
CA THR JA 14 -61.87 37.07 0.95
C THR JA 14 -60.79 36.38 1.71
N VAL JA 15 -61.11 35.82 2.86
CA VAL JA 15 -60.03 35.14 3.53
C VAL JA 15 -59.69 33.91 2.73
N LYS JA 16 -60.69 33.17 2.30
CA LYS JA 16 -60.39 31.99 1.52
C LYS JA 16 -59.74 32.41 0.23
N GLY JA 17 -60.27 33.43 -0.43
CA GLY JA 17 -59.66 33.90 -1.67
C GLY JA 17 -58.18 34.19 -1.53
N THR JA 18 -57.81 35.03 -0.58
CA THR JA 18 -56.43 35.41 -0.40
C THR JA 18 -55.53 34.44 0.35
N PHE JA 19 -56.02 33.78 1.37
CA PHE JA 19 -55.13 32.91 2.13
C PHE JA 19 -55.36 31.40 2.06
N GLY JA 20 -56.33 30.92 1.27
CA GLY JA 20 -56.54 29.48 1.22
C GLY JA 20 -55.55 28.80 0.28
N LYS JA 21 -55.70 27.49 0.11
CA LYS JA 21 -54.78 26.71 -0.69
C LYS JA 21 -54.50 27.22 -2.08
N GLN JA 22 -55.52 27.70 -2.77
CA GLN JA 22 -55.37 28.13 -4.15
C GLN JA 22 -55.00 29.58 -4.33
N SER JA 23 -54.80 30.32 -3.25
CA SER JA 23 -54.55 31.74 -3.40
C SER JA 23 -53.18 32.06 -3.92
N SER JA 24 -53.03 33.28 -4.40
CA SER JA 24 -51.73 33.71 -4.86
C SER JA 24 -50.71 33.72 -3.73
N VAL JA 25 -51.13 34.04 -2.51
CA VAL JA 25 -50.14 34.05 -1.45
C VAL JA 25 -49.61 32.65 -1.20
N VAL JA 26 -50.48 31.67 -1.14
CA VAL JA 26 -49.99 30.34 -0.87
C VAL JA 26 -49.12 29.85 -2.00
N LYS JA 27 -49.52 30.11 -3.23
CA LYS JA 27 -48.70 29.66 -4.33
C LYS JA 27 -47.32 30.29 -4.27
N TRP JA 28 -47.24 31.55 -3.88
CA TRP JA 28 -45.96 32.21 -3.80
C TRP JA 28 -45.07 31.55 -2.75
N VAL JA 29 -45.64 31.14 -1.62
CA VAL JA 29 -44.80 30.49 -0.62
C VAL JA 29 -44.23 29.19 -1.19
N VAL JA 30 -45.04 28.41 -1.89
CA VAL JA 30 -44.51 27.19 -2.47
C VAL JA 30 -43.42 27.50 -3.48
N LEU JA 31 -43.65 28.48 -4.34
CA LEU JA 31 -42.63 28.84 -5.30
C LEU JA 31 -41.34 29.18 -4.61
N ALA JA 32 -41.44 29.92 -3.51
CA ALA JA 32 -40.25 30.31 -2.80
C ALA JA 32 -39.44 29.10 -2.40
N GLU JA 33 -40.09 27.99 -2.04
CA GLU JA 33 -39.28 26.84 -1.70
C GLU JA 33 -38.55 26.31 -2.92
N VAL JA 34 -39.15 26.35 -4.10
CA VAL JA 34 -38.42 25.78 -5.21
C VAL JA 34 -37.15 26.56 -5.38
N VAL JA 35 -37.28 27.86 -5.31
CA VAL JA 35 -36.10 28.66 -5.49
C VAL JA 35 -35.11 28.45 -4.36
N ALA JA 36 -35.60 28.42 -3.12
CA ALA JA 36 -34.73 28.22 -1.97
C ALA JA 36 -34.00 26.91 -2.03
N GLY JA 37 -34.70 25.87 -2.45
CA GLY JA 37 -34.11 24.57 -2.57
C GLY JA 37 -32.98 24.64 -3.55
N GLY JA 38 -33.26 25.20 -4.72
CA GLY JA 38 -32.24 25.30 -5.74
C GLY JA 38 -31.02 26.04 -5.22
N ILE JA 39 -31.19 27.26 -4.73
CA ILE JA 39 -29.99 27.96 -4.31
C ILE JA 39 -29.30 27.35 -3.09
N MET JA 40 -30.01 26.80 -2.16
CA MET JA 40 -29.25 26.29 -1.05
C MET JA 40 -28.55 25.01 -1.39
N TYR JA 41 -29.15 24.20 -2.25
CA TYR JA 41 -28.48 22.99 -2.64
C TYR JA 41 -27.25 23.39 -3.45
N MET JA 42 -27.39 24.35 -4.35
CA MET JA 42 -26.25 24.78 -5.13
C MET JA 42 -25.12 25.15 -4.19
N MET JA 43 -25.41 25.96 -3.20
CA MET JA 43 -24.42 26.39 -2.25
C MET JA 43 -23.80 25.31 -1.38
N THR JA 44 -24.61 24.43 -0.84
CA THR JA 44 -24.12 23.47 0.14
C THR JA 44 -24.06 22.00 -0.25
N LYS JA 45 -24.82 21.61 -1.26
CA LYS JA 45 -25.00 20.23 -1.68
C LYS JA 45 -25.63 19.35 -0.60
N ASN JA 46 -26.32 19.98 0.34
CA ASN JA 46 -26.99 19.21 1.36
C ASN JA 46 -28.38 18.84 0.90
N VAL JA 47 -28.59 17.55 0.71
CA VAL JA 47 -29.81 17.02 0.14
C VAL JA 47 -31.09 17.45 0.87
N LYS JA 48 -31.00 17.87 2.13
CA LYS JA 48 -32.20 18.27 2.86
C LYS JA 48 -32.90 19.42 2.18
N PHE JA 49 -32.17 20.18 1.39
CA PHE JA 49 -32.74 21.33 0.75
C PHE JA 49 -33.65 20.93 -0.37
N LEU JA 50 -33.48 19.73 -0.90
CA LEU JA 50 -34.27 19.30 -2.00
C LEU JA 50 -35.53 18.66 -1.44
N PHE JA 51 -35.39 17.95 -0.32
CA PHE JA 51 -36.53 17.28 0.27
C PHE JA 51 -37.53 18.25 0.80
N GLY JA 52 -37.06 19.42 1.21
CA GLY JA 52 -37.93 20.43 1.72
C GLY JA 52 -39.08 20.75 0.76
N PHE JA 53 -38.87 20.67 -0.54
CA PHE JA 53 -39.97 20.98 -1.43
C PHE JA 53 -41.12 20.00 -1.24
N ALA JA 54 -40.83 18.72 -1.29
CA ALA JA 54 -41.89 17.74 -1.13
C ALA JA 54 -42.53 17.88 0.24
N ILE JA 55 -41.74 18.22 1.25
CA ILE JA 55 -42.27 18.37 2.59
C ILE JA 55 -43.24 19.52 2.69
N ILE JA 56 -42.89 20.68 2.16
CA ILE JA 56 -43.78 21.82 2.23
C ILE JA 56 -45.04 21.58 1.45
N SER JA 57 -44.94 21.05 0.25
CA SER JA 57 -46.13 20.81 -0.52
C SER JA 57 -47.04 19.86 0.26
N THR JA 58 -46.48 18.81 0.83
CA THR JA 58 -47.29 17.88 1.58
C THR JA 58 -47.92 18.55 2.79
N PHE JA 59 -47.13 19.33 3.54
CA PHE JA 59 -47.63 20.01 4.71
C PHE JA 59 -48.77 20.93 4.41
N ILE JA 60 -48.61 21.78 3.42
CA ILE JA 60 -49.66 22.71 3.09
C ILE JA 60 -50.89 21.96 2.66
N THR JA 61 -50.74 20.94 1.84
CA THR JA 61 -51.89 20.20 1.40
C THR JA 61 -52.69 19.68 2.60
N ILE JA 62 -52.01 19.07 3.56
CA ILE JA 62 -52.73 18.55 4.71
C ILE JA 62 -53.31 19.67 5.56
N GLY JA 63 -52.51 20.67 5.84
CA GLY JA 63 -52.92 21.78 6.67
C GLY JA 63 -54.15 22.45 6.12
N MET JA 64 -54.14 22.79 4.85
CA MET JA 64 -55.29 23.48 4.27
C MET JA 64 -56.52 22.62 4.30
N SER JA 65 -56.38 21.32 4.08
CA SER JA 65 -57.54 20.45 4.13
C SER JA 65 -58.15 20.48 5.51
N VAL JA 66 -57.30 20.38 6.53
CA VAL JA 66 -57.78 20.41 7.89
C VAL JA 66 -58.38 21.77 8.24
N ALA JA 67 -57.71 22.86 7.87
CA ALA JA 67 -58.20 24.19 8.15
C ALA JA 67 -59.54 24.42 7.45
N GLY JA 68 -59.70 23.84 6.27
CA GLY JA 68 -60.91 23.96 5.48
C GLY JA 68 -60.87 25.08 4.45
N TYR JA 69 -59.67 25.49 4.05
CA TYR JA 69 -59.55 26.58 3.09
C TYR JA 69 -58.74 26.26 1.85
N ALA KA 4 5.93 -41.33 24.57
CA ALA KA 4 7.01 -40.76 23.76
C ALA KA 4 6.66 -39.34 23.36
N THR KA 5 7.69 -38.58 23.04
CA THR KA 5 7.50 -37.21 22.62
C THR KA 5 7.72 -37.07 21.12
N ASP KA 6 7.99 -38.17 20.43
CA ASP KA 6 8.18 -38.08 18.99
C ASP KA 6 6.83 -38.05 18.34
N LEU KA 7 6.44 -36.87 17.97
CA LEU KA 7 5.14 -36.58 17.42
C LEU KA 7 4.88 -37.32 16.11
N MET KA 8 5.95 -37.73 15.42
CA MET KA 8 5.82 -38.39 14.13
C MET KA 8 6.04 -39.90 14.20
N LYS KA 9 6.15 -40.45 15.41
CA LYS KA 9 6.49 -41.85 15.60
C LYS KA 9 5.68 -42.87 14.80
N SER KA 10 4.39 -42.64 14.63
CA SER KA 10 3.53 -43.60 13.96
C SER KA 10 3.88 -43.86 12.50
N GLY KA 11 4.65 -42.95 11.89
CA GLY KA 11 5.00 -43.10 10.50
C GLY KA 11 5.82 -44.35 10.17
N ASP KA 12 6.50 -44.95 11.16
CA ASP KA 12 7.26 -46.16 10.83
C ASP KA 12 6.44 -47.29 10.26
N ALA KA 13 5.16 -47.38 10.58
CA ALA KA 13 4.44 -48.52 10.04
C ALA KA 13 4.48 -48.54 8.51
N THR KA 14 4.29 -47.38 7.87
CA THR KA 14 4.27 -47.42 6.43
C THR KA 14 5.61 -47.14 5.85
N VAL KA 15 6.47 -46.47 6.59
CA VAL KA 15 7.76 -46.24 6.00
C VAL KA 15 8.46 -47.57 5.92
N LYS KA 16 8.43 -48.34 7.00
CA LYS KA 16 9.08 -49.62 6.94
C LYS KA 16 8.41 -50.50 5.91
N GLY KA 17 7.09 -50.51 5.89
CA GLY KA 17 6.37 -51.31 4.91
C GLY KA 17 6.82 -51.00 3.48
N THR KA 18 6.78 -49.75 3.08
CA THR KA 18 7.14 -49.39 1.72
C THR KA 18 8.61 -49.25 1.41
N PHE KA 19 9.43 -48.75 2.31
CA PHE KA 19 10.81 -48.55 1.97
C PHE KA 19 11.86 -49.42 2.68
N GLY KA 20 11.47 -50.35 3.54
CA GLY KA 20 12.47 -51.16 4.21
C GLY KA 20 12.96 -52.30 3.33
N LYS KA 21 13.82 -53.15 3.88
CA LYS KA 21 14.43 -54.23 3.12
C LYS KA 21 13.47 -55.14 2.38
N GLN KA 22 12.35 -55.48 2.99
CA GLN KA 22 11.42 -56.42 2.40
C GLN KA 22 10.35 -55.79 1.51
N SER KA 23 10.38 -54.49 1.33
CA SER KA 23 9.32 -53.87 0.58
C SER KA 23 9.37 -54.11 -0.89
N SER KA 24 8.26 -53.86 -1.56
CA SER KA 24 8.24 -54.00 -3.00
C SER KA 24 9.19 -53.04 -3.67
N VAL KA 25 9.36 -51.85 -3.12
CA VAL KA 25 10.26 -50.92 -3.79
C VAL KA 25 11.68 -51.44 -3.74
N VAL KA 26 12.11 -51.93 -2.60
CA VAL KA 26 13.48 -52.40 -2.53
C VAL KA 26 13.67 -53.60 -3.41
N LYS KA 27 12.72 -54.52 -3.42
CA LYS KA 27 12.88 -55.68 -4.26
C LYS KA 27 12.98 -55.28 -5.71
N TRP KA 28 12.22 -54.28 -6.14
CA TRP KA 28 12.28 -53.84 -7.51
C TRP KA 28 13.65 -53.30 -7.85
N VAL KA 29 14.28 -52.56 -6.95
CA VAL KA 29 15.60 -52.05 -7.25
C VAL KA 29 16.57 -53.20 -7.47
N VAL KA 30 16.51 -54.22 -6.62
CA VAL KA 30 17.40 -55.35 -6.82
C VAL KA 30 17.12 -56.04 -8.15
N LEU KA 31 15.84 -56.25 -8.47
CA LEU KA 31 15.53 -56.86 -9.73
C LEU KA 31 16.13 -56.07 -10.87
N ALA KA 32 16.03 -54.75 -10.79
CA ALA KA 32 16.56 -53.93 -11.85
C ALA KA 32 18.02 -54.22 -12.07
N GLU KA 33 18.79 -54.52 -11.03
CA GLU KA 33 20.18 -54.83 -11.30
C GLU KA 33 20.31 -56.13 -12.06
N VAL KA 34 19.46 -57.11 -11.79
CA VAL KA 34 19.68 -58.37 -12.50
C VAL KA 34 19.50 -58.08 -13.97
N VAL KA 35 18.48 -57.32 -14.29
CA VAL KA 35 18.24 -57.03 -15.68
C VAL KA 35 19.37 -56.18 -16.24
N ALA KA 36 19.78 -55.14 -15.52
CA ALA KA 36 20.84 -54.27 -15.98
C ALA KA 36 22.13 -55.01 -16.20
N GLY KA 37 22.44 -55.92 -15.31
CA GLY KA 37 23.64 -56.71 -15.43
C GLY KA 37 23.59 -57.49 -16.71
N GLY KA 38 22.48 -58.18 -16.91
CA GLY KA 38 22.31 -58.98 -18.10
C GLY KA 38 22.49 -58.14 -19.36
N ILE KA 39 21.71 -57.08 -19.51
CA ILE KA 39 21.87 -56.33 -20.74
C ILE KA 39 23.20 -55.62 -20.89
N MET KA 40 23.79 -55.12 -19.83
CA MET KA 40 25.03 -54.44 -20.10
C MET KA 40 26.14 -55.41 -20.38
N TYR KA 41 26.11 -56.58 -19.76
CA TYR KA 41 27.14 -57.54 -20.05
C TYR KA 41 26.95 -57.99 -21.49
N MET KA 42 25.71 -58.24 -21.88
CA MET KA 42 25.47 -58.68 -23.25
C MET KA 42 26.09 -57.67 -24.21
N MET KA 43 25.82 -56.40 -23.98
CA MET KA 43 26.35 -55.36 -24.83
C MET KA 43 27.85 -55.19 -24.82
N THR KA 44 28.47 -55.20 -23.65
CA THR KA 44 29.90 -54.88 -23.55
C THR KA 44 30.86 -55.99 -23.20
N LYS KA 45 30.37 -57.06 -22.60
CA LYS KA 45 31.17 -58.15 -22.06
C LYS KA 45 32.10 -57.71 -20.94
N ASN KA 46 31.80 -56.59 -20.31
CA ASN KA 46 32.60 -56.13 -19.21
C ASN KA 46 32.10 -56.75 -17.92
N VAL KA 47 32.91 -57.60 -17.33
CA VAL KA 47 32.55 -58.38 -16.16
C VAL KA 47 32.04 -57.54 -14.98
N LYS KA 48 32.37 -56.25 -14.92
CA LYS KA 48 31.92 -55.43 -13.80
C LYS KA 48 30.41 -55.42 -13.70
N PHE KA 49 29.74 -55.66 -14.81
CA PHE KA 49 28.31 -55.61 -14.82
C PHE KA 49 27.70 -56.78 -14.11
N LEU KA 50 28.46 -57.86 -13.98
CA LEU KA 50 27.93 -59.03 -13.35
C LEU KA 50 28.19 -58.91 -11.87
N PHE KA 51 29.32 -58.34 -11.51
CA PHE KA 51 29.66 -58.22 -10.09
C PHE KA 51 28.76 -57.25 -9.39
N GLY KA 52 28.24 -56.28 -10.13
CA GLY KA 52 27.35 -55.32 -9.56
C GLY KA 52 26.18 -55.97 -8.84
N PHE KA 53 25.69 -57.12 -9.31
CA PHE KA 53 24.58 -57.72 -8.60
C PHE KA 53 24.95 -58.10 -7.18
N ALA KA 54 26.04 -58.82 -7.02
CA ALA KA 54 26.45 -59.22 -5.68
C ALA KA 54 26.74 -57.99 -4.84
N ILE KA 55 27.27 -56.94 -5.45
CA ILE KA 55 27.59 -55.73 -4.70
C ILE KA 55 26.34 -55.05 -4.19
N ILE KA 56 25.34 -54.88 -5.03
CA ILE KA 56 24.13 -54.23 -4.58
C ILE KA 56 23.42 -55.03 -3.53
N SER KA 57 23.29 -56.32 -3.72
CA SER KA 57 22.63 -57.12 -2.72
C SER KA 57 23.36 -56.97 -1.38
N THR KA 58 24.68 -57.04 -1.42
CA THR KA 58 25.43 -56.91 -0.18
C THR KA 58 25.23 -55.53 0.44
N PHE KA 59 25.31 -54.48 -0.38
CA PHE KA 59 25.14 -53.13 0.10
C PHE KA 59 23.81 -52.91 0.77
N ILE KA 60 22.74 -53.30 0.11
CA ILE KA 60 21.44 -53.09 0.67
C ILE KA 60 21.31 -53.87 1.96
N THR KA 61 21.77 -55.10 1.97
CA THR KA 61 21.65 -55.89 3.18
C THR KA 61 22.31 -55.16 4.35
N ILE KA 62 23.52 -54.66 4.16
CA ILE KA 62 24.18 -53.97 5.26
C ILE KA 62 23.49 -52.66 5.60
N GLY KA 63 23.17 -51.89 4.59
CA GLY KA 63 22.54 -50.60 4.77
C GLY KA 63 21.25 -50.72 5.55
N MET KA 64 20.38 -51.62 5.13
CA MET KA 64 19.11 -51.75 5.81
C MET KA 64 19.28 -52.20 7.24
N SER KA 65 20.24 -53.08 7.50
CA SER KA 65 20.46 -53.51 8.86
C SER KA 65 20.85 -52.32 9.72
N VAL KA 66 21.76 -51.52 9.22
CA VAL KA 66 22.20 -50.35 9.95
C VAL KA 66 21.07 -49.33 10.11
N ALA KA 67 20.33 -49.06 9.04
CA ALA KA 67 19.21 -48.12 9.10
C ALA KA 67 18.16 -48.61 10.09
N GLY KA 68 17.97 -49.93 10.17
CA GLY KA 68 17.01 -50.54 11.05
C GLY KA 68 15.67 -50.82 10.39
N TYR KA 69 15.64 -50.93 9.07
CA TYR KA 69 14.39 -51.15 8.37
C TYR KA 69 14.38 -52.38 7.47
N ALA LA 4 -57.43 25.86 60.65
CA ALA LA 4 -56.26 26.42 60.00
C ALA LA 4 -56.49 27.88 59.69
N THR LA 5 -55.41 28.61 59.51
CA THR LA 5 -55.49 30.02 59.19
C THR LA 5 -55.13 30.26 57.73
N ASP LA 6 -54.84 29.20 56.99
CA ASP LA 6 -54.52 29.39 55.58
C ASP LA 6 -55.79 29.54 54.81
N LEU LA 7 -56.09 30.77 54.51
CA LEU LA 7 -57.31 31.17 53.87
C LEU LA 7 -57.49 30.54 52.49
N MET LA 8 -56.38 30.14 51.86
CA MET LA 8 -56.42 29.57 50.52
C MET LA 8 -56.28 28.06 50.49
N LYS LA 9 -56.31 27.42 51.65
CA LYS LA 9 -56.06 25.98 51.76
C LYS LA 9 -56.84 25.08 50.81
N SER LA 10 -58.10 25.39 50.55
CA SER LA 10 -58.94 24.53 49.73
C SER LA 10 -58.46 24.37 48.29
N GLY LA 11 -57.61 25.27 47.82
CA GLY LA 11 -57.13 25.21 46.45
C GLY LA 11 -56.34 23.95 46.10
N ASP LA 12 -55.78 23.23 47.09
CA ASP LA 12 -55.05 22.02 46.74
C ASP LA 12 -55.87 20.98 46.02
N ALA LA 13 -57.19 20.93 46.20
CA ALA LA 13 -57.89 19.88 45.50
C ALA LA 13 -57.72 19.98 43.99
N THR LA 14 -57.79 21.19 43.45
CA THR LA 14 -57.68 21.26 42.00
C THR LA 14 -56.28 21.52 41.57
N VAL LA 15 -55.45 22.08 42.44
CA VAL LA 15 -54.12 22.27 41.98
C VAL LA 15 -53.46 20.92 41.86
N LYS LA 16 -53.64 20.08 42.87
CA LYS LA 16 -53.04 18.77 42.76
C LYS LA 16 -53.66 18.01 41.60
N GLY LA 17 -54.98 18.07 41.47
CA GLY LA 17 -55.63 17.40 40.37
C GLY LA 17 -55.03 17.77 39.01
N THR LA 18 -54.98 19.06 38.71
CA THR LA 18 -54.48 19.50 37.42
C THR LA 18 -52.98 19.57 37.26
N PHE LA 19 -52.23 19.97 38.27
CA PHE LA 19 -50.80 20.11 38.07
C PHE LA 19 -49.87 19.14 38.79
N GLY LA 20 -50.38 18.16 39.54
CA GLY LA 20 -49.50 17.25 40.24
C GLY LA 20 -48.99 16.15 39.31
N LYS LA 21 -48.22 15.23 39.87
CA LYS LA 21 -47.60 14.16 39.08
C LYS LA 21 -48.52 13.38 38.17
N GLN LA 22 -49.71 13.05 38.67
CA GLN LA 22 -50.63 12.22 37.91
C GLN LA 22 -51.58 12.96 36.99
N SER LA 23 -51.46 14.27 36.92
CA SER LA 23 -52.42 15.01 36.12
C SER LA 23 -52.23 14.88 34.65
N SER LA 24 -53.27 15.24 33.91
CA SER LA 24 -53.16 15.20 32.48
C SER LA 24 -52.11 16.17 31.96
N VAL LA 25 -51.93 17.30 32.61
CA VAL LA 25 -50.93 18.22 32.12
C VAL LA 25 -49.54 17.62 32.24
N VAL LA 26 -49.24 17.03 33.38
CA VAL LA 26 -47.92 16.48 33.54
C VAL LA 26 -47.70 15.34 32.58
N LYS LA 27 -48.69 14.47 32.41
CA LYS LA 27 -48.51 13.37 31.50
C LYS LA 27 -48.25 13.88 30.09
N TRP LA 28 -48.93 14.95 29.69
CA TRP LA 28 -48.71 15.48 28.36
C TRP LA 28 -47.29 15.98 28.20
N VAL LA 29 -46.71 16.60 29.21
CA VAL LA 29 -45.34 17.07 29.06
C VAL LA 29 -44.42 15.87 28.85
N VAL LA 30 -44.61 14.80 29.60
CA VAL LA 30 -43.76 13.64 29.39
C VAL LA 30 -43.95 13.08 27.98
N LEU LA 31 -45.19 12.96 27.54
CA LEU LA 31 -45.42 12.47 26.20
C LEU LA 31 -44.68 13.30 25.20
N ALA LA 32 -44.71 14.61 25.37
CA ALA LA 32 -44.05 15.50 24.44
C ALA LA 32 -42.59 15.13 24.33
N GLU LA 33 -41.94 14.72 25.40
CA GLU LA 33 -40.55 14.35 25.23
C GLU LA 33 -40.41 13.10 24.39
N VAL LA 34 -41.32 12.15 24.50
CA VAL LA 34 -41.11 10.95 23.70
C VAL LA 34 -41.13 11.36 22.25
N VAL LA 35 -42.08 12.19 21.91
CA VAL LA 35 -42.16 12.59 20.54
C VAL LA 35 -40.96 13.43 20.14
N ALA LA 36 -40.56 14.38 21.00
CA ALA LA 36 -39.42 15.22 20.70
C ALA LA 36 -38.15 14.43 20.52
N GLY LA 37 -37.96 13.44 21.36
CA GLY LA 37 -36.80 12.60 21.30
C GLY LA 37 -36.79 11.93 19.95
N GLY LA 38 -37.90 11.30 19.60
CA GLY LA 38 -37.99 10.62 18.34
C GLY LA 38 -37.65 11.54 17.18
N ILE LA 39 -38.36 12.66 17.04
CA ILE LA 39 -38.05 13.49 15.89
C ILE LA 39 -36.68 14.13 15.92
N MET LA 40 -36.17 14.51 17.07
CA MET LA 40 -34.88 15.13 16.96
C MET LA 40 -33.79 14.13 16.71
N TYR LA 41 -33.94 12.92 17.23
CA TYR LA 41 -32.94 11.93 16.95
C TYR LA 41 -33.02 11.60 15.47
N MET LA 42 -34.22 11.45 14.94
CA MET LA 42 -34.35 11.13 13.53
C MET LA 42 -33.59 12.17 12.73
N MET LA 43 -33.82 13.44 13.02
CA MET LA 43 -33.16 14.51 12.32
C MET LA 43 -31.66 14.59 12.47
N THR LA 44 -31.16 14.46 13.68
CA THR LA 44 -29.74 14.70 13.94
C THR LA 44 -28.86 13.50 14.29
N LYS LA 45 -29.46 12.42 14.75
CA LYS LA 45 -28.77 11.25 15.27
C LYS LA 45 -27.93 11.56 16.50
N ASN LA 46 -28.25 12.64 17.19
CA ASN LA 46 -27.52 12.97 18.40
C ASN LA 46 -28.16 12.28 19.58
N VAL LA 47 -27.45 11.35 20.16
CA VAL LA 47 -27.96 10.51 21.23
C VAL LA 47 -28.53 11.27 22.42
N LYS LA 48 -28.16 12.53 22.62
CA LYS LA 48 -28.66 13.29 23.76
C LYS LA 48 -30.18 13.38 23.72
N PHE LA 49 -30.75 13.25 22.54
CA PHE LA 49 -32.17 13.39 22.41
C PHE LA 49 -32.90 12.21 22.97
N LEU LA 50 -32.21 11.09 23.08
CA LEU LA 50 -32.85 9.89 23.55
C LEU LA 50 -32.73 9.88 25.06
N PHE LA 51 -31.60 10.37 25.57
CA PHE LA 51 -31.39 10.36 27.02
C PHE LA 51 -32.31 11.32 27.71
N GLY LA 52 -32.71 12.36 27.00
CA GLY LA 52 -33.61 13.33 27.57
C GLY LA 52 -34.87 12.68 28.12
N PHE LA 53 -35.36 11.61 27.52
CA PHE LA 53 -36.56 11.02 28.08
C PHE LA 53 -36.34 10.52 29.49
N ALA LA 54 -35.31 9.73 29.69
CA ALA LA 54 -35.05 9.21 31.02
C ALA LA 54 -34.79 10.35 31.99
N ILE LA 55 -34.14 11.41 31.51
CA ILE LA 55 -33.85 12.54 32.37
C ILE LA 55 -35.10 13.25 32.83
N ILE LA 56 -36.01 13.54 31.91
CA ILE LA 56 -37.23 14.22 32.32
C ILE LA 56 -38.06 13.39 33.22
N SER LA 57 -38.23 12.11 32.92
CA SER LA 57 -39.03 11.28 33.78
C SER LA 57 -38.42 11.28 35.19
N THR LA 58 -37.10 11.15 35.27
CA THR LA 58 -36.47 11.15 36.57
C THR LA 58 -36.66 12.48 37.28
N PHE LA 59 -36.46 13.58 36.57
CA PHE LA 59 -36.61 14.90 37.14
C PHE LA 59 -37.98 15.14 37.70
N ILE LA 60 -39.00 14.85 36.91
CA ILE LA 60 -40.34 15.10 37.37
C ILE LA 60 -40.63 14.24 38.57
N THR LA 61 -40.23 12.98 38.53
CA THR LA 61 -40.50 12.12 39.66
C THR LA 61 -39.92 12.70 40.94
N ILE LA 62 -38.67 13.16 40.90
CA ILE LA 62 -38.08 13.73 42.10
C ILE LA 62 -38.74 15.04 42.49
N GLY LA 63 -38.93 15.91 41.51
CA GLY LA 63 -39.51 17.20 41.74
C GLY LA 63 -40.86 17.10 42.39
N MET LA 64 -41.74 16.29 41.82
CA MET LA 64 -43.07 16.18 42.37
C MET LA 64 -43.07 15.61 43.77
N SER LA 65 -42.18 14.66 44.04
CA SER LA 65 -42.10 14.11 45.38
C SER LA 65 -41.73 15.20 46.37
N VAL LA 66 -40.74 16.00 46.01
CA VAL LA 66 -40.32 17.08 46.88
C VAL LA 66 -41.40 18.14 47.02
N ALA LA 67 -42.03 18.54 45.90
CA ALA LA 67 -43.10 19.52 45.94
C ALA LA 67 -44.27 19.03 46.78
N GLY LA 68 -44.52 17.72 46.74
CA GLY LA 68 -45.60 17.10 47.48
C GLY LA 68 -46.88 16.94 46.69
N TYR LA 69 -46.78 16.94 45.36
CA TYR LA 69 -47.97 16.83 44.54
C TYR LA 69 -47.96 15.69 43.54
N ALA MA 4 -19.03 -39.36 -23.32
CA ALA MA 4 -17.77 -39.50 -22.60
C ALA MA 4 -17.51 -38.27 -21.77
N THR MA 5 -16.68 -38.43 -20.76
CA THR MA 5 -16.32 -37.31 -19.90
C THR MA 5 -14.91 -36.83 -20.18
N ASP MA 6 -14.24 -37.43 -21.16
CA ASP MA 6 -12.90 -36.99 -21.48
C ASP MA 6 -12.99 -35.77 -22.35
N LEU MA 7 -12.79 -34.65 -21.72
CA LEU MA 7 -12.94 -33.35 -22.32
C LEU MA 7 -11.98 -33.13 -23.48
N MET MA 8 -10.88 -33.88 -23.51
CA MET MA 8 -9.86 -33.72 -24.55
C MET MA 8 -9.90 -34.81 -25.61
N LYS MA 9 -10.93 -35.65 -25.59
CA LYS MA 9 -11.01 -36.81 -26.48
C LYS MA 9 -10.77 -36.54 -27.96
N SER MA 10 -11.26 -35.42 -28.47
CA SER MA 10 -11.16 -35.14 -29.90
C SER MA 10 -9.72 -35.02 -30.42
N GLY MA 11 -8.76 -34.80 -29.52
CA GLY MA 11 -7.38 -34.62 -29.94
C GLY MA 11 -6.77 -35.84 -30.64
N ASP MA 12 -7.33 -37.04 -30.45
CA ASP MA 12 -6.74 -38.18 -31.14
C ASP MA 12 -6.72 -38.07 -32.66
N ALA MA 13 -7.63 -37.33 -33.26
CA ALA MA 13 -7.58 -37.30 -34.70
C ALA MA 13 -6.24 -36.77 -35.22
N THR MA 14 -5.71 -35.72 -34.60
CA THR MA 14 -4.47 -35.20 -35.12
C THR MA 14 -3.30 -35.78 -34.42
N VAL MA 15 -3.47 -36.26 -33.21
CA VAL MA 15 -2.30 -36.83 -32.59
C VAL MA 15 -1.97 -38.10 -33.33
N LYS MA 16 -2.96 -38.92 -33.60
CA LYS MA 16 -2.66 -40.14 -34.31
C LYS MA 16 -2.15 -39.80 -35.70
N GLY MA 17 -2.80 -38.86 -36.37
CA GLY MA 17 -2.34 -38.47 -37.69
C GLY MA 17 -0.87 -38.09 -37.71
N THR MA 18 -0.46 -37.16 -36.87
CA THR MA 18 0.92 -36.71 -36.86
C THR MA 18 1.92 -37.56 -36.13
N PHE MA 19 1.57 -38.17 -35.01
CA PHE MA 19 2.57 -38.92 -34.28
C PHE MA 19 2.41 -40.44 -34.22
N GLY MA 20 1.41 -41.04 -34.86
CA GLY MA 20 1.28 -42.48 -34.79
C GLY MA 20 2.21 -43.19 -35.75
N LYS MA 21 2.13 -44.50 -35.81
CA LYS MA 21 3.01 -45.32 -36.63
C LYS MA 21 3.14 -44.90 -38.09
N GLN MA 22 2.03 -44.53 -38.70
CA GLN MA 22 2.04 -44.20 -40.12
C GLN MA 22 2.30 -42.75 -40.45
N SER MA 23 2.55 -41.92 -39.46
CA SER MA 23 2.71 -40.51 -39.74
C SER MA 23 4.01 -40.16 -40.40
N SER MA 24 4.05 -38.97 -40.98
CA SER MA 24 5.28 -38.53 -41.58
C SER MA 24 6.39 -38.37 -40.57
N VAL MA 25 6.07 -37.99 -39.35
CA VAL MA 25 7.15 -37.84 -38.38
C VAL MA 25 7.78 -39.18 -38.07
N VAL MA 26 6.97 -40.19 -37.87
CA VAL MA 26 7.56 -41.47 -37.54
C VAL MA 26 8.35 -42.01 -38.71
N LYS MA 27 7.83 -41.88 -39.92
CA LYS MA 27 8.57 -42.37 -41.05
C LYS MA 27 9.91 -41.68 -41.17
N TRP MA 28 9.95 -40.38 -40.89
CA TRP MA 28 11.20 -39.66 -40.98
C TRP MA 28 12.21 -40.20 -39.97
N VAL MA 29 11.77 -40.53 -38.75
CA VAL MA 29 12.72 -41.05 -37.79
C VAL MA 29 13.32 -42.37 -38.31
N VAL MA 30 12.49 -43.24 -38.87
CA VAL MA 30 13.04 -44.47 -39.40
C VAL MA 30 14.01 -44.19 -40.53
N LEU MA 31 13.65 -43.29 -41.44
CA LEU MA 31 14.56 -42.98 -42.51
C LEU MA 31 15.88 -42.52 -41.98
N ALA MA 32 15.85 -41.69 -40.94
CA ALA MA 32 17.07 -41.19 -40.37
C ALA MA 32 17.97 -42.32 -39.96
N GLU MA 33 17.43 -43.42 -39.45
CA GLU MA 33 18.34 -44.51 -39.11
C GLU MA 33 18.98 -45.10 -40.34
N VAL MA 34 18.27 -45.19 -41.46
CA VAL MA 34 18.93 -45.82 -42.59
C VAL MA 34 20.13 -44.99 -42.94
N VAL MA 35 19.94 -43.70 -42.96
CA VAL MA 35 21.04 -42.84 -43.30
C VAL MA 35 22.14 -42.93 -42.25
N ALA MA 36 21.78 -42.88 -40.98
CA ALA MA 36 22.75 -42.94 -39.90
C ALA MA 36 23.54 -44.22 -39.94
N GLY MA 37 22.87 -45.31 -40.20
CA GLY MA 37 23.51 -46.59 -40.28
C GLY MA 37 24.54 -46.54 -41.36
N GLY MA 38 24.14 -46.10 -42.54
CA GLY MA 38 25.04 -46.02 -43.65
C GLY MA 38 26.26 -45.19 -43.32
N ILE MA 39 26.08 -43.94 -42.91
CA ILE MA 39 27.27 -43.16 -42.65
C ILE MA 39 28.10 -43.63 -41.47
N MET MA 40 27.50 -44.13 -40.42
CA MET MA 40 28.38 -44.52 -39.36
C MET MA 40 29.12 -45.79 -39.67
N TYR MA 41 28.50 -46.70 -40.40
CA TYR MA 41 29.20 -47.89 -40.77
C TYR MA 41 30.32 -47.50 -41.70
N MET MA 42 30.05 -46.62 -42.66
CA MET MA 42 31.08 -46.21 -43.58
C MET MA 42 32.28 -45.72 -42.79
N MET MA 43 32.02 -44.83 -41.83
CA MET MA 43 33.08 -44.29 -41.01
C MET MA 43 33.84 -45.26 -40.13
N THR MA 44 33.12 -46.13 -39.44
CA THR MA 44 33.75 -46.99 -38.44
C THR MA 44 33.86 -48.48 -38.73
N LYS MA 45 33.04 -48.98 -39.63
CA LYS MA 45 32.89 -50.40 -39.93
C LYS MA 45 32.42 -51.21 -38.73
N ASN MA 46 31.78 -50.55 -37.78
CA ASN MA 46 31.24 -51.25 -36.63
C ASN MA 46 29.85 -51.74 -36.94
N VAL MA 47 29.69 -53.05 -37.02
CA VAL MA 47 28.45 -53.68 -37.42
C VAL MA 47 27.22 -53.25 -36.62
N LYS MA 48 27.40 -52.73 -35.40
CA LYS MA 48 26.26 -52.33 -34.59
C LYS MA 48 25.42 -51.28 -35.29
N PHE MA 49 26.05 -50.54 -36.19
CA PHE MA 49 25.34 -49.48 -36.87
C PHE MA 49 24.36 -50.01 -37.87
N LEU MA 50 24.56 -51.24 -38.31
CA LEU MA 50 23.69 -51.80 -39.30
C LEU MA 50 22.53 -52.45 -38.58
N PHE MA 51 22.82 -53.06 -37.43
CA PHE MA 51 21.76 -53.74 -36.69
C PHE MA 51 20.76 -52.77 -36.13
N GLY MA 52 21.21 -51.55 -35.86
CA GLY MA 52 20.33 -50.55 -35.35
C GLY MA 52 19.09 -50.37 -36.21
N PHE MA 53 19.18 -50.54 -37.52
CA PHE MA 53 17.99 -50.36 -38.32
C PHE MA 53 16.92 -51.37 -37.96
N ALA MA 54 17.27 -52.64 -37.93
CA ALA MA 54 16.29 -53.66 -37.60
C ALA MA 54 15.76 -53.43 -36.19
N ILE MA 55 16.63 -52.96 -35.29
CA ILE MA 55 16.21 -52.74 -33.92
C ILE MA 55 15.18 -51.63 -33.82
N ILE MA 56 15.44 -50.50 -34.46
CA ILE MA 56 14.48 -49.42 -34.40
C ILE MA 56 13.17 -49.77 -35.03
N SER MA 57 13.20 -50.39 -36.20
CA SER MA 57 11.95 -50.76 -36.83
C SER MA 57 11.17 -51.68 -35.90
N THR MA 58 11.84 -52.65 -35.30
CA THR MA 58 11.16 -53.56 -34.41
C THR MA 58 10.60 -52.80 -33.20
N PHE MA 59 11.41 -51.95 -32.59
CA PHE MA 59 10.98 -51.19 -31.43
C PHE MA 59 9.76 -50.35 -31.70
N ILE MA 60 9.78 -49.58 -32.77
CA ILE MA 60 8.66 -48.74 -33.06
C ILE MA 60 7.44 -49.57 -33.31
N THR MA 61 7.57 -50.65 -34.06
CA THR MA 61 6.43 -51.48 -34.34
C THR MA 61 5.77 -51.95 -33.04
N ILE MA 62 6.56 -52.43 -32.09
CA ILE MA 62 5.99 -52.89 -30.84
C ILE MA 62 5.43 -51.74 -30.04
N GLY MA 63 6.19 -50.68 -29.91
CA GLY MA 63 5.80 -49.53 -29.14
C GLY MA 63 4.47 -48.97 -29.61
N MET MA 64 4.36 -48.73 -30.91
CA MET MA 64 3.14 -48.15 -31.41
C MET MA 64 1.95 -49.06 -31.20
N SER MA 65 2.14 -50.36 -31.34
CA SER MA 65 1.05 -51.29 -31.12
C SER MA 65 0.57 -51.16 -29.69
N VAL MA 66 1.50 -51.16 -28.76
CA VAL MA 66 1.15 -51.03 -27.36
C VAL MA 66 0.51 -49.68 -27.05
N ALA MA 67 1.09 -48.59 -27.57
CA ALA MA 67 0.54 -47.26 -27.35
C ALA MA 67 -0.86 -47.16 -27.93
N GLY MA 68 -1.09 -47.84 -29.06
CA GLY MA 68 -2.38 -47.84 -29.72
C GLY MA 68 -2.49 -46.81 -30.84
N TYR MA 69 -1.36 -46.38 -31.37
CA TYR MA 69 -1.38 -45.36 -32.42
C TYR MA 69 -0.67 -45.75 -33.71
N ALA NA 4 -17.79 62.53 62.36
CA ALA NA 4 -17.94 62.42 60.92
C ALA NA 4 -19.25 63.03 60.48
N THR NA 5 -19.32 63.39 59.21
CA THR NA 5 -20.52 63.97 58.66
C THR NA 5 -21.25 62.97 57.77
N ASP NA 6 -20.71 61.76 57.65
CA ASP NA 6 -21.39 60.77 56.83
C ASP NA 6 -22.51 60.16 57.63
N LEU NA 7 -23.69 60.63 57.34
CA LEU NA 7 -24.90 60.30 58.04
C LEU NA 7 -25.22 58.81 57.95
N MET NA 8 -24.70 58.13 56.93
CA MET NA 8 -24.98 56.71 56.71
C MET NA 8 -23.85 55.80 57.14
N LYS NA 9 -22.83 56.34 57.79
CA LYS NA 9 -21.63 55.58 58.13
C LYS NA 9 -21.84 54.23 58.82
N SER NA 10 -22.81 54.14 59.71
CA SER NA 10 -23.02 52.93 60.47
C SER NA 10 -23.38 51.70 59.63
N GLY NA 11 -23.83 51.92 58.40
CA GLY NA 11 -24.24 50.82 57.54
C GLY NA 11 -23.12 49.83 57.21
N ASP NA 12 -21.85 50.23 57.32
CA ASP NA 12 -20.80 49.26 57.01
C ASP NA 12 -20.82 48.01 57.86
N ALA NA 13 -21.34 48.05 59.07
CA ALA NA 13 -21.29 46.83 59.84
C ALA NA 13 -22.02 45.69 59.14
N THR NA 14 -23.20 45.96 58.57
CA THR NA 14 -23.90 44.86 57.97
C THR NA 14 -23.61 44.76 56.51
N VAL NA 15 -23.17 45.83 55.89
CA VAL NA 15 -22.88 45.66 54.50
C VAL NA 15 -21.65 44.80 54.39
N LYS NA 16 -20.64 45.08 55.19
CA LYS NA 16 -19.46 44.26 55.11
C LYS NA 16 -19.80 42.84 55.53
N GLY NA 17 -20.56 42.70 56.61
CA GLY NA 17 -20.95 41.37 57.05
C GLY NA 17 -21.60 40.55 55.94
N THR NA 18 -22.64 41.08 55.32
CA THR NA 18 -23.35 40.34 54.29
C THR NA 18 -22.74 40.34 52.91
N PHE NA 19 -22.15 41.43 52.45
CA PHE NA 19 -21.65 41.44 51.10
C PHE NA 19 -20.13 41.49 50.89
N GLY NA 20 -19.32 41.48 51.95
CA GLY NA 20 -17.88 41.54 51.74
C GLY NA 20 -17.31 40.17 51.39
N LYS NA 21 -15.99 40.10 51.24
CA LYS NA 21 -15.32 38.88 50.83
C LYS NA 21 -15.66 37.63 51.62
N GLN NA 22 -15.78 37.76 52.92
CA GLN NA 22 -16.01 36.60 53.77
C GLN NA 22 -17.46 36.26 54.02
N SER NA 23 -18.38 36.99 53.42
CA SER NA 23 -19.78 36.74 53.71
C SER NA 23 -20.32 35.49 53.10
N SER NA 24 -21.46 35.06 53.62
CA SER NA 24 -22.09 33.89 53.05
C SER NA 24 -22.53 34.12 51.61
N VAL NA 25 -22.91 35.33 51.26
CA VAL NA 25 -23.32 35.55 49.89
C VAL NA 25 -22.15 35.37 48.95
N VAL NA 26 -21.01 35.94 49.29
CA VAL NA 26 -19.89 35.82 48.39
C VAL NA 26 -19.44 34.37 48.29
N LYS NA 27 -19.40 33.67 49.42
CA LYS NA 27 -18.98 32.30 49.37
C LYS NA 27 -19.92 31.49 48.48
N TRP NA 28 -21.20 31.77 48.53
CA TRP NA 28 -22.14 31.04 47.70
C TRP NA 28 -21.88 31.27 46.23
N VAL NA 29 -21.54 32.51 45.85
CA VAL NA 29 -21.27 32.73 44.44
C VAL NA 29 -20.06 31.91 44.00
N VAL NA 30 -19.01 31.86 44.81
CA VAL NA 30 -17.87 31.04 44.42
C VAL NA 30 -18.26 29.57 44.32
N LEU NA 31 -19.02 29.07 45.29
CA LEU NA 31 -19.44 27.70 45.21
C LEU NA 31 -20.17 27.43 43.94
N ALA NA 32 -21.04 28.36 43.55
CA ALA NA 32 -21.80 28.18 42.34
C ALA NA 32 -20.88 27.95 41.16
N GLU NA 33 -19.73 28.62 41.10
CA GLU NA 33 -18.86 28.33 39.99
C GLU NA 33 -18.33 26.92 40.03
N VAL NA 34 -18.05 26.39 41.21
CA VAL NA 34 -17.47 25.05 41.19
C VAL NA 34 -18.49 24.13 40.58
N VAL NA 35 -19.73 24.29 40.97
CA VAL NA 35 -20.75 23.44 40.44
C VAL NA 35 -20.93 23.69 38.96
N ALA NA 36 -21.00 24.96 38.54
CA ALA NA 36 -21.19 25.30 37.15
C ALA NA 36 -20.08 24.76 36.28
N GLY NA 37 -18.87 24.85 36.77
CA GLY NA 37 -17.73 24.36 36.04
C GLY NA 37 -17.90 22.88 35.82
N GLY NA 38 -18.18 22.16 36.90
CA GLY NA 38 -18.37 20.74 36.80
C GLY NA 38 -19.44 20.38 35.78
N ILE NA 39 -20.66 20.90 35.94
CA ILE NA 39 -21.65 20.50 34.98
C ILE NA 39 -21.43 20.98 33.57
N MET NA 40 -20.89 22.16 33.37
CA MET NA 40 -20.74 22.53 31.99
C MET NA 40 -19.61 21.79 31.32
N TYR NA 41 -18.57 21.47 32.06
CA TYR NA 41 -17.50 20.71 31.47
C TYR NA 41 -18.04 19.34 31.17
N MET NA 42 -18.79 18.74 32.08
CA MET NA 42 -19.33 17.42 31.84
C MET NA 42 -20.10 17.45 30.52
N MET NA 43 -20.97 18.43 30.37
CA MET NA 43 -21.76 18.54 29.16
C MET NA 43 -21.00 18.80 27.87
N THR NA 44 -20.05 19.72 27.90
CA THR NA 44 -19.39 20.15 26.67
C THR NA 44 -17.94 19.77 26.46
N LYS NA 45 -17.23 19.45 27.52
CA LYS NA 45 -15.80 19.21 27.54
C LYS NA 45 -14.98 20.42 27.10
N ASN NA 46 -15.57 21.60 27.22
CA ASN NA 46 -14.85 22.80 26.87
C ASN NA 46 -14.09 23.30 28.08
N VAL NA 47 -12.78 23.25 28.00
CA VAL NA 47 -11.90 23.58 29.10
C VAL NA 47 -12.14 24.96 29.73
N LYS NA 48 -12.75 25.89 29.01
CA LYS NA 48 -12.97 27.22 29.56
C LYS NA 48 -13.80 27.15 30.82
N PHE NA 49 -14.59 26.11 30.97
CA PHE NA 49 -15.45 26.00 32.11
C PHE NA 49 -14.68 25.69 33.36
N LEU NA 50 -13.49 25.15 33.21
CA LEU NA 50 -12.72 24.78 34.36
C LEU NA 50 -11.90 25.98 34.77
N PHE NA 51 -11.44 26.75 33.79
CA PHE NA 51 -10.61 27.91 34.09
C PHE NA 51 -11.41 28.98 34.77
N GLY NA 52 -12.70 29.02 34.50
CA GLY NA 52 -13.55 30.00 35.11
C GLY NA 52 -13.45 29.98 36.63
N PHE NA 53 -13.21 28.84 37.26
CA PHE NA 53 -13.11 28.86 38.69
C PHE NA 53 -11.94 29.69 39.17
N ALA NA 54 -10.76 29.44 38.62
CA ALA NA 54 -9.61 30.20 39.03
C ALA NA 54 -9.81 31.68 38.72
N ILE NA 55 -10.48 31.97 37.61
CA ILE NA 55 -10.72 33.36 37.23
C ILE NA 55 -11.61 34.07 38.21
N ILE NA 56 -12.72 33.46 38.59
CA ILE NA 56 -13.61 34.11 39.53
C ILE NA 56 -12.98 34.29 40.87
N SER NA 57 -12.30 33.27 41.37
CA SER NA 57 -11.67 33.42 42.67
C SER NA 57 -10.68 34.58 42.61
N THR NA 58 -9.89 34.65 41.55
CA THR NA 58 -8.93 35.73 41.43
C THR NA 58 -9.62 37.08 41.35
N PHE NA 59 -10.65 37.17 40.53
CA PHE NA 59 -11.40 38.41 40.37
C PHE NA 59 -11.97 38.92 41.66
N ILE NA 60 -12.66 38.07 42.38
CA ILE NA 60 -13.25 38.50 43.62
C ILE NA 60 -12.19 38.92 44.58
N THR NA 61 -11.12 38.16 44.68
CA THR NA 61 -10.07 38.53 45.61
C THR NA 61 -9.57 39.94 45.32
N ILE NA 62 -9.30 40.25 44.07
CA ILE NA 62 -8.82 41.60 43.75
C ILE NA 62 -9.89 42.64 43.97
N GLY NA 63 -11.08 42.38 43.48
CA GLY NA 63 -12.18 43.30 43.60
C GLY NA 63 -12.45 43.67 45.03
N MET NA 64 -12.59 42.69 45.89
CA MET NA 64 -12.89 42.98 47.28
C MET NA 64 -11.79 43.76 47.94
N SER NA 65 -10.53 43.47 47.61
CA SER NA 65 -9.44 44.21 48.20
C SER NA 65 -9.55 45.67 47.82
N VAL NA 66 -9.79 45.92 46.54
CA VAL NA 66 -9.94 47.28 46.07
C VAL NA 66 -11.16 47.96 46.68
N ALA NA 67 -12.30 47.28 46.70
CA ALA NA 67 -13.52 47.83 47.28
C ALA NA 67 -13.31 48.14 48.75
N GLY NA 68 -12.53 47.30 49.44
CA GLY NA 68 -12.24 47.47 50.85
C GLY NA 68 -13.17 46.66 51.76
N TYR NA 69 -13.77 45.61 51.23
CA TYR NA 69 -14.70 44.81 52.01
C TYR NA 69 -14.38 43.34 52.09
N ALA OA 4 10.32 -2.89 -50.29
CA ALA OA 4 10.31 -4.13 -49.54
C ALA OA 4 9.79 -3.89 -48.15
N THR OA 5 9.31 -4.94 -47.51
CA THR OA 5 8.80 -4.85 -46.16
C THR OA 5 9.78 -5.46 -45.16
N ASP OA 6 10.92 -5.95 -45.65
CA ASP OA 6 11.90 -6.52 -44.73
C ASP OA 6 12.67 -5.41 -44.10
N LEU OA 7 12.29 -5.11 -42.89
CA LEU OA 7 12.81 -4.00 -42.13
C LEU OA 7 14.30 -4.14 -41.87
N MET OA 8 14.83 -5.36 -41.92
CA MET OA 8 16.24 -5.62 -41.64
C MET OA 8 17.09 -5.84 -42.88
N LYS OA 9 16.51 -5.63 -44.06
CA LYS OA 9 17.17 -5.93 -45.33
C LYS OA 9 18.60 -5.40 -45.50
N SER OA 10 18.86 -4.19 -45.02
CA SER OA 10 20.17 -3.58 -45.22
C SER OA 10 21.33 -4.34 -44.58
N GLY OA 11 21.05 -5.22 -43.63
CA GLY OA 11 22.09 -5.95 -42.95
C GLY OA 11 22.93 -6.86 -43.85
N ASP OA 12 22.43 -7.25 -45.02
CA ASP OA 12 23.24 -8.10 -45.87
C ASP OA 12 24.57 -7.50 -46.29
N ALA OA 13 24.69 -6.18 -46.35
CA ALA OA 13 25.97 -5.67 -46.79
C ALA OA 13 27.11 -6.13 -45.87
N THR OA 14 26.89 -6.10 -44.56
CA THR OA 14 27.99 -6.48 -43.70
C THR OA 14 27.94 -7.92 -43.34
N VAL OA 15 26.77 -8.52 -43.41
CA VAL OA 15 26.77 -9.92 -43.08
C VAL OA 15 27.49 -10.65 -44.17
N LYS OA 16 27.20 -10.34 -45.42
CA LYS OA 16 27.89 -11.01 -46.48
C LYS OA 16 29.37 -10.67 -46.43
N GLY OA 17 29.69 -9.40 -46.21
CA GLY OA 17 31.08 -9.02 -46.12
C GLY OA 17 31.86 -9.83 -45.09
N THR OA 18 31.37 -9.87 -43.86
CA THR OA 18 32.07 -10.59 -42.81
C THR OA 18 31.88 -12.09 -42.74
N PHE OA 19 30.70 -12.60 -43.03
CA PHE OA 19 30.51 -14.03 -42.89
C PHE OA 19 30.30 -14.86 -44.16
N GLY OA 20 30.32 -14.27 -45.35
CA GLY OA 20 30.11 -15.06 -46.56
C GLY OA 20 31.37 -15.80 -46.97
N LYS OA 21 31.30 -16.50 -48.09
CA LYS OA 21 32.41 -17.31 -48.57
C LYS OA 21 33.74 -16.63 -48.67
N GLN OA 22 33.76 -15.39 -49.14
CA GLN OA 22 35.01 -14.67 -49.35
C GLN OA 22 35.51 -13.87 -48.17
N SER OA 23 34.82 -13.93 -47.04
CA SER OA 23 35.23 -13.10 -45.93
C SER OA 23 36.47 -13.57 -45.23
N SER OA 24 37.06 -12.69 -44.46
CA SER OA 24 38.22 -13.07 -43.69
C SER OA 24 37.89 -14.14 -42.67
N VAL OA 25 36.70 -14.12 -42.11
CA VAL OA 25 36.40 -15.16 -41.13
C VAL OA 25 36.37 -16.52 -41.79
N VAL OA 26 35.72 -16.62 -42.92
CA VAL OA 26 35.65 -17.93 -43.55
C VAL OA 26 37.03 -18.39 -43.98
N LYS OA 27 37.82 -17.49 -44.54
CA LYS OA 27 39.15 -17.90 -44.95
C LYS OA 27 39.95 -18.40 -43.77
N TRP OA 28 39.81 -17.77 -42.62
CA TRP OA 28 40.54 -18.20 -41.45
C TRP OA 28 40.13 -19.59 -41.03
N VAL OA 29 38.85 -19.93 -41.11
CA VAL OA 29 38.46 -21.28 -40.74
C VAL OA 29 39.12 -22.29 -41.66
N VAL OA 30 39.15 -22.02 -42.96
CA VAL OA 30 39.80 -22.95 -43.85
C VAL OA 30 41.28 -23.07 -43.52
N LEU OA 31 41.95 -21.94 -43.29
CA LEU OA 31 43.34 -22.00 -42.94
C LEU OA 31 43.55 -22.87 -41.73
N ALA OA 32 42.68 -22.73 -40.75
CA ALA OA 32 42.82 -23.51 -39.54
C ALA OA 32 42.84 -24.98 -39.86
N GLU OA 33 42.07 -25.44 -40.84
CA GLU OA 33 42.16 -26.86 -41.15
C GLU OA 33 43.51 -27.22 -41.72
N VAL OA 34 44.13 -26.36 -42.51
CA VAL OA 34 45.39 -26.79 -43.07
C VAL OA 34 46.34 -27.02 -41.93
N VAL OA 35 46.33 -26.12 -40.99
CA VAL OA 35 47.24 -26.27 -39.88
C VAL OA 35 46.86 -27.48 -39.05
N ALA OA 36 45.58 -27.65 -38.76
CA ALA OA 36 45.12 -28.79 -37.96
C ALA OA 36 45.46 -30.10 -38.61
N GLY OA 37 45.30 -30.17 -39.91
CA GLY OA 37 45.60 -31.37 -40.64
C GLY OA 37 47.06 -31.69 -40.44
N GLY OA 38 47.90 -30.71 -40.69
CA GLY OA 38 49.32 -30.89 -40.55
C GLY OA 38 49.69 -31.39 -39.16
N ILE OA 39 49.31 -30.66 -38.12
CA ILE OA 39 49.72 -31.14 -36.81
C ILE OA 39 49.08 -32.44 -36.39
N MET OA 40 47.84 -32.69 -36.73
CA MET OA 40 47.33 -33.95 -36.24
C MET OA 40 47.89 -35.12 -37.00
N TYR OA 41 48.17 -34.95 -38.27
CA TYR OA 41 48.76 -36.04 -39.01
C TYR OA 41 50.16 -36.25 -38.45
N MET OA 42 50.89 -35.18 -38.21
CA MET OA 42 52.23 -35.34 -37.67
C MET OA 42 52.15 -36.19 -36.42
N MET OA 43 51.25 -35.83 -35.52
CA MET OA 43 51.10 -36.55 -34.27
C MET OA 43 50.65 -38.00 -34.38
N THR OA 44 49.64 -38.26 -35.20
CA THR OA 44 49.04 -39.59 -35.23
C THR OA 44 49.26 -40.45 -36.47
N LYS OA 45 49.60 -39.84 -37.59
CA LYS OA 45 49.70 -40.47 -38.89
C LYS OA 45 48.38 -41.05 -39.38
N ASN OA 46 47.28 -40.55 -38.84
CA ASN OA 46 45.98 -41.01 -39.28
C ASN OA 46 45.53 -40.19 -40.47
N VAL OA 47 45.44 -40.83 -41.62
CA VAL OA 47 45.15 -40.17 -42.88
C VAL OA 47 43.86 -39.34 -42.87
N LYS OA 48 42.93 -39.60 -41.96
CA LYS OA 48 41.69 -38.84 -41.93
C LYS OA 48 41.95 -37.36 -41.74
N PHE OA 49 43.08 -37.04 -41.15
CA PHE OA 49 43.39 -35.66 -40.88
C PHE OA 49 43.73 -34.91 -42.13
N LEU OA 50 44.14 -35.62 -43.16
CA LEU OA 50 44.55 -34.97 -44.38
C LEU OA 50 43.31 -34.79 -45.23
N PHE OA 51 42.40 -35.78 -45.18
CA PHE OA 51 41.21 -35.71 -46.01
C PHE OA 51 40.28 -34.62 -45.54
N GLY OA 52 40.35 -34.31 -44.26
CA GLY OA 52 39.52 -33.27 -43.72
C GLY OA 52 39.67 -31.96 -44.47
N PHE OA 53 40.85 -31.66 -45.01
CA PHE OA 53 40.96 -30.40 -45.73
C PHE OA 53 40.05 -30.38 -46.95
N ALA OA 54 40.13 -31.39 -47.78
CA ALA OA 54 39.30 -31.42 -48.97
C ALA OA 54 37.84 -31.43 -48.58
N ILE OA 55 37.51 -32.09 -47.47
CA ILE OA 55 36.13 -32.16 -47.03
C ILE OA 55 35.60 -30.80 -46.62
N ILE OA 56 36.34 -30.07 -45.82
CA ILE OA 56 35.88 -28.76 -45.40
C ILE OA 56 35.77 -27.81 -46.55
N SER OA 57 36.75 -27.78 -47.42
CA SER OA 57 36.67 -26.88 -48.55
C SER OA 57 35.42 -27.21 -49.36
N THR OA 58 35.18 -28.49 -49.60
CA THR OA 58 34.00 -28.86 -50.36
C THR OA 58 32.72 -28.46 -49.64
N PHE OA 59 32.65 -28.74 -48.34
CA PHE OA 59 31.48 -28.41 -47.56
C PHE OA 59 31.16 -26.95 -47.59
N ILE OA 60 32.14 -26.11 -47.32
CA ILE OA 60 31.89 -24.69 -47.30
C ILE OA 60 31.45 -24.23 -48.66
N THR OA 61 32.11 -24.70 -49.70
CA THR OA 61 31.74 -24.28 -51.03
C THR OA 61 30.26 -24.56 -51.29
N ILE OA 62 29.80 -25.77 -50.97
CA ILE OA 62 28.40 -26.09 -51.20
C ILE OA 62 27.49 -25.29 -50.29
N GLY OA 63 27.82 -25.25 -49.02
CA GLY OA 63 27.02 -24.56 -48.03
C GLY OA 63 26.82 -23.11 -48.40
N MET OA 64 27.90 -22.41 -48.71
CA MET OA 64 27.76 -21.00 -49.02
C MET OA 64 26.95 -20.78 -50.27
N SER OA 65 27.08 -21.65 -51.26
CA SER OA 65 26.30 -21.50 -52.47
C SER OA 65 24.83 -21.61 -52.13
N VAL OA 66 24.48 -22.60 -51.34
CA VAL OA 66 23.10 -22.79 -50.95
C VAL OA 66 22.60 -21.64 -50.08
N ALA OA 67 23.39 -21.21 -49.10
CA ALA OA 67 23.01 -20.11 -48.24
C ALA OA 67 22.84 -18.83 -49.05
N GLY OA 68 23.65 -18.66 -50.09
CA GLY OA 68 23.60 -17.50 -50.95
C GLY OA 68 24.56 -16.40 -50.55
N TYR OA 69 25.63 -16.76 -49.83
CA TYR OA 69 26.58 -15.75 -49.38
C TYR OA 69 28.02 -16.01 -49.78
#